data_9GDO
#
_entry.id   9GDO
#
_cell.length_a   1.00
_cell.length_b   1.00
_cell.length_c   1.00
_cell.angle_alpha   90.00
_cell.angle_beta   90.00
_cell.angle_gamma   90.00
#
_symmetry.space_group_name_H-M   'P 1'
#
loop_
_entity.id
_entity.type
_entity.pdbx_description
1 polymer 'ompU promoter template DNA strand'
2 polymer 'ompU promoter non-template DNA strand'
3 polymer 'DNA-directed RNA polymerase subunit alpha'
4 polymer 'DNA-directed RNA polymerase subunit beta'
5 polymer "DNA-directed RNA polymerase subunit beta'"
6 polymer 'DNA-directed RNA polymerase subunit omega'
7 polymer 'RNA polymerase sigma factor RpoD'
8 non-polymer 'MAGNESIUM ION'
9 non-polymer 'ZINC ION'
#
loop_
_entity_poly.entity_id
_entity_poly.type
_entity_poly.pdbx_seq_one_letter_code
_entity_poly.pdbx_strand_id
1 'polydeoxyribonucleotide'
;(DG)(DC)(DC)(DA)(DT)(DT)(DT)(DT)(DC)(DG)(DG)(DC)(DC)(DT)(DC)(DT)(DG)(DT)(DG)(DA)
(DA)(DA)(DA)(DA)(DC)(DT)(DC)(DC)(DC)(DA)(DA)(DA)(DG)(DT)(DT)(DC)(DC)(DG)(DC)(DT)
(DA)(DT)(DC)(DA)(DG)(DT)(DT)(DA)(DG)(DT)(DA)(DA)(DA)(DA)(DT)(DG)(DA)(DT)(DA)(DT)
(DA)(DA)(DA)(DT)(DC)(DC)(DA)(DA)(DC)
;
T
2 'polydeoxyribonucleotide'
;(DG)(DT)(DT)(DG)(DG)(DA)(DT)(DT)(DT)(DA)(DT)(DA)(DT)(DC)(DA)(DT)(DT)(DT)(DT)(DA)
(DC)(DT)(DA)(DA)(DC)(DT)(DG)(DA)(DT)(DA)(DG)(DC)(DG)(DG)(DA)(DA)(DC)(DT)(DT)(DT)
(DG)(DG)(DG)(DA)(DG)(DT)(DA)(DA)(DA)(DA)(DG)(DA)(DG)(DT)(DC)(DT)(DC)(DC)(DG)(DC)
(DG)(DA)(DA)(DA)(DA)(DT)(DG)(DG)(DC)
;
N
3 'polypeptide(L)'
;MQGSVTEFLKPRLVDIEQISTTHAKVTLEPLERGFGHTLGNALRRILLSSMPGCAVTEVEIEGVLHEYSTKEGVQEDILE
ILLNLKGLAVRVAEGKDEVFITLNKSGSGPVVAGDITHDGDVEIVNPEHVICHLTSDNAAIAMRIKVERGRGYVPASARI
HTEEDERPIGRLLVDATFSPVDKIAYSVEAARVEQRTDLDKLVIDMETNGTLEPEEAIRRAATILAEQLDAFVDLRDVRV
PEEKEEKPEFDPILLRPVDDLELTVRSANCLKAEAIHYIGDLVQRTEVELLKTPNLGKKSLTEIKDVLASRGLSLGMRLE
NWPPASIAED
;
G,A,B
4 'polypeptide(L)'
;MVYSYTEKKRIRKDFGTRPQVLDIPYLLSIQLDSFEKFIEQDPEGQYGLEAAFRSVFPIQSYNGNSELQYVSYRLGEPVF
DVKECQIRGVTYSKPLRVKLRLVIFDKDAPAGTVKDIKEQEVYMGEIPLMTENGTFVINGTERVIVSQLHRSPGVFFDSD
KGKTHSSGKVLYNARIIPYRGSWLDFEFDPKDNLYVRIDRRRKLPASIILRVLGKTSAEILDIFFEKVNFEVKDQTLMME
LVPERLRGETATFDIEADGKVYVEKGRRVTARHIRQLEKDGVNFIEVPVEYIVGKVSAKDYVNEATGELIITANQEISLE
ALANLSQAGYKKLEVLFTNDLDHGPFMSETLRVDSTTDRISALVEIYRMMRPGEPPTKEAAESLFESLFFSAERYDLSTV
GRMKFNSSIGREDAEEQGTLDEVDIIEVMKKLISIRNGKGEVDDIDHLGNRRIRSVGEMAENQFRVGLVRVERAVKERLS
LGDLDNVMPQDLINAKPISAAVKEFFGSSQLSQFMDQNNPLSEVTHKRRISALGPGGLTRERAGFEVRDVHVTHYGRLCP
IETPEGPNIGLINSLSAFARCNEYGFLETPYRRVVNGVVTDEVDYLSAIEEGQFVIAQANAKLTEEGGFADELVTARQKG
ESGLHPREHVDYMDVATNQVVSIAASLIPFLEHDDANRALMGANMQRQAVPTLRSEKPLVGTGIERNVAVDSGVTAVAKR
GGVIQSVDASRIVVKVNEEELIPGEAGIDIYNLTKYTRSNQNTCINQRPCVMPGEPVARGDVLADGPSTDLGELALGQNM
RIAFMPWNGYNFEDSILVSERVVQDDRFTTIHIQELSCVARDTKLGAEEITADIPNVGEAALSKLDESGIVYIGAEVKGG
DILVGKVTPKGETQLTPEEKLLRAIFGEKASDVKDTSLRVPNSVAGTVIDVQVFTRDGVEKDKRALEIEQMQLKEAKKDL
TEEFQILEGGLLARVRSVLLAGGYTEAKLSSIERKKWLEQTLENEELQNQLEQLAEQYDELKADFDKKFEAKRRKITQGD
DLAPGVLKIVKVYLAVKRRIQPGDKMAGRHGNKGVISKINPVEDMPYDENGQPVDIVLNPLGVPSRMNIGQILEVHLGLA
AKGIGDKINQMIKEQQELAKLREFLQKVYDLGDTRQRVDISELSDEDVRTLAHNLRAGLPVATPVFDGAPESSIKAMLEL
ADLPASGQLTLFDGRTGDAFERPVTVGYMYMLKLNHLVDDKMHARSTGSYSLVTQQPLGGKAQFGGQRFGEMEVWALEAY
GAAYTLQEMLTVKSDDVNGRTKMYKNIVDGNHAMEPGMPESFNVLLKEIRSLGINIELEDE
;
C
5 'polypeptide(L)'
;MKDLLNFLKAQHKTEEFDAIKIGLASPDMIRSWSFGEVKKPETINYRTFKPERDGLFCARIFGPVKDYECLCGKYKRLKH
RGVICEKCGVEVTQTKVRRDRMGHIELASPVAHIWFLKSLPSRIGLLMDMPLRDIERVLYFEMYVVTEPGMTDLERGQML
TEEEYLDRLEEWGDEFTAKMGAEAIKDLLASMDLPAEAEQMREELDTTNSETKRKKLTKRLKLVEAFVASGNKPEWMILT
VLPVLPPDLRPLVPLDGGRFATSDLNDLYRRVINRNNRLKRLLELAAPDIIVRNEKRMLQESVDALLDNGRRGRAITGSN
KRPLKSLADMIKGKQGRFRQNLLGKRVDYSGRSVITVGPYLRLHQCGLPKKMALELFKPFIYSKLETRGLATTIKAAKKM
VEREEAVVWDILDEVIREHPVLLNRAPTLHRLGIQAFEPVLIEGKAIQLHPLVCAAYNADFDGDQMAVHVPLTLEAQLEA
RTLMMSTNNILSPASGDPIIVPSQDVVLGLYYMTREKINAKGEGMYLTGPAEAEKAYRTKTAELHARVKVRITETIKHEN
GKLTTETKMIDTTVGRAMLWQIVPKGLPYSLVNQKLGKKQISNLLNEAYRKLGLKDTVIFADQIMYTGFAYAALSGVSVG
IDDMVVPAAKYTEIAEAEEEVREIQEQFQSGLVTAGERYNKVIDIWASTNDRVAKAMMENLSSEQVINRQGEQEKQESFN
SIYMMADSGARGSAAQIRQLAGMRGLMARPDGSIIETPITANFKEGLNVLQYFISTHGARKGLADTALKTANSGYLTRRL
VDVAQDVVVTEHDCGTLEGVVMTPHIEGGDVKVALTELALGRVVSEDILKPGTDEVLIPRNTLLDEKWCKVINDNSVDQI
KVRSVVTCDSDFGCCAQCYGRDLARGHLVNQGEAVGVIAAQSIGEPGTQLTMRTFHIGGAASTAAAENSIQAKNNGSVKL
HNAKFVTNKDGKLVITSRASELTIIDEFGRTKEKHKLPYGSMLSKADGDAVAAGETVANWEAHTMPIITEVAGRVQFVDM
IDGVTVSRQTDDLTGLSSSEVTEAAARPAAGKDMRPAIKLVDANGKDVLIPGTDMPAQYFLPGKAIVNLDDGAEVNVGDT
LARIPQKSGGNKDITGGLPRVADLFEARKPKEPAILAEHSGTVSFGKETKGKRRLIITRDSGDTYEEMIPKHRQLNVFEG
ERIERGDVIADGPESPHDILRLRGIHAVTTYIANEVQEVYRLQGVKINDKHIETIVRQMLRKCTITFAGDSEFLPGETVE
YSQVKIANRKLVEEGKEPARFERELLGITKASLATESFISAASFQETTRVLTEAAVSGKRDDLRGLKENVIVGRLIPAGT
GFAYHQDRQAKRAQEQQGPSAEQATDNLAALLNAGFSSDDE
;
D
6 'polypeptide(L)'
;MARVTVQDAVEKIGNRFDLVLVAARRARQMQSGGKDALVPEENDKPTVIALREIEEGLITKDVLDARERQEQQEQEAAEL
AAVSSIMHNR
;
E
7 'polypeptide(L)'
;MDQNPQSQLKQLVLRGKEQGYLTYAEVNDHLPAEIVDSEQVEDIIQMINDMGIKVVETAPDADDLALSDDTTITDEDAAE
AAAAALSSVESEIGRTTDPVRMYMREMGTVELLTREGEIDIAKRIEDGINQVQSAIAEYPGTIPYILEQFDRVQAEELRL
TDLISGFVDPNDMETEAPTATHIGSELSEADLADEDDAVVEDEDEDGDGESSDSEEEVGIDPELAREKFNELRGKFQNLQ
LAVNEFGRDSHQASEASDLVLDIFREFRLTPKQFDHLVETLRTSMDRVRTQERLVMKAVVEVAKMPKKSFIALFTGNESN
EEWLDKVLASDKPYVAKVREQEEEIRRSIQKLQMIEQETSLSVERIKDISHRMSIGEAKARRAKKEMVEANLRLVISIAK
KYTNRGLQFLDLIQEGNIGLMKAVDKFEYRRGYKFSTYATWWIRQAITRSIADQARTIRIPVHMIETINKLNRISRQMLQ
EMGREPLPEELAERMQMPEDKIRKVLKIAKEPISMETPIGDDEDSHLGDFIEDTTLELPLDSATATSLKAATRDVLAGLT
PREAKVLRMRFGIDMNTDHTLEEVGKQFDVTRERIRQIEAKALRKLRHPSRSEVLRSFLDE
;
F
#
loop_
_chem_comp.id
_chem_comp.type
_chem_comp.name
_chem_comp.formula
DA DNA linking 2'-DEOXYADENOSINE-5'-MONOPHOSPHATE 'C10 H14 N5 O6 P'
DC DNA linking 2'-DEOXYCYTIDINE-5'-MONOPHOSPHATE 'C9 H14 N3 O7 P'
DG DNA linking 2'-DEOXYGUANOSINE-5'-MONOPHOSPHATE 'C10 H14 N5 O7 P'
DT DNA linking THYMIDINE-5'-MONOPHOSPHATE 'C10 H15 N2 O8 P'
MG non-polymer 'MAGNESIUM ION' 'Mg 2'
ZN non-polymer 'ZINC ION' 'Zn 2'
#
# COMPACT_ATOMS: atom_id res chain seq x y z
N ILE C 253 49.12 -15.74 -34.51
CA ILE C 253 49.72 -14.89 -35.51
C ILE C 253 49.69 -15.61 -36.85
N LEU C 254 48.52 -16.16 -37.17
CA LEU C 254 48.30 -16.87 -38.42
C LEU C 254 48.20 -15.85 -39.55
N LEU C 255 47.84 -16.34 -40.74
CA LEU C 255 47.82 -15.51 -41.95
C LEU C 255 47.06 -14.22 -41.72
N ARG C 256 47.81 -13.13 -41.61
CA ARG C 256 47.29 -11.78 -41.51
C ARG C 256 48.23 -10.87 -42.28
N PRO C 257 47.75 -9.72 -42.78
CA PRO C 257 48.61 -8.86 -43.61
C PRO C 257 49.94 -8.49 -42.96
N VAL C 258 50.87 -7.96 -43.75
CA VAL C 258 52.19 -7.59 -43.22
C VAL C 258 52.19 -6.21 -42.60
N ASP C 259 51.14 -5.42 -42.80
CA ASP C 259 51.04 -4.13 -42.12
C ASP C 259 50.90 -4.31 -40.61
N ASP C 260 50.26 -5.40 -40.18
CA ASP C 260 50.08 -5.65 -38.75
C ASP C 260 51.40 -5.83 -38.03
N LEU C 261 52.46 -6.28 -38.70
CA LEU C 261 53.71 -6.38 -37.97
C LEU C 261 54.43 -5.03 -37.96
N GLU C 262 53.65 -3.96 -37.82
CA GLU C 262 54.08 -2.60 -37.48
C GLU C 262 55.48 -2.27 -37.98
N LEU C 263 55.74 -2.55 -39.24
CA LEU C 263 57.06 -2.35 -39.81
C LEU C 263 57.28 -0.89 -40.17
N THR C 264 58.54 -0.45 -40.06
CA THR C 264 58.86 0.95 -40.29
C THR C 264 58.61 1.31 -41.75
N VAL C 265 58.72 2.61 -42.04
CA VAL C 265 58.39 3.10 -43.38
C VAL C 265 59.34 2.51 -44.40
N ARG C 266 60.65 2.58 -44.13
CA ARG C 266 61.61 1.98 -45.04
C ARG C 266 61.42 0.47 -45.15
N SER C 267 61.25 -0.20 -44.01
CA SER C 267 61.06 -1.66 -44.04
C SER C 267 59.87 -2.03 -44.92
N ALA C 268 58.72 -1.39 -44.66
CA ALA C 268 57.51 -1.69 -45.41
C ALA C 268 57.64 -1.32 -46.88
N ASN C 269 58.25 -0.17 -47.17
CA ASN C 269 58.42 0.27 -48.54
C ASN C 269 59.30 -0.69 -49.33
N CYS C 270 60.38 -1.17 -48.72
CA CYS C 270 61.23 -2.17 -49.34
C CYS C 270 60.46 -3.46 -49.59
N LEU C 271 59.90 -4.06 -48.53
CA LEU C 271 59.07 -5.24 -48.71
C LEU C 271 57.83 -4.98 -49.56
N LYS C 272 57.41 -3.72 -49.73
CA LYS C 272 56.33 -3.39 -50.66
C LYS C 272 56.61 -3.85 -52.09
N ALA C 273 57.78 -4.42 -52.35
CA ALA C 273 58.11 -5.01 -53.65
C ALA C 273 57.25 -6.23 -53.96
N GLU C 274 56.36 -6.59 -53.03
CA GLU C 274 55.40 -7.68 -53.20
C GLU C 274 56.12 -9.03 -53.17
N ALA C 275 57.36 -9.03 -52.67
CA ALA C 275 58.09 -10.28 -52.47
C ALA C 275 57.64 -10.97 -51.19
N ILE C 276 56.54 -10.52 -50.59
CA ILE C 276 56.00 -11.16 -49.40
C ILE C 276 54.53 -10.77 -49.18
N HIS C 277 53.80 -11.61 -48.45
CA HIS C 277 52.45 -11.30 -48.01
C HIS C 277 52.08 -12.24 -46.88
N TYR C 278 51.56 -11.68 -45.78
CA TYR C 278 51.23 -12.39 -44.56
C TYR C 278 52.50 -12.86 -43.85
N ILE C 279 52.47 -12.84 -42.51
CA ILE C 279 53.65 -13.11 -41.71
C ILE C 279 54.11 -14.56 -41.85
N GLY C 280 53.17 -15.45 -42.18
CA GLY C 280 53.56 -16.84 -42.44
C GLY C 280 54.53 -16.95 -43.60
N ASP C 281 54.36 -16.11 -44.61
CA ASP C 281 55.30 -16.09 -45.73
C ASP C 281 56.62 -15.44 -45.33
N LEU C 282 56.55 -14.39 -44.50
CA LEU C 282 57.76 -13.67 -44.13
C LEU C 282 58.69 -14.52 -43.28
N VAL C 283 58.11 -15.32 -42.37
CA VAL C 283 58.93 -16.13 -41.48
C VAL C 283 59.71 -17.19 -42.22
N GLN C 284 59.32 -17.51 -43.46
CA GLN C 284 59.93 -18.60 -44.21
C GLN C 284 61.01 -18.16 -45.19
N ARG C 285 61.28 -16.86 -45.32
CA ARG C 285 62.13 -16.39 -46.41
C ARG C 285 63.62 -16.36 -46.06
N THR C 286 63.99 -16.60 -44.81
CA THR C 286 65.39 -16.74 -44.37
C THR C 286 66.24 -15.51 -44.61
N GLU C 287 67.43 -15.51 -44.00
CA GLU C 287 68.38 -14.41 -44.19
C GLU C 287 68.91 -14.33 -45.61
N VAL C 288 68.82 -15.44 -46.36
CA VAL C 288 69.28 -15.43 -47.76
C VAL C 288 68.49 -14.41 -48.56
N GLU C 289 67.16 -14.40 -48.41
CA GLU C 289 66.34 -13.40 -49.09
C GLU C 289 66.29 -12.10 -48.29
N LEU C 290 66.27 -12.18 -46.96
CA LEU C 290 66.15 -10.98 -46.14
C LEU C 290 67.28 -10.00 -46.41
N LEU C 291 68.51 -10.50 -46.51
CA LEU C 291 69.64 -9.64 -46.83
C LEU C 291 69.91 -9.54 -48.33
N LYS C 292 69.18 -10.28 -49.16
CA LYS C 292 69.38 -10.21 -50.60
C LYS C 292 68.98 -8.84 -51.15
N THR C 293 67.89 -8.28 -50.66
CA THR C 293 67.40 -7.00 -51.16
C THR C 293 68.46 -5.92 -50.90
N PRO C 294 68.78 -5.09 -51.90
CA PRO C 294 69.75 -4.01 -51.67
C PRO C 294 69.23 -2.91 -50.76
N ASN C 295 68.03 -3.06 -50.21
CA ASN C 295 67.43 -2.07 -49.34
C ASN C 295 67.08 -2.57 -47.95
N LEU C 296 67.05 -3.89 -47.74
CA LEU C 296 66.92 -4.47 -46.41
C LEU C 296 68.33 -4.66 -45.85
N GLY C 297 68.66 -3.93 -44.78
CA GLY C 297 69.99 -3.98 -44.22
C GLY C 297 70.09 -4.49 -42.81
N LYS C 298 71.15 -4.10 -42.11
CA LYS C 298 71.40 -4.60 -40.77
C LYS C 298 70.28 -4.21 -39.81
N LYS C 299 69.97 -2.91 -39.75
CA LYS C 299 68.95 -2.45 -38.82
C LYS C 299 67.57 -2.98 -39.19
N SER C 300 67.26 -3.03 -40.48
CA SER C 300 65.98 -3.61 -40.91
C SER C 300 65.90 -5.08 -40.54
N LEU C 301 66.99 -5.81 -40.72
CA LEU C 301 67.02 -7.23 -40.34
C LEU C 301 66.78 -7.38 -38.85
N THR C 302 67.46 -6.57 -38.03
CA THR C 302 67.29 -6.67 -36.59
C THR C 302 65.86 -6.30 -36.18
N GLU C 303 65.29 -5.26 -36.78
CA GLU C 303 63.93 -4.87 -36.42
C GLU C 303 62.93 -5.94 -36.82
N ILE C 304 63.09 -6.54 -38.01
CA ILE C 304 62.17 -7.59 -38.45
C ILE C 304 62.30 -8.80 -37.55
N LYS C 305 63.53 -9.18 -37.18
CA LYS C 305 63.70 -10.31 -36.28
C LYS C 305 63.15 -10.01 -34.89
N ASP C 306 63.22 -8.76 -34.44
CA ASP C 306 62.62 -8.39 -33.16
C ASP C 306 61.10 -8.48 -33.22
N VAL C 307 60.51 -8.05 -34.33
CA VAL C 307 59.07 -8.17 -34.51
C VAL C 307 58.66 -9.64 -34.50
N LEU C 308 59.42 -10.48 -35.19
CA LEU C 308 59.10 -11.91 -35.20
C LEU C 308 59.33 -12.55 -33.84
N ALA C 309 60.29 -12.04 -33.07
CA ALA C 309 60.47 -12.50 -31.69
C ALA C 309 59.26 -12.12 -30.84
N SER C 310 58.72 -10.91 -31.04
CA SER C 310 57.45 -10.56 -30.43
C SER C 310 56.35 -11.49 -30.90
N ARG C 311 56.43 -11.97 -32.14
CA ARG C 311 55.55 -13.02 -32.64
C ARG C 311 56.01 -14.41 -32.26
N GLY C 312 57.14 -14.53 -31.57
CA GLY C 312 57.68 -15.83 -31.21
C GLY C 312 58.17 -16.64 -32.40
N LEU C 313 58.85 -16.00 -33.35
CA LEU C 313 59.33 -16.67 -34.55
C LEU C 313 60.71 -16.13 -34.92
N SER C 314 61.43 -16.92 -35.71
CA SER C 314 62.75 -16.55 -36.20
C SER C 314 62.74 -16.54 -37.73
N LEU C 315 63.44 -15.58 -38.31
CA LEU C 315 63.52 -15.48 -39.76
C LEU C 315 64.17 -16.73 -40.34
N GLY C 316 63.45 -17.42 -41.22
CA GLY C 316 63.93 -18.65 -41.81
C GLY C 316 63.38 -19.92 -41.20
N MET C 317 62.48 -19.80 -40.22
CA MET C 317 61.88 -20.99 -39.62
C MET C 317 61.06 -21.74 -40.67
N ARG C 318 61.26 -23.05 -40.73
CA ARG C 318 60.61 -23.87 -41.75
C ARG C 318 59.29 -24.40 -41.20
N LEU C 319 58.19 -24.06 -41.86
CA LEU C 319 56.86 -24.55 -41.50
C LEU C 319 56.11 -24.92 -42.77
N GLU C 320 55.35 -26.01 -42.70
CA GLU C 320 54.59 -26.47 -43.87
C GLU C 320 53.49 -25.50 -44.26
N ASN C 321 53.09 -24.60 -43.36
CA ASN C 321 52.06 -23.62 -43.68
C ASN C 321 52.57 -22.59 -44.68
N TYR D 3 -34.14 -31.85 -20.20
CA TYR D 3 -32.74 -31.41 -20.20
C TYR D 3 -32.36 -30.77 -21.52
N SER D 4 -31.65 -29.64 -21.44
CA SER D 4 -31.18 -28.97 -22.64
C SER D 4 -30.07 -29.77 -23.29
N TYR D 5 -29.83 -29.49 -24.58
CA TYR D 5 -28.83 -30.23 -25.33
C TYR D 5 -27.44 -30.05 -24.75
N THR D 6 -27.10 -28.82 -24.34
CA THR D 6 -25.77 -28.56 -23.82
C THR D 6 -25.54 -29.24 -22.48
N GLU D 7 -26.58 -29.38 -21.67
CA GLU D 7 -26.44 -29.99 -20.36
C GLU D 7 -26.68 -31.50 -20.39
N LYS D 8 -27.45 -31.99 -21.35
CA LYS D 8 -27.59 -33.43 -21.55
C LYS D 8 -26.28 -34.08 -21.97
N LYS D 9 -25.33 -33.30 -22.51
CA LYS D 9 -24.04 -33.84 -22.89
C LYS D 9 -23.25 -34.32 -21.67
N ARG D 10 -23.43 -33.63 -20.53
CA ARG D 10 -22.72 -33.99 -19.31
C ARG D 10 -23.61 -33.61 -18.14
N ILE D 11 -24.34 -34.59 -17.60
CA ILE D 11 -25.27 -34.36 -16.51
C ILE D 11 -24.51 -34.46 -15.19
N ARG D 12 -24.57 -33.40 -14.40
CA ARG D 12 -23.92 -33.36 -13.09
C ARG D 12 -24.86 -33.93 -12.05
N LYS D 13 -24.37 -34.91 -11.30
CA LYS D 13 -25.19 -35.54 -10.26
C LYS D 13 -25.46 -34.56 -9.14
N ASP D 14 -26.73 -34.45 -8.75
CA ASP D 14 -27.16 -33.52 -7.71
C ASP D 14 -27.35 -34.28 -6.41
N PHE D 15 -26.67 -33.84 -5.36
CA PHE D 15 -26.79 -34.43 -4.03
C PHE D 15 -27.80 -33.70 -3.15
N GLY D 16 -28.46 -32.67 -3.67
CA GLY D 16 -29.46 -31.97 -2.89
C GLY D 16 -30.73 -32.77 -2.73
N THR D 17 -31.47 -32.43 -1.68
CA THR D 17 -32.71 -33.12 -1.37
C THR D 17 -33.94 -32.23 -1.38
N ARG D 18 -33.77 -30.90 -1.41
CA ARG D 18 -34.89 -29.98 -1.34
C ARG D 18 -35.20 -29.43 -2.72
N PRO D 19 -36.41 -29.63 -3.25
CA PRO D 19 -36.72 -29.09 -4.57
C PRO D 19 -36.75 -27.57 -4.57
N GLN D 20 -36.43 -27.00 -5.72
CA GLN D 20 -36.35 -25.56 -5.89
C GLN D 20 -37.64 -25.05 -6.54
N VAL D 21 -38.26 -24.06 -5.90
CA VAL D 21 -39.49 -23.47 -6.43
C VAL D 21 -39.24 -22.16 -7.17
N LEU D 22 -38.02 -21.63 -7.14
CA LEU D 22 -37.70 -20.39 -7.82
C LEU D 22 -36.29 -20.49 -8.37
N ASP D 23 -36.16 -20.40 -9.70
CA ASP D 23 -34.85 -20.41 -10.32
C ASP D 23 -34.11 -19.11 -10.02
N ILE D 24 -32.78 -19.20 -9.99
CA ILE D 24 -31.98 -18.01 -9.71
C ILE D 24 -32.17 -16.99 -10.82
N PRO D 25 -32.55 -15.75 -10.54
CA PRO D 25 -32.82 -14.79 -11.60
C PRO D 25 -31.56 -14.35 -12.32
N TYR D 26 -31.72 -13.50 -13.34
CA TYR D 26 -30.56 -12.98 -14.06
C TYR D 26 -29.66 -12.21 -13.10
N LEU D 27 -28.37 -12.52 -13.13
CA LEU D 27 -27.45 -11.97 -12.14
C LEU D 27 -27.14 -10.50 -12.37
N LEU D 28 -27.27 -10.02 -13.61
CA LEU D 28 -26.92 -8.65 -13.96
C LEU D 28 -28.16 -7.76 -14.11
N SER D 29 -29.22 -8.07 -13.37
CA SER D 29 -30.44 -7.26 -13.45
C SER D 29 -30.25 -5.89 -12.81
N ILE D 30 -29.43 -5.82 -11.75
CA ILE D 30 -29.29 -4.58 -10.98
C ILE D 30 -28.74 -3.45 -11.86
N GLN D 31 -27.95 -3.78 -12.88
CA GLN D 31 -27.39 -2.78 -13.77
C GLN D 31 -28.29 -2.52 -14.97
N LEU D 32 -28.75 -3.59 -15.63
CA LEU D 32 -29.55 -3.44 -16.84
C LEU D 32 -30.89 -2.76 -16.55
N ASP D 33 -31.55 -3.15 -15.46
CA ASP D 33 -32.82 -2.53 -15.10
C ASP D 33 -32.64 -1.05 -14.81
N SER D 34 -31.59 -0.70 -14.05
CA SER D 34 -31.35 0.69 -13.73
C SER D 34 -31.08 1.53 -14.97
N PHE D 35 -30.27 1.01 -15.89
CA PHE D 35 -29.96 1.80 -17.08
C PHE D 35 -31.15 1.87 -18.03
N GLU D 36 -31.97 0.83 -18.08
CA GLU D 36 -33.22 0.91 -18.84
C GLU D 36 -34.14 1.96 -18.25
N LYS D 37 -34.20 2.05 -16.92
CA LYS D 37 -34.95 3.12 -16.28
C LYS D 37 -34.40 4.49 -16.67
N PHE D 38 -33.07 4.60 -16.74
CA PHE D 38 -32.45 5.87 -17.10
C PHE D 38 -32.78 6.28 -18.53
N ILE D 39 -32.70 5.35 -19.47
CA ILE D 39 -32.79 5.71 -20.89
C ILE D 39 -34.23 5.64 -21.40
N GLU D 40 -34.97 4.58 -21.07
CA GLU D 40 -36.28 4.38 -21.67
C GLU D 40 -37.22 5.53 -21.32
N GLN D 41 -37.98 5.98 -22.32
CA GLN D 41 -38.89 7.11 -22.14
C GLN D 41 -39.99 6.76 -21.16
N ASP D 42 -40.29 7.70 -20.27
CA ASP D 42 -41.32 7.51 -19.26
C ASP D 42 -42.49 8.44 -19.55
N PRO D 43 -43.63 7.93 -20.02
CA PRO D 43 -44.80 8.81 -20.22
C PRO D 43 -45.24 9.53 -18.96
N GLU D 44 -45.10 8.89 -17.80
CA GLU D 44 -45.45 9.54 -16.54
C GLU D 44 -44.40 10.56 -16.11
N GLY D 45 -43.20 10.51 -16.68
CA GLY D 45 -42.18 11.49 -16.39
C GLY D 45 -41.67 11.48 -14.96
N GLN D 46 -41.37 10.28 -14.44
CA GLN D 46 -40.86 10.15 -13.08
C GLN D 46 -39.45 9.56 -13.00
N TYR D 47 -38.96 8.92 -14.06
CA TYR D 47 -37.67 8.26 -14.02
C TYR D 47 -36.86 8.63 -15.27
N GLY D 48 -35.54 8.69 -15.09
CA GLY D 48 -34.65 8.85 -16.22
C GLY D 48 -34.40 10.28 -16.67
N LEU D 49 -34.07 10.43 -17.96
CA LEU D 49 -33.76 11.76 -18.49
C LEU D 49 -34.99 12.66 -18.51
N GLU D 50 -36.18 12.08 -18.68
CA GLU D 50 -37.40 12.87 -18.70
C GLU D 50 -37.61 13.61 -17.39
N ALA D 51 -37.34 12.94 -16.26
CA ALA D 51 -37.52 13.59 -14.97
C ALA D 51 -36.57 14.77 -14.80
N ALA D 52 -35.31 14.61 -15.22
CA ALA D 52 -34.37 15.72 -15.15
C ALA D 52 -34.80 16.87 -16.07
N PHE D 53 -35.26 16.54 -17.28
CA PHE D 53 -35.71 17.58 -18.20
C PHE D 53 -36.88 18.37 -17.62
N ARG D 54 -37.88 17.69 -17.07
CA ARG D 54 -39.02 18.38 -16.50
C ARG D 54 -38.67 19.07 -15.18
N SER D 55 -37.60 18.64 -14.50
CA SER D 55 -37.17 19.33 -13.29
C SER D 55 -36.45 20.63 -13.62
N VAL D 56 -35.65 20.65 -14.68
CA VAL D 56 -34.94 21.85 -15.07
C VAL D 56 -35.80 22.75 -15.95
N PHE D 57 -36.34 22.21 -17.03
CA PHE D 57 -37.22 22.98 -17.89
C PHE D 57 -38.62 23.09 -17.28
N PRO D 58 -39.36 24.16 -17.60
CA PRO D 58 -39.05 25.26 -18.51
C PRO D 58 -38.16 26.34 -17.88
N ILE D 59 -37.33 26.99 -18.69
CA ILE D 59 -36.43 28.03 -18.24
C ILE D 59 -37.06 29.37 -18.54
N GLN D 60 -37.33 30.15 -17.50
CA GLN D 60 -38.03 31.42 -17.63
C GLN D 60 -37.07 32.58 -17.45
N SER D 61 -37.18 33.57 -18.34
CA SER D 61 -36.38 34.78 -18.22
C SER D 61 -36.82 35.60 -17.01
N TYR D 62 -35.87 36.35 -16.45
CA TYR D 62 -36.18 37.17 -15.27
C TYR D 62 -37.22 38.23 -15.58
N ASN D 63 -37.09 38.90 -16.73
CA ASN D 63 -38.04 39.95 -17.09
C ASN D 63 -39.40 39.37 -17.46
N GLY D 64 -39.41 38.29 -18.23
CA GLY D 64 -40.65 37.71 -18.69
C GLY D 64 -40.81 37.79 -20.20
N ASN D 65 -39.73 38.17 -20.88
CA ASN D 65 -39.78 38.34 -22.33
C ASN D 65 -40.07 37.02 -23.03
N SER D 66 -39.44 35.94 -22.59
CA SER D 66 -39.59 34.66 -23.26
C SER D 66 -39.17 33.54 -22.30
N GLU D 67 -39.48 32.31 -22.68
CA GLU D 67 -39.10 31.14 -21.92
C GLU D 67 -38.77 29.99 -22.86
N LEU D 68 -37.93 29.08 -22.38
CA LEU D 68 -37.53 27.88 -23.12
C LEU D 68 -38.11 26.66 -22.42
N GLN D 69 -38.87 25.87 -23.17
CA GLN D 69 -39.59 24.73 -22.60
C GLN D 69 -39.21 23.44 -23.32
N TYR D 70 -39.42 22.33 -22.61
CA TYR D 70 -39.05 21.00 -23.07
C TYR D 70 -40.18 20.37 -23.88
N VAL D 71 -39.82 19.58 -24.89
CA VAL D 71 -40.81 18.90 -25.71
C VAL D 71 -40.61 17.39 -25.63
N SER D 72 -39.44 16.91 -26.07
CA SER D 72 -39.16 15.48 -26.12
C SER D 72 -37.66 15.30 -26.32
N TYR D 73 -37.21 14.05 -26.19
CA TYR D 73 -35.81 13.73 -26.40
C TYR D 73 -35.70 12.41 -27.14
N ARG D 74 -34.55 12.20 -27.78
CA ARG D 74 -34.29 10.94 -28.46
C ARG D 74 -32.78 10.71 -28.50
N LEU D 75 -32.41 9.44 -28.71
CA LEU D 75 -31.03 9.03 -28.80
C LEU D 75 -30.70 8.61 -30.23
N GLY D 76 -29.64 9.20 -30.79
CA GLY D 76 -29.26 8.90 -32.15
C GLY D 76 -28.54 7.58 -32.30
N GLU D 77 -28.14 7.29 -33.55
CA GLU D 77 -27.43 6.05 -33.81
C GLU D 77 -25.94 6.22 -33.50
N PRO D 78 -25.33 5.22 -32.88
CA PRO D 78 -23.90 5.33 -32.54
C PRO D 78 -23.03 5.41 -33.78
N VAL D 79 -21.95 6.18 -33.67
CA VAL D 79 -20.98 6.25 -34.76
C VAL D 79 -20.22 4.95 -34.89
N PHE D 80 -19.84 4.34 -33.78
CA PHE D 80 -19.13 3.07 -33.77
C PHE D 80 -19.85 2.08 -32.86
N ASP D 81 -19.64 0.80 -33.11
CA ASP D 81 -20.15 -0.24 -32.25
C ASP D 81 -19.15 -0.50 -31.13
N VAL D 82 -19.39 -1.55 -30.34
CA VAL D 82 -18.57 -1.80 -29.16
C VAL D 82 -17.14 -2.15 -29.57
N LYS D 83 -16.98 -3.03 -30.56
CA LYS D 83 -15.64 -3.50 -30.93
C LYS D 83 -14.79 -2.38 -31.49
N GLU D 84 -15.34 -1.57 -32.38
CA GLU D 84 -14.58 -0.45 -32.94
C GLU D 84 -14.31 0.62 -31.89
N CYS D 85 -15.23 0.83 -30.95
CA CYS D 85 -14.96 1.76 -29.86
C CYS D 85 -13.80 1.29 -29.00
N GLN D 86 -13.75 -0.02 -28.72
CA GLN D 86 -12.64 -0.56 -27.94
C GLN D 86 -11.32 -0.48 -28.71
N ILE D 87 -11.35 -0.79 -30.01
CA ILE D 87 -10.13 -0.80 -30.81
C ILE D 87 -9.58 0.62 -30.96
N ARG D 88 -10.45 1.56 -31.32
CA ARG D 88 -10.01 2.93 -31.56
C ARG D 88 -9.60 3.62 -30.25
N GLY D 89 -10.30 3.33 -29.17
CA GLY D 89 -10.04 3.99 -27.91
C GLY D 89 -10.97 5.17 -27.69
N VAL D 90 -12.25 4.98 -28.01
CA VAL D 90 -13.26 6.02 -27.88
C VAL D 90 -14.42 5.48 -27.04
N THR D 91 -15.20 6.41 -26.50
CA THR D 91 -16.32 6.05 -25.64
C THR D 91 -17.51 5.60 -26.47
N TYR D 92 -18.09 4.45 -26.11
CA TYR D 92 -19.29 3.94 -26.75
C TYR D 92 -20.48 4.70 -26.20
N SER D 93 -21.15 5.47 -27.06
CA SER D 93 -22.20 6.37 -26.61
C SER D 93 -23.19 6.61 -27.74
N LYS D 94 -24.30 7.27 -27.38
CA LYS D 94 -25.33 7.65 -28.34
C LYS D 94 -25.55 9.15 -28.23
N PRO D 95 -25.64 9.86 -29.36
CA PRO D 95 -25.97 11.29 -29.32
C PRO D 95 -27.38 11.51 -28.77
N LEU D 96 -27.54 12.60 -28.04
CA LEU D 96 -28.82 12.99 -27.46
C LEU D 96 -29.35 14.22 -28.19
N ARG D 97 -30.55 14.12 -28.72
N ARG D 97 -30.55 14.12 -28.74
CA ARG D 97 -31.18 15.22 -29.46
CA ARG D 97 -31.18 15.21 -29.46
C ARG D 97 -32.50 15.57 -28.76
C ARG D 97 -32.49 15.56 -28.75
N VAL D 98 -32.63 16.81 -28.32
CA VAL D 98 -33.78 17.26 -27.54
C VAL D 98 -34.53 18.33 -28.34
N LYS D 99 -35.83 18.15 -28.48
CA LYS D 99 -36.67 19.12 -29.16
C LYS D 99 -37.02 20.24 -28.18
N LEU D 100 -36.58 21.46 -28.48
CA LEU D 100 -36.87 22.61 -27.65
C LEU D 100 -37.54 23.69 -28.49
N ARG D 101 -38.49 24.39 -27.89
CA ARG D 101 -39.17 25.51 -28.53
C ARG D 101 -39.05 26.74 -27.67
N LEU D 102 -38.85 27.88 -28.32
CA LEU D 102 -38.61 29.16 -27.67
C LEU D 102 -39.79 30.08 -27.95
N VAL D 103 -40.80 30.03 -27.08
CA VAL D 103 -41.93 30.93 -27.20
C VAL D 103 -41.51 32.34 -26.79
N ILE D 104 -41.90 33.32 -27.60
CA ILE D 104 -41.63 34.74 -27.34
C ILE D 104 -42.93 35.40 -26.93
N PHE D 105 -42.90 36.11 -25.81
CA PHE D 105 -44.07 36.83 -25.33
C PHE D 105 -44.11 38.25 -25.90
N ASP D 106 -45.30 38.84 -25.86
CA ASP D 106 -45.55 40.16 -26.43
C ASP D 106 -45.57 41.18 -25.29
N LYS D 107 -44.73 42.20 -25.40
CA LYS D 107 -44.66 43.23 -24.35
C LYS D 107 -45.93 44.08 -24.33
N ASP D 108 -46.42 44.49 -25.51
CA ASP D 108 -47.64 45.29 -25.56
C ASP D 108 -48.84 44.50 -25.06
N ALA D 109 -48.96 43.24 -25.47
CA ALA D 109 -50.05 42.39 -25.03
C ALA D 109 -49.86 42.01 -23.57
N PRO D 110 -50.94 41.63 -22.87
CA PRO D 110 -50.80 41.15 -21.49
C PRO D 110 -49.93 39.90 -21.43
N ALA D 111 -49.26 39.74 -20.30
CA ALA D 111 -48.34 38.61 -20.12
C ALA D 111 -49.07 37.28 -20.29
N GLY D 112 -48.43 36.35 -20.98
CA GLY D 112 -49.02 35.06 -21.28
C GLY D 112 -49.47 34.87 -22.71
N THR D 113 -49.22 35.83 -23.60
CA THR D 113 -49.61 35.73 -25.00
C THR D 113 -48.44 35.21 -25.83
N VAL D 114 -48.67 34.14 -26.57
CA VAL D 114 -47.62 33.51 -27.38
C VAL D 114 -47.51 34.28 -28.69
N LYS D 115 -46.50 35.15 -28.78
CA LYS D 115 -46.30 35.92 -30.00
C LYS D 115 -45.73 35.06 -31.12
N ASP D 116 -44.75 34.22 -30.81
CA ASP D 116 -44.09 33.40 -31.82
C ASP D 116 -43.60 32.10 -31.19
N ILE D 117 -43.39 31.10 -32.04
CA ILE D 117 -42.92 29.78 -31.61
C ILE D 117 -41.80 29.35 -32.56
N LYS D 118 -40.67 28.92 -32.00
CA LYS D 118 -39.54 28.45 -32.79
C LYS D 118 -39.10 27.10 -32.24
N GLU D 119 -39.23 26.05 -33.04
CA GLU D 119 -38.93 24.69 -32.62
C GLU D 119 -37.67 24.19 -33.32
N GLN D 120 -36.77 23.58 -32.56
CA GLN D 120 -35.54 23.04 -33.12
C GLN D 120 -35.06 21.88 -32.28
N GLU D 121 -34.38 20.93 -32.92
CA GLU D 121 -33.67 19.87 -32.22
C GLU D 121 -32.27 20.34 -31.84
N VAL D 122 -31.93 20.16 -30.57
CA VAL D 122 -30.68 20.65 -29.99
C VAL D 122 -29.85 19.44 -29.60
N TYR D 123 -28.57 19.47 -29.95
CA TYR D 123 -27.64 18.42 -29.54
C TYR D 123 -27.16 18.70 -28.14
N MET D 124 -27.50 17.82 -27.19
CA MET D 124 -27.22 18.04 -25.78
C MET D 124 -26.12 17.11 -25.26
N GLY D 125 -25.28 16.59 -26.13
CA GLY D 125 -24.15 15.77 -25.73
C GLY D 125 -24.35 14.31 -26.09
N GLU D 126 -23.36 13.51 -25.72
CA GLU D 126 -23.35 12.07 -25.96
C GLU D 126 -23.50 11.34 -24.64
N ILE D 127 -24.49 10.47 -24.55
CA ILE D 127 -24.75 9.69 -23.34
C ILE D 127 -24.13 8.32 -23.51
N PRO D 128 -23.25 7.89 -22.61
CA PRO D 128 -22.65 6.56 -22.74
C PRO D 128 -23.71 5.46 -22.64
N LEU D 129 -23.46 4.37 -23.37
CA LEU D 129 -24.41 3.28 -23.49
C LEU D 129 -23.91 2.06 -22.73
N MET D 130 -24.84 1.36 -22.07
CA MET D 130 -24.53 0.11 -21.42
C MET D 130 -24.61 -1.04 -22.43
N THR D 131 -23.59 -1.88 -22.43
CA THR D 131 -23.60 -3.06 -23.29
C THR D 131 -24.61 -4.08 -22.77
N GLU D 132 -24.77 -5.16 -23.54
CA GLU D 132 -25.72 -6.20 -23.15
C GLU D 132 -25.31 -6.91 -21.87
N ASN D 133 -24.05 -6.80 -21.46
CA ASN D 133 -23.54 -7.47 -20.27
C ASN D 133 -23.42 -6.53 -19.07
N GLY D 134 -23.92 -5.31 -19.18
CA GLY D 134 -23.89 -4.40 -18.05
C GLY D 134 -22.61 -3.63 -17.87
N THR D 135 -21.81 -3.48 -18.92
CA THR D 135 -20.55 -2.77 -18.86
C THR D 135 -20.61 -1.50 -19.72
N PHE D 136 -19.66 -0.60 -19.48
CA PHE D 136 -19.53 0.61 -20.27
C PHE D 136 -18.17 0.61 -20.97
N VAL D 137 -18.12 1.19 -22.16
CA VAL D 137 -16.86 1.34 -22.90
C VAL D 137 -16.52 2.82 -22.87
N ILE D 138 -15.64 3.20 -21.94
CA ILE D 138 -15.20 4.58 -21.78
C ILE D 138 -13.74 4.66 -22.18
N ASN D 139 -13.44 5.54 -23.12
CA ASN D 139 -12.07 5.76 -23.61
C ASN D 139 -11.45 4.44 -24.10
N GLY D 140 -12.28 3.58 -24.66
CA GLY D 140 -11.82 2.31 -25.20
C GLY D 140 -11.66 1.19 -24.20
N THR D 141 -11.96 1.42 -22.92
CA THR D 141 -11.79 0.38 -21.91
C THR D 141 -13.13 0.10 -21.22
N GLU D 142 -13.26 -1.13 -20.72
CA GLU D 142 -14.49 -1.59 -20.10
C GLU D 142 -14.50 -1.22 -18.62
N ARG D 143 -15.59 -0.58 -18.19
CA ARG D 143 -15.75 -0.08 -16.84
C ARG D 143 -17.08 -0.54 -16.27
N VAL D 144 -17.14 -0.63 -14.95
CA VAL D 144 -18.35 -1.04 -14.22
C VAL D 144 -18.63 0.03 -13.17
N ILE D 145 -19.88 0.48 -13.11
CA ILE D 145 -20.31 1.45 -12.11
C ILE D 145 -20.93 0.70 -10.95
N VAL D 146 -20.32 0.81 -9.77
CA VAL D 146 -20.71 0.04 -8.60
C VAL D 146 -21.86 0.76 -7.89
N SER D 147 -22.88 0.00 -7.51
CA SER D 147 -24.00 0.57 -6.77
C SER D 147 -23.54 1.04 -5.40
N GLN D 148 -24.25 2.05 -4.87
CA GLN D 148 -23.87 2.68 -3.62
C GLN D 148 -24.93 2.42 -2.55
N LEU D 149 -24.47 2.11 -1.34
CA LEU D 149 -25.34 1.95 -0.18
C LEU D 149 -25.24 3.24 0.63
N HIS D 150 -26.26 4.08 0.54
CA HIS D 150 -26.21 5.40 1.15
C HIS D 150 -27.38 5.59 2.11
N ARG D 151 -27.26 6.59 2.98
CA ARG D 151 -28.32 6.88 3.93
C ARG D 151 -29.56 7.37 3.18
N SER D 152 -30.71 6.77 3.49
CA SER D 152 -31.94 7.16 2.83
C SER D 152 -32.38 8.54 3.26
N PRO D 153 -32.87 9.38 2.35
CA PRO D 153 -33.37 10.69 2.74
C PRO D 153 -34.56 10.59 3.68
N GLY D 154 -34.68 11.57 4.57
CA GLY D 154 -35.77 11.61 5.50
C GLY D 154 -35.31 12.12 6.85
N VAL D 155 -36.06 11.76 7.89
CA VAL D 155 -35.77 12.19 9.26
C VAL D 155 -35.41 10.97 10.08
N PHE D 156 -34.24 11.00 10.71
CA PHE D 156 -33.73 9.92 11.54
C PHE D 156 -33.58 10.41 12.97
N PHE D 157 -34.10 9.64 13.91
CA PHE D 157 -34.04 9.96 15.33
C PHE D 157 -33.00 9.05 15.99
N ASP D 158 -32.00 9.66 16.62
CA ASP D 158 -30.87 8.92 17.17
C ASP D 158 -30.51 9.55 18.51
N SER D 159 -29.52 8.97 19.19
CA SER D 159 -29.11 9.44 20.51
C SER D 159 -27.62 9.16 20.71
N ASP D 160 -27.04 9.91 21.64
CA ASP D 160 -25.61 9.79 21.93
C ASP D 160 -25.27 8.60 22.82
N LYS D 161 -26.27 7.87 23.32
CA LYS D 161 -26.06 6.69 24.15
C LYS D 161 -25.31 7.01 25.44
N GLY D 162 -25.40 8.27 25.89
CA GLY D 162 -24.77 8.66 27.15
C GLY D 162 -23.26 8.56 27.16
N LYS D 163 -22.61 8.96 26.07
CA LYS D 163 -21.16 8.91 25.96
C LYS D 163 -20.55 10.28 25.68
N THR D 164 -21.30 11.36 25.92
CA THR D 164 -20.82 12.70 25.68
C THR D 164 -20.69 13.53 26.96
N HIS D 165 -21.75 13.60 27.76
CA HIS D 165 -21.72 14.39 28.98
C HIS D 165 -21.03 13.61 30.10
N SER D 166 -20.68 14.33 31.16
CA SER D 166 -20.01 13.70 32.30
C SER D 166 -20.88 12.63 32.93
N SER D 167 -22.17 12.92 33.14
CA SER D 167 -23.11 11.93 33.62
C SER D 167 -23.61 11.11 32.44
N GLY D 168 -24.64 10.30 32.65
CA GLY D 168 -25.20 9.56 31.53
C GLY D 168 -25.89 10.49 30.56
N LYS D 169 -27.04 11.04 30.96
CA LYS D 169 -27.75 12.08 30.22
C LYS D 169 -27.82 11.76 28.72
N VAL D 170 -28.56 10.67 28.44
CA VAL D 170 -28.75 10.26 27.05
C VAL D 170 -29.40 11.40 26.28
N LEU D 171 -28.67 11.93 25.30
CA LEU D 171 -29.09 13.12 24.56
C LEU D 171 -29.63 12.71 23.21
N TYR D 172 -30.80 13.20 22.85
CA TYR D 172 -31.51 12.78 21.66
C TYR D 172 -31.46 13.86 20.58
N ASN D 173 -31.31 13.43 19.33
CA ASN D 173 -31.31 14.33 18.20
C ASN D 173 -32.11 13.73 17.05
N ALA D 174 -32.60 14.61 16.17
CA ALA D 174 -33.33 14.26 14.97
C ALA D 174 -32.69 14.99 13.80
N ARG D 175 -32.46 14.27 12.71
CA ARG D 175 -31.75 14.82 11.55
C ARG D 175 -32.62 14.64 10.32
N ILE D 176 -32.92 15.75 9.65
CA ILE D 176 -33.64 15.77 8.38
C ILE D 176 -32.59 15.97 7.29
N ILE D 177 -32.42 14.95 6.48
CA ILE D 177 -31.42 14.89 5.41
C ILE D 177 -32.15 14.72 4.09
N PRO D 178 -32.12 15.70 3.20
CA PRO D 178 -32.77 15.55 1.89
C PRO D 178 -31.80 15.04 0.85
N TYR D 179 -32.34 14.76 -0.34
CA TYR D 179 -31.50 14.42 -1.48
C TYR D 179 -30.64 15.61 -1.88
N ARG D 180 -31.25 16.78 -1.99
CA ARG D 180 -30.54 18.04 -2.20
C ARG D 180 -31.10 19.08 -1.26
N GLY D 181 -30.21 19.88 -0.67
CA GLY D 181 -30.61 20.96 0.19
C GLY D 181 -29.86 20.92 1.51
N SER D 182 -30.27 21.80 2.42
CA SER D 182 -29.63 21.90 3.72
C SER D 182 -30.19 20.86 4.69
N TRP D 183 -29.37 20.51 5.68
CA TRP D 183 -29.73 19.55 6.71
C TRP D 183 -30.30 20.27 7.92
N LEU D 184 -31.36 19.71 8.50
CA LEU D 184 -32.01 20.31 9.67
C LEU D 184 -31.81 19.40 10.87
N ASP D 185 -31.28 19.94 11.96
CA ASP D 185 -30.97 19.15 13.14
C ASP D 185 -31.71 19.72 14.35
N PHE D 186 -32.40 18.85 15.09
CA PHE D 186 -33.05 19.22 16.34
C PHE D 186 -32.47 18.34 17.44
N GLU D 187 -31.76 18.95 18.39
CA GLU D 187 -31.08 18.18 19.41
C GLU D 187 -31.49 18.65 20.80
N PHE D 188 -31.13 17.84 21.79
CA PHE D 188 -31.30 18.21 23.19
C PHE D 188 -29.94 18.59 23.78
N ASP D 189 -29.97 19.44 24.78
CA ASP D 189 -28.81 19.83 25.57
C ASP D 189 -28.90 19.23 26.96
N PRO D 190 -27.80 19.19 27.70
CA PRO D 190 -27.85 18.64 29.07
C PRO D 190 -28.77 19.41 30.01
N LYS D 191 -29.24 20.60 29.62
CA LYS D 191 -30.16 21.39 30.43
C LYS D 191 -31.61 21.26 29.96
N ASP D 192 -31.90 20.27 29.10
CA ASP D 192 -33.27 19.97 28.67
C ASP D 192 -33.89 21.12 27.88
N ASN D 193 -33.18 21.56 26.84
CA ASN D 193 -33.65 22.58 25.93
C ASN D 193 -33.58 22.06 24.50
N LEU D 194 -34.66 22.23 23.76
CA LEU D 194 -34.68 21.85 22.35
C LEU D 194 -33.95 22.91 21.54
N TYR D 195 -32.91 22.50 20.83
CA TYR D 195 -32.04 23.41 20.10
C TYR D 195 -31.97 23.00 18.64
N VAL D 196 -31.80 23.98 17.76
CA VAL D 196 -31.88 23.76 16.32
C VAL D 196 -30.57 24.15 15.66
N ARG D 197 -30.14 23.35 14.68
CA ARG D 197 -28.99 23.63 13.84
C ARG D 197 -29.38 23.50 12.38
N ILE D 198 -28.82 24.38 11.55
CA ILE D 198 -28.98 24.30 10.10
C ILE D 198 -27.60 24.23 9.49
N ASP D 199 -27.39 23.22 8.63
CA ASP D 199 -26.14 23.04 7.89
C ASP D 199 -24.95 22.84 8.81
N ARG D 200 -25.19 22.28 10.00
CA ARG D 200 -24.14 21.98 10.98
C ARG D 200 -23.32 23.21 11.33
N ARG D 201 -24.01 24.27 11.78
CA ARG D 201 -23.34 25.47 12.27
C ARG D 201 -23.84 25.81 13.66
N ARG D 202 -23.54 27.01 14.16
CA ARG D 202 -23.74 27.32 15.57
C ARG D 202 -25.21 27.18 15.95
N LYS D 203 -25.44 26.66 17.17
CA LYS D 203 -26.73 26.15 17.60
C LYS D 203 -27.58 27.22 18.27
N LEU D 204 -28.88 27.18 18.00
CA LEU D 204 -29.85 28.17 18.46
C LEU D 204 -31.03 27.47 19.13
N PRO D 205 -31.81 28.20 19.93
CA PRO D 205 -33.06 27.65 20.44
C PRO D 205 -34.01 27.27 19.33
N ALA D 206 -34.76 26.18 19.55
CA ALA D 206 -35.66 25.66 18.53
C ALA D 206 -36.89 26.53 18.33
N SER D 207 -37.20 27.42 19.28
CA SER D 207 -38.35 28.30 19.12
C SER D 207 -38.16 29.32 18.00
N ILE D 208 -36.91 29.57 17.58
CA ILE D 208 -36.67 30.51 16.50
C ILE D 208 -37.27 29.99 15.19
N ILE D 209 -37.12 28.70 14.91
CA ILE D 209 -37.67 28.14 13.69
C ILE D 209 -39.20 28.16 13.74
N LEU D 210 -39.77 28.10 14.95
CA LEU D 210 -41.22 28.21 15.08
C LEU D 210 -41.71 29.63 14.87
N ARG D 211 -40.99 30.61 15.41
CA ARG D 211 -41.36 32.01 15.22
C ARG D 211 -41.18 32.45 13.77
N VAL D 212 -40.25 31.86 13.06
CA VAL D 212 -40.02 32.37 11.69
C VAL D 212 -41.15 31.89 10.77
N LEU D 213 -42.00 30.98 11.24
CA LEU D 213 -43.19 30.59 10.49
C LEU D 213 -44.42 31.38 10.92
N GLY D 214 -44.26 32.40 11.74
CA GLY D 214 -45.38 33.21 12.17
C GLY D 214 -46.20 32.60 13.28
N LYS D 215 -45.57 31.99 14.27
CA LYS D 215 -46.26 31.36 15.39
C LYS D 215 -46.00 32.15 16.66
N THR D 216 -47.08 32.54 17.33
CA THR D 216 -46.98 33.21 18.62
C THR D 216 -46.56 32.21 19.70
N SER D 217 -46.02 32.74 20.80
CA SER D 217 -45.66 31.88 21.92
C SER D 217 -46.87 31.13 22.45
N ALA D 218 -48.04 31.77 22.47
CA ALA D 218 -49.26 31.08 22.87
C ALA D 218 -49.58 29.93 21.91
N GLU D 219 -49.40 30.15 20.61
CA GLU D 219 -49.63 29.08 19.65
C GLU D 219 -48.64 27.94 19.85
N ILE D 220 -47.38 28.26 20.13
CA ILE D 220 -46.38 27.23 20.37
C ILE D 220 -46.76 26.39 21.59
N LEU D 221 -47.17 27.07 22.66
CA LEU D 221 -47.57 26.34 23.88
C LEU D 221 -48.81 25.50 23.64
N ASP D 222 -49.76 26.02 22.83
CA ASP D 222 -50.95 25.24 22.52
C ASP D 222 -50.60 23.99 21.72
N ILE D 223 -49.67 24.12 20.77
CA ILE D 223 -49.28 22.98 19.94
C ILE D 223 -48.56 21.93 20.77
N PHE D 224 -47.59 22.36 21.58
CA PHE D 224 -46.68 21.42 22.23
C PHE D 224 -47.05 21.08 23.67
N PHE D 225 -48.17 21.58 24.18
CA PHE D 225 -48.55 21.30 25.55
C PHE D 225 -50.06 21.05 25.65
N GLU D 226 -50.44 20.34 26.71
CA GLU D 226 -51.83 20.14 27.08
C GLU D 226 -52.19 21.11 28.20
N LYS D 227 -53.39 21.68 28.11
CA LYS D 227 -53.82 22.75 29.01
C LYS D 227 -54.77 22.21 30.06
N VAL D 228 -54.53 22.59 31.32
CA VAL D 228 -55.45 22.34 32.42
C VAL D 228 -56.07 23.67 32.83
N ASN D 229 -57.39 23.68 32.98
CA ASN D 229 -58.16 24.90 33.19
C ASN D 229 -58.54 25.06 34.66
N PHE D 230 -58.56 26.31 35.12
CA PHE D 230 -58.85 26.64 36.52
C PHE D 230 -59.76 27.86 36.50
N GLU D 231 -61.04 27.66 36.74
CA GLU D 231 -62.01 28.72 36.87
C GLU D 231 -62.29 29.01 38.34
N VAL D 232 -63.15 30.00 38.59
CA VAL D 232 -63.64 30.32 39.92
C VAL D 232 -65.14 30.08 39.92
N LYS D 233 -65.57 29.07 40.69
CA LYS D 233 -66.97 28.68 40.77
C LYS D 233 -67.43 28.82 42.22
N ASP D 234 -68.46 29.63 42.43
CA ASP D 234 -69.08 29.81 43.75
C ASP D 234 -68.04 30.19 44.79
N GLN D 235 -67.20 31.17 44.43
CA GLN D 235 -66.15 31.70 45.30
C GLN D 235 -65.13 30.62 45.69
N THR D 236 -64.95 29.61 44.84
CA THR D 236 -64.02 28.52 45.11
C THR D 236 -63.18 28.25 43.86
N LEU D 237 -61.98 27.72 44.07
CA LEU D 237 -61.16 27.30 42.95
C LEU D 237 -61.77 26.07 42.27
N MET D 238 -61.61 26.00 40.94
CA MET D 238 -62.39 25.07 40.12
C MET D 238 -61.51 24.54 38.99
N MET D 239 -60.89 23.38 39.19
CA MET D 239 -60.10 22.77 38.13
C MET D 239 -60.99 21.80 37.34
N GLU D 240 -60.89 21.87 36.02
CA GLU D 240 -61.60 20.94 35.15
C GLU D 240 -60.87 19.61 35.26
N LEU D 241 -61.50 18.63 35.91
CA LEU D 241 -60.86 17.37 36.21
C LEU D 241 -60.94 16.43 35.00
N VAL D 242 -59.79 15.89 34.61
CA VAL D 242 -59.68 14.85 33.59
C VAL D 242 -59.32 13.55 34.30
N PRO D 243 -60.16 12.51 34.23
CA PRO D 243 -59.92 11.31 35.05
C PRO D 243 -58.57 10.65 34.83
N GLU D 244 -58.09 10.61 33.58
CA GLU D 244 -56.85 9.90 33.29
C GLU D 244 -55.64 10.54 33.97
N ARG D 245 -55.73 11.82 34.34
CA ARG D 245 -54.60 12.51 34.93
C ARG D 245 -54.35 12.07 36.37
N LEU D 246 -55.43 11.93 37.16
CA LEU D 246 -55.28 11.64 38.58
C LEU D 246 -54.69 10.25 38.81
N ARG D 247 -55.12 9.26 38.04
CA ARG D 247 -54.63 7.90 38.21
C ARG D 247 -53.16 7.77 37.78
N THR D 252 -51.13 14.91 47.34
CA THR D 252 -50.41 15.85 48.21
C THR D 252 -51.35 16.90 48.77
N PHE D 253 -52.65 16.65 48.66
CA PHE D 253 -53.67 17.59 49.13
C PHE D 253 -54.99 16.84 49.28
N ASP D 254 -55.95 17.52 49.90
CA ASP D 254 -57.28 16.96 50.09
C ASP D 254 -58.15 17.25 48.88
N ILE D 255 -58.84 16.23 48.39
CA ILE D 255 -59.61 16.31 47.16
C ILE D 255 -61.05 16.70 47.47
N GLU D 256 -61.63 17.53 46.61
CA GLU D 256 -63.00 18.02 46.77
C GLU D 256 -64.00 16.96 46.33
N ALA D 257 -65.25 17.34 46.09
CA ALA D 257 -66.35 16.42 45.84
C ALA D 257 -66.58 15.53 47.08
N ASP D 258 -67.04 16.19 48.13
CA ASP D 258 -67.15 15.58 49.46
C ASP D 258 -67.91 14.25 49.43
N GLY D 259 -68.83 14.09 48.48
CA GLY D 259 -69.52 12.81 48.35
C GLY D 259 -68.58 11.68 47.96
N LYS D 260 -67.48 12.00 47.29
CA LYS D 260 -66.51 11.03 46.79
C LYS D 260 -65.09 11.46 47.11
N VAL D 261 -64.85 11.80 48.38
CA VAL D 261 -63.52 12.25 48.80
C VAL D 261 -62.48 11.19 48.48
N TYR D 262 -61.39 11.62 47.84
CA TYR D 262 -60.26 10.73 47.55
C TYR D 262 -59.28 10.76 48.72
N VAL D 263 -58.15 10.07 48.55
CA VAL D 263 -57.12 10.07 49.58
C VAL D 263 -56.56 11.47 49.74
N GLU D 264 -56.38 11.89 50.99
CA GLU D 264 -55.91 13.24 51.31
C GLU D 264 -54.44 13.18 51.70
N LYS D 265 -53.61 13.98 51.02
CA LYS D 265 -52.17 14.09 51.23
C LYS D 265 -51.51 12.74 51.52
N GLY D 266 -51.90 11.72 50.77
CA GLY D 266 -51.34 10.38 50.96
C GLY D 266 -51.45 9.52 49.72
N HIS D 273 -57.90 2.10 42.90
CA HIS D 273 -57.63 3.23 43.77
C HIS D 273 -58.34 4.48 43.25
N ILE D 274 -57.74 5.12 42.25
CA ILE D 274 -58.36 6.30 41.65
C ILE D 274 -59.58 5.91 40.83
N ARG D 275 -59.49 4.79 40.11
CA ARG D 275 -60.56 4.40 39.18
C ARG D 275 -61.88 4.14 39.91
N GLN D 276 -61.81 3.48 41.07
CA GLN D 276 -63.03 3.12 41.78
C GLN D 276 -63.84 4.35 42.16
N LEU D 277 -63.18 5.40 42.65
CA LEU D 277 -63.88 6.64 42.95
C LEU D 277 -64.23 7.42 41.69
N GLU D 278 -63.41 7.34 40.65
CA GLU D 278 -63.70 8.00 39.39
C GLU D 278 -64.85 7.36 38.64
N LYS D 279 -65.32 6.19 39.07
CA LYS D 279 -66.37 5.47 38.34
C LYS D 279 -67.65 6.29 38.28
N ASP D 280 -68.03 6.93 39.39
CA ASP D 280 -69.23 7.76 39.39
C ASP D 280 -69.08 8.95 38.45
N GLY D 281 -67.97 9.67 38.56
CA GLY D 281 -67.68 10.76 37.64
C GLY D 281 -68.21 12.10 38.09
N VAL D 282 -67.31 13.07 38.30
CA VAL D 282 -67.67 14.44 38.59
C VAL D 282 -66.84 15.36 37.70
N ASN D 283 -67.33 16.59 37.53
CA ASN D 283 -66.66 17.59 36.71
C ASN D 283 -66.20 18.79 37.52
N PHE D 284 -66.08 18.63 38.84
CA PHE D 284 -65.70 19.72 39.73
C PHE D 284 -64.58 19.26 40.66
N ILE D 285 -63.73 20.20 41.06
CA ILE D 285 -62.71 19.93 42.06
C ILE D 285 -62.20 21.28 42.59
N GLU D 286 -61.71 21.26 43.82
CA GLU D 286 -61.16 22.44 44.48
C GLU D 286 -59.74 22.15 44.95
N VAL D 287 -58.82 23.06 44.67
CA VAL D 287 -57.42 22.86 45.02
C VAL D 287 -56.93 24.06 45.82
N PRO D 288 -55.90 23.87 46.64
CA PRO D 288 -55.33 25.01 47.38
C PRO D 288 -54.67 26.00 46.43
N VAL D 289 -54.44 27.20 46.97
CA VAL D 289 -53.83 28.27 46.17
C VAL D 289 -52.40 27.89 45.77
N GLU D 290 -51.69 27.18 46.65
CA GLU D 290 -50.31 26.81 46.35
C GLU D 290 -50.19 25.97 45.09
N TYR D 291 -51.23 25.21 44.75
CA TYR D 291 -51.20 24.40 43.53
C TYR D 291 -51.03 25.27 42.29
N ILE D 292 -51.48 26.52 42.35
CA ILE D 292 -51.32 27.44 41.22
C ILE D 292 -49.96 28.14 41.26
N VAL D 293 -49.33 28.23 42.43
CA VAL D 293 -48.09 28.98 42.55
C VAL D 293 -46.99 28.41 41.67
N GLY D 294 -46.93 27.08 41.55
CA GLY D 294 -45.86 26.45 40.80
C GLY D 294 -46.08 26.34 39.30
N LYS D 295 -47.27 26.68 38.80
CA LYS D 295 -47.59 26.49 37.41
C LYS D 295 -47.14 27.69 36.58
N VAL D 296 -47.17 27.51 35.25
CA VAL D 296 -46.81 28.55 34.30
C VAL D 296 -48.01 28.82 33.39
N SER D 297 -48.15 30.06 32.96
CA SER D 297 -49.34 30.48 32.22
C SER D 297 -49.32 29.92 30.79
N ALA D 298 -50.47 30.04 30.12
CA ALA D 298 -50.65 29.53 28.78
C ALA D 298 -50.96 30.60 27.74
N LYS D 299 -51.70 31.65 28.09
CA LYS D 299 -52.05 32.71 27.16
C LYS D 299 -51.74 34.07 27.76
N ASP D 300 -51.71 35.07 26.89
CA ASP D 300 -51.49 36.45 27.31
C ASP D 300 -52.82 37.05 27.77
N TYR D 301 -52.78 37.74 28.91
CA TYR D 301 -53.98 38.34 29.50
C TYR D 301 -53.89 39.85 29.37
N VAL D 302 -54.95 40.45 28.82
CA VAL D 302 -54.99 41.88 28.53
C VAL D 302 -56.15 42.50 29.28
N ASN D 303 -55.91 43.67 29.89
CA ASN D 303 -56.94 44.45 30.56
C ASN D 303 -57.19 45.70 29.73
N GLU D 304 -58.45 45.88 29.32
CA GLU D 304 -58.79 47.02 28.46
C GLU D 304 -58.64 48.35 29.20
N ALA D 305 -59.07 48.39 30.47
CA ALA D 305 -59.01 49.65 31.22
C ALA D 305 -57.57 50.08 31.44
N THR D 306 -56.70 49.15 31.87
CA THR D 306 -55.31 49.49 32.10
C THR D 306 -54.52 49.59 30.80
N GLY D 307 -54.84 48.78 29.81
CA GLY D 307 -54.11 48.77 28.56
C GLY D 307 -52.78 48.08 28.60
N GLU D 308 -52.50 47.32 29.66
CA GLU D 308 -51.22 46.63 29.83
C GLU D 308 -51.43 45.13 29.88
N LEU D 309 -50.31 44.41 29.86
CA LEU D 309 -50.31 42.95 29.88
C LEU D 309 -50.06 42.48 31.31
N ILE D 310 -51.11 41.97 31.96
CA ILE D 310 -51.00 41.58 33.36
C ILE D 310 -50.00 40.44 33.53
N ILE D 311 -50.16 39.38 32.74
CA ILE D 311 -49.25 38.24 32.78
C ILE D 311 -49.02 37.77 31.36
N THR D 312 -47.78 37.38 31.08
CA THR D 312 -47.41 36.96 29.73
C THR D 312 -47.55 35.44 29.58
N ALA D 313 -47.57 34.99 28.34
CA ALA D 313 -47.53 33.57 28.08
C ALA D 313 -46.19 33.00 28.53
N ASN D 314 -46.23 31.82 29.13
CA ASN D 314 -45.04 31.15 29.66
C ASN D 314 -44.37 32.04 30.71
N GLN D 315 -45.09 32.28 31.80
CA GLN D 315 -44.57 32.98 32.96
C GLN D 315 -44.97 32.25 34.24
N GLU D 316 -44.08 32.26 35.22
CA GLU D 316 -44.39 31.70 36.52
C GLU D 316 -45.51 32.51 37.19
N ILE D 317 -46.53 31.81 37.67
CA ILE D 317 -47.65 32.46 38.32
C ILE D 317 -47.31 32.72 39.78
N SER D 318 -47.60 33.92 40.25
CA SER D 318 -47.32 34.32 41.63
C SER D 318 -48.62 34.77 42.30
N LEU D 319 -48.53 34.98 43.62
CA LEU D 319 -49.70 35.43 44.37
C LEU D 319 -50.15 36.82 43.92
N GLU D 320 -49.19 37.71 43.66
CA GLU D 320 -49.54 39.04 43.16
C GLU D 320 -50.21 38.95 41.80
N ALA D 321 -49.73 38.06 40.94
CA ALA D 321 -50.37 37.85 39.64
C ALA D 321 -51.79 37.33 39.82
N LEU D 322 -52.00 36.39 40.75
CA LEU D 322 -53.34 35.89 41.01
C LEU D 322 -54.25 37.00 41.49
N ALA D 323 -53.76 37.85 42.39
CA ALA D 323 -54.57 38.97 42.87
C ALA D 323 -54.90 39.93 41.73
N ASN D 324 -53.92 40.22 40.87
CA ASN D 324 -54.17 41.14 39.76
C ASN D 324 -55.21 40.58 38.80
N LEU D 325 -55.12 39.28 38.50
CA LEU D 325 -56.15 38.66 37.66
C LEU D 325 -57.51 38.69 38.34
N SER D 326 -57.54 38.52 39.67
CA SER D 326 -58.80 38.59 40.40
C SER D 326 -59.43 39.97 40.28
N GLN D 327 -58.63 41.03 40.45
CA GLN D 327 -59.16 42.38 40.34
C GLN D 327 -59.58 42.71 38.91
N ALA D 328 -58.93 42.10 37.91
CA ALA D 328 -59.28 42.36 36.52
C ALA D 328 -60.64 41.80 36.15
N GLY D 329 -61.25 40.98 36.99
CA GLY D 329 -62.53 40.36 36.69
C GLY D 329 -62.43 39.04 35.98
N TYR D 330 -61.25 38.63 35.53
CA TYR D 330 -61.08 37.35 34.88
C TYR D 330 -61.31 36.21 35.87
N LYS D 331 -62.06 35.20 35.43
CA LYS D 331 -62.35 34.04 36.24
C LYS D 331 -61.69 32.76 35.73
N LYS D 332 -61.31 32.71 34.46
CA LYS D 332 -60.78 31.50 33.84
C LYS D 332 -59.28 31.67 33.57
N LEU D 333 -58.49 30.72 34.06
CA LEU D 333 -57.04 30.72 33.87
C LEU D 333 -56.59 29.32 33.50
N GLU D 334 -55.86 29.18 32.38
CA GLU D 334 -55.40 27.88 31.94
C GLU D 334 -53.87 27.84 31.98
N VAL D 335 -53.33 26.72 32.46
CA VAL D 335 -51.90 26.55 32.61
C VAL D 335 -51.47 25.24 31.97
N LEU D 336 -50.20 25.19 31.59
CA LEU D 336 -49.69 24.03 30.87
C LEU D 336 -49.46 22.86 31.82
N PHE D 337 -49.46 21.65 31.23
CA PHE D 337 -49.22 20.43 31.98
C PHE D 337 -47.73 20.15 32.04
N THR D 338 -47.26 19.72 33.22
CA THR D 338 -45.83 19.46 33.39
C THR D 338 -45.63 18.37 34.44
N ASN D 339 -44.90 17.32 34.06
CA ASN D 339 -44.50 16.24 34.95
C ASN D 339 -42.98 16.09 34.92
N ASP D 340 -42.50 15.00 35.53
CA ASP D 340 -41.11 14.62 35.43
C ASP D 340 -40.91 13.31 34.68
N LEU D 341 -41.99 12.60 34.33
CA LEU D 341 -41.89 11.31 33.68
C LEU D 341 -42.45 11.32 32.26
N ASP D 342 -43.71 11.71 32.08
CA ASP D 342 -44.36 11.59 30.78
C ASP D 342 -44.45 12.91 30.01
N HIS D 343 -44.55 14.03 30.70
CA HIS D 343 -44.65 15.34 30.05
C HIS D 343 -43.57 16.26 30.61
N GLY D 344 -42.93 17.02 29.73
CA GLY D 344 -41.80 17.84 30.11
C GLY D 344 -41.93 19.29 29.69
N PRO D 345 -41.27 20.17 30.42
CA PRO D 345 -41.36 21.61 30.13
C PRO D 345 -40.34 22.08 29.11
N PHE D 346 -39.78 21.14 28.32
CA PHE D 346 -38.67 21.44 27.43
C PHE D 346 -38.97 22.65 26.54
N MET D 347 -40.16 22.65 25.91
CA MET D 347 -40.51 23.76 25.03
C MET D 347 -40.60 25.07 25.78
N SER D 348 -41.17 25.06 26.99
CA SER D 348 -41.22 26.27 27.80
C SER D 348 -39.81 26.75 28.15
N GLU D 349 -38.91 25.83 28.48
CA GLU D 349 -37.55 26.22 28.82
C GLU D 349 -36.82 26.83 27.62
N THR D 350 -36.96 26.23 26.43
CA THR D 350 -36.28 26.81 25.28
C THR D 350 -36.94 28.09 24.82
N LEU D 351 -38.23 28.29 25.11
CA LEU D 351 -38.83 29.60 24.93
C LEU D 351 -38.22 30.61 25.90
N ARG D 352 -37.96 30.18 27.14
CA ARG D 352 -37.38 31.07 28.12
C ARG D 352 -35.99 31.53 27.73
N VAL D 353 -35.13 30.59 27.31
CA VAL D 353 -33.76 30.98 26.98
C VAL D 353 -33.74 31.80 25.69
N ASP D 354 -34.68 31.54 24.78
CA ASP D 354 -34.69 32.22 23.49
C ASP D 354 -35.01 33.70 23.72
N SER D 355 -34.25 34.58 23.06
CA SER D 355 -34.45 36.02 23.19
C SER D 355 -35.33 36.60 22.10
N THR D 356 -35.75 35.81 21.11
CA THR D 356 -36.59 36.31 20.03
C THR D 356 -38.00 36.59 20.53
N THR D 357 -38.62 37.63 19.98
CA THR D 357 -39.98 37.99 20.33
C THR D 357 -40.90 38.19 19.13
N ASP D 358 -40.38 38.06 17.91
CA ASP D 358 -41.18 38.29 16.72
C ASP D 358 -40.53 37.61 15.52
N ARG D 359 -41.24 37.61 14.40
CA ARG D 359 -40.75 36.97 13.18
C ARG D 359 -39.52 37.68 12.63
N ILE D 360 -39.51 39.02 12.68
CA ILE D 360 -38.42 39.78 12.10
C ILE D 360 -37.11 39.50 12.85
N SER D 361 -37.17 39.50 14.18
CA SER D 361 -35.97 39.22 14.96
C SER D 361 -35.51 37.79 14.79
N ALA D 362 -36.43 36.85 14.64
CA ALA D 362 -36.05 35.47 14.35
C ALA D 362 -35.33 35.37 13.02
N LEU D 363 -35.85 36.06 12.00
CA LEU D 363 -35.19 36.05 10.70
C LEU D 363 -33.81 36.69 10.78
N VAL D 364 -33.68 37.76 11.57
CA VAL D 364 -32.38 38.43 11.73
C VAL D 364 -31.38 37.49 12.40
N GLU D 365 -31.81 36.79 13.45
CA GLU D 365 -30.92 35.85 14.12
C GLU D 365 -30.53 34.70 13.20
N ILE D 366 -31.48 34.18 12.42
CA ILE D 366 -31.18 33.13 11.47
C ILE D 366 -30.19 33.62 10.42
N TYR D 367 -30.32 34.88 10.00
CA TYR D 367 -29.40 35.43 9.02
C TYR D 367 -27.99 35.59 9.60
N ARG D 368 -27.90 36.03 10.85
CA ARG D 368 -26.59 36.10 11.50
C ARG D 368 -25.96 34.71 11.63
N MET D 369 -26.78 33.70 11.91
CA MET D 369 -26.24 32.33 11.98
C MET D 369 -25.79 31.84 10.61
N MET D 370 -26.56 32.12 9.56
CA MET D 370 -26.21 31.73 8.20
C MET D 370 -25.00 32.52 7.70
N ARG D 371 -25.12 33.84 7.68
CA ARG D 371 -24.12 34.72 7.07
C ARG D 371 -23.60 35.66 8.14
N PRO D 372 -22.48 35.32 8.78
CA PRO D 372 -21.94 36.20 9.82
C PRO D 372 -21.04 37.29 9.26
N GLY D 373 -21.04 38.42 9.96
CA GLY D 373 -20.28 39.57 9.50
C GLY D 373 -20.90 40.28 8.32
N GLU D 374 -22.22 40.20 8.16
CA GLU D 374 -22.93 40.90 7.11
C GLU D 374 -24.13 41.63 7.70
N PRO D 375 -24.39 42.86 7.26
CA PRO D 375 -25.53 43.62 7.77
C PRO D 375 -26.84 42.90 7.45
N PRO D 376 -27.72 42.73 8.44
CA PRO D 376 -28.97 42.02 8.18
C PRO D 376 -30.09 42.93 7.73
N THR D 377 -30.74 42.59 6.63
CA THR D 377 -31.91 43.29 6.14
C THR D 377 -33.10 42.34 6.10
N LYS D 378 -34.30 42.91 6.16
CA LYS D 378 -35.51 42.09 6.18
C LYS D 378 -35.65 41.28 4.91
N GLU D 379 -35.44 41.91 3.75
CA GLU D 379 -35.60 41.22 2.48
C GLU D 379 -34.58 40.09 2.33
N ALA D 380 -33.37 40.35 2.80
CA ALA D 380 -32.30 39.34 2.71
C ALA D 380 -32.62 38.16 3.59
N ALA D 381 -32.92 38.40 4.85
CA ALA D 381 -33.29 37.32 5.77
C ALA D 381 -34.46 36.52 5.21
N GLU D 382 -35.50 37.23 4.78
CA GLU D 382 -36.70 36.54 4.28
C GLU D 382 -36.28 35.61 3.14
N SER D 383 -35.54 36.14 2.17
CA SER D 383 -35.04 35.32 1.04
C SER D 383 -34.27 34.09 1.53
N LEU D 384 -33.30 34.28 2.40
CA LEU D 384 -32.49 33.15 2.92
C LEU D 384 -33.44 32.09 3.45
N PHE D 385 -34.38 32.44 4.32
CA PHE D 385 -35.20 31.35 4.87
C PHE D 385 -35.96 30.66 3.75
N GLU D 386 -36.67 31.44 2.94
CA GLU D 386 -37.50 30.83 1.90
C GLU D 386 -36.66 29.85 1.09
N SER D 387 -35.42 30.19 0.78
CA SER D 387 -34.61 29.34 -0.11
C SER D 387 -34.10 28.10 0.61
N LEU D 388 -33.54 28.30 1.79
CA LEU D 388 -32.96 27.17 2.54
C LEU D 388 -33.89 25.96 2.56
N PHE D 389 -35.19 26.10 2.83
CA PHE D 389 -35.97 24.87 2.97
C PHE D 389 -37.26 24.84 2.18
N PHE D 390 -37.84 25.98 1.80
CA PHE D 390 -39.15 26.03 1.18
C PHE D 390 -39.07 26.32 -0.31
N SER D 391 -37.90 26.16 -0.92
CA SER D 391 -37.73 26.40 -2.35
C SER D 391 -37.44 25.08 -3.05
N ALA D 392 -38.22 24.80 -4.10
CA ALA D 392 -37.99 23.59 -4.88
C ALA D 392 -36.69 23.64 -5.67
N GLU D 393 -36.14 24.83 -5.89
CA GLU D 393 -34.89 24.95 -6.61
C GLU D 393 -33.70 24.53 -5.74
N ARG D 394 -33.79 24.71 -4.42
CA ARG D 394 -32.69 24.41 -3.53
C ARG D 394 -33.00 23.33 -2.51
N TYR D 395 -34.24 22.84 -2.45
CA TYR D 395 -34.60 21.77 -1.53
C TYR D 395 -35.40 20.71 -2.29
N ASP D 396 -35.08 19.44 -2.04
CA ASP D 396 -35.79 18.34 -2.69
C ASP D 396 -35.79 17.15 -1.75
N LEU D 397 -36.89 16.95 -1.03
CA LEU D 397 -37.13 15.72 -0.29
C LEU D 397 -37.85 14.79 -1.26
N SER D 398 -37.08 13.91 -1.90
CA SER D 398 -37.57 13.13 -3.04
C SER D 398 -38.65 12.14 -2.60
N THR D 399 -39.16 11.40 -3.58
CA THR D 399 -40.28 10.49 -3.33
C THR D 399 -39.95 9.47 -2.27
N VAL D 400 -38.75 8.86 -2.34
CA VAL D 400 -38.33 7.94 -1.30
C VAL D 400 -38.16 8.68 0.02
N GLY D 401 -37.52 9.85 -0.02
CA GLY D 401 -37.35 10.64 1.19
C GLY D 401 -38.68 11.07 1.79
N ARG D 402 -39.61 11.51 0.94
CA ARG D 402 -40.93 11.90 1.42
C ARG D 402 -41.68 10.72 2.01
N MET D 403 -41.58 9.55 1.37
CA MET D 403 -42.25 8.36 1.91
C MET D 403 -41.69 7.98 3.27
N LYS D 404 -40.36 7.99 3.41
CA LYS D 404 -39.74 7.68 4.70
C LYS D 404 -40.13 8.72 5.75
N PHE D 405 -40.16 9.99 5.36
CA PHE D 405 -40.52 11.06 6.28
C PHE D 405 -41.96 10.88 6.78
N ASN D 406 -42.88 10.60 5.85
CA ASN D 406 -44.29 10.42 6.22
C ASN D 406 -44.48 9.18 7.08
N SER D 407 -43.74 8.11 6.79
CA SER D 407 -43.81 6.93 7.65
C SER D 407 -43.26 7.24 9.04
N SER D 408 -42.21 8.06 9.10
CA SER D 408 -41.62 8.39 10.39
C SER D 408 -42.55 9.21 11.26
N ILE D 409 -43.22 10.22 10.70
CA ILE D 409 -44.11 11.06 11.50
C ILE D 409 -45.57 10.66 11.38
N GLY D 410 -45.87 9.60 10.63
CA GLY D 410 -47.24 9.17 10.48
C GLY D 410 -48.14 10.17 9.78
N ARG D 411 -47.67 10.78 8.70
CA ARG D 411 -48.45 11.74 7.92
C ARG D 411 -48.97 11.07 6.67
N GLU D 412 -50.27 11.25 6.40
CA GLU D 412 -50.94 10.60 5.28
C GLU D 412 -51.39 11.60 4.23
N ASP D 413 -50.55 12.60 3.95
CA ASP D 413 -50.86 13.59 2.93
C ASP D 413 -49.54 14.17 2.42
N ALA D 414 -49.64 15.01 1.39
CA ALA D 414 -48.48 15.65 0.75
C ALA D 414 -47.47 14.60 0.27
N GLU D 415 -47.97 13.56 -0.39
CA GLU D 415 -47.09 12.50 -0.88
C GLU D 415 -46.24 12.93 -2.07
N GLU D 416 -46.60 14.02 -2.75
CA GLU D 416 -45.87 14.47 -3.93
C GLU D 416 -45.06 15.74 -3.67
N GLN D 417 -44.92 16.14 -2.41
CA GLN D 417 -44.21 17.37 -2.08
C GLN D 417 -42.77 17.06 -1.69
N GLY D 418 -41.86 17.92 -2.12
CA GLY D 418 -40.45 17.75 -1.80
C GLY D 418 -39.84 18.93 -1.08
N THR D 419 -40.66 19.67 -0.34
CA THR D 419 -40.20 20.80 0.45
C THR D 419 -40.82 20.70 1.85
N LEU D 420 -40.01 21.00 2.87
CA LEU D 420 -40.51 20.97 4.23
C LEU D 420 -41.57 22.06 4.42
N ASP D 421 -42.31 21.95 5.52
CA ASP D 421 -43.39 22.89 5.79
C ASP D 421 -43.67 22.93 7.31
N GLU D 422 -44.72 23.66 7.66
CA GLU D 422 -45.13 23.82 9.06
C GLU D 422 -45.41 22.47 9.72
N VAL D 423 -46.27 21.66 9.09
CA VAL D 423 -46.70 20.41 9.69
C VAL D 423 -45.51 19.47 9.86
N ASP D 424 -44.65 19.39 8.84
CA ASP D 424 -43.51 18.46 8.90
C ASP D 424 -42.59 18.78 10.06
N ILE D 425 -42.17 20.05 10.17
CA ILE D 425 -41.23 20.43 11.22
C ILE D 425 -41.85 20.24 12.60
N ILE D 426 -43.11 20.67 12.77
CA ILE D 426 -43.72 20.54 14.09
C ILE D 426 -43.95 19.08 14.45
N GLU D 427 -44.31 18.23 13.48
CA GLU D 427 -44.43 16.80 13.76
C GLU D 427 -43.10 16.19 14.15
N VAL D 428 -42.02 16.58 13.48
CA VAL D 428 -40.70 16.05 13.84
C VAL D 428 -40.34 16.47 15.26
N MET D 429 -40.58 17.74 15.60
CA MET D 429 -40.26 18.22 16.95
C MET D 429 -41.09 17.50 18.00
N LYS D 430 -42.38 17.31 17.71
CA LYS D 430 -43.25 16.59 18.65
C LYS D 430 -42.80 15.15 18.83
N LYS D 431 -42.40 14.48 17.75
CA LYS D 431 -41.99 13.09 17.87
C LYS D 431 -40.67 12.98 18.62
N LEU D 432 -39.75 13.92 18.43
CA LEU D 432 -38.53 13.92 19.22
C LEU D 432 -38.83 14.13 20.70
N ILE D 433 -39.74 15.05 21.01
CA ILE D 433 -40.13 15.28 22.40
C ILE D 433 -40.74 14.01 22.99
N SER D 434 -41.60 13.33 22.22
CA SER D 434 -42.22 12.10 22.68
C SER D 434 -41.18 11.00 22.92
N ILE D 435 -40.19 10.90 22.02
CA ILE D 435 -39.12 9.92 22.20
C ILE D 435 -38.35 10.20 23.49
N ARG D 436 -38.08 11.47 23.78
CA ARG D 436 -37.42 11.79 25.04
C ARG D 436 -38.31 11.39 26.21
N ASN D 437 -39.60 11.71 26.12
CA ASN D 437 -40.52 11.42 27.21
C ASN D 437 -40.57 9.92 27.51
N GLY D 438 -40.53 9.09 26.47
CA GLY D 438 -40.58 7.66 26.66
C GLY D 438 -41.41 6.94 25.62
N LYS D 439 -42.38 7.65 25.05
CA LYS D 439 -43.23 7.08 24.01
C LYS D 439 -42.51 7.19 22.67
N GLY D 440 -42.02 6.06 22.17
CA GLY D 440 -41.27 6.05 20.93
C GLY D 440 -39.86 5.52 21.11
N GLU D 441 -39.23 5.11 20.02
CA GLU D 441 -37.89 4.54 20.07
C GLU D 441 -37.02 5.17 18.98
N VAL D 442 -35.71 5.16 19.22
CA VAL D 442 -34.78 5.69 18.23
C VAL D 442 -34.67 4.73 17.05
N ASP D 443 -34.14 5.25 15.95
CA ASP D 443 -33.98 4.49 14.72
C ASP D 443 -32.59 3.87 14.66
N ASP D 444 -32.51 2.73 13.98
CA ASP D 444 -31.24 2.05 13.74
C ASP D 444 -30.65 2.55 12.43
N ILE D 445 -29.43 3.07 12.47
CA ILE D 445 -28.82 3.64 11.28
C ILE D 445 -28.23 2.57 10.37
N ASP D 446 -27.84 1.42 10.91
CA ASP D 446 -27.37 0.30 10.10
C ASP D 446 -28.51 -0.54 9.55
N HIS D 447 -29.75 -0.27 9.95
CA HIS D 447 -30.88 -1.02 9.45
C HIS D 447 -31.03 -0.82 7.95
N LEU D 448 -31.24 -1.93 7.22
CA LEU D 448 -31.35 -1.85 5.77
C LEU D 448 -32.62 -1.13 5.32
N GLY D 449 -33.59 -0.93 6.20
CA GLY D 449 -34.72 -0.08 5.88
C GLY D 449 -34.43 1.39 5.92
N ASN D 450 -33.26 1.77 6.43
CA ASN D 450 -32.80 3.15 6.45
C ASN D 450 -31.65 3.39 5.48
N ARG D 451 -31.16 2.35 4.81
CA ARG D 451 -30.11 2.48 3.81
C ARG D 451 -30.65 2.08 2.45
N ARG D 452 -30.22 2.79 1.42
CA ARG D 452 -30.77 2.70 0.08
C ARG D 452 -29.69 2.34 -0.91
N ILE D 453 -30.11 1.66 -1.98
CA ILE D 453 -29.24 1.27 -3.08
C ILE D 453 -29.43 2.27 -4.20
N ARG D 454 -28.34 2.92 -4.61
CA ARG D 454 -28.34 3.91 -5.67
C ARG D 454 -27.48 3.39 -6.81
N SER D 455 -28.07 3.21 -7.98
CA SER D 455 -27.47 2.52 -9.10
C SER D 455 -27.10 3.50 -10.21
N VAL D 456 -26.69 2.94 -11.36
CA VAL D 456 -26.15 3.74 -12.46
C VAL D 456 -27.16 4.78 -12.94
N GLY D 457 -28.43 4.38 -13.05
CA GLY D 457 -29.42 5.29 -13.60
C GLY D 457 -29.59 6.54 -12.76
N GLU D 458 -29.70 6.39 -11.45
CA GLU D 458 -29.90 7.54 -10.57
C GLU D 458 -28.71 8.49 -10.60
N MET D 459 -27.50 7.94 -10.54
CA MET D 459 -26.30 8.78 -10.55
C MET D 459 -26.15 9.51 -11.88
N ALA D 460 -26.40 8.82 -12.99
CA ALA D 460 -26.34 9.46 -14.30
C ALA D 460 -27.39 10.57 -14.40
N GLU D 461 -28.59 10.32 -13.87
CA GLU D 461 -29.62 11.35 -13.87
C GLU D 461 -29.19 12.57 -13.07
N ASN D 462 -28.59 12.36 -11.90
CA ASN D 462 -28.14 13.48 -11.08
C ASN D 462 -27.08 14.30 -11.79
N GLN D 463 -26.10 13.64 -12.43
CA GLN D 463 -25.05 14.38 -13.11
C GLN D 463 -25.60 15.11 -14.33
N PHE D 464 -26.54 14.50 -15.05
CA PHE D 464 -27.19 15.17 -16.17
C PHE D 464 -27.96 16.39 -15.69
N ARG D 465 -28.58 16.32 -14.51
CA ARG D 465 -29.27 17.49 -13.97
C ARG D 465 -28.30 18.58 -13.58
N VAL D 466 -27.13 18.21 -13.05
CA VAL D 466 -26.10 19.21 -12.76
C VAL D 466 -25.70 19.95 -14.04
N GLY D 467 -25.43 19.20 -15.11
CA GLY D 467 -25.11 19.84 -16.38
C GLY D 467 -26.25 20.71 -16.90
N LEU D 468 -27.49 20.26 -16.69
CA LEU D 468 -28.64 21.03 -17.17
C LEU D 468 -28.81 22.32 -16.39
N VAL D 469 -28.48 22.32 -15.10
CA VAL D 469 -28.53 23.57 -14.34
C VAL D 469 -27.42 24.51 -14.81
N ARG D 470 -26.25 23.95 -15.12
CA ARG D 470 -25.17 24.78 -15.66
C ARG D 470 -25.59 25.46 -16.95
N VAL D 471 -26.25 24.73 -17.85
CA VAL D 471 -26.71 25.35 -19.09
C VAL D 471 -27.93 26.24 -18.86
N GLU D 472 -28.73 25.97 -17.82
CA GLU D 472 -29.91 26.76 -17.53
C GLU D 472 -29.58 28.14 -17.02
N ARG D 473 -28.47 28.31 -16.29
CA ARG D 473 -28.13 29.67 -15.89
C ARG D 473 -27.80 30.55 -17.10
N ALA D 474 -26.98 30.03 -18.03
CA ALA D 474 -26.63 30.80 -19.22
C ALA D 474 -27.85 31.01 -20.12
N VAL D 475 -28.73 30.01 -20.20
CA VAL D 475 -29.94 30.18 -21.00
C VAL D 475 -30.81 31.28 -20.41
N LYS D 476 -30.97 31.31 -19.09
CA LYS D 476 -31.71 32.39 -18.45
C LYS D 476 -31.07 33.74 -18.72
N GLU D 477 -29.75 33.82 -18.60
CA GLU D 477 -29.06 35.09 -18.81
C GLU D 477 -29.30 35.61 -20.22
N ARG D 478 -29.16 34.74 -21.23
CA ARG D 478 -29.36 35.19 -22.60
C ARG D 478 -30.84 35.53 -22.86
N LEU D 479 -31.77 34.82 -22.21
CA LEU D 479 -33.19 35.13 -22.37
C LEU D 479 -33.54 36.49 -21.78
N SER D 480 -32.87 36.88 -20.70
CA SER D 480 -33.10 38.19 -20.11
C SER D 480 -32.95 39.29 -21.14
N LEU D 481 -31.81 39.31 -21.85
CA LEU D 481 -31.65 40.20 -22.99
C LEU D 481 -32.70 39.86 -24.05
N GLY D 482 -33.09 40.88 -24.83
CA GLY D 482 -34.25 40.76 -25.70
C GLY D 482 -34.01 40.71 -27.19
N ASP D 483 -32.77 40.51 -27.65
CA ASP D 483 -32.51 40.42 -29.08
C ASP D 483 -32.75 39.00 -29.58
N LEU D 484 -34.00 38.53 -29.51
CA LEU D 484 -34.36 37.17 -29.94
C LEU D 484 -35.19 37.18 -31.22
N ASP D 485 -34.92 38.11 -32.13
CA ASP D 485 -35.61 38.09 -33.41
C ASP D 485 -35.01 37.06 -34.36
N ASN D 486 -33.69 37.01 -34.43
CA ASN D 486 -32.99 36.08 -35.32
C ASN D 486 -32.27 34.97 -34.54
N VAL D 487 -32.73 34.66 -33.33
CA VAL D 487 -32.07 33.70 -32.46
C VAL D 487 -32.94 32.45 -32.38
N MET D 488 -32.35 31.30 -32.70
CA MET D 488 -32.88 29.95 -32.70
C MET D 488 -32.49 29.26 -31.40
N PRO D 489 -33.30 28.33 -30.85
CA PRO D 489 -32.98 27.79 -29.52
C PRO D 489 -31.71 26.94 -29.49
N GLN D 490 -31.23 26.45 -30.64
CA GLN D 490 -29.97 25.73 -30.65
C GLN D 490 -28.79 26.67 -30.41
N ASP D 491 -28.98 27.98 -30.56
CA ASP D 491 -27.93 28.95 -30.26
C ASP D 491 -27.86 29.30 -28.79
N LEU D 492 -28.81 28.84 -27.98
CA LEU D 492 -28.81 29.13 -26.54
C LEU D 492 -28.19 28.02 -25.70
N ILE D 493 -28.24 26.78 -26.18
CA ILE D 493 -27.81 25.63 -25.41
C ILE D 493 -26.38 25.28 -25.79
N ASN D 494 -25.49 25.23 -24.80
CA ASN D 494 -24.12 24.77 -24.97
C ASN D 494 -24.02 23.38 -24.35
N ALA D 495 -23.78 22.39 -25.19
CA ALA D 495 -23.75 21.00 -24.75
C ALA D 495 -22.44 20.63 -24.05
N LYS D 496 -21.44 21.50 -24.09
CA LYS D 496 -20.15 21.18 -23.47
C LYS D 496 -20.25 20.98 -21.95
N PRO D 497 -20.94 21.83 -21.17
CA PRO D 497 -21.08 21.51 -19.75
C PRO D 497 -21.76 20.18 -19.46
N ILE D 498 -22.80 19.84 -20.23
CA ILE D 498 -23.50 18.57 -20.03
C ILE D 498 -22.57 17.41 -20.35
N SER D 499 -21.85 17.49 -21.46
CA SER D 499 -20.90 16.46 -21.83
C SER D 499 -19.81 16.32 -20.78
N ALA D 500 -19.34 17.46 -20.26
CA ALA D 500 -18.33 17.43 -19.22
C ALA D 500 -18.85 16.73 -17.96
N ALA D 501 -20.08 17.01 -17.58
CA ALA D 501 -20.66 16.37 -16.40
C ALA D 501 -20.76 14.87 -16.58
N VAL D 502 -21.31 14.41 -17.71
CA VAL D 502 -21.49 12.98 -17.89
C VAL D 502 -20.15 12.28 -18.03
N LYS D 503 -19.20 12.90 -18.73
CA LYS D 503 -17.88 12.30 -18.89
C LYS D 503 -17.15 12.23 -17.55
N GLU D 504 -17.29 13.26 -16.71
CA GLU D 504 -16.72 13.21 -15.38
C GLU D 504 -17.31 12.07 -14.57
N PHE D 505 -18.63 11.90 -14.63
CA PHE D 505 -19.26 10.80 -13.89
C PHE D 505 -18.77 9.45 -14.39
N PHE D 506 -18.68 9.27 -15.70
CA PHE D 506 -18.39 7.96 -16.25
C PHE D 506 -16.89 7.65 -16.33
N GLY D 507 -16.02 8.63 -16.09
CA GLY D 507 -14.60 8.36 -16.17
C GLY D 507 -13.79 8.68 -14.92
N SER D 508 -14.26 9.60 -14.08
CA SER D 508 -13.49 10.05 -12.94
C SER D 508 -14.19 9.81 -11.60
N SER D 509 -15.37 9.21 -11.60
CA SER D 509 -16.06 8.90 -10.36
C SER D 509 -15.38 7.75 -9.65
N GLN D 510 -15.40 7.80 -8.31
CA GLN D 510 -14.81 6.73 -7.53
C GLN D 510 -15.55 5.41 -7.74
N LEU D 511 -16.85 5.48 -8.02
CA LEU D 511 -17.67 4.29 -8.23
C LEU D 511 -17.67 3.81 -9.68
N SER D 512 -17.05 4.54 -10.59
CA SER D 512 -16.84 4.08 -11.96
C SER D 512 -15.46 3.42 -12.00
N GLN D 513 -15.43 2.09 -11.88
CA GLN D 513 -14.22 1.35 -11.62
C GLN D 513 -13.79 0.53 -12.82
N PHE D 514 -12.47 0.35 -12.93
CA PHE D 514 -11.91 -0.55 -13.93
C PHE D 514 -12.47 -1.94 -13.74
N MET D 515 -12.92 -2.55 -14.83
CA MET D 515 -13.60 -3.85 -14.73
C MET D 515 -12.62 -4.94 -14.33
N ASP D 516 -13.07 -5.82 -13.44
CA ASP D 516 -12.32 -7.02 -13.08
C ASP D 516 -12.65 -8.11 -14.09
N GLN D 517 -11.65 -8.52 -14.87
CA GLN D 517 -11.88 -9.41 -16.00
C GLN D 517 -10.95 -10.61 -15.97
N ASN D 518 -10.57 -11.08 -14.78
CA ASN D 518 -9.79 -12.30 -14.67
C ASN D 518 -10.59 -13.51 -15.15
N ASN D 519 -11.86 -13.58 -14.78
CA ASN D 519 -12.71 -14.72 -15.11
C ASN D 519 -14.15 -14.27 -15.05
N PRO D 520 -15.08 -15.07 -15.58
CA PRO D 520 -16.50 -14.68 -15.52
C PRO D 520 -17.02 -14.39 -14.11
N LEU D 521 -16.53 -15.13 -13.11
CA LEU D 521 -16.98 -14.89 -11.74
C LEU D 521 -16.60 -13.50 -11.27
N SER D 522 -15.38 -13.05 -11.60
CA SER D 522 -14.97 -11.70 -11.25
C SER D 522 -15.88 -10.66 -11.89
N GLU D 523 -16.22 -10.86 -13.16
CA GLU D 523 -17.14 -9.96 -13.86
C GLU D 523 -18.49 -9.90 -13.14
N VAL D 524 -19.07 -11.06 -12.84
CA VAL D 524 -20.39 -11.11 -12.22
C VAL D 524 -20.34 -10.46 -10.84
N THR D 525 -19.31 -10.76 -10.04
CA THR D 525 -19.20 -10.20 -8.70
C THR D 525 -19.02 -8.69 -8.75
N HIS D 526 -18.23 -8.19 -9.71
CA HIS D 526 -18.06 -6.74 -9.83
C HIS D 526 -19.35 -6.06 -10.25
N LYS D 527 -20.15 -6.71 -11.10
CA LYS D 527 -21.42 -6.12 -11.49
C LYS D 527 -22.46 -6.18 -10.37
N ARG D 528 -22.26 -7.02 -9.37
CA ARG D 528 -23.19 -7.18 -8.26
C ARG D 528 -22.60 -6.66 -6.95
N ARG D 529 -21.77 -5.64 -7.03
CA ARG D 529 -21.06 -5.10 -5.87
C ARG D 529 -21.72 -3.82 -5.39
N ILE D 530 -21.75 -3.65 -4.06
CA ILE D 530 -22.32 -2.46 -3.44
C ILE D 530 -21.24 -1.84 -2.56
N SER D 531 -21.07 -0.52 -2.69
CA SER D 531 -20.05 0.20 -1.95
C SER D 531 -20.70 1.24 -1.06
N ALA D 532 -20.30 1.26 0.21
CA ALA D 532 -20.70 2.34 1.11
C ALA D 532 -19.85 3.58 0.94
N LEU D 533 -18.81 3.52 0.11
CA LEU D 533 -17.94 4.65 -0.17
C LEU D 533 -18.48 5.40 -1.38
N GLY D 534 -17.67 6.31 -1.92
CA GLY D 534 -18.07 7.12 -3.05
C GLY D 534 -18.68 8.43 -2.60
N PRO D 535 -19.05 9.29 -3.56
CA PRO D 535 -19.71 10.54 -3.20
C PRO D 535 -20.99 10.31 -2.43
N GLY D 536 -21.18 11.10 -1.37
CA GLY D 536 -22.35 10.94 -0.53
C GLY D 536 -22.31 9.75 0.40
N GLY D 537 -21.15 9.14 0.60
CA GLY D 537 -21.02 7.94 1.41
C GLY D 537 -19.98 8.12 2.50
N LEU D 538 -19.37 7.01 2.89
CA LEU D 538 -18.42 6.97 3.97
C LEU D 538 -17.00 7.18 3.46
N THR D 539 -16.06 7.23 4.40
CA THR D 539 -14.63 7.22 4.12
C THR D 539 -14.00 6.07 4.89
N ARG D 540 -12.87 5.58 4.37
CA ARG D 540 -12.22 4.41 4.97
C ARG D 540 -11.78 4.69 6.40
N GLU D 541 -11.16 5.86 6.63
CA GLU D 541 -10.60 6.15 7.94
C GLU D 541 -11.68 6.52 8.96
N ARG D 542 -12.70 7.27 8.53
CA ARG D 542 -13.73 7.74 9.44
C ARG D 542 -14.84 6.72 9.68
N ALA D 543 -14.81 5.58 9.00
CA ALA D 543 -15.81 4.54 9.23
C ALA D 543 -15.54 3.83 10.54
N GLY D 544 -16.61 3.46 11.25
CA GLY D 544 -16.53 2.82 12.53
C GLY D 544 -16.89 1.35 12.50
N PHE D 545 -16.88 0.75 13.69
CA PHE D 545 -17.20 -0.66 13.82
C PHE D 545 -18.65 -0.94 13.45
N GLU D 546 -19.56 -0.04 13.81
CA GLU D 546 -20.99 -0.33 13.68
C GLU D 546 -21.39 -0.54 12.22
N VAL D 547 -20.92 0.31 11.32
CA VAL D 547 -21.32 0.19 9.92
C VAL D 547 -20.66 -1.01 9.25
N ARG D 548 -19.55 -1.50 9.80
CA ARG D 548 -18.85 -2.65 9.24
C ARG D 548 -19.43 -3.98 9.72
N ASP D 549 -20.32 -3.96 10.70
CA ASP D 549 -20.83 -5.20 11.27
C ASP D 549 -21.94 -5.79 10.40
N VAL D 550 -22.26 -7.05 10.67
CA VAL D 550 -23.33 -7.75 9.96
C VAL D 550 -24.63 -7.55 10.72
N HIS D 551 -25.60 -6.92 10.08
CA HIS D 551 -26.89 -6.67 10.70
C HIS D 551 -27.83 -7.85 10.47
N VAL D 552 -28.84 -7.97 11.34
CA VAL D 552 -29.82 -9.04 11.19
C VAL D 552 -30.69 -8.83 9.95
N THR D 553 -30.71 -7.62 9.40
CA THR D 553 -31.46 -7.34 8.19
C THR D 553 -30.69 -7.69 6.92
N HIS D 554 -29.43 -8.11 7.04
CA HIS D 554 -28.65 -8.53 5.88
C HIS D 554 -29.02 -9.93 5.40
N TYR D 555 -29.88 -10.64 6.14
CA TYR D 555 -30.30 -11.98 5.76
C TYR D 555 -31.04 -11.94 4.42
N GLY D 556 -30.46 -12.56 3.40
CA GLY D 556 -31.07 -12.60 2.09
C GLY D 556 -30.85 -11.37 1.24
N ARG D 557 -30.16 -10.36 1.75
CA ARG D 557 -29.94 -9.11 1.03
C ARG D 557 -28.46 -8.86 0.75
N LEU D 558 -27.62 -8.92 1.78
CA LEU D 558 -26.18 -8.75 1.63
C LEU D 558 -25.47 -9.99 2.13
N CYS D 559 -24.47 -10.44 1.41
CA CYS D 559 -23.73 -11.64 1.78
C CYS D 559 -22.87 -11.36 3.01
N PRO D 560 -23.03 -12.11 4.10
CA PRO D 560 -22.19 -11.87 5.29
C PRO D 560 -20.78 -12.42 5.18
N ILE D 561 -20.46 -13.13 4.09
CA ILE D 561 -19.15 -13.75 3.92
C ILE D 561 -18.27 -12.95 2.96
N GLU D 562 -18.81 -12.59 1.79
CA GLU D 562 -18.02 -11.96 0.75
C GLU D 562 -17.86 -10.47 1.07
N THR D 563 -16.65 -10.08 1.46
CA THR D 563 -16.28 -8.69 1.69
C THR D 563 -14.76 -8.59 1.74
N PRO D 564 -14.19 -7.48 1.26
CA PRO D 564 -12.73 -7.34 1.29
C PRO D 564 -12.17 -7.47 2.70
N GLU D 565 -11.02 -8.14 2.81
CA GLU D 565 -10.32 -8.30 4.07
C GLU D 565 -9.23 -7.24 4.16
N GLY D 566 -9.46 -6.22 4.97
CA GLY D 566 -8.53 -5.12 5.10
C GLY D 566 -9.22 -3.85 5.54
N PRO D 567 -8.69 -2.71 5.09
CA PRO D 567 -9.34 -1.42 5.43
C PRO D 567 -10.77 -1.32 4.95
N ASN D 568 -11.14 -2.06 3.89
CA ASN D 568 -12.46 -1.98 3.31
C ASN D 568 -13.42 -3.04 3.85
N ILE D 569 -13.10 -3.64 5.00
CA ILE D 569 -13.97 -4.66 5.57
C ILE D 569 -15.30 -4.02 5.98
N GLY D 570 -16.40 -4.63 5.56
CA GLY D 570 -17.73 -4.16 5.89
C GLY D 570 -18.22 -2.99 5.06
N LEU D 571 -17.34 -2.30 4.33
CA LEU D 571 -17.72 -1.16 3.53
C LEU D 571 -18.05 -1.53 2.09
N ILE D 572 -17.57 -2.66 1.62
CA ILE D 572 -17.89 -3.19 0.29
C ILE D 572 -18.56 -4.54 0.47
N ASN D 573 -19.80 -4.65 0.00
CA ASN D 573 -20.59 -5.86 0.14
C ASN D 573 -20.99 -6.39 -1.23
N SER D 574 -21.54 -7.61 -1.21
CA SER D 574 -21.98 -8.27 -2.43
C SER D 574 -23.46 -8.62 -2.30
N LEU D 575 -24.20 -8.43 -3.39
CA LEU D 575 -25.62 -8.76 -3.41
C LEU D 575 -25.82 -10.24 -3.21
N SER D 576 -26.87 -10.60 -2.47
CA SER D 576 -27.20 -12.00 -2.27
C SER D 576 -27.72 -12.61 -3.56
N ALA D 577 -27.89 -13.94 -3.54
CA ALA D 577 -28.25 -14.65 -4.77
C ALA D 577 -29.60 -14.21 -5.30
N PHE D 578 -30.58 -14.04 -4.42
CA PHE D 578 -31.94 -13.71 -4.83
C PHE D 578 -32.33 -12.28 -4.47
N ALA D 579 -31.39 -11.46 -4.03
CA ALA D 579 -31.70 -10.10 -3.62
C ALA D 579 -32.12 -9.24 -4.81
N ARG D 580 -33.00 -8.29 -4.55
CA ARG D 580 -33.56 -7.42 -5.58
C ARG D 580 -33.77 -6.03 -5.00
N CYS D 581 -33.81 -5.04 -5.89
CA CYS D 581 -34.07 -3.65 -5.51
C CYS D 581 -35.46 -3.25 -5.99
N ASN D 582 -36.28 -2.77 -5.06
CA ASN D 582 -37.64 -2.34 -5.39
C ASN D 582 -37.58 -0.95 -6.03
N GLU D 583 -38.74 -0.36 -6.30
CA GLU D 583 -38.80 0.92 -6.98
C GLU D 583 -38.24 2.05 -6.14
N TYR D 584 -38.19 1.91 -4.82
CA TYR D 584 -37.66 2.95 -3.94
C TYR D 584 -36.18 2.77 -3.65
N GLY D 585 -35.55 1.70 -4.14
CA GLY D 585 -34.14 1.49 -3.92
C GLY D 585 -33.78 0.72 -2.68
N PHE D 586 -34.72 0.02 -2.06
CA PHE D 586 -34.46 -0.77 -0.87
C PHE D 586 -34.38 -2.25 -1.25
N LEU D 587 -33.39 -2.94 -0.68
CA LEU D 587 -33.19 -4.35 -0.98
C LEU D 587 -34.36 -5.19 -0.47
N GLU D 588 -34.81 -6.11 -1.30
CA GLU D 588 -35.89 -7.02 -0.94
C GLU D 588 -35.50 -8.44 -1.31
N THR D 589 -36.02 -9.40 -0.55
CA THR D 589 -35.70 -10.80 -0.75
C THR D 589 -36.97 -11.62 -0.89
N PRO D 590 -36.96 -12.66 -1.72
CA PRO D 590 -38.17 -13.47 -1.91
C PRO D 590 -38.43 -14.39 -0.74
N TYR D 591 -39.70 -14.75 -0.56
CA TYR D 591 -40.12 -15.74 0.42
C TYR D 591 -41.33 -16.48 -0.11
N ARG D 592 -41.52 -17.69 0.38
CA ARG D 592 -42.67 -18.51 0.01
C ARG D 592 -43.79 -18.28 1.01
N ARG D 593 -45.01 -18.08 0.50
CA ARG D 593 -46.16 -17.88 1.36
C ARG D 593 -46.58 -19.21 1.99
N VAL D 594 -46.99 -19.15 3.25
CA VAL D 594 -47.52 -20.30 3.97
C VAL D 594 -49.01 -20.06 4.16
N VAL D 595 -49.83 -20.81 3.43
CA VAL D 595 -51.28 -20.65 3.44
C VAL D 595 -51.91 -21.91 4.01
N ASN D 596 -52.73 -21.74 5.05
CA ASN D 596 -53.48 -22.85 5.67
C ASN D 596 -52.55 -23.95 6.17
N GLY D 597 -51.34 -23.58 6.60
CA GLY D 597 -50.39 -24.52 7.14
C GLY D 597 -49.50 -25.21 6.12
N VAL D 598 -49.74 -25.00 4.83
CA VAL D 598 -48.92 -25.59 3.78
C VAL D 598 -48.11 -24.48 3.12
N VAL D 599 -46.93 -24.85 2.62
CA VAL D 599 -46.00 -23.90 2.02
C VAL D 599 -46.36 -23.79 0.54
N THR D 600 -47.03 -22.69 0.18
CA THR D 600 -47.39 -22.43 -1.20
C THR D 600 -46.17 -21.98 -2.00
N ASP D 601 -46.13 -22.36 -3.27
CA ASP D 601 -45.05 -21.98 -4.16
C ASP D 601 -45.14 -20.53 -4.63
N GLU D 602 -46.07 -19.76 -4.09
CA GLU D 602 -46.17 -18.34 -4.43
C GLU D 602 -45.08 -17.56 -3.71
N VAL D 603 -44.42 -16.67 -4.44
CA VAL D 603 -43.26 -15.94 -3.93
C VAL D 603 -43.65 -14.48 -3.73
N ASP D 604 -43.42 -13.98 -2.52
CA ASP D 604 -43.61 -12.57 -2.19
C ASP D 604 -42.26 -11.98 -1.84
N TYR D 605 -41.93 -10.84 -2.45
CA TYR D 605 -40.68 -10.16 -2.20
C TYR D 605 -40.88 -9.17 -1.06
N LEU D 606 -40.14 -9.36 0.04
CA LEU D 606 -40.30 -8.58 1.25
C LEU D 606 -39.05 -7.76 1.52
N SER D 607 -39.26 -6.54 2.01
CA SER D 607 -38.18 -5.70 2.48
C SER D 607 -38.03 -5.86 3.99
N ALA D 608 -37.01 -5.20 4.55
CA ALA D 608 -36.70 -5.39 5.97
C ALA D 608 -37.84 -4.92 6.86
N ILE D 609 -38.45 -3.79 6.53
CA ILE D 609 -39.57 -3.28 7.34
C ILE D 609 -40.74 -4.25 7.29
N GLU D 610 -41.03 -4.81 6.12
CA GLU D 610 -42.06 -5.84 6.02
C GLU D 610 -41.59 -7.17 6.59
N GLU D 611 -40.28 -7.44 6.53
CA GLU D 611 -39.74 -8.68 7.07
C GLU D 611 -39.83 -8.73 8.58
N GLY D 612 -39.75 -7.57 9.24
CA GLY D 612 -39.68 -7.56 10.69
C GLY D 612 -40.91 -8.13 11.36
N GLN D 613 -42.10 -7.83 10.81
CA GLN D 613 -43.33 -8.25 11.46
C GLN D 613 -43.52 -9.77 11.39
N PHE D 614 -43.30 -10.37 10.22
CA PHE D 614 -43.66 -11.76 10.01
C PHE D 614 -42.65 -12.71 10.67
N VAL D 615 -43.07 -13.96 10.84
CA VAL D 615 -42.23 -15.04 11.35
C VAL D 615 -41.87 -15.93 10.17
N ILE D 616 -40.59 -16.03 9.86
CA ILE D 616 -40.12 -16.71 8.66
C ILE D 616 -39.32 -17.94 9.06
N ALA D 617 -39.75 -19.10 8.57
CA ALA D 617 -39.00 -20.35 8.75
C ALA D 617 -37.91 -20.46 7.70
N GLN D 618 -37.03 -21.44 7.89
CA GLN D 618 -35.88 -21.63 7.01
C GLN D 618 -36.11 -22.81 6.07
N ALA D 619 -35.31 -22.84 5.01
CA ALA D 619 -35.45 -23.87 3.99
C ALA D 619 -35.12 -25.26 4.50
N ASN D 620 -34.42 -25.36 5.63
CA ASN D 620 -34.08 -26.66 6.20
C ASN D 620 -35.25 -27.28 6.96
N ALA D 621 -36.36 -26.58 7.10
CA ALA D 621 -37.51 -27.12 7.81
C ALA D 621 -38.08 -28.31 7.06
N LYS D 622 -38.40 -29.36 7.82
CA LYS D 622 -38.93 -30.58 7.22
C LYS D 622 -40.36 -30.36 6.73
N LEU D 623 -40.67 -30.97 5.59
CA LEU D 623 -41.99 -30.83 4.98
C LEU D 623 -42.58 -32.21 4.70
N THR D 624 -43.91 -32.28 4.75
CA THR D 624 -44.63 -33.52 4.51
C THR D 624 -45.09 -33.58 3.06
N GLU D 625 -45.74 -34.70 2.71
CA GLU D 625 -46.22 -34.88 1.33
C GLU D 625 -47.33 -33.91 0.99
N GLU D 626 -48.08 -33.44 1.99
CA GLU D 626 -49.17 -32.50 1.75
C GLU D 626 -48.68 -31.06 1.63
N GLY D 627 -47.40 -30.80 1.84
CA GLY D 627 -46.84 -29.47 1.74
C GLY D 627 -46.73 -28.71 3.05
N GLY D 628 -47.21 -29.29 4.15
CA GLY D 628 -47.11 -28.64 5.44
C GLY D 628 -45.84 -29.01 6.19
N PHE D 629 -45.64 -28.34 7.32
CA PHE D 629 -44.49 -28.62 8.16
C PHE D 629 -44.64 -29.96 8.88
N ALA D 630 -43.52 -30.64 9.08
CA ALA D 630 -43.54 -31.95 9.71
C ALA D 630 -43.59 -31.84 11.23
N ASP D 631 -42.58 -31.21 11.82
CA ASP D 631 -42.49 -31.13 13.28
C ASP D 631 -43.29 -29.93 13.78
N GLU D 632 -43.90 -30.10 14.96
CA GLU D 632 -44.83 -29.11 15.47
C GLU D 632 -44.16 -27.76 15.73
N LEU D 633 -42.98 -27.77 16.34
CA LEU D 633 -42.26 -26.55 16.67
C LEU D 633 -41.09 -26.42 15.70
N VAL D 634 -41.19 -25.49 14.76
CA VAL D 634 -40.19 -25.34 13.72
C VAL D 634 -39.27 -24.19 14.09
N THR D 635 -38.05 -24.23 13.56
CA THR D 635 -37.12 -23.12 13.75
C THR D 635 -37.46 -22.00 12.78
N ALA D 636 -37.38 -20.76 13.26
CA ALA D 636 -37.77 -19.61 12.47
C ALA D 636 -37.10 -18.37 13.05
N ARG D 637 -37.40 -17.23 12.46
CA ARG D 637 -36.93 -15.96 12.99
C ARG D 637 -38.05 -14.93 12.91
N GLN D 638 -38.12 -14.09 13.95
CA GLN D 638 -39.06 -12.99 14.04
C GLN D 638 -38.34 -11.77 14.59
N LYS D 639 -38.56 -10.62 13.94
CA LYS D 639 -37.96 -9.34 14.35
C LYS D 639 -36.44 -9.43 14.43
N GLY D 640 -35.84 -10.24 13.55
CA GLY D 640 -34.40 -10.41 13.54
C GLY D 640 -33.85 -11.36 14.59
N GLU D 641 -34.71 -11.98 15.40
CA GLU D 641 -34.27 -12.91 16.43
C GLU D 641 -34.73 -14.32 16.06
N SER D 642 -33.79 -15.26 16.05
CA SER D 642 -34.11 -16.65 15.76
C SER D 642 -34.72 -17.33 16.99
N GLY D 643 -35.45 -18.39 16.75
CA GLY D 643 -36.09 -19.11 17.85
C GLY D 643 -36.91 -20.26 17.33
N LEU D 644 -37.63 -20.89 18.26
CA LEU D 644 -38.53 -21.99 17.97
C LEU D 644 -39.96 -21.49 18.05
N HIS D 645 -40.74 -21.75 17.01
CA HIS D 645 -42.08 -21.20 16.90
C HIS D 645 -43.07 -22.30 16.53
N PRO D 646 -44.33 -22.16 16.98
CA PRO D 646 -45.36 -23.12 16.60
C PRO D 646 -45.58 -23.15 15.09
N ARG D 647 -46.04 -24.30 14.61
CA ARG D 647 -46.25 -24.49 13.18
C ARG D 647 -47.29 -23.52 12.64
N GLU D 648 -48.38 -23.30 13.38
CA GLU D 648 -49.46 -22.44 12.91
C GLU D 648 -49.09 -20.97 12.93
N HIS D 649 -47.97 -20.58 13.54
CA HIS D 649 -47.56 -19.19 13.63
C HIS D 649 -46.57 -18.79 12.54
N VAL D 650 -46.27 -19.67 11.59
CA VAL D 650 -45.30 -19.38 10.54
C VAL D 650 -46.02 -18.73 9.37
N ASP D 651 -45.50 -17.60 8.91
CA ASP D 651 -46.10 -16.85 7.82
C ASP D 651 -45.35 -16.96 6.51
N TYR D 652 -44.04 -17.20 6.54
CA TYR D 652 -43.24 -17.24 5.32
C TYR D 652 -42.13 -18.27 5.48
N MET D 653 -41.57 -18.66 4.33
CA MET D 653 -40.47 -19.62 4.28
C MET D 653 -39.40 -19.13 3.33
N ASP D 654 -38.17 -19.60 3.52
CA ASP D 654 -37.10 -19.28 2.58
C ASP D 654 -37.31 -20.03 1.26
N VAL D 655 -36.90 -19.39 0.17
CA VAL D 655 -37.11 -19.97 -1.15
C VAL D 655 -35.98 -20.91 -1.56
N ALA D 656 -34.76 -20.69 -1.07
CA ALA D 656 -33.63 -21.53 -1.43
C ALA D 656 -32.65 -21.58 -0.29
N THR D 657 -31.77 -22.57 -0.33
CA THR D 657 -30.73 -22.73 0.69
C THR D 657 -29.54 -21.80 0.47
N ASN D 658 -29.42 -21.20 -0.71
CA ASN D 658 -28.35 -20.25 -1.00
C ASN D 658 -28.85 -18.83 -1.06
N GLN D 659 -29.91 -18.53 -0.31
CA GLN D 659 -30.53 -17.21 -0.36
C GLN D 659 -29.68 -16.16 0.35
N VAL D 660 -28.90 -16.57 1.34
CA VAL D 660 -28.12 -15.60 2.13
C VAL D 660 -26.71 -15.40 1.60
N VAL D 661 -26.18 -16.34 0.83
CA VAL D 661 -24.81 -16.26 0.34
C VAL D 661 -24.81 -15.77 -1.09
N SER D 662 -23.75 -15.04 -1.45
CA SER D 662 -23.59 -14.52 -2.79
C SER D 662 -23.16 -15.63 -3.74
N ILE D 663 -22.93 -15.28 -5.00
CA ILE D 663 -22.61 -16.27 -6.02
C ILE D 663 -21.25 -16.91 -5.74
N ALA D 664 -20.25 -16.09 -5.42
CA ALA D 664 -18.92 -16.64 -5.15
C ALA D 664 -18.93 -17.56 -3.94
N ALA D 665 -19.64 -17.16 -2.88
CA ALA D 665 -19.81 -18.03 -1.72
C ALA D 665 -20.67 -19.24 -2.06
N SER D 666 -21.61 -19.08 -2.99
CA SER D 666 -22.45 -20.21 -3.41
C SER D 666 -21.72 -21.20 -4.29
N LEU D 667 -20.55 -20.83 -4.80
CA LEU D 667 -19.75 -21.73 -5.62
C LEU D 667 -18.76 -22.55 -4.81
N ILE D 668 -18.74 -22.41 -3.48
CA ILE D 668 -17.84 -23.15 -2.62
C ILE D 668 -18.57 -24.40 -2.14
N PRO D 669 -18.14 -25.60 -2.53
CA PRO D 669 -18.78 -26.82 -2.02
C PRO D 669 -18.49 -27.00 -0.53
N PHE D 670 -19.46 -27.61 0.15
CA PHE D 670 -19.35 -27.89 1.59
C PHE D 670 -19.03 -26.63 2.38
N LEU D 671 -19.73 -25.54 2.06
CA LEU D 671 -19.51 -24.27 2.76
C LEU D 671 -19.92 -24.37 4.22
N GLU D 672 -20.93 -25.20 4.53
CA GLU D 672 -21.40 -25.33 5.91
C GLU D 672 -20.37 -25.95 6.83
N HIS D 673 -19.35 -26.61 6.28
CA HIS D 673 -18.29 -27.22 7.09
C HIS D 673 -17.05 -26.33 7.17
N ASP D 674 -17.13 -25.09 6.71
CA ASP D 674 -16.00 -24.16 6.74
C ASP D 674 -16.34 -22.96 7.59
N ASP D 675 -15.30 -22.40 8.22
CA ASP D 675 -15.47 -21.17 8.98
C ASP D 675 -15.77 -20.00 8.06
N ALA D 676 -16.42 -18.97 8.62
CA ALA D 676 -16.69 -17.77 7.85
C ALA D 676 -15.40 -17.06 7.47
N ASN D 677 -14.39 -17.11 8.34
CA ASN D 677 -13.12 -16.44 8.06
C ASN D 677 -12.46 -17.02 6.82
N ARG D 678 -12.45 -18.35 6.69
CA ARG D 678 -11.83 -18.97 5.53
C ARG D 678 -12.75 -18.99 4.32
N ALA D 679 -14.06 -19.02 4.54
CA ALA D 679 -14.99 -18.86 3.43
C ALA D 679 -14.86 -17.50 2.77
N LEU D 680 -14.57 -16.47 3.57
CA LEU D 680 -14.29 -15.14 3.03
C LEU D 680 -13.13 -15.18 2.06
N MET D 681 -12.02 -15.80 2.48
CA MET D 681 -10.86 -15.91 1.60
C MET D 681 -11.18 -16.74 0.36
N GLY D 682 -11.91 -17.84 0.53
CA GLY D 682 -12.26 -18.65 -0.63
C GLY D 682 -13.05 -17.86 -1.66
N ALA D 683 -14.05 -17.12 -1.19
CA ALA D 683 -14.84 -16.30 -2.10
C ALA D 683 -14.00 -15.21 -2.76
N ASN D 684 -13.07 -14.62 -1.99
CA ASN D 684 -12.26 -13.53 -2.55
C ASN D 684 -11.30 -14.05 -3.62
N MET D 685 -10.59 -15.14 -3.35
CA MET D 685 -9.63 -15.67 -4.31
C MET D 685 -10.26 -16.51 -5.41
N GLN D 686 -11.55 -16.85 -5.32
CA GLN D 686 -12.21 -17.40 -6.50
C GLN D 686 -12.32 -16.37 -7.62
N ARG D 687 -12.21 -15.09 -7.30
CA ARG D 687 -12.25 -14.02 -8.30
C ARG D 687 -10.87 -13.66 -8.83
N GLN D 688 -9.82 -14.30 -8.33
CA GLN D 688 -8.45 -14.03 -8.76
C GLN D 688 -7.87 -15.14 -9.63
N ALA D 689 -8.68 -16.13 -9.99
CA ALA D 689 -8.19 -17.24 -10.80
C ALA D 689 -7.91 -16.78 -12.22
N VAL D 690 -6.87 -17.34 -12.81
CA VAL D 690 -6.44 -17.02 -14.18
C VAL D 690 -6.82 -18.18 -15.08
N PRO D 691 -7.49 -17.95 -16.21
CA PRO D 691 -7.84 -19.05 -17.11
C PRO D 691 -6.60 -19.73 -17.68
N THR D 692 -6.72 -21.03 -17.91
CA THR D 692 -5.62 -21.85 -18.41
C THR D 692 -5.86 -22.20 -19.88
N LEU D 693 -4.91 -22.97 -20.42
CA LEU D 693 -5.03 -23.40 -21.81
C LEU D 693 -6.26 -24.28 -22.03
N ARG D 694 -6.48 -25.23 -21.14
CA ARG D 694 -7.57 -26.19 -21.26
C ARG D 694 -8.48 -26.05 -20.04
N SER D 695 -9.70 -25.56 -20.27
CA SER D 695 -10.65 -25.41 -19.18
C SER D 695 -11.20 -26.78 -18.79
N GLU D 696 -11.20 -27.06 -17.48
CA GLU D 696 -11.65 -28.34 -16.97
C GLU D 696 -12.71 -28.12 -15.91
N LYS D 697 -13.79 -28.90 -16.00
CA LYS D 697 -14.90 -28.78 -15.07
C LYS D 697 -14.44 -29.15 -13.66
N PRO D 698 -15.09 -28.58 -12.64
CA PRO D 698 -14.84 -29.07 -11.27
C PRO D 698 -15.57 -30.38 -11.03
N LEU D 699 -14.83 -31.37 -10.51
CA LEU D 699 -15.46 -32.64 -10.19
C LEU D 699 -16.51 -32.47 -9.11
N VAL D 700 -16.22 -31.68 -8.08
CA VAL D 700 -17.16 -31.37 -7.01
C VAL D 700 -17.58 -29.93 -7.18
N GLY D 701 -18.87 -29.71 -7.41
CA GLY D 701 -19.40 -28.37 -7.59
C GLY D 701 -20.68 -28.13 -6.82
N THR D 702 -21.38 -27.04 -7.13
CA THR D 702 -22.61 -26.69 -6.45
C THR D 702 -23.81 -26.58 -7.39
N GLY D 703 -23.62 -26.67 -8.70
CA GLY D 703 -24.71 -26.55 -9.64
C GLY D 703 -25.00 -25.13 -10.12
N ILE D 704 -24.33 -24.13 -9.54
CA ILE D 704 -24.53 -22.74 -9.95
C ILE D 704 -23.60 -22.33 -11.08
N GLU D 705 -22.61 -23.17 -11.41
CA GLU D 705 -21.63 -22.81 -12.43
C GLU D 705 -22.29 -22.48 -13.77
N ARG D 706 -23.33 -23.23 -14.12
CA ARG D 706 -24.04 -22.97 -15.38
C ARG D 706 -24.65 -21.58 -15.40
N ASN D 707 -25.26 -21.16 -14.29
CA ASN D 707 -25.87 -19.85 -14.23
C ASN D 707 -24.81 -18.76 -14.42
N VAL D 708 -23.68 -18.88 -13.74
CA VAL D 708 -22.62 -17.88 -13.85
C VAL D 708 -22.08 -17.83 -15.27
N ALA D 709 -21.82 -19.00 -15.85
CA ALA D 709 -21.26 -19.05 -17.20
C ALA D 709 -22.21 -18.44 -18.21
N VAL D 710 -23.51 -18.74 -18.11
CA VAL D 710 -24.47 -18.22 -19.07
C VAL D 710 -24.68 -16.71 -18.88
N ASP D 711 -24.82 -16.26 -17.63
CA ASP D 711 -25.17 -14.87 -17.37
C ASP D 711 -23.98 -13.92 -17.44
N SER D 712 -22.74 -14.45 -17.41
CA SER D 712 -21.59 -13.57 -17.51
C SER D 712 -21.47 -12.94 -18.89
N GLY D 713 -21.96 -13.62 -19.92
CA GLY D 713 -21.85 -13.14 -21.29
C GLY D 713 -20.59 -13.53 -22.02
N VAL D 714 -19.67 -14.25 -21.35
CA VAL D 714 -18.45 -14.67 -22.02
C VAL D 714 -18.73 -15.74 -23.06
N THR D 715 -19.75 -16.56 -22.84
CA THR D 715 -20.10 -17.64 -23.75
C THR D 715 -21.00 -17.13 -24.87
N ALA D 716 -21.04 -17.89 -25.96
CA ALA D 716 -21.92 -17.61 -27.08
C ALA D 716 -23.18 -18.47 -26.92
N VAL D 717 -24.27 -17.85 -26.52
CA VAL D 717 -25.54 -18.54 -26.31
C VAL D 717 -26.43 -18.30 -27.53
N ALA D 718 -27.11 -19.35 -27.96
CA ALA D 718 -27.93 -19.27 -29.17
C ALA D 718 -29.15 -18.38 -28.93
N LYS D 719 -29.34 -17.40 -29.80
CA LYS D 719 -30.51 -16.54 -29.70
C LYS D 719 -31.78 -17.26 -30.15
N ARG D 720 -31.68 -18.03 -31.23
CA ARG D 720 -32.79 -18.81 -31.74
C ARG D 720 -32.34 -20.24 -31.98
N GLY D 721 -33.26 -21.18 -31.81
CA GLY D 721 -32.95 -22.58 -32.00
C GLY D 721 -32.82 -22.95 -33.46
N GLY D 722 -32.29 -24.15 -33.68
CA GLY D 722 -32.12 -24.63 -35.03
C GLY D 722 -31.05 -25.72 -35.10
N VAL D 723 -30.42 -25.82 -36.27
CA VAL D 723 -29.36 -26.78 -36.53
C VAL D 723 -28.12 -26.01 -36.95
N ILE D 724 -26.98 -26.33 -36.34
CA ILE D 724 -25.74 -25.65 -36.66
C ILE D 724 -25.36 -25.98 -38.10
N GLN D 725 -25.24 -24.94 -38.92
CA GLN D 725 -24.90 -25.14 -40.32
C GLN D 725 -23.39 -25.22 -40.52
N SER D 726 -22.64 -24.31 -39.90
CA SER D 726 -21.19 -24.27 -40.07
C SER D 726 -20.52 -23.96 -38.75
N VAL D 727 -19.42 -24.66 -38.47
CA VAL D 727 -18.59 -24.39 -37.30
C VAL D 727 -17.15 -24.18 -37.76
N ASP D 728 -16.50 -23.16 -37.20
CA ASP D 728 -15.09 -22.91 -37.40
C ASP D 728 -14.58 -22.21 -36.16
N ALA D 729 -13.26 -22.28 -35.95
CA ALA D 729 -12.66 -21.79 -34.72
C ALA D 729 -13.00 -20.33 -34.43
N SER D 730 -13.51 -19.60 -35.42
CA SER D 730 -13.86 -18.20 -35.23
C SER D 730 -15.27 -17.84 -35.69
N ARG D 731 -16.10 -18.81 -36.07
CA ARG D 731 -17.41 -18.45 -36.60
C ARG D 731 -18.37 -19.62 -36.46
N ILE D 732 -19.60 -19.33 -36.05
CA ILE D 732 -20.66 -20.33 -36.00
C ILE D 732 -21.87 -19.80 -36.75
N VAL D 733 -22.36 -20.58 -37.72
CA VAL D 733 -23.54 -20.23 -38.51
C VAL D 733 -24.61 -21.27 -38.23
N VAL D 734 -25.78 -20.80 -37.81
CA VAL D 734 -26.87 -21.64 -37.33
C VAL D 734 -28.08 -21.45 -38.23
N LYS D 735 -28.67 -22.55 -38.68
CA LYS D 735 -29.87 -22.52 -39.51
C LYS D 735 -31.09 -22.50 -38.59
N VAL D 736 -31.79 -21.37 -38.56
CA VAL D 736 -32.90 -21.20 -37.63
C VAL D 736 -34.04 -22.15 -37.97
N ASN D 737 -34.74 -22.61 -36.94
CA ASN D 737 -35.87 -23.51 -37.12
C ASN D 737 -37.02 -22.81 -37.84
N GLU D 738 -37.89 -23.63 -38.44
CA GLU D 738 -38.99 -23.10 -39.22
C GLU D 738 -40.03 -22.37 -38.39
N GLU D 739 -40.09 -22.64 -37.08
CA GLU D 739 -41.11 -22.04 -36.23
C GLU D 739 -40.68 -20.71 -35.61
N GLU D 740 -39.44 -20.30 -35.79
CA GLU D 740 -38.91 -19.10 -35.12
C GLU D 740 -38.36 -18.09 -36.11
N LEU D 741 -38.89 -18.05 -37.33
CA LEU D 741 -38.46 -17.10 -38.34
C LEU D 741 -39.35 -15.87 -38.34
N ILE D 742 -38.74 -14.70 -38.28
CA ILE D 742 -39.47 -13.47 -38.58
C ILE D 742 -39.81 -13.46 -40.07
N PRO D 743 -41.04 -13.11 -40.46
CA PRO D 743 -41.37 -13.08 -41.88
C PRO D 743 -40.43 -12.16 -42.66
N GLY D 744 -40.01 -12.62 -43.83
CA GLY D 744 -39.07 -11.87 -44.64
C GLY D 744 -37.69 -11.72 -44.05
N GLU D 745 -37.16 -12.77 -43.44
CA GLU D 745 -35.83 -12.76 -42.86
C GLU D 745 -34.93 -13.76 -43.57
N ALA D 746 -33.62 -13.58 -43.39
CA ALA D 746 -32.64 -14.45 -44.04
C ALA D 746 -32.78 -15.89 -43.56
N GLY D 747 -32.95 -16.09 -42.25
CA GLY D 747 -33.09 -17.41 -41.70
C GLY D 747 -31.83 -18.03 -41.12
N ILE D 748 -30.76 -17.24 -40.97
CA ILE D 748 -29.50 -17.73 -40.42
C ILE D 748 -29.11 -16.83 -39.26
N ASP D 749 -28.28 -17.38 -38.36
CA ASP D 749 -27.71 -16.64 -37.26
C ASP D 749 -26.20 -16.82 -37.26
N ILE D 750 -25.47 -15.72 -37.18
CA ILE D 750 -24.01 -15.73 -37.28
C ILE D 750 -23.43 -15.26 -35.95
N TYR D 751 -22.51 -16.06 -35.40
CA TYR D 751 -21.84 -15.77 -34.14
C TYR D 751 -20.34 -15.72 -34.43
N ASN D 752 -19.78 -14.51 -34.43
CA ASN D 752 -18.34 -14.33 -34.55
C ASN D 752 -17.70 -14.41 -33.17
N LEU D 753 -16.70 -15.27 -33.03
CA LEU D 753 -16.12 -15.57 -31.73
C LEU D 753 -14.88 -14.72 -31.48
N THR D 754 -14.69 -14.35 -30.22
CA THR D 754 -13.52 -13.57 -29.82
C THR D 754 -12.32 -14.51 -29.66
N LYS D 755 -11.23 -14.19 -30.35
CA LYS D 755 -10.05 -15.04 -30.39
C LYS D 755 -8.84 -14.26 -29.89
N TYR D 756 -8.35 -14.62 -28.71
CA TYR D 756 -7.09 -14.09 -28.16
C TYR D 756 -7.10 -12.56 -28.09
N THR D 757 -8.01 -12.05 -27.26
CA THR D 757 -8.18 -10.63 -27.05
C THR D 757 -7.72 -10.27 -25.65
N ARG D 758 -6.93 -9.20 -25.54
CA ARG D 758 -6.44 -8.75 -24.25
C ARG D 758 -7.60 -8.35 -23.35
N SER D 759 -7.52 -8.74 -22.08
CA SER D 759 -8.47 -8.34 -21.07
C SER D 759 -7.89 -7.19 -20.25
N ASN D 760 -8.67 -6.72 -19.27
CA ASN D 760 -8.24 -5.61 -18.44
C ASN D 760 -7.05 -5.96 -17.56
N GLN D 761 -6.85 -7.25 -17.27
CA GLN D 761 -5.74 -7.70 -16.43
C GLN D 761 -4.67 -8.43 -17.24
N ASN D 762 -4.56 -8.09 -18.52
CA ASN D 762 -3.56 -8.69 -19.42
C ASN D 762 -3.68 -10.20 -19.48
N THR D 763 -4.91 -10.70 -19.46
CA THR D 763 -5.18 -12.11 -19.66
C THR D 763 -5.71 -12.34 -21.06
N CYS D 764 -6.05 -13.59 -21.37
CA CYS D 764 -6.51 -14.00 -22.69
C CYS D 764 -8.01 -14.26 -22.65
N ILE D 765 -8.73 -13.63 -23.56
CA ILE D 765 -10.16 -13.88 -23.75
C ILE D 765 -10.31 -14.63 -25.06
N ASN D 766 -10.71 -15.90 -24.97
CA ASN D 766 -10.81 -16.77 -26.14
C ASN D 766 -12.10 -17.57 -26.04
N GLN D 767 -12.83 -17.64 -27.15
CA GLN D 767 -14.06 -18.41 -27.24
C GLN D 767 -13.82 -19.61 -28.15
N ARG D 768 -14.04 -20.81 -27.61
CA ARG D 768 -13.81 -22.05 -28.34
C ARG D 768 -15.13 -22.73 -28.64
N PRO D 769 -15.38 -23.11 -29.89
CA PRO D 769 -16.64 -23.79 -30.21
C PRO D 769 -16.78 -25.11 -29.47
N CYS D 770 -18.02 -25.43 -29.09
CA CYS D 770 -18.34 -26.70 -28.43
C CYS D 770 -19.44 -27.43 -29.18
N VAL D 771 -19.61 -27.15 -30.47
CA VAL D 771 -20.62 -27.77 -31.30
C VAL D 771 -19.99 -28.24 -32.60
N MET D 772 -20.56 -29.29 -33.18
CA MET D 772 -20.09 -29.84 -34.44
C MET D 772 -21.09 -29.58 -35.56
N PRO D 773 -20.64 -29.66 -36.80
CA PRO D 773 -21.55 -29.43 -37.94
C PRO D 773 -22.72 -30.41 -37.93
N GLY D 774 -23.93 -29.88 -37.91
CA GLY D 774 -25.12 -30.68 -37.96
C GLY D 774 -25.80 -30.93 -36.62
N GLU D 775 -25.32 -30.31 -35.55
CA GLU D 775 -25.83 -30.58 -34.22
C GLU D 775 -27.04 -29.71 -33.92
N PRO D 776 -28.17 -30.28 -33.53
CA PRO D 776 -29.34 -29.46 -33.18
C PRO D 776 -29.08 -28.63 -31.95
N VAL D 777 -29.56 -27.40 -31.96
CA VAL D 777 -29.40 -26.46 -30.85
C VAL D 777 -30.72 -25.75 -30.61
N ALA D 778 -31.02 -25.52 -29.34
CA ALA D 778 -32.20 -24.78 -28.92
C ALA D 778 -31.79 -23.42 -28.37
N ARG D 779 -32.80 -22.60 -28.07
CA ARG D 779 -32.53 -21.29 -27.50
C ARG D 779 -31.92 -21.42 -26.11
N GLY D 780 -30.90 -20.61 -25.83
CA GLY D 780 -30.19 -20.68 -24.58
C GLY D 780 -29.08 -21.70 -24.52
N ASP D 781 -28.91 -22.50 -25.57
CA ASP D 781 -27.82 -23.46 -25.61
C ASP D 781 -26.48 -22.75 -25.82
N VAL D 782 -25.43 -23.33 -25.26
CA VAL D 782 -24.08 -22.75 -25.36
C VAL D 782 -23.44 -23.26 -26.64
N LEU D 783 -23.07 -22.33 -27.52
CA LEU D 783 -22.42 -22.68 -28.77
C LEU D 783 -20.90 -22.63 -28.66
N ALA D 784 -20.35 -21.63 -27.97
CA ALA D 784 -18.92 -21.50 -27.77
C ALA D 784 -18.64 -21.21 -26.30
N ASP D 785 -17.63 -21.88 -25.76
CA ASP D 785 -17.24 -21.68 -24.37
C ASP D 785 -16.19 -20.58 -24.28
N GLY D 786 -16.47 -19.56 -23.47
CA GLY D 786 -15.55 -18.48 -23.27
C GLY D 786 -14.42 -18.88 -22.34
N PRO D 787 -13.63 -17.90 -21.91
CA PRO D 787 -12.56 -18.20 -20.94
C PRO D 787 -13.12 -18.75 -19.65
N SER D 788 -12.43 -19.74 -19.08
CA SER D 788 -12.82 -20.38 -17.83
C SER D 788 -14.23 -20.95 -17.92
N THR D 789 -14.52 -21.64 -19.02
CA THR D 789 -15.80 -22.30 -19.21
C THR D 789 -15.59 -23.63 -19.90
N ASP D 790 -16.31 -24.65 -19.43
CA ASP D 790 -16.23 -26.01 -19.99
C ASP D 790 -17.64 -26.52 -20.23
N LEU D 791 -18.06 -26.54 -21.50
CA LEU D 791 -19.38 -27.03 -21.90
C LEU D 791 -20.50 -26.27 -21.18
N GLY D 792 -20.34 -24.96 -21.05
CA GLY D 792 -21.34 -24.13 -20.40
C GLY D 792 -21.25 -24.09 -18.89
N GLU D 793 -20.25 -24.72 -18.29
CA GLU D 793 -20.05 -24.70 -16.85
C GLU D 793 -18.82 -23.88 -16.51
N LEU D 794 -18.91 -23.09 -15.45
CA LEU D 794 -17.78 -22.29 -15.01
C LEU D 794 -16.64 -23.20 -14.57
N ALA D 795 -15.45 -22.95 -15.11
CA ALA D 795 -14.27 -23.79 -14.88
C ALA D 795 -13.09 -22.87 -14.57
N LEU D 796 -12.90 -22.57 -13.29
CA LEU D 796 -11.88 -21.62 -12.88
C LEU D 796 -10.51 -22.25 -12.70
N GLY D 797 -10.44 -23.54 -12.41
CA GLY D 797 -9.17 -24.18 -12.17
C GLY D 797 -9.06 -25.59 -12.73
N GLN D 798 -8.28 -26.44 -12.07
CA GLN D 798 -8.06 -27.80 -12.53
C GLN D 798 -8.22 -28.77 -11.37
N ASN D 799 -8.59 -30.01 -11.72
CA ASN D 799 -8.75 -31.07 -10.73
C ASN D 799 -7.40 -31.77 -10.57
N MET D 800 -6.88 -31.78 -9.35
CA MET D 800 -5.55 -32.29 -9.10
C MET D 800 -5.58 -33.33 -7.99
N ARG D 801 -4.81 -34.40 -8.17
CA ARG D 801 -4.69 -35.42 -7.14
C ARG D 801 -3.92 -34.85 -5.95
N ILE D 802 -4.47 -35.06 -4.76
CA ILE D 802 -4.03 -34.38 -3.55
C ILE D 802 -3.74 -35.44 -2.49
N ALA D 803 -2.58 -35.33 -1.86
CA ALA D 803 -2.22 -36.17 -0.71
C ALA D 803 -1.96 -35.25 0.48
N PHE D 804 -2.67 -35.50 1.57
CA PHE D 804 -2.56 -34.67 2.78
C PHE D 804 -1.50 -35.30 3.69
N MET D 805 -0.25 -34.89 3.50
CA MET D 805 0.84 -35.37 4.35
C MET D 805 1.94 -34.33 4.35
N PRO D 806 2.77 -34.29 5.39
CA PRO D 806 4.00 -33.50 5.32
C PRO D 806 5.04 -34.20 4.46
N TRP D 807 5.80 -33.41 3.70
CA TRP D 807 6.82 -33.93 2.80
C TRP D 807 8.10 -33.13 2.96
N ASN D 808 8.93 -33.53 3.91
CA ASN D 808 10.30 -33.01 4.07
C ASN D 808 10.34 -31.49 4.14
N GLY D 809 9.30 -30.89 4.70
CA GLY D 809 9.28 -29.45 4.89
C GLY D 809 9.03 -28.63 3.65
N TYR D 810 8.69 -29.25 2.53
CA TYR D 810 8.37 -28.51 1.32
C TYR D 810 6.92 -28.05 1.28
N ASN D 811 6.09 -28.52 2.20
CA ASN D 811 4.77 -27.97 2.43
C ASN D 811 4.69 -27.27 3.79
N PHE D 812 5.84 -26.79 4.27
CA PHE D 812 5.88 -26.07 5.54
C PHE D 812 5.02 -24.83 5.48
N GLU D 813 4.33 -24.53 6.58
CA GLU D 813 3.35 -23.46 6.63
C GLU D 813 2.27 -23.69 5.59
N ASP D 814 2.21 -22.83 4.58
CA ASP D 814 1.22 -22.93 3.52
C ASP D 814 1.85 -23.31 2.18
N SER D 815 3.10 -23.76 2.17
CA SER D 815 3.77 -24.09 0.92
C SER D 815 3.13 -25.30 0.25
N ILE D 816 3.27 -25.37 -1.06
CA ILE D 816 2.66 -26.41 -1.88
C ILE D 816 3.76 -27.11 -2.67
N LEU D 817 3.77 -28.44 -2.62
CA LEU D 817 4.71 -29.26 -3.37
C LEU D 817 3.99 -29.82 -4.60
N VAL D 818 4.52 -29.53 -5.79
CA VAL D 818 3.86 -29.86 -7.05
C VAL D 818 4.76 -30.76 -7.86
N SER D 819 4.19 -31.81 -8.43
CA SER D 819 4.94 -32.75 -9.26
C SER D 819 5.32 -32.11 -10.59
N GLU D 820 6.34 -32.68 -11.24
CA GLU D 820 6.80 -32.18 -12.52
C GLU D 820 5.78 -32.46 -13.64
N ARG D 821 4.97 -33.51 -13.49
CA ARG D 821 3.99 -33.83 -14.51
C ARG D 821 2.99 -32.70 -14.71
N VAL D 822 2.65 -32.00 -13.63
CA VAL D 822 1.74 -30.85 -13.74
C VAL D 822 2.31 -29.82 -14.71
N VAL D 823 3.63 -29.59 -14.63
CA VAL D 823 4.28 -28.69 -15.58
C VAL D 823 4.32 -29.29 -16.97
N GLN D 824 4.55 -30.60 -17.06
CA GLN D 824 4.67 -31.24 -18.38
C GLN D 824 3.37 -31.18 -19.15
N ASP D 825 2.23 -31.45 -18.50
CA ASP D 825 0.95 -31.44 -19.20
C ASP D 825 0.37 -30.04 -19.36
N ASP D 826 1.08 -28.99 -18.91
CA ASP D 826 0.62 -27.61 -19.06
C ASP D 826 -0.76 -27.42 -18.45
N ARG D 827 -0.98 -28.01 -17.27
CA ARG D 827 -2.27 -27.91 -16.63
C ARG D 827 -2.53 -26.51 -16.07
N PHE D 828 -1.46 -25.78 -15.72
CA PHE D 828 -1.58 -24.44 -15.16
C PHE D 828 -0.84 -23.40 -16.00
N THR D 829 -0.59 -23.69 -17.28
CA THR D 829 0.01 -22.71 -18.17
C THR D 829 -1.04 -21.70 -18.61
N THR D 830 -0.70 -20.42 -18.54
CA THR D 830 -1.64 -19.35 -18.85
C THR D 830 -1.09 -18.45 -19.95
N ILE D 831 -1.98 -17.94 -20.78
CA ILE D 831 -1.62 -17.01 -21.84
C ILE D 831 -1.91 -15.59 -21.33
N HIS D 832 -0.90 -14.73 -21.37
CA HIS D 832 -1.02 -13.35 -20.95
C HIS D 832 -0.73 -12.45 -22.15
N ILE D 833 -1.70 -11.62 -22.51
CA ILE D 833 -1.55 -10.70 -23.64
C ILE D 833 -1.18 -9.34 -23.08
N GLN D 834 -0.08 -8.78 -23.58
CA GLN D 834 0.45 -7.51 -23.12
C GLN D 834 0.49 -6.53 -24.29
N GLU D 835 0.11 -5.28 -24.02
CA GLU D 835 0.01 -4.26 -25.05
C GLU D 835 1.11 -3.22 -24.85
N LEU D 836 1.88 -2.95 -25.89
CA LEU D 836 2.92 -1.93 -25.85
C LEU D 836 2.65 -0.89 -26.93
N SER D 837 3.00 0.35 -26.65
CA SER D 837 2.69 1.47 -27.52
C SER D 837 3.93 2.28 -27.82
N CYS D 838 4.06 2.71 -29.08
CA CYS D 838 5.12 3.60 -29.53
C CYS D 838 4.46 4.81 -30.17
N VAL D 839 4.62 5.97 -29.55
CA VAL D 839 3.99 7.20 -30.02
C VAL D 839 5.07 8.10 -30.61
N ALA D 840 4.97 8.37 -31.91
CA ALA D 840 5.82 9.33 -32.58
C ALA D 840 5.06 10.65 -32.65
N ARG D 841 5.67 11.70 -32.09
CA ARG D 841 5.06 13.00 -31.86
C ARG D 841 5.82 14.06 -32.66
N ASP D 842 5.43 15.32 -32.44
CA ASP D 842 6.11 16.47 -33.05
C ASP D 842 6.83 17.25 -31.95
N THR D 843 8.13 17.43 -32.12
CA THR D 843 8.96 18.17 -31.17
C THR D 843 9.42 19.48 -31.80
N LYS D 844 10.06 20.31 -30.97
CA LYS D 844 10.58 21.59 -31.47
C LYS D 844 11.69 21.38 -32.49
N LEU D 845 12.59 20.42 -32.25
CA LEU D 845 13.69 20.18 -33.17
C LEU D 845 13.21 19.52 -34.45
N GLY D 846 12.12 18.75 -34.39
CA GLY D 846 11.60 18.11 -35.59
C GLY D 846 10.49 17.15 -35.23
N ALA D 847 10.17 16.28 -36.18
CA ALA D 847 9.11 15.29 -36.02
C ALA D 847 9.72 13.90 -35.89
N GLU D 848 9.30 13.17 -34.86
CA GLU D 848 9.79 11.81 -34.66
C GLU D 848 9.31 10.91 -35.79
N GLU D 849 10.20 10.07 -36.30
CA GLU D 849 9.93 9.23 -37.45
C GLU D 849 10.12 7.75 -37.08
N ILE D 850 9.22 6.92 -37.57
CA ILE D 850 9.29 5.48 -37.38
C ILE D 850 9.91 4.88 -38.64
N THR D 851 11.10 4.29 -38.49
CA THR D 851 11.84 3.79 -39.64
C THR D 851 12.80 2.71 -39.16
N ALA D 852 13.35 1.97 -40.12
CA ALA D 852 14.30 0.91 -39.83
C ALA D 852 15.75 1.38 -39.83
N ASP D 853 15.99 2.67 -40.06
CA ASP D 853 17.34 3.23 -40.03
C ASP D 853 17.63 3.74 -38.62
N ILE D 854 18.00 2.82 -37.75
CA ILE D 854 18.25 3.11 -36.34
C ILE D 854 19.75 3.25 -36.15
N PRO D 855 20.26 4.41 -35.72
CA PRO D 855 21.69 4.56 -35.51
C PRO D 855 22.21 3.67 -34.38
N ASN D 856 23.47 3.26 -34.52
CA ASN D 856 24.18 2.50 -33.49
C ASN D 856 23.49 1.17 -33.18
N VAL D 857 22.83 0.58 -34.16
CA VAL D 857 22.18 -0.72 -34.03
C VAL D 857 22.55 -1.56 -35.24
N GLY D 858 23.04 -2.77 -35.00
CA GLY D 858 23.45 -3.65 -36.07
C GLY D 858 22.28 -4.31 -36.76
N GLU D 859 22.60 -5.07 -37.81
CA GLU D 859 21.59 -5.78 -38.58
C GLU D 859 20.97 -6.94 -37.82
N ALA D 860 21.58 -7.38 -36.73
CA ALA D 860 21.01 -8.48 -35.95
C ALA D 860 19.67 -8.08 -35.34
N ALA D 861 19.57 -6.85 -34.82
CA ALA D 861 18.33 -6.38 -34.21
C ALA D 861 17.30 -5.91 -35.22
N LEU D 862 17.68 -5.78 -36.49
CA LEU D 862 16.76 -5.36 -37.55
C LEU D 862 16.18 -6.54 -38.32
N SER D 863 16.48 -7.77 -37.91
CA SER D 863 16.00 -8.95 -38.64
C SER D 863 14.48 -9.05 -38.58
N LYS D 864 13.89 -8.80 -37.41
CA LYS D 864 12.45 -8.94 -37.23
C LYS D 864 11.66 -7.72 -37.69
N LEU D 865 12.34 -6.64 -38.07
CA LEU D 865 11.67 -5.43 -38.54
C LEU D 865 11.47 -5.47 -40.04
N ASP D 866 10.43 -4.78 -40.50
CA ASP D 866 10.13 -4.69 -41.92
C ASP D 866 10.72 -3.39 -42.48
N GLU D 867 10.34 -3.06 -43.72
CA GLU D 867 10.79 -1.82 -44.32
C GLU D 867 10.24 -0.61 -43.56
N SER D 868 8.98 -0.71 -43.10
CA SER D 868 8.36 0.39 -42.38
C SER D 868 8.90 0.56 -40.97
N GLY D 869 9.66 -0.40 -40.46
CA GLY D 869 10.20 -0.31 -39.12
C GLY D 869 9.37 -0.93 -38.02
N ILE D 870 8.38 -1.76 -38.37
CA ILE D 870 7.51 -2.40 -37.40
C ILE D 870 7.75 -3.90 -37.46
N VAL D 871 7.77 -4.54 -36.28
CA VAL D 871 8.05 -5.96 -36.21
C VAL D 871 6.99 -6.76 -36.95
N TYR D 872 7.39 -7.91 -37.48
CA TYR D 872 6.48 -8.79 -38.19
C TYR D 872 5.50 -9.43 -37.22
N ILE D 873 4.37 -9.88 -37.76
CA ILE D 873 3.38 -10.61 -36.97
C ILE D 873 3.80 -12.08 -36.91
N GLY D 874 3.91 -12.60 -35.69
CA GLY D 874 4.38 -13.95 -35.47
C GLY D 874 5.85 -14.06 -35.11
N ALA D 875 6.53 -12.94 -34.87
CA ALA D 875 7.94 -12.97 -34.55
C ALA D 875 8.14 -13.22 -33.07
N GLU D 876 8.97 -14.21 -32.74
CA GLU D 876 9.28 -14.52 -31.35
C GLU D 876 10.33 -13.54 -30.85
N VAL D 877 9.97 -12.72 -29.88
CA VAL D 877 10.82 -11.65 -29.39
C VAL D 877 11.13 -11.89 -27.92
N LYS D 878 12.35 -11.53 -27.52
CA LYS D 878 12.81 -11.59 -26.14
C LYS D 878 13.11 -10.18 -25.65
N GLY D 879 13.54 -10.10 -24.39
CA GLY D 879 13.85 -8.82 -23.79
C GLY D 879 14.92 -8.03 -24.52
N GLY D 880 14.66 -6.75 -24.77
CA GLY D 880 15.60 -5.90 -25.47
C GLY D 880 15.43 -5.88 -26.97
N ASP D 881 14.58 -6.73 -27.53
CA ASP D 881 14.37 -6.74 -28.97
C ASP D 881 13.56 -5.53 -29.42
N ILE D 882 13.93 -4.97 -30.57
CA ILE D 882 13.24 -3.81 -31.09
C ILE D 882 11.97 -4.25 -31.80
N LEU D 883 10.84 -3.67 -31.39
CA LEU D 883 9.55 -3.92 -32.02
C LEU D 883 9.17 -2.83 -33.02
N VAL D 884 9.27 -1.57 -32.60
CA VAL D 884 9.04 -0.43 -33.47
C VAL D 884 10.29 0.45 -33.42
N GLY D 885 10.89 0.69 -34.57
CA GLY D 885 12.08 1.51 -34.63
C GLY D 885 11.76 2.98 -34.80
N LYS D 886 12.05 3.78 -33.77
CA LYS D 886 11.74 5.20 -33.76
C LYS D 886 13.01 6.00 -33.51
N VAL D 887 13.16 7.09 -34.25
CA VAL D 887 14.30 8.00 -34.13
C VAL D 887 13.76 9.41 -33.90
N THR D 888 14.30 10.08 -32.91
CA THR D 888 13.88 11.45 -32.59
C THR D 888 15.00 12.43 -32.88
N PRO D 889 14.73 13.55 -33.53
CA PRO D 889 15.78 14.55 -33.73
C PRO D 889 16.32 15.05 -32.40
N LYS D 890 17.63 15.25 -32.35
CA LYS D 890 18.31 15.67 -31.13
C LYS D 890 19.12 16.92 -31.41
N GLY D 891 19.20 17.79 -30.41
CA GLY D 891 19.94 19.02 -30.54
C GLY D 891 21.43 18.81 -30.46
N GLU D 892 22.17 19.90 -30.67
CA GLU D 892 23.62 19.85 -30.57
C GLU D 892 24.02 19.36 -29.19
N THR D 893 24.99 18.44 -29.15
CA THR D 893 25.45 17.83 -27.91
C THR D 893 26.93 18.09 -27.75
N GLN D 894 27.32 18.61 -26.58
CA GLN D 894 28.70 18.99 -26.36
C GLN D 894 29.53 17.76 -26.02
N LEU D 895 30.73 17.68 -26.59
CA LEU D 895 31.57 16.51 -26.50
C LEU D 895 32.82 16.80 -25.67
N THR D 896 33.16 15.84 -24.81
CA THR D 896 34.37 15.91 -24.02
C THR D 896 35.59 15.78 -24.93
N PRO D 897 36.74 16.33 -24.51
CA PRO D 897 37.95 16.23 -25.35
C PRO D 897 38.33 14.81 -25.73
N GLU D 898 38.16 13.85 -24.83
CA GLU D 898 38.49 12.46 -25.16
C GLU D 898 37.55 11.92 -26.23
N GLU D 899 36.27 12.27 -26.16
CA GLU D 899 35.34 11.86 -27.21
C GLU D 899 35.70 12.51 -28.54
N LYS D 900 36.15 13.77 -28.50
CA LYS D 900 36.62 14.42 -29.72
C LYS D 900 37.81 13.70 -30.31
N LEU D 901 38.76 13.28 -29.46
CA LEU D 901 39.93 12.55 -29.94
C LEU D 901 39.52 11.21 -30.53
N LEU D 902 38.56 10.52 -29.90
CA LEU D 902 38.08 9.26 -30.42
C LEU D 902 37.42 9.45 -31.79
N ARG D 903 36.63 10.51 -31.93
CA ARG D 903 35.98 10.78 -33.21
C ARG D 903 37.00 11.16 -34.29
N ALA D 904 38.06 11.85 -33.90
CA ALA D 904 39.11 12.18 -34.86
C ALA D 904 39.88 10.94 -35.29
N ILE D 905 40.14 10.03 -34.35
CA ILE D 905 40.88 8.81 -34.67
C ILE D 905 40.06 7.93 -35.60
N PHE D 906 38.87 7.53 -35.16
CA PHE D 906 37.91 6.81 -35.98
C PHE D 906 36.80 7.77 -36.36
N GLY D 907 36.68 8.07 -37.65
CA GLY D 907 35.83 9.14 -38.11
C GLY D 907 34.34 8.86 -38.06
N GLU D 908 33.93 7.89 -37.25
CA GLU D 908 32.51 7.57 -37.12
C GLU D 908 31.80 8.66 -36.33
N LYS D 909 30.90 9.39 -36.98
CA LYS D 909 30.13 10.44 -36.31
C LYS D 909 28.78 10.53 -37.02
N ALA D 910 27.77 9.87 -36.45
CA ALA D 910 26.39 9.90 -36.96
C ALA D 910 25.47 10.04 -35.75
N SER D 911 25.16 11.29 -35.39
CA SER D 911 24.32 11.58 -34.24
C SER D 911 23.25 12.61 -34.58
N ASP D 912 22.77 12.60 -35.82
CA ASP D 912 21.70 13.51 -36.22
C ASP D 912 20.40 13.18 -35.48
N VAL D 913 20.10 11.89 -35.32
CA VAL D 913 18.89 11.44 -34.63
C VAL D 913 19.28 10.48 -33.52
N LYS D 914 18.44 10.44 -32.49
CA LYS D 914 18.66 9.61 -31.31
C LYS D 914 17.67 8.45 -31.32
N ASP D 915 18.19 7.26 -30.99
CA ASP D 915 17.37 6.04 -30.95
C ASP D 915 16.55 6.00 -29.67
N THR D 916 15.24 6.18 -29.81
CA THR D 916 14.27 5.94 -28.74
C THR D 916 13.21 5.03 -29.34
N SER D 917 13.48 3.73 -29.34
CA SER D 917 12.63 2.74 -29.99
C SER D 917 11.89 1.90 -28.95
N LEU D 918 10.79 1.31 -29.38
CA LEU D 918 10.00 0.44 -28.51
C LEU D 918 10.68 -0.91 -28.39
N ARG D 919 11.06 -1.28 -27.18
CA ARG D 919 11.77 -2.52 -26.91
C ARG D 919 10.97 -3.39 -25.95
N VAL D 920 11.11 -4.69 -26.12
CA VAL D 920 10.41 -5.65 -25.24
C VAL D 920 10.93 -5.50 -23.82
N PRO D 921 10.07 -5.48 -22.81
CA PRO D 921 10.56 -5.39 -21.43
C PRO D 921 11.41 -6.60 -21.06
N ASN D 922 12.35 -6.38 -20.15
CA ASN D 922 13.25 -7.46 -19.74
C ASN D 922 12.49 -8.58 -19.06
N SER D 923 13.01 -9.79 -19.21
CA SER D 923 12.40 -11.01 -18.65
C SER D 923 11.00 -11.24 -19.22
N VAL D 924 10.76 -10.78 -20.44
CA VAL D 924 9.49 -11.01 -21.14
C VAL D 924 9.81 -11.59 -22.51
N ALA D 925 9.32 -12.80 -22.77
CA ALA D 925 9.49 -13.46 -24.05
C ALA D 925 8.13 -13.92 -24.56
N GLY D 926 7.82 -13.54 -25.79
CA GLY D 926 6.52 -13.87 -26.34
C GLY D 926 6.50 -13.69 -27.84
N THR D 927 5.32 -13.91 -28.42
CA THR D 927 5.11 -13.84 -29.86
C THR D 927 4.21 -12.66 -30.17
N VAL D 928 4.61 -11.87 -31.17
CA VAL D 928 3.79 -10.75 -31.62
C VAL D 928 2.58 -11.29 -32.37
N ILE D 929 1.38 -11.00 -31.89
CA ILE D 929 0.16 -11.53 -32.47
C ILE D 929 -0.68 -10.48 -33.16
N ASP D 930 -0.45 -9.19 -32.91
CA ASP D 930 -1.26 -8.15 -33.53
C ASP D 930 -0.48 -6.83 -33.52
N VAL D 931 -0.61 -6.07 -34.61
CA VAL D 931 -0.03 -4.75 -34.71
C VAL D 931 -1.09 -3.80 -35.25
N GLN D 932 -1.30 -2.68 -34.55
CA GLN D 932 -2.27 -1.69 -34.95
C GLN D 932 -1.57 -0.36 -35.15
N VAL D 933 -1.79 0.27 -36.31
CA VAL D 933 -1.15 1.53 -36.67
C VAL D 933 -2.24 2.60 -36.77
N PHE D 934 -2.10 3.66 -36.00
CA PHE D 934 -3.01 4.80 -36.03
C PHE D 934 -2.24 6.00 -36.56
N THR D 935 -2.77 6.61 -37.63
CA THR D 935 -2.13 7.73 -38.29
C THR D 935 -3.06 8.93 -38.27
N ARG D 936 -2.51 10.10 -37.95
CA ARG D 936 -3.29 11.32 -37.93
C ARG D 936 -3.71 11.71 -39.35
N ASP D 937 -4.86 12.36 -39.44
CA ASP D 937 -5.37 12.81 -40.74
C ASP D 937 -4.45 13.87 -41.33
N GLY D 938 -3.96 13.60 -42.54
CA GLY D 938 -3.03 14.49 -43.20
C GLY D 938 -1.58 14.07 -43.11
N VAL D 939 -1.28 12.92 -42.50
CA VAL D 939 0.07 12.39 -42.39
C VAL D 939 0.20 11.21 -43.34
N GLU D 940 1.31 11.16 -44.07
CA GLU D 940 1.53 10.09 -45.03
C GLU D 940 1.54 8.73 -44.33
N LYS D 941 0.81 7.77 -44.89
CA LYS D 941 0.73 6.43 -44.33
C LYS D 941 1.92 5.61 -44.81
N ASP D 942 2.64 4.99 -43.86
CA ASP D 942 3.75 4.14 -44.21
C ASP D 942 3.24 2.82 -44.80
N LYS D 943 4.16 2.07 -45.41
CA LYS D 943 3.77 0.86 -46.14
C LYS D 943 3.05 -0.14 -45.25
N ARG D 944 3.43 -0.24 -43.98
CA ARG D 944 2.73 -1.16 -43.08
C ARG D 944 1.30 -0.73 -42.85
N ALA D 945 1.05 0.58 -42.79
CA ALA D 945 -0.32 1.06 -42.61
C ALA D 945 -1.20 0.64 -43.79
N LEU D 946 -0.68 0.80 -45.02
CA LEU D 946 -1.46 0.36 -46.18
C LEU D 946 -1.60 -1.15 -46.23
N GLU D 947 -0.59 -1.90 -45.78
CA GLU D 947 -0.74 -3.35 -45.74
C GLU D 947 -1.86 -3.76 -44.79
N ILE D 948 -1.90 -3.17 -43.60
CA ILE D 948 -2.97 -3.51 -42.66
C ILE D 948 -4.32 -3.03 -43.18
N GLU D 949 -4.34 -1.87 -43.85
CA GLU D 949 -5.59 -1.39 -44.43
C GLU D 949 -6.10 -2.33 -45.52
N GLN D 950 -5.19 -2.82 -46.37
CA GLN D 950 -5.59 -3.78 -47.40
C GLN D 950 -6.06 -5.08 -46.79
N MET D 951 -5.39 -5.55 -45.73
CA MET D 951 -5.85 -6.76 -45.06
C MET D 951 -7.24 -6.57 -44.46
N GLN D 952 -7.48 -5.41 -43.85
CA GLN D 952 -8.79 -5.14 -43.27
C GLN D 952 -9.86 -5.03 -44.35
N LEU D 953 -9.55 -4.40 -45.48
CA LEU D 953 -10.52 -4.30 -46.57
C LEU D 953 -10.81 -5.66 -47.18
N LYS D 954 -9.79 -6.50 -47.33
CA LYS D 954 -10.00 -7.85 -47.84
C LYS D 954 -10.85 -8.66 -46.85
N GLU D 955 -10.58 -8.50 -45.55
CA GLU D 955 -11.36 -9.22 -44.55
C GLU D 955 -12.82 -8.77 -44.59
N ALA D 956 -13.05 -7.46 -44.71
CA ALA D 956 -14.42 -6.96 -44.78
C ALA D 956 -15.13 -7.47 -46.03
N LYS D 957 -14.44 -7.44 -47.18
CA LYS D 957 -15.04 -7.91 -48.42
C LYS D 957 -15.40 -9.40 -48.32
N LYS D 958 -14.46 -10.21 -47.82
CA LYS D 958 -14.70 -11.65 -47.70
C LYS D 958 -15.80 -11.94 -46.69
N ASP D 959 -15.79 -11.25 -45.55
CA ASP D 959 -16.80 -11.50 -44.52
C ASP D 959 -18.18 -11.11 -45.01
N LEU D 960 -18.31 -9.95 -45.66
CA LEU D 960 -19.60 -9.55 -46.19
C LEU D 960 -20.06 -10.50 -47.29
N THR D 961 -19.14 -10.92 -48.16
CA THR D 961 -19.52 -11.85 -49.23
C THR D 961 -20.00 -13.17 -48.65
N GLU D 962 -19.29 -13.70 -47.66
CA GLU D 962 -19.67 -14.99 -47.06
C GLU D 962 -20.98 -14.87 -46.31
N GLU D 963 -21.14 -13.81 -45.52
CA GLU D 963 -22.39 -13.60 -44.78
C GLU D 963 -23.56 -13.49 -45.72
N PHE D 964 -23.41 -12.71 -46.79
CA PHE D 964 -24.46 -12.56 -47.78
C PHE D 964 -24.74 -13.88 -48.48
N GLN D 965 -23.70 -14.68 -48.74
CA GLN D 965 -23.90 -15.96 -49.40
C GLN D 965 -24.72 -16.90 -48.53
N ILE D 966 -24.42 -16.97 -47.23
CA ILE D 966 -25.16 -17.88 -46.36
C ILE D 966 -26.59 -17.37 -46.17
N LEU D 967 -26.76 -16.07 -45.97
CA LEU D 967 -28.11 -15.55 -45.76
C LEU D 967 -28.95 -15.66 -47.03
N GLU D 968 -28.34 -15.45 -48.20
CA GLU D 968 -29.08 -15.62 -49.45
C GLU D 968 -29.36 -17.08 -49.74
N GLY D 969 -28.49 -17.99 -49.28
CA GLY D 969 -28.83 -19.39 -49.36
C GLY D 969 -30.05 -19.72 -48.54
N GLY D 970 -30.12 -19.20 -47.32
CA GLY D 970 -31.30 -19.42 -46.49
C GLY D 970 -32.57 -18.80 -47.10
N LEU D 971 -32.45 -17.58 -47.61
CA LEU D 971 -33.63 -16.90 -48.15
C LEU D 971 -34.07 -17.50 -49.47
N LEU D 972 -33.13 -17.93 -50.32
CA LEU D 972 -33.49 -18.63 -51.54
C LEU D 972 -34.03 -20.02 -51.24
N ALA D 973 -33.62 -20.63 -50.12
CA ALA D 973 -34.28 -21.85 -49.67
C ALA D 973 -35.72 -21.57 -49.28
N ARG D 974 -35.97 -20.43 -48.64
CA ARG D 974 -37.34 -20.02 -48.36
C ARG D 974 -38.14 -19.83 -49.65
N VAL D 975 -37.53 -19.17 -50.65
CA VAL D 975 -38.14 -18.99 -51.97
C VAL D 975 -38.49 -20.35 -52.57
N ARG D 976 -37.50 -21.25 -52.60
CA ARG D 976 -37.67 -22.65 -52.98
C ARG D 976 -38.87 -23.29 -52.31
N SER D 977 -39.02 -23.10 -50.99
CA SER D 977 -40.15 -23.67 -50.26
C SER D 977 -41.47 -23.04 -50.71
N VAL D 978 -41.48 -21.73 -50.94
CA VAL D 978 -42.69 -21.07 -51.42
C VAL D 978 -43.10 -21.65 -52.77
N LEU D 979 -42.11 -22.01 -53.59
CA LEU D 979 -42.42 -22.73 -54.84
C LEU D 979 -42.86 -24.16 -54.57
N LEU D 980 -42.24 -24.82 -53.59
CA LEU D 980 -42.59 -26.19 -53.24
C LEU D 980 -44.00 -26.29 -52.68
N ALA D 981 -44.60 -25.16 -52.31
CA ALA D 981 -46.01 -25.16 -51.95
C ALA D 981 -46.85 -25.84 -53.03
N GLY D 982 -46.49 -25.63 -54.30
CA GLY D 982 -47.06 -26.40 -55.38
C GLY D 982 -46.25 -27.63 -55.73
N GLY D 983 -44.94 -27.46 -55.93
CA GLY D 983 -44.06 -28.57 -56.25
C GLY D 983 -43.93 -28.84 -57.74
N TYR D 984 -42.70 -28.77 -58.24
CA TYR D 984 -42.44 -28.99 -59.66
C TYR D 984 -40.99 -29.46 -59.81
N THR D 985 -40.48 -29.44 -61.03
CA THR D 985 -39.10 -29.83 -61.33
C THR D 985 -38.29 -28.55 -61.49
N GLU D 986 -37.45 -28.25 -60.50
CA GLU D 986 -36.51 -27.13 -60.61
C GLU D 986 -35.30 -27.46 -61.47
N ALA D 987 -35.24 -28.70 -61.99
CA ALA D 987 -34.22 -29.02 -62.99
C ALA D 987 -34.40 -28.18 -64.24
N LYS D 988 -35.66 -27.89 -64.61
CA LYS D 988 -35.90 -26.94 -65.70
C LYS D 988 -35.45 -25.54 -65.33
N LEU D 989 -35.63 -25.14 -64.07
CA LEU D 989 -35.11 -23.84 -63.64
C LEU D 989 -33.59 -23.78 -63.77
N SER D 990 -32.90 -24.87 -63.45
CA SER D 990 -31.46 -24.92 -63.60
C SER D 990 -31.01 -25.12 -65.03
N SER D 991 -31.93 -25.53 -65.93
CA SER D 991 -31.60 -25.63 -67.35
C SER D 991 -31.19 -24.29 -67.92
N ILE D 992 -31.75 -23.19 -67.41
CA ILE D 992 -31.33 -21.85 -67.78
C ILE D 992 -30.30 -21.37 -66.76
N GLU D 993 -29.21 -20.80 -67.26
CA GLU D 993 -28.12 -20.36 -66.41
C GLU D 993 -28.61 -19.35 -65.38
N ARG D 994 -27.98 -19.36 -64.20
CA ARG D 994 -28.48 -18.59 -63.06
C ARG D 994 -28.65 -17.12 -63.40
N LYS D 995 -27.61 -16.48 -63.96
CA LYS D 995 -27.74 -15.08 -64.34
C LYS D 995 -28.76 -14.91 -65.45
N LYS D 996 -28.78 -15.84 -66.41
CA LYS D 996 -29.71 -15.77 -67.53
C LYS D 996 -31.17 -15.79 -67.10
N TRP D 997 -31.46 -16.13 -65.84
CA TRP D 997 -32.83 -16.00 -65.34
C TRP D 997 -33.33 -14.56 -65.47
N LEU D 998 -32.45 -13.57 -65.26
CA LEU D 998 -32.88 -12.19 -65.42
C LEU D 998 -32.99 -11.79 -66.89
N GLU D 999 -32.53 -12.65 -67.79
CA GLU D 999 -32.62 -12.41 -69.23
C GLU D 999 -33.84 -13.06 -69.85
N GLN D 1000 -34.72 -13.67 -69.06
CA GLN D 1000 -35.92 -14.28 -69.58
C GLN D 1000 -36.91 -13.24 -70.06
N THR D 1001 -37.84 -13.66 -70.91
CA THR D 1001 -38.85 -12.78 -71.47
C THR D 1001 -40.23 -13.39 -71.23
N LEU D 1002 -41.10 -12.64 -70.59
CA LEU D 1002 -42.50 -13.04 -70.36
C LEU D 1002 -43.42 -11.97 -70.94
N GLU D 1003 -44.42 -12.40 -71.70
CA GLU D 1003 -45.37 -11.47 -72.28
C GLU D 1003 -46.64 -11.31 -71.45
N ASN D 1004 -47.11 -12.41 -70.84
CA ASN D 1004 -48.31 -12.34 -70.01
C ASN D 1004 -48.11 -11.37 -68.86
N GLU D 1005 -49.11 -10.50 -68.65
CA GLU D 1005 -49.00 -9.47 -67.61
C GLU D 1005 -48.87 -10.10 -66.22
N GLU D 1006 -49.55 -11.23 -66.00
CA GLU D 1006 -49.44 -11.92 -64.72
C GLU D 1006 -48.01 -12.36 -64.45
N LEU D 1007 -47.37 -12.98 -65.45
CA LEU D 1007 -45.97 -13.38 -65.29
C LEU D 1007 -45.04 -12.18 -65.36
N GLN D 1008 -45.33 -11.23 -66.25
CA GLN D 1008 -44.39 -10.13 -66.48
C GLN D 1008 -44.31 -9.21 -65.28
N ASN D 1009 -45.44 -8.90 -64.64
CA ASN D 1009 -45.41 -8.08 -63.43
C ASN D 1009 -44.56 -8.75 -62.34
N GLN D 1010 -44.72 -10.06 -62.19
CA GLN D 1010 -43.86 -10.82 -61.31
C GLN D 1010 -42.40 -10.59 -61.64
N LEU D 1011 -42.04 -10.77 -62.92
CA LEU D 1011 -40.66 -10.59 -63.36
C LEU D 1011 -40.17 -9.17 -63.11
N GLU D 1012 -41.04 -8.19 -63.35
CA GLU D 1012 -40.74 -6.78 -63.14
C GLU D 1012 -40.30 -6.56 -61.71
N GLN D 1013 -41.16 -6.90 -60.75
CA GLN D 1013 -40.81 -6.66 -59.36
C GLN D 1013 -39.64 -7.52 -58.90
N LEU D 1014 -39.50 -8.74 -59.43
CA LEU D 1014 -38.35 -9.56 -59.07
C LEU D 1014 -37.05 -8.91 -59.51
N ALA D 1015 -37.01 -8.38 -60.74
CA ALA D 1015 -35.81 -7.68 -61.20
C ALA D 1015 -35.57 -6.42 -60.38
N GLU D 1016 -36.63 -5.64 -60.14
CA GLU D 1016 -36.50 -4.42 -59.35
C GLU D 1016 -36.01 -4.70 -57.94
N GLN D 1017 -36.25 -5.91 -57.42
CA GLN D 1017 -35.77 -6.27 -56.09
C GLN D 1017 -34.37 -6.87 -56.11
N TYR D 1018 -34.04 -7.65 -57.15
CA TYR D 1018 -32.69 -8.20 -57.27
C TYR D 1018 -31.67 -7.09 -57.43
N ASP D 1019 -31.98 -6.10 -58.28
CA ASP D 1019 -31.06 -4.97 -58.45
C ASP D 1019 -30.98 -4.13 -57.18
N GLU D 1020 -32.04 -4.13 -56.37
CA GLU D 1020 -32.01 -3.40 -55.11
C GLU D 1020 -31.35 -4.20 -53.98
N LEU D 1021 -31.00 -5.46 -54.23
CA LEU D 1021 -30.28 -6.25 -53.24
C LEU D 1021 -28.80 -5.89 -53.27
N LYS D 1022 -28.44 -5.00 -54.19
CA LYS D 1022 -27.08 -4.53 -54.36
C LYS D 1022 -26.84 -3.17 -53.73
N ALA D 1023 -27.85 -2.29 -53.74
CA ALA D 1023 -27.69 -0.95 -53.21
C ALA D 1023 -27.45 -0.96 -51.71
N ASP D 1024 -28.24 -1.74 -50.96
CA ASP D 1024 -28.09 -1.75 -49.50
C ASP D 1024 -26.78 -2.39 -49.09
N PHE D 1025 -26.40 -3.49 -49.72
CA PHE D 1025 -25.16 -4.16 -49.35
C PHE D 1025 -23.96 -3.32 -49.73
N ASP D 1026 -24.05 -2.60 -50.86
CA ASP D 1026 -23.02 -1.63 -51.21
C ASP D 1026 -22.94 -0.51 -50.18
N LYS D 1027 -24.09 -0.06 -49.66
CA LYS D 1027 -24.08 0.96 -48.63
C LYS D 1027 -23.38 0.45 -47.37
N LYS D 1028 -23.67 -0.78 -46.96
CA LYS D 1028 -23.02 -1.36 -45.80
C LYS D 1028 -21.51 -1.47 -46.00
N PHE D 1029 -21.10 -1.93 -47.18
CA PHE D 1029 -19.67 -2.09 -47.46
C PHE D 1029 -18.99 -0.74 -47.57
N GLU D 1030 -19.67 0.28 -48.10
CA GLU D 1030 -19.10 1.61 -48.15
C GLU D 1030 -18.94 2.21 -46.77
N ALA D 1031 -19.88 1.94 -45.86
CA ALA D 1031 -19.72 2.40 -44.49
C ALA D 1031 -18.52 1.72 -43.83
N LYS D 1032 -18.35 0.42 -44.07
CA LYS D 1032 -17.18 -0.26 -43.55
C LYS D 1032 -15.89 0.31 -44.14
N ARG D 1033 -15.89 0.61 -45.45
CA ARG D 1033 -14.69 1.21 -46.06
C ARG D 1033 -14.40 2.57 -45.46
N ARG D 1034 -15.45 3.36 -45.19
CA ARG D 1034 -15.26 4.64 -44.52
C ARG D 1034 -14.60 4.45 -43.16
N LYS D 1035 -15.07 3.46 -42.38
CA LYS D 1035 -14.52 3.25 -41.04
C LYS D 1035 -13.05 2.83 -41.07
N ILE D 1036 -12.69 1.84 -41.90
CA ILE D 1036 -11.26 1.49 -41.96
C ILE D 1036 -10.42 2.59 -42.61
N THR D 1037 -10.92 3.25 -43.66
CA THR D 1037 -10.06 4.14 -44.43
C THR D 1037 -9.77 5.45 -43.70
N GLN D 1038 -10.74 5.96 -42.96
CA GLN D 1038 -10.63 7.31 -42.40
C GLN D 1038 -9.50 7.39 -41.37
N GLY D 1039 -9.03 8.60 -41.15
CA GLY D 1039 -7.98 8.85 -40.18
C GLY D 1039 -8.47 8.78 -38.75
N ASP D 1040 -7.52 8.84 -37.82
CA ASP D 1040 -7.79 8.69 -36.41
C ASP D 1040 -7.55 10.01 -35.69
N ASP D 1041 -8.48 10.37 -34.80
CA ASP D 1041 -8.37 11.61 -34.03
C ASP D 1041 -7.48 11.33 -32.82
N LEU D 1042 -6.21 11.69 -32.94
CA LEU D 1042 -5.24 11.47 -31.87
C LEU D 1042 -5.11 12.73 -31.01
N ALA D 1043 -4.32 12.63 -29.95
CA ALA D 1043 -4.08 13.78 -29.08
C ALA D 1043 -3.26 14.82 -29.83
N PRO D 1044 -3.39 16.10 -29.44
CA PRO D 1044 -2.60 17.15 -30.09
C PRO D 1044 -1.11 16.86 -29.98
N GLY D 1045 -0.40 17.12 -31.07
CA GLY D 1045 1.04 16.89 -31.12
C GLY D 1045 1.46 15.47 -31.40
N VAL D 1046 0.51 14.55 -31.57
CA VAL D 1046 0.80 13.15 -31.81
C VAL D 1046 0.65 12.87 -33.29
N LEU D 1047 1.68 12.29 -33.91
CA LEU D 1047 1.67 11.99 -35.33
C LEU D 1047 1.24 10.55 -35.62
N LYS D 1048 1.80 9.57 -34.91
CA LYS D 1048 1.51 8.18 -35.23
C LYS D 1048 1.65 7.31 -33.99
N ILE D 1049 0.74 6.37 -33.81
CA ILE D 1049 0.76 5.44 -32.69
C ILE D 1049 0.81 4.02 -33.21
N VAL D 1050 1.80 3.25 -32.78
CA VAL D 1050 1.93 1.85 -33.17
C VAL D 1050 1.79 1.00 -31.92
N LYS D 1051 0.79 0.12 -31.91
CA LYS D 1051 0.54 -0.76 -30.78
C LYS D 1051 0.89 -2.19 -31.17
N VAL D 1052 1.67 -2.85 -30.33
CA VAL D 1052 2.13 -4.22 -30.54
C VAL D 1052 1.59 -5.09 -29.42
N TYR D 1053 1.01 -6.23 -29.78
CA TYR D 1053 0.41 -7.15 -28.82
C TYR D 1053 1.30 -8.39 -28.71
N LEU D 1054 1.69 -8.72 -27.49
CA LEU D 1054 2.60 -9.82 -27.22
C LEU D 1054 1.86 -10.89 -26.41
N ALA D 1055 1.95 -12.14 -26.86
CA ALA D 1055 1.35 -13.26 -26.14
C ALA D 1055 2.46 -14.02 -25.44
N VAL D 1056 2.36 -14.12 -24.10
CA VAL D 1056 3.36 -14.77 -23.28
C VAL D 1056 2.73 -15.99 -22.63
N LYS D 1057 3.36 -17.15 -22.80
CA LYS D 1057 2.93 -18.37 -22.14
C LYS D 1057 3.69 -18.48 -20.82
N ARG D 1058 2.98 -18.38 -19.71
CA ARG D 1058 3.58 -18.45 -18.38
C ARG D 1058 3.23 -19.80 -17.77
N ARG D 1059 4.25 -20.59 -17.50
CA ARG D 1059 4.10 -21.90 -16.88
C ARG D 1059 4.19 -21.77 -15.37
N ILE D 1060 3.72 -22.81 -14.68
CA ILE D 1060 3.80 -22.82 -13.22
C ILE D 1060 5.26 -22.99 -12.81
N GLN D 1061 5.62 -22.35 -11.69
CA GLN D 1061 6.98 -22.35 -11.20
C GLN D 1061 6.96 -22.01 -9.72
N PRO D 1062 8.03 -22.32 -8.98
CA PRO D 1062 8.08 -21.93 -7.56
C PRO D 1062 7.90 -20.43 -7.40
N GLY D 1063 7.11 -20.07 -6.38
CA GLY D 1063 6.75 -18.69 -6.13
C GLY D 1063 5.35 -18.31 -6.58
N ASP D 1064 4.73 -19.12 -7.44
CA ASP D 1064 3.39 -18.83 -7.91
C ASP D 1064 2.35 -19.21 -6.86
N LYS D 1065 1.33 -18.38 -6.73
CA LYS D 1065 0.30 -18.57 -5.72
C LYS D 1065 -0.81 -19.46 -6.29
N MET D 1066 -1.08 -20.56 -5.59
CA MET D 1066 -2.13 -21.50 -6.00
C MET D 1066 -3.01 -21.79 -4.80
N ALA D 1067 -4.31 -21.92 -5.05
CA ALA D 1067 -5.28 -22.00 -3.97
C ALA D 1067 -6.50 -22.79 -4.41
N GLY D 1068 -7.26 -23.26 -3.42
CA GLY D 1068 -8.53 -23.90 -3.64
C GLY D 1068 -9.68 -22.95 -3.42
N ARG D 1069 -10.85 -23.52 -3.13
CA ARG D 1069 -12.07 -22.75 -2.91
C ARG D 1069 -12.44 -22.65 -1.44
N HIS D 1070 -11.60 -23.15 -0.54
CA HIS D 1070 -11.89 -23.15 0.89
C HIS D 1070 -10.94 -22.25 1.67
N GLY D 1071 -10.29 -21.30 1.01
CA GLY D 1071 -9.40 -20.38 1.68
C GLY D 1071 -8.00 -20.89 1.91
N ASN D 1072 -7.66 -22.09 1.44
CA ASN D 1072 -6.33 -22.66 1.62
C ASN D 1072 -5.46 -22.23 0.45
N LYS D 1073 -4.82 -21.08 0.61
CA LYS D 1073 -3.89 -20.55 -0.39
C LYS D 1073 -2.46 -20.96 -0.04
N GLY D 1074 -1.60 -20.93 -1.06
CA GLY D 1074 -0.22 -21.30 -0.81
C GLY D 1074 0.67 -20.88 -1.96
N VAL D 1075 1.97 -21.01 -1.73
CA VAL D 1075 3.00 -20.69 -2.71
C VAL D 1075 3.77 -21.96 -3.01
N ILE D 1076 3.94 -22.27 -4.30
CA ILE D 1076 4.64 -23.48 -4.70
C ILE D 1076 6.11 -23.37 -4.30
N SER D 1077 6.61 -24.40 -3.63
CA SER D 1077 7.98 -24.40 -3.11
C SER D 1077 8.94 -25.22 -3.95
N LYS D 1078 8.49 -26.34 -4.53
CA LYS D 1078 9.38 -27.20 -5.31
C LYS D 1078 8.60 -27.88 -6.41
N ILE D 1079 9.22 -28.03 -7.57
CA ILE D 1079 8.68 -28.82 -8.67
C ILE D 1079 9.41 -30.16 -8.62
N ASN D 1080 8.87 -31.09 -7.86
CA ASN D 1080 9.50 -32.37 -7.61
C ASN D 1080 9.35 -33.29 -8.83
N PRO D 1081 10.33 -34.16 -9.06
CA PRO D 1081 10.19 -35.16 -10.12
C PRO D 1081 9.09 -36.16 -9.81
N VAL D 1082 8.59 -36.80 -10.88
CA VAL D 1082 7.52 -37.77 -10.74
C VAL D 1082 7.97 -38.97 -9.91
N GLU D 1083 9.23 -39.36 -10.03
CA GLU D 1083 9.72 -40.53 -9.30
C GLU D 1083 9.87 -40.28 -7.79
N ASP D 1084 9.83 -39.02 -7.35
CA ASP D 1084 9.93 -38.69 -5.94
C ASP D 1084 8.58 -38.44 -5.28
N MET D 1085 7.50 -38.52 -6.04
CA MET D 1085 6.16 -38.37 -5.48
C MET D 1085 5.68 -39.66 -4.82
N PRO D 1086 4.88 -39.54 -3.77
CA PRO D 1086 4.21 -40.73 -3.22
C PRO D 1086 3.30 -41.36 -4.26
N TYR D 1087 3.24 -42.69 -4.24
CA TYR D 1087 2.42 -43.43 -5.19
C TYR D 1087 1.66 -44.53 -4.45
N ASP D 1088 0.52 -44.92 -5.01
CA ASP D 1088 -0.34 -45.92 -4.40
C ASP D 1088 0.11 -47.31 -4.83
N GLU D 1089 -0.70 -48.32 -4.50
CA GLU D 1089 -0.36 -49.70 -4.86
C GLU D 1089 -0.41 -49.93 -6.37
N ASN D 1090 -1.19 -49.13 -7.09
CA ASN D 1090 -1.29 -49.24 -8.54
C ASN D 1090 -0.22 -48.43 -9.27
N GLY D 1091 0.66 -47.76 -8.54
CA GLY D 1091 1.75 -47.01 -9.15
C GLY D 1091 1.40 -45.61 -9.59
N GLN D 1092 0.20 -45.11 -9.28
CA GLN D 1092 -0.18 -43.76 -9.69
C GLN D 1092 0.39 -42.74 -8.71
N PRO D 1093 1.27 -41.84 -9.17
CA PRO D 1093 1.81 -40.82 -8.26
C PRO D 1093 0.82 -39.69 -8.04
N VAL D 1094 0.95 -39.05 -6.88
CA VAL D 1094 0.20 -37.84 -6.60
C VAL D 1094 0.87 -36.66 -7.30
N ASP D 1095 0.09 -35.65 -7.65
CA ASP D 1095 0.62 -34.48 -8.33
C ASP D 1095 0.88 -33.31 -7.39
N ILE D 1096 0.10 -33.17 -6.33
CA ILE D 1096 0.28 -32.10 -5.36
C ILE D 1096 0.15 -32.67 -3.96
N VAL D 1097 1.08 -32.31 -3.08
CA VAL D 1097 1.08 -32.75 -1.68
C VAL D 1097 0.84 -31.53 -0.82
N LEU D 1098 -0.18 -31.60 0.04
CA LEU D 1098 -0.58 -30.50 0.90
C LEU D 1098 -0.33 -30.87 2.37
N ASN D 1099 -0.07 -29.84 3.16
CA ASN D 1099 0.17 -30.02 4.59
C ASN D 1099 -1.16 -30.22 5.31
N PRO D 1100 -1.30 -31.29 6.11
CA PRO D 1100 -2.55 -31.45 6.88
C PRO D 1100 -2.67 -30.49 8.04
N LEU D 1101 -1.54 -29.95 8.53
CA LEU D 1101 -1.56 -29.09 9.70
C LEU D 1101 -2.35 -27.81 9.49
N GLY D 1102 -2.61 -27.44 8.24
CA GLY D 1102 -3.42 -26.28 7.97
C GLY D 1102 -4.91 -26.52 7.96
N VAL D 1103 -5.37 -27.75 8.13
CA VAL D 1103 -6.81 -28.01 8.16
C VAL D 1103 -7.41 -27.74 9.54
N PRO D 1104 -6.92 -28.34 10.62
CA PRO D 1104 -7.67 -28.23 11.90
C PRO D 1104 -7.67 -26.82 12.47
N SER D 1105 -6.55 -26.10 12.42
CA SER D 1105 -6.46 -24.81 13.08
C SER D 1105 -7.36 -23.77 12.44
N ARG D 1106 -7.47 -23.78 11.11
CA ARG D 1106 -8.34 -22.85 10.40
C ARG D 1106 -9.75 -23.38 10.26
N MET D 1107 -10.00 -24.63 10.64
CA MET D 1107 -11.35 -25.20 10.72
C MET D 1107 -12.08 -25.11 9.38
N ASN D 1108 -11.38 -25.40 8.30
CA ASN D 1108 -11.98 -25.54 6.98
C ASN D 1108 -12.01 -27.02 6.61
N ILE D 1109 -13.05 -27.70 7.08
CA ILE D 1109 -13.18 -29.14 6.86
C ILE D 1109 -13.76 -29.47 5.49
N GLY D 1110 -14.44 -28.51 4.86
CA GLY D 1110 -15.08 -28.76 3.58
C GLY D 1110 -14.12 -29.20 2.50
N GLN D 1111 -12.83 -28.90 2.64
CA GLN D 1111 -11.86 -29.42 1.69
C GLN D 1111 -11.71 -30.93 1.80
N ILE D 1112 -11.58 -31.45 3.03
CA ILE D 1112 -11.38 -32.89 3.19
C ILE D 1112 -12.55 -33.65 2.58
N LEU D 1113 -13.77 -33.25 2.92
CA LEU D 1113 -14.95 -33.85 2.32
C LEU D 1113 -14.87 -33.76 0.81
N GLU D 1114 -14.55 -32.58 0.29
CA GLU D 1114 -14.40 -32.43 -1.15
C GLU D 1114 -13.38 -33.42 -1.68
N VAL D 1115 -12.23 -33.54 -1.00
CA VAL D 1115 -11.19 -34.47 -1.43
C VAL D 1115 -11.79 -35.86 -1.54
N HIS D 1116 -12.47 -36.31 -0.48
CA HIS D 1116 -13.08 -37.63 -0.51
C HIS D 1116 -14.04 -37.75 -1.68
N LEU D 1117 -14.95 -36.77 -1.82
CA LEU D 1117 -15.90 -36.83 -2.92
C LEU D 1117 -15.17 -36.86 -4.24
N GLY D 1118 -14.13 -36.04 -4.39
CA GLY D 1118 -13.39 -36.04 -5.65
C GLY D 1118 -12.86 -37.43 -5.96
N LEU D 1119 -12.29 -38.10 -4.95
CA LEU D 1119 -11.79 -39.45 -5.17
C LEU D 1119 -12.89 -40.34 -5.72
N ALA D 1120 -14.03 -40.36 -5.03
CA ALA D 1120 -15.13 -41.20 -5.48
C ALA D 1120 -15.53 -40.84 -6.90
N ALA D 1121 -15.64 -39.53 -7.19
CA ALA D 1121 -16.03 -39.12 -8.52
C ALA D 1121 -15.06 -39.68 -9.56
N LYS D 1122 -13.75 -39.50 -9.33
CA LYS D 1122 -12.79 -39.98 -10.31
C LYS D 1122 -12.87 -41.50 -10.42
N GLY D 1123 -13.06 -42.18 -9.29
CA GLY D 1123 -13.17 -43.62 -9.34
C GLY D 1123 -14.30 -44.05 -10.27
N ILE D 1124 -15.47 -43.40 -10.12
CA ILE D 1124 -16.58 -43.77 -10.98
C ILE D 1124 -16.23 -43.50 -12.43
N GLY D 1125 -15.61 -42.35 -12.69
CA GLY D 1125 -15.19 -42.06 -14.05
C GLY D 1125 -14.27 -43.12 -14.59
N ASP D 1126 -13.32 -43.57 -13.76
CA ASP D 1126 -12.40 -44.60 -14.22
C ASP D 1126 -13.17 -45.85 -14.61
N LYS D 1127 -14.16 -46.23 -13.80
CA LYS D 1127 -14.96 -47.38 -14.14
C LYS D 1127 -15.63 -47.19 -15.50
N ILE D 1128 -16.22 -46.02 -15.72
CA ILE D 1128 -16.85 -45.75 -17.00
C ILE D 1128 -15.83 -45.88 -18.12
N ASN D 1129 -14.64 -45.32 -17.90
CA ASN D 1129 -13.59 -45.43 -18.92
C ASN D 1129 -13.29 -46.89 -19.22
N GLN D 1130 -13.18 -47.71 -18.16
CA GLN D 1130 -12.91 -49.12 -18.37
C GLN D 1130 -14.02 -49.75 -19.19
N MET D 1131 -15.28 -49.43 -18.87
CA MET D 1131 -16.40 -50.00 -19.61
C MET D 1131 -16.35 -49.58 -21.07
N ILE D 1132 -15.90 -48.35 -21.33
CA ILE D 1132 -15.74 -47.92 -22.71
C ILE D 1132 -14.58 -48.64 -23.38
N LYS D 1133 -13.47 -48.83 -22.63
CA LYS D 1133 -12.28 -49.42 -23.23
C LYS D 1133 -12.48 -50.90 -23.55
N GLU D 1134 -13.20 -51.62 -22.69
CA GLU D 1134 -13.47 -53.04 -22.91
C GLU D 1134 -14.59 -53.29 -23.92
N GLN D 1135 -15.16 -52.25 -24.50
CA GLN D 1135 -16.20 -52.36 -25.53
C GLN D 1135 -17.37 -53.22 -25.03
N GLN D 1136 -17.80 -52.96 -23.80
CA GLN D 1136 -18.94 -53.68 -23.26
C GLN D 1136 -20.24 -53.21 -23.92
N GLU D 1137 -21.29 -54.00 -23.73
CA GLU D 1137 -22.59 -53.68 -24.31
C GLU D 1137 -23.16 -52.41 -23.70
N LEU D 1138 -23.99 -51.71 -24.49
CA LEU D 1138 -24.59 -50.47 -24.03
C LEU D 1138 -25.58 -50.69 -22.89
N ALA D 1139 -26.16 -51.89 -22.78
CA ALA D 1139 -27.10 -52.16 -21.69
C ALA D 1139 -26.39 -52.10 -20.35
N LYS D 1140 -25.18 -52.67 -20.26
CA LYS D 1140 -24.42 -52.61 -19.01
C LYS D 1140 -24.03 -51.18 -18.67
N LEU D 1141 -23.66 -50.39 -19.68
CA LEU D 1141 -23.33 -48.99 -19.45
C LEU D 1141 -24.55 -48.22 -18.94
N ARG D 1142 -25.72 -48.47 -19.53
CA ARG D 1142 -26.94 -47.82 -19.07
C ARG D 1142 -27.25 -48.21 -17.63
N GLU D 1143 -27.10 -49.50 -17.31
CA GLU D 1143 -27.36 -49.96 -15.95
C GLU D 1143 -26.42 -49.28 -14.96
N PHE D 1144 -25.13 -49.20 -15.31
CA PHE D 1144 -24.16 -48.56 -14.42
C PHE D 1144 -24.46 -47.07 -14.25
N LEU D 1145 -24.83 -46.39 -15.33
CA LEU D 1145 -25.16 -44.97 -15.22
C LEU D 1145 -26.38 -44.76 -14.35
N GLN D 1146 -27.40 -45.60 -14.51
CA GLN D 1146 -28.60 -45.49 -13.67
C GLN D 1146 -28.26 -45.75 -12.20
N LYS D 1147 -27.40 -46.74 -11.95
CA LYS D 1147 -26.97 -47.01 -10.58
C LYS D 1147 -26.23 -45.81 -9.98
N VAL D 1148 -25.38 -45.18 -10.78
CA VAL D 1148 -24.63 -44.02 -10.31
C VAL D 1148 -25.57 -42.86 -10.01
N TYR D 1149 -26.54 -42.61 -10.88
CA TYR D 1149 -27.42 -41.47 -10.72
C TYR D 1149 -28.55 -41.70 -9.71
N ASP D 1150 -28.71 -42.93 -9.21
CA ASP D 1150 -29.76 -43.23 -8.24
C ASP D 1150 -29.24 -43.28 -6.80
N LEU D 1151 -27.98 -42.95 -6.57
CA LEU D 1151 -27.44 -42.96 -5.22
C LEU D 1151 -28.07 -41.88 -4.37
N GLY D 1152 -28.40 -42.23 -3.12
CA GLY D 1152 -28.95 -41.29 -2.18
C GLY D 1152 -30.42 -40.98 -2.45
N ASP D 1153 -31.02 -40.29 -1.49
CA ASP D 1153 -32.40 -39.82 -1.62
C ASP D 1153 -32.36 -38.36 -2.07
N THR D 1154 -32.07 -38.17 -3.35
CA THR D 1154 -31.88 -36.86 -3.93
C THR D 1154 -33.12 -36.41 -4.69
N ARG D 1155 -33.19 -35.10 -4.92
CA ARG D 1155 -34.27 -34.50 -5.69
C ARG D 1155 -34.14 -34.76 -7.18
N GLN D 1156 -33.02 -35.31 -7.64
CA GLN D 1156 -32.74 -35.46 -9.05
C GLN D 1156 -33.16 -36.84 -9.52
N ARG D 1157 -33.96 -36.87 -10.59
CA ARG D 1157 -34.39 -38.11 -11.22
C ARG D 1157 -33.89 -38.11 -12.66
N VAL D 1158 -32.65 -38.58 -12.85
CA VAL D 1158 -32.08 -38.76 -14.17
C VAL D 1158 -32.24 -40.23 -14.52
N ASP D 1159 -33.22 -40.53 -15.36
CA ASP D 1159 -33.39 -41.86 -15.92
C ASP D 1159 -32.90 -41.88 -17.37
N ILE D 1160 -32.31 -43.01 -17.76
CA ILE D 1160 -31.61 -43.12 -19.03
C ILE D 1160 -32.46 -43.76 -20.11
N SER D 1161 -33.73 -44.09 -19.82
CA SER D 1161 -34.57 -44.74 -20.80
C SER D 1161 -34.81 -43.85 -22.03
N GLU D 1162 -35.06 -42.56 -21.81
CA GLU D 1162 -35.28 -41.62 -22.90
C GLU D 1162 -33.99 -41.00 -23.42
N LEU D 1163 -32.84 -41.40 -22.91
CA LEU D 1163 -31.56 -41.01 -23.49
C LEU D 1163 -31.23 -41.97 -24.64
N SER D 1164 -31.04 -41.43 -25.83
CA SER D 1164 -30.76 -42.26 -26.99
C SER D 1164 -29.38 -42.88 -26.89
N ASP D 1165 -29.11 -43.84 -27.79
CA ASP D 1165 -27.82 -44.54 -27.76
C ASP D 1165 -26.66 -43.58 -27.97
N GLU D 1166 -26.78 -42.70 -28.97
CA GLU D 1166 -25.73 -41.71 -29.21
C GLU D 1166 -25.60 -40.75 -28.03
N ASP D 1167 -26.73 -40.36 -27.43
CA ASP D 1167 -26.69 -39.51 -26.25
C ASP D 1167 -25.99 -40.22 -25.09
N VAL D 1168 -26.27 -41.51 -24.91
CA VAL D 1168 -25.63 -42.27 -23.84
C VAL D 1168 -24.13 -42.36 -24.08
N ARG D 1169 -23.71 -42.61 -25.32
CA ARG D 1169 -22.29 -42.68 -25.62
C ARG D 1169 -21.60 -41.33 -25.40
N THR D 1170 -22.25 -40.24 -25.80
CA THR D 1170 -21.69 -38.92 -25.56
C THR D 1170 -21.55 -38.63 -24.07
N LEU D 1171 -22.58 -38.97 -23.30
CA LEU D 1171 -22.52 -38.77 -21.85
C LEU D 1171 -21.40 -39.59 -21.23
N ALA D 1172 -21.25 -40.84 -21.65
CA ALA D 1172 -20.18 -41.68 -21.12
C ALA D 1172 -18.82 -41.13 -21.50
N HIS D 1173 -18.70 -40.60 -22.72
CA HIS D 1173 -17.43 -39.99 -23.15
C HIS D 1173 -17.11 -38.77 -22.31
N ASN D 1174 -18.12 -37.98 -21.95
CA ASN D 1174 -17.90 -36.81 -21.12
C ASN D 1174 -17.67 -37.16 -19.65
N LEU D 1175 -17.96 -38.39 -19.24
CA LEU D 1175 -17.73 -38.83 -17.87
C LEU D 1175 -16.43 -39.64 -17.72
N ARG D 1176 -15.62 -39.70 -18.78
CA ARG D 1176 -14.36 -40.44 -18.71
C ARG D 1176 -13.41 -39.84 -17.67
N ALA D 1177 -13.31 -38.51 -17.63
CA ALA D 1177 -12.39 -37.83 -16.74
C ALA D 1177 -12.98 -37.60 -15.35
N GLY D 1178 -14.00 -38.36 -14.98
CA GLY D 1178 -14.61 -38.19 -13.67
C GLY D 1178 -16.06 -37.75 -13.75
N LEU D 1179 -16.87 -38.19 -12.81
CA LEU D 1179 -18.27 -37.83 -12.77
C LEU D 1179 -18.46 -36.53 -11.99
N PRO D 1180 -18.91 -35.45 -12.63
CA PRO D 1180 -19.20 -34.22 -11.87
C PRO D 1180 -20.33 -34.46 -10.88
N VAL D 1181 -20.19 -33.85 -9.70
CA VAL D 1181 -21.19 -33.96 -8.65
C VAL D 1181 -21.49 -32.56 -8.11
N ALA D 1182 -22.75 -32.32 -7.78
CA ALA D 1182 -23.21 -31.04 -7.27
C ALA D 1182 -23.63 -31.19 -5.82
N THR D 1183 -23.02 -30.40 -4.93
CA THR D 1183 -23.39 -30.36 -3.53
C THR D 1183 -23.81 -28.93 -3.19
N PRO D 1184 -25.10 -28.63 -3.19
CA PRO D 1184 -25.55 -27.26 -2.90
C PRO D 1184 -25.16 -26.84 -1.50
N VAL D 1185 -24.91 -25.55 -1.34
CA VAL D 1185 -24.53 -25.00 -0.04
C VAL D 1185 -25.69 -25.16 0.93
N PHE D 1186 -25.38 -25.67 2.13
CA PHE D 1186 -26.34 -25.96 3.18
C PHE D 1186 -27.34 -27.06 2.80
N ASP D 1187 -27.16 -27.68 1.64
CA ASP D 1187 -27.94 -28.84 1.21
C ASP D 1187 -27.04 -29.85 0.53
N GLY D 1188 -25.83 -30.02 1.06
CA GLY D 1188 -24.80 -30.82 0.42
C GLY D 1188 -24.94 -32.30 0.71
N ALA D 1189 -23.95 -33.04 0.23
CA ALA D 1189 -23.93 -34.49 0.38
C ALA D 1189 -23.48 -34.86 1.79
N PRO D 1190 -24.26 -35.67 2.52
CA PRO D 1190 -23.81 -36.14 3.83
C PRO D 1190 -22.65 -37.11 3.69
N GLU D 1191 -22.04 -37.42 4.84
CA GLU D 1191 -20.90 -38.33 4.85
C GLU D 1191 -21.31 -39.73 4.40
N SER D 1192 -22.54 -40.15 4.71
CA SER D 1192 -23.01 -41.47 4.27
C SER D 1192 -23.07 -41.57 2.76
N SER D 1193 -23.53 -40.50 2.09
CA SER D 1193 -23.57 -40.50 0.63
C SER D 1193 -22.17 -40.59 0.04
N ILE D 1194 -21.21 -39.87 0.62
CA ILE D 1194 -19.83 -39.94 0.15
C ILE D 1194 -19.27 -41.34 0.33
N LYS D 1195 -19.56 -41.97 1.48
CA LYS D 1195 -19.08 -43.33 1.70
C LYS D 1195 -19.70 -44.31 0.72
N ALA D 1196 -20.99 -44.16 0.43
CA ALA D 1196 -21.65 -45.02 -0.55
C ALA D 1196 -21.03 -44.83 -1.93
N MET D 1197 -20.75 -43.58 -2.30
CA MET D 1197 -20.09 -43.31 -3.57
C MET D 1197 -18.72 -43.96 -3.63
N LEU D 1198 -17.96 -43.89 -2.53
CA LEU D 1198 -16.64 -44.50 -2.49
C LEU D 1198 -16.75 -46.02 -2.62
N GLU D 1199 -17.73 -46.63 -1.96
CA GLU D 1199 -17.92 -48.08 -2.09
C GLU D 1199 -18.34 -48.47 -3.49
N LEU D 1200 -19.07 -47.61 -4.20
CA LEU D 1200 -19.40 -47.91 -5.59
C LEU D 1200 -18.14 -47.98 -6.45
N ALA D 1201 -17.20 -47.06 -6.22
CA ALA D 1201 -15.97 -46.99 -7.00
C ALA D 1201 -14.90 -47.97 -6.54
N ASP D 1202 -15.24 -48.91 -5.65
CA ASP D 1202 -14.28 -49.88 -5.10
C ASP D 1202 -13.07 -49.18 -4.50
N LEU D 1203 -13.35 -48.29 -3.56
CA LEU D 1203 -12.35 -47.53 -2.83
C LEU D 1203 -12.66 -47.60 -1.34
N PRO D 1204 -11.65 -47.41 -0.49
CA PRO D 1204 -11.89 -47.47 0.96
C PRO D 1204 -12.91 -46.43 1.40
N ALA D 1205 -13.76 -46.82 2.36
CA ALA D 1205 -14.80 -45.93 2.85
C ALA D 1205 -14.22 -44.75 3.63
N SER D 1206 -13.00 -44.86 4.12
CA SER D 1206 -12.37 -43.78 4.87
C SER D 1206 -11.67 -42.75 3.97
N GLY D 1207 -11.58 -43.02 2.68
CA GLY D 1207 -10.93 -42.09 1.77
C GLY D 1207 -9.43 -42.02 1.93
N GLN D 1208 -8.82 -42.96 2.65
CA GLN D 1208 -7.39 -42.97 2.90
C GLN D 1208 -6.76 -44.20 2.26
N LEU D 1209 -5.72 -43.98 1.47
CA LEU D 1209 -5.02 -45.05 0.78
C LEU D 1209 -3.63 -45.24 1.38
N THR D 1210 -3.04 -46.39 1.09
CA THR D 1210 -1.68 -46.71 1.52
C THR D 1210 -0.72 -46.23 0.43
N LEU D 1211 0.09 -45.22 0.77
CA LEU D 1211 1.02 -44.64 -0.18
C LEU D 1211 2.45 -45.08 0.13
N PHE D 1212 3.29 -45.05 -0.90
CA PHE D 1212 4.67 -45.47 -0.81
C PHE D 1212 5.58 -44.31 -1.17
N ASP D 1213 6.68 -44.15 -0.44
CA ASP D 1213 7.63 -43.09 -0.72
C ASP D 1213 8.41 -43.43 -1.99
N GLY D 1214 8.34 -42.53 -2.97
CA GLY D 1214 9.02 -42.77 -4.24
C GLY D 1214 10.52 -42.76 -4.14
N ARG D 1215 11.08 -42.16 -3.09
CA ARG D 1215 12.52 -42.08 -2.93
C ARG D 1215 13.11 -43.31 -2.23
N THR D 1216 12.30 -44.07 -1.51
CA THR D 1216 12.76 -45.28 -0.83
C THR D 1216 11.92 -46.52 -1.12
N GLY D 1217 10.66 -46.36 -1.54
CA GLY D 1217 9.79 -47.50 -1.74
C GLY D 1217 9.15 -48.04 -0.49
N ASP D 1218 9.33 -47.38 0.65
CA ASP D 1218 8.79 -47.84 1.92
C ASP D 1218 7.42 -47.22 2.15
N ALA D 1219 6.45 -48.06 2.51
CA ALA D 1219 5.10 -47.57 2.78
C ALA D 1219 5.08 -46.69 4.01
N PHE D 1220 4.34 -45.59 3.94
CA PHE D 1220 4.18 -44.71 5.08
C PHE D 1220 3.45 -45.43 6.21
N GLU D 1221 3.82 -45.11 7.44
CA GLU D 1221 3.31 -45.84 8.60
C GLU D 1221 1.81 -45.67 8.79
N ARG D 1222 1.20 -44.64 8.21
CA ARG D 1222 -0.22 -44.40 8.37
C ARG D 1222 -0.87 -44.15 7.02
N PRO D 1223 -2.14 -44.50 6.86
CA PRO D 1223 -2.85 -44.16 5.62
C PRO D 1223 -2.95 -42.66 5.44
N VAL D 1224 -2.92 -42.23 4.18
CA VAL D 1224 -2.92 -40.82 3.81
C VAL D 1224 -4.18 -40.51 3.03
N THR D 1225 -4.84 -39.41 3.37
CA THR D 1225 -6.02 -38.95 2.64
C THR D 1225 -5.61 -38.54 1.23
N VAL D 1226 -6.01 -39.33 0.25
CA VAL D 1226 -5.71 -39.10 -1.16
C VAL D 1226 -7.03 -38.86 -1.88
N GLY D 1227 -7.07 -37.83 -2.70
CA GLY D 1227 -8.28 -37.51 -3.41
C GLY D 1227 -8.01 -36.56 -4.55
N TYR D 1228 -9.07 -35.85 -4.96
CA TYR D 1228 -8.97 -34.87 -6.04
C TYR D 1228 -9.57 -33.55 -5.55
N MET D 1229 -8.79 -32.48 -5.64
CA MET D 1229 -9.26 -31.16 -5.23
C MET D 1229 -9.15 -30.19 -6.40
N TYR D 1230 -10.08 -29.25 -6.45
CA TYR D 1230 -10.11 -28.24 -7.50
C TYR D 1230 -9.23 -27.06 -7.08
N MET D 1231 -8.10 -26.90 -7.75
CA MET D 1231 -7.13 -25.87 -7.41
C MET D 1231 -7.08 -24.81 -8.49
N LEU D 1232 -6.86 -23.56 -8.08
CA LEU D 1232 -6.86 -22.41 -8.95
C LEU D 1232 -5.47 -21.78 -8.99
N LYS D 1233 -5.18 -21.07 -10.07
CA LYS D 1233 -3.92 -20.33 -10.22
C LYS D 1233 -4.25 -18.85 -10.12
N LEU D 1234 -3.95 -18.26 -8.96
CA LEU D 1234 -4.29 -16.88 -8.70
C LEU D 1234 -3.41 -15.94 -9.52
N ASN D 1235 -3.89 -14.70 -9.68
CA ASN D 1235 -3.17 -13.71 -10.46
C ASN D 1235 -2.12 -13.00 -9.59
N HIS D 1236 -1.29 -13.78 -8.91
CA HIS D 1236 -0.14 -13.27 -8.16
C HIS D 1236 1.05 -14.13 -8.59
N LEU D 1237 1.68 -13.73 -9.69
CA LEU D 1237 2.76 -14.51 -10.28
C LEU D 1237 4.11 -13.90 -9.91
N VAL D 1238 5.07 -14.77 -9.62
CA VAL D 1238 6.40 -14.31 -9.23
C VAL D 1238 7.11 -13.60 -10.38
N ASP D 1239 6.67 -13.83 -11.62
CA ASP D 1239 7.25 -13.11 -12.75
C ASP D 1239 6.97 -11.62 -12.66
N ASP D 1240 5.76 -11.26 -12.23
CA ASP D 1240 5.35 -9.86 -12.10
C ASP D 1240 5.70 -9.26 -10.76
N LYS D 1241 6.26 -10.03 -9.83
CA LYS D 1241 6.58 -9.54 -8.50
C LYS D 1241 8.06 -9.56 -8.17
N MET D 1242 8.90 -10.19 -9.00
CA MET D 1242 10.33 -10.19 -8.78
C MET D 1242 10.94 -8.92 -9.36
N HIS D 1243 11.64 -8.16 -8.52
CA HIS D 1243 12.25 -6.91 -8.94
C HIS D 1243 13.61 -6.76 -8.27
N ALA D 1244 14.52 -6.08 -8.96
CA ALA D 1244 15.84 -5.81 -8.43
C ALA D 1244 16.40 -4.58 -9.13
N ARG D 1245 17.14 -3.76 -8.38
CA ARG D 1245 17.70 -2.53 -8.92
C ARG D 1245 19.04 -2.25 -8.26
N SER D 1246 20.03 -1.88 -9.07
CA SER D 1246 21.31 -1.40 -8.58
C SER D 1246 21.43 0.11 -8.70
N THR D 1247 21.18 0.65 -9.90
CA THR D 1247 21.14 2.09 -10.11
C THR D 1247 20.22 2.37 -11.29
N GLY D 1248 19.45 3.45 -11.20
CA GLY D 1248 18.53 3.80 -12.26
C GLY D 1248 18.04 5.23 -12.19
N SER D 1249 16.76 5.45 -12.46
CA SER D 1249 16.19 6.78 -12.44
C SER D 1249 16.10 7.31 -11.00
N TYR D 1250 16.02 8.62 -10.89
CA TYR D 1250 15.95 9.30 -9.60
C TYR D 1250 14.87 10.37 -9.64
N SER D 1251 14.35 10.69 -8.46
CA SER D 1251 13.29 11.69 -8.35
C SER D 1251 13.81 13.07 -8.72
N LEU D 1252 12.90 13.92 -9.19
CA LEU D 1252 13.29 15.23 -9.69
C LEU D 1252 13.65 16.18 -8.55
N VAL D 1253 12.89 16.16 -7.47
CA VAL D 1253 13.06 17.11 -6.37
C VAL D 1253 13.90 16.50 -5.25
N THR D 1254 13.53 15.32 -4.77
CA THR D 1254 14.22 14.70 -3.65
C THR D 1254 15.51 13.99 -4.05
N GLN D 1255 15.76 13.81 -5.34
CA GLN D 1255 16.96 13.14 -5.84
C GLN D 1255 17.09 11.74 -5.25
N GLN D 1256 15.96 11.06 -5.08
CA GLN D 1256 15.90 9.73 -4.51
C GLN D 1256 15.45 8.72 -5.56
N PRO D 1257 15.78 7.45 -5.37
CA PRO D 1257 15.31 6.42 -6.32
C PRO D 1257 13.79 6.40 -6.41
N LEU D 1258 13.30 6.15 -7.62
CA LEU D 1258 11.87 6.13 -7.86
C LEU D 1258 11.24 4.90 -7.19
N GLY D 1259 9.92 4.81 -7.28
CA GLY D 1259 9.22 3.72 -6.63
C GLY D 1259 8.37 2.90 -7.57
N GLY D 1260 8.61 1.59 -7.61
CA GLY D 1260 7.84 0.71 -8.44
C GLY D 1260 8.65 -0.11 -9.41
N LYS D 1261 8.13 -1.28 -9.79
CA LYS D 1261 8.80 -2.10 -10.79
C LYS D 1261 8.73 -1.47 -12.17
N ALA D 1262 7.64 -0.76 -12.47
CA ALA D 1262 7.51 -0.11 -13.76
C ALA D 1262 8.56 0.97 -13.96
N GLN D 1263 9.04 1.58 -12.89
CA GLN D 1263 10.02 2.65 -12.97
C GLN D 1263 11.43 2.19 -12.61
N PHE D 1264 11.64 0.88 -12.51
CA PHE D 1264 12.90 0.29 -12.04
C PHE D 1264 13.36 0.95 -10.74
N GLY D 1265 12.47 0.94 -9.77
CA GLY D 1265 12.69 1.64 -8.52
C GLY D 1265 13.21 0.72 -7.42
N GLY D 1266 13.60 1.35 -6.32
CA GLY D 1266 14.17 0.63 -5.19
C GLY D 1266 13.19 0.51 -4.04
N GLN D 1267 13.54 -0.37 -3.10
CA GLN D 1267 12.71 -0.60 -1.94
C GLN D 1267 12.82 0.56 -0.97
N ARG D 1268 11.78 0.74 -0.16
CA ARG D 1268 11.73 1.81 0.82
C ARG D 1268 12.27 1.32 2.15
N PHE D 1269 13.27 2.03 2.68
CA PHE D 1269 13.81 1.77 4.02
C PHE D 1269 13.11 2.73 4.96
N GLY D 1270 11.98 2.31 5.51
CA GLY D 1270 11.12 3.17 6.28
C GLY D 1270 11.63 3.41 7.69
N GLU D 1271 10.76 4.04 8.49
CA GLU D 1271 11.11 4.38 9.86
C GLU D 1271 11.35 3.14 10.70
N MET D 1272 10.54 2.10 10.51
CA MET D 1272 10.69 0.87 11.29
C MET D 1272 12.03 0.20 10.99
N GLU D 1273 12.46 0.22 9.74
CA GLU D 1273 13.75 -0.35 9.39
C GLU D 1273 14.89 0.43 10.04
N VAL D 1274 14.78 1.76 10.07
CA VAL D 1274 15.78 2.59 10.73
C VAL D 1274 15.82 2.26 12.22
N TRP D 1275 14.65 2.07 12.83
CA TRP D 1275 14.59 1.70 14.24
C TRP D 1275 15.27 0.34 14.47
N ALA D 1276 15.02 -0.62 13.59
CA ALA D 1276 15.64 -1.94 13.73
C ALA D 1276 17.16 -1.85 13.60
N LEU D 1277 17.64 -1.07 12.63
CA LEU D 1277 19.08 -0.91 12.46
C LEU D 1277 19.71 -0.22 13.66
N GLU D 1278 19.02 0.79 14.21
CA GLU D 1278 19.52 1.46 15.41
C GLU D 1278 19.56 0.49 16.60
N ALA D 1279 18.54 -0.35 16.73
CA ALA D 1279 18.52 -1.34 17.80
C ALA D 1279 19.67 -2.33 17.65
N TYR D 1280 19.97 -2.74 16.42
CA TYR D 1280 21.11 -3.61 16.18
C TYR D 1280 22.42 -2.92 16.52
N GLY D 1281 22.46 -1.59 16.47
CA GLY D 1281 23.70 -0.87 16.57
C GLY D 1281 24.40 -0.67 15.24
N ALA D 1282 23.77 -1.04 14.13
CA ALA D 1282 24.38 -0.96 12.80
C ALA D 1282 24.34 0.49 12.32
N ALA D 1283 25.35 1.25 12.75
CA ALA D 1283 25.46 2.65 12.35
C ALA D 1283 25.91 2.80 10.91
N TYR D 1284 26.89 1.99 10.50
CA TYR D 1284 27.47 2.17 9.16
C TYR D 1284 26.50 1.72 8.07
N THR D 1285 25.77 0.62 8.30
CA THR D 1285 24.76 0.20 7.33
C THR D 1285 23.67 1.25 7.21
N LEU D 1286 23.23 1.81 8.33
CA LEU D 1286 22.21 2.86 8.30
C LEU D 1286 22.70 4.08 7.54
N GLN D 1287 23.95 4.48 7.78
CA GLN D 1287 24.52 5.61 7.05
C GLN D 1287 24.61 5.31 5.55
N GLU D 1288 24.96 4.07 5.20
CA GLU D 1288 24.98 3.66 3.79
C GLU D 1288 23.61 3.82 3.16
N MET D 1289 22.57 3.32 3.82
CA MET D 1289 21.22 3.44 3.26
C MET D 1289 20.78 4.89 3.15
N LEU D 1290 21.07 5.70 4.16
CA LEU D 1290 20.58 7.08 4.16
C LEU D 1290 21.29 7.93 3.11
N THR D 1291 22.62 7.88 3.08
CA THR D 1291 23.38 8.83 2.27
C THR D 1291 23.77 8.29 0.89
N VAL D 1292 24.59 7.25 0.84
CA VAL D 1292 25.20 6.85 -0.43
C VAL D 1292 24.32 5.94 -1.27
N LYS D 1293 23.14 5.55 -0.76
CA LYS D 1293 22.21 4.75 -1.52
C LYS D 1293 20.96 5.50 -1.96
N SER D 1294 20.66 6.65 -1.36
CA SER D 1294 19.41 7.35 -1.66
C SER D 1294 19.64 8.72 -2.28
N ASP D 1295 20.30 9.66 -1.59
CA ASP D 1295 20.24 11.05 -2.04
C ASP D 1295 21.55 11.81 -1.94
N ASP D 1296 22.69 11.16 -1.72
CA ASP D 1296 23.98 11.85 -1.79
C ASP D 1296 24.45 11.74 -3.23
N VAL D 1297 24.25 12.81 -4.00
CA VAL D 1297 24.49 12.76 -5.44
C VAL D 1297 25.97 12.51 -5.75
N ASN D 1298 26.86 13.19 -5.03
CA ASN D 1298 28.29 12.93 -5.21
C ASN D 1298 28.71 11.63 -4.54
N GLY D 1299 28.13 11.35 -3.37
CA GLY D 1299 28.54 10.17 -2.62
C GLY D 1299 28.21 8.87 -3.33
N ARG D 1300 27.03 8.79 -3.95
CA ARG D 1300 26.65 7.56 -4.64
C ARG D 1300 27.48 7.33 -5.89
N THR D 1301 27.80 8.41 -6.62
CA THR D 1301 28.69 8.26 -7.77
C THR D 1301 30.09 7.83 -7.35
N LYS D 1302 30.60 8.42 -6.26
CA LYS D 1302 31.90 8.01 -5.76
C LYS D 1302 31.89 6.56 -5.29
N MET D 1303 30.78 6.13 -4.66
CA MET D 1303 30.65 4.74 -4.25
C MET D 1303 30.64 3.81 -5.44
N TYR D 1304 29.92 4.18 -6.51
CA TYR D 1304 29.91 3.35 -7.70
C TYR D 1304 31.30 3.22 -8.31
N LYS D 1305 32.03 4.33 -8.41
CA LYS D 1305 33.39 4.28 -8.93
C LYS D 1305 34.29 3.43 -8.03
N ASN D 1306 34.15 3.58 -6.71
CA ASN D 1306 34.98 2.83 -5.78
C ASN D 1306 34.71 1.34 -5.87
N ILE D 1307 33.43 0.95 -5.99
CA ILE D 1307 33.11 -0.46 -6.14
C ILE D 1307 33.65 -1.00 -7.45
N VAL D 1308 33.56 -0.21 -8.52
CA VAL D 1308 34.10 -0.64 -9.81
C VAL D 1308 35.61 -0.84 -9.73
N ASP D 1309 36.30 -0.03 -8.93
CA ASP D 1309 37.75 -0.13 -8.79
C ASP D 1309 38.19 -0.93 -7.56
N GLY D 1310 37.26 -1.60 -6.88
CA GLY D 1310 37.57 -2.57 -5.86
C GLY D 1310 37.56 -2.04 -4.44
N ASN D 1311 37.69 -0.72 -4.26
CA ASN D 1311 37.81 -0.14 -2.92
C ASN D 1311 36.40 0.04 -2.36
N HIS D 1312 35.96 -0.92 -1.56
CA HIS D 1312 34.65 -0.84 -0.94
C HIS D 1312 34.63 0.14 0.23
N ALA D 1313 34.80 1.42 -0.06
CA ALA D 1313 34.78 2.47 0.96
C ALA D 1313 33.91 3.62 0.46
N MET D 1314 33.34 4.36 1.40
CA MET D 1314 32.44 5.45 1.09
C MET D 1314 32.89 6.73 1.77
N GLU D 1315 32.47 7.85 1.19
CA GLU D 1315 32.71 9.19 1.74
C GLU D 1315 31.35 9.84 1.91
N PRO D 1316 30.68 9.61 3.04
CA PRO D 1316 29.30 10.11 3.19
C PRO D 1316 29.23 11.62 3.14
N GLY D 1317 28.13 12.12 2.58
CA GLY D 1317 27.89 13.54 2.49
C GLY D 1317 26.57 13.96 3.09
N MET D 1318 26.04 15.08 2.66
CA MET D 1318 24.78 15.60 3.17
C MET D 1318 23.64 15.21 2.25
N PRO D 1319 22.60 14.57 2.76
CA PRO D 1319 21.46 14.22 1.91
C PRO D 1319 20.81 15.45 1.30
N GLU D 1320 20.37 15.32 0.05
CA GLU D 1320 19.70 16.43 -0.63
C GLU D 1320 18.38 16.77 0.03
N SER D 1321 17.74 15.79 0.68
CA SER D 1321 16.47 16.04 1.35
C SER D 1321 16.64 17.05 2.48
N PHE D 1322 17.75 16.98 3.21
CA PHE D 1322 17.99 17.95 4.27
C PHE D 1322 18.20 19.34 3.71
N ASN D 1323 18.86 19.45 2.54
CA ASN D 1323 19.01 20.75 1.90
C ASN D 1323 17.66 21.30 1.45
N VAL D 1324 16.79 20.43 0.93
CA VAL D 1324 15.44 20.87 0.56
C VAL D 1324 14.69 21.36 1.78
N LEU D 1325 14.82 20.65 2.90
CA LEU D 1325 14.20 21.08 4.15
C LEU D 1325 14.73 22.44 4.60
N LEU D 1326 16.04 22.63 4.51
CA LEU D 1326 16.65 23.91 4.87
C LEU D 1326 16.09 25.04 4.02
N LYS D 1327 16.03 24.82 2.70
CA LYS D 1327 15.51 25.85 1.80
C LYS D 1327 14.05 26.14 2.09
N GLU D 1328 13.27 25.10 2.41
CA GLU D 1328 11.86 25.31 2.73
C GLU D 1328 11.69 26.13 4.00
N ILE D 1329 12.47 25.81 5.05
CA ILE D 1329 12.34 26.52 6.31
C ILE D 1329 12.80 27.97 6.15
N ARG D 1330 13.84 28.20 5.34
CA ARG D 1330 14.22 29.57 5.03
C ARG D 1330 13.14 30.29 4.21
N SER D 1331 12.45 29.56 3.34
CA SER D 1331 11.33 30.14 2.59
C SER D 1331 10.16 30.50 3.48
N LEU D 1332 10.01 29.83 4.63
CA LEU D 1332 9.01 30.20 5.61
C LEU D 1332 9.45 31.37 6.49
N GLY D 1333 10.47 32.11 6.07
CA GLY D 1333 10.96 33.26 6.81
C GLY D 1333 11.58 32.93 8.15
N ILE D 1334 12.25 31.79 8.26
CA ILE D 1334 12.88 31.35 9.50
C ILE D 1334 14.33 31.04 9.17
N ASN D 1335 15.26 31.65 9.91
CA ASN D 1335 16.68 31.48 9.66
C ASN D 1335 17.14 30.18 10.30
N ILE D 1336 17.38 29.16 9.47
CA ILE D 1336 17.98 27.91 9.92
C ILE D 1336 19.35 27.78 9.27
N GLU D 1337 20.37 27.58 10.09
CA GLU D 1337 21.74 27.57 9.60
C GLU D 1337 22.55 26.55 10.40
N LEU D 1338 23.53 25.95 9.72
CA LEU D 1338 24.37 24.91 10.31
C LEU D 1338 25.59 25.57 10.93
N GLU D 1339 25.66 25.61 12.25
CA GLU D 1339 26.81 26.19 12.92
C GLU D 1339 28.01 25.26 12.82
N ASP D 1340 29.20 25.86 12.80
CA ASP D 1340 30.43 25.09 12.68
C ASP D 1340 31.30 25.29 13.92
N GLU E 16 32.04 18.62 9.71
CA GLU E 16 31.78 19.87 9.00
C GLU E 16 31.02 20.84 9.87
N PHE E 17 29.88 20.39 10.40
CA PHE E 17 29.05 21.21 11.28
C PHE E 17 28.73 20.42 12.55
N ASP E 18 28.63 21.14 13.66
CA ASP E 18 28.36 20.52 14.95
C ASP E 18 27.01 20.88 15.56
N ALA E 19 26.32 21.89 15.03
CA ALA E 19 25.04 22.29 15.60
C ALA E 19 24.19 22.95 14.51
N ILE E 20 22.89 23.00 14.76
CA ILE E 20 21.93 23.66 13.89
C ILE E 20 21.29 24.79 14.69
N LYS E 21 21.43 26.02 14.21
CA LYS E 21 20.88 27.19 14.87
C LYS E 21 19.65 27.69 14.13
N ILE E 22 18.55 27.85 14.87
CA ILE E 22 17.31 28.35 14.31
C ILE E 22 17.04 29.73 14.91
N GLY E 23 16.24 30.51 14.21
CA GLY E 23 15.88 31.84 14.69
C GLY E 23 15.12 32.62 13.65
N LEU E 24 14.71 33.82 14.04
CA LEU E 24 14.00 34.70 13.15
C LEU E 24 14.92 35.20 12.03
N ALA E 25 14.32 35.51 10.89
CA ALA E 25 15.06 35.97 9.71
C ALA E 25 14.86 37.47 9.55
N SER E 26 15.95 38.22 9.59
CA SER E 26 15.89 39.65 9.36
C SER E 26 15.78 39.94 7.86
N PRO E 27 15.19 41.08 7.50
CA PRO E 27 15.14 41.43 6.06
C PRO E 27 16.51 41.52 5.41
N ASP E 28 17.50 42.02 6.14
CA ASP E 28 18.87 42.04 5.61
C ASP E 28 19.38 40.63 5.37
N MET E 29 19.08 39.70 6.27
CA MET E 29 19.49 38.32 6.07
C MET E 29 18.80 37.70 4.86
N ILE E 30 17.51 38.00 4.68
CA ILE E 30 16.78 37.47 3.54
C ILE E 30 17.36 38.03 2.24
N ARG E 31 17.72 39.31 2.23
CA ARG E 31 18.38 39.88 1.06
C ARG E 31 19.75 39.27 0.83
N SER E 32 20.46 38.92 1.92
CA SER E 32 21.75 38.26 1.79
C SER E 32 21.60 36.88 1.15
N TRP E 33 20.55 36.15 1.52
CA TRP E 33 20.31 34.86 0.88
C TRP E 33 20.03 35.01 -0.61
N SER E 34 19.23 36.01 -0.97
CA SER E 34 18.70 36.11 -2.33
C SER E 34 19.79 36.51 -3.31
N PHE E 35 19.69 35.97 -4.53
CA PHE E 35 20.55 36.34 -5.63
C PHE E 35 19.89 37.32 -6.58
N GLY E 36 18.69 37.79 -6.26
CA GLY E 36 17.99 38.72 -7.12
C GLY E 36 16.58 38.92 -6.61
N GLU E 37 15.86 39.81 -7.30
CA GLU E 37 14.49 40.14 -6.95
C GLU E 37 13.55 39.69 -8.06
N VAL E 38 12.55 38.89 -7.69
CA VAL E 38 11.53 38.44 -8.63
C VAL E 38 10.48 39.53 -8.76
N LYS E 39 10.36 40.11 -9.95
CA LYS E 39 9.47 41.24 -10.19
C LYS E 39 8.25 40.90 -11.01
N LYS E 40 8.25 39.78 -11.72
CA LYS E 40 7.13 39.41 -12.58
C LYS E 40 6.68 37.99 -12.27
N PRO E 41 5.38 37.72 -12.43
CA PRO E 41 4.88 36.36 -12.21
C PRO E 41 5.12 35.42 -13.38
N GLU E 42 5.82 35.85 -14.42
CA GLU E 42 6.07 35.01 -15.58
C GLU E 42 6.96 33.82 -15.20
N THR E 43 6.69 32.68 -15.82
CA THR E 43 7.45 31.46 -15.56
C THR E 43 8.28 31.03 -16.76
N ILE E 44 7.64 30.77 -17.89
CA ILE E 44 8.33 30.35 -19.11
C ILE E 44 7.55 30.85 -20.31
N ASN E 45 8.28 31.11 -21.40
CA ASN E 45 7.62 31.51 -22.64
C ASN E 45 6.81 30.36 -23.20
N TYR E 46 5.65 30.70 -23.77
CA TYR E 46 4.74 29.67 -24.28
C TYR E 46 5.17 29.07 -25.61
N ARG E 47 6.19 29.63 -26.26
CA ARG E 47 6.68 29.11 -27.52
C ARG E 47 8.08 28.53 -27.39
N THR E 48 9.05 29.32 -26.89
CA THR E 48 10.42 28.84 -26.75
C THR E 48 10.63 27.99 -25.50
N PHE E 49 9.69 28.01 -24.56
CA PHE E 49 9.79 27.26 -23.31
C PHE E 49 11.04 27.64 -22.52
N LYS E 50 11.49 28.88 -22.67
CA LYS E 50 12.64 29.42 -21.98
C LYS E 50 12.21 30.30 -20.81
N PRO E 51 13.02 30.38 -19.77
CA PRO E 51 12.68 31.23 -18.63
C PRO E 51 12.55 32.69 -19.02
N GLU E 52 11.63 33.39 -18.35
CA GLU E 52 11.39 34.80 -18.58
C GLU E 52 12.20 35.64 -17.59
N ARG E 53 12.67 36.80 -18.05
CA ARG E 53 13.50 37.65 -17.22
C ARG E 53 12.68 38.21 -16.06
N ASP E 54 13.32 38.27 -14.89
CA ASP E 54 12.71 38.81 -13.67
C ASP E 54 11.43 38.06 -13.30
N GLY E 55 11.43 36.75 -13.53
CA GLY E 55 10.30 35.91 -13.21
C GLY E 55 10.61 34.89 -12.12
N LEU E 56 9.67 33.96 -11.96
CA LEU E 56 9.82 32.90 -10.96
C LEU E 56 10.86 31.86 -11.35
N PHE E 57 11.28 31.84 -12.62
CA PHE E 57 12.27 30.87 -13.09
C PHE E 57 13.45 31.55 -13.78
N CYS E 58 13.69 32.82 -13.48
CA CYS E 58 14.70 33.59 -14.20
C CYS E 58 16.08 32.95 -14.08
N ALA E 59 16.76 32.83 -15.22
CA ALA E 59 18.11 32.28 -15.23
C ALA E 59 19.15 33.29 -14.78
N ARG E 60 18.82 34.58 -14.80
CA ARG E 60 19.72 35.61 -14.29
C ARG E 60 19.75 35.63 -12.77
N ILE E 61 18.70 35.15 -12.11
CA ILE E 61 18.62 35.13 -10.66
C ILE E 61 18.98 33.77 -10.09
N PHE E 62 18.48 32.69 -10.69
CA PHE E 62 18.59 31.36 -10.11
C PHE E 62 19.64 30.48 -10.78
N GLY E 63 20.06 30.81 -12.00
CA GLY E 63 21.11 30.05 -12.65
C GLY E 63 20.71 29.52 -14.01
N PRO E 64 21.69 29.06 -14.78
CA PRO E 64 21.40 28.58 -16.13
C PRO E 64 20.59 27.28 -16.11
N VAL E 65 19.83 27.08 -17.18
CA VAL E 65 19.05 25.86 -17.33
C VAL E 65 19.85 24.73 -17.97
N LYS E 66 20.94 25.05 -18.66
CA LYS E 66 21.83 24.06 -19.24
C LYS E 66 23.22 24.23 -18.63
N ASP E 67 23.95 23.12 -18.51
CA ASP E 67 25.25 23.14 -17.86
C ASP E 67 26.24 23.95 -18.68
N TYR E 68 26.85 24.94 -18.04
CA TYR E 68 27.89 25.78 -18.65
C TYR E 68 27.40 26.41 -19.97
N GLU E 69 26.19 26.96 -19.92
CA GLU E 69 25.60 27.66 -21.05
C GLU E 69 24.87 28.89 -20.56
N CYS E 70 24.57 29.80 -21.48
CA CYS E 70 23.76 30.97 -21.20
C CYS E 70 22.52 30.93 -22.09
N LEU E 71 21.51 31.72 -21.70
CA LEU E 71 20.27 31.76 -22.47
C LEU E 71 20.51 32.22 -23.90
N CYS E 72 21.51 33.09 -24.12
CA CYS E 72 21.85 33.51 -25.47
C CYS E 72 22.38 32.35 -26.30
N GLY E 73 23.21 31.50 -25.69
CA GLY E 73 23.97 30.51 -26.42
C GLY E 73 25.34 30.97 -26.87
N LYS E 74 25.71 32.22 -26.55
CA LYS E 74 27.03 32.73 -26.94
C LYS E 74 28.13 32.01 -26.17
N TYR E 75 27.96 31.83 -24.86
CA TYR E 75 28.92 31.13 -24.01
C TYR E 75 28.35 29.74 -23.76
N LYS E 76 28.91 28.72 -24.44
CA LYS E 76 28.27 27.41 -24.47
C LYS E 76 29.27 26.30 -24.13
N ARG E 77 30.40 26.65 -23.54
CA ARG E 77 31.40 25.65 -23.19
C ARG E 77 32.01 26.01 -21.84
N LEU E 78 32.96 25.18 -21.39
CA LEU E 78 33.49 25.25 -20.04
C LEU E 78 34.58 26.31 -19.89
N LYS E 79 35.21 26.73 -20.99
CA LYS E 79 36.27 27.73 -20.87
C LYS E 79 35.75 29.04 -20.29
N HIS E 80 34.46 29.31 -20.40
CA HIS E 80 33.85 30.54 -19.92
C HIS E 80 33.18 30.36 -18.57
N ARG E 81 33.65 29.42 -17.76
CA ARG E 81 33.07 29.19 -16.45
C ARG E 81 33.25 30.43 -15.57
N GLY E 82 32.16 30.83 -14.91
CA GLY E 82 32.20 31.98 -14.03
C GLY E 82 32.06 33.32 -14.73
N VAL E 83 31.86 33.34 -16.04
CA VAL E 83 31.74 34.57 -16.81
C VAL E 83 30.26 34.87 -17.01
N ILE E 84 29.86 36.09 -16.68
CA ILE E 84 28.48 36.53 -16.82
C ILE E 84 28.29 37.12 -18.21
N CYS E 85 27.36 36.56 -18.98
CA CYS E 85 27.09 37.06 -20.32
C CYS E 85 26.51 38.46 -20.24
N GLU E 86 27.00 39.35 -21.12
CA GLU E 86 26.56 40.74 -21.09
C GLU E 86 25.14 40.89 -21.63
N LYS E 87 24.75 40.04 -22.58
CA LYS E 87 23.44 40.19 -23.21
C LYS E 87 22.31 39.73 -22.29
N CYS E 88 22.51 38.65 -21.54
CA CYS E 88 21.47 38.13 -20.65
C CYS E 88 21.75 38.38 -19.17
N GLY E 89 22.98 38.17 -18.73
CA GLY E 89 23.31 38.22 -17.33
C GLY E 89 23.38 36.87 -16.64
N VAL E 90 23.25 35.78 -17.41
CA VAL E 90 23.26 34.43 -16.84
C VAL E 90 24.69 33.98 -16.64
N GLU E 91 25.03 33.60 -15.41
CA GLU E 91 26.36 33.09 -15.12
C GLU E 91 26.55 31.71 -15.73
N VAL E 92 27.71 31.49 -16.33
CA VAL E 92 28.03 30.21 -16.95
C VAL E 92 28.52 29.26 -15.85
N THR E 93 27.63 28.37 -15.40
CA THR E 93 27.94 27.44 -14.32
C THR E 93 27.02 26.23 -14.47
N GLN E 94 27.01 25.39 -13.44
CA GLN E 94 26.19 24.19 -13.47
C GLN E 94 24.72 24.52 -13.20
N THR E 95 23.85 23.59 -13.59
CA THR E 95 22.42 23.77 -13.38
C THR E 95 22.00 23.49 -11.95
N LYS E 96 22.81 22.73 -11.19
CA LYS E 96 22.45 22.39 -9.82
C LYS E 96 22.39 23.60 -8.90
N VAL E 97 22.99 24.73 -9.29
CA VAL E 97 22.85 25.95 -8.51
C VAL E 97 21.41 26.42 -8.47
N ARG E 98 20.56 25.94 -9.38
CA ARG E 98 19.15 26.25 -9.33
C ARG E 98 18.42 25.54 -8.19
N ARG E 99 19.08 24.60 -7.51
CA ARG E 99 18.54 23.98 -6.31
C ARG E 99 19.00 24.66 -5.02
N ASP E 100 19.84 25.69 -5.13
CA ASP E 100 20.39 26.35 -3.95
C ASP E 100 20.12 27.85 -3.98
N ARG E 101 20.11 28.43 -5.19
CA ARG E 101 19.94 29.87 -5.31
C ARG E 101 18.51 30.28 -4.95
N MET E 102 18.39 31.31 -4.11
CA MET E 102 17.12 31.79 -3.62
C MET E 102 16.82 33.17 -4.21
N GLY E 103 15.56 33.60 -4.08
CA GLY E 103 15.16 34.91 -4.52
C GLY E 103 14.48 35.68 -3.39
N HIS E 104 14.03 36.88 -3.71
CA HIS E 104 13.27 37.65 -2.74
C HIS E 104 12.31 38.58 -3.45
N ILE E 105 11.22 38.90 -2.76
CA ILE E 105 10.20 39.83 -3.23
C ILE E 105 10.13 40.98 -2.23
N GLU E 106 10.26 42.20 -2.73
CA GLU E 106 10.15 43.40 -1.90
C GLU E 106 8.67 43.77 -1.79
N LEU E 107 8.06 43.42 -0.68
CA LEU E 107 6.62 43.63 -0.51
C LEU E 107 6.31 45.11 -0.34
N ALA E 108 5.22 45.54 -0.99
CA ALA E 108 4.83 46.95 -0.92
C ALA E 108 4.45 47.35 0.50
N SER E 109 3.75 46.47 1.21
CA SER E 109 3.36 46.71 2.59
C SER E 109 3.74 45.52 3.44
N PRO E 110 4.09 45.75 4.71
CA PRO E 110 4.43 44.64 5.60
C PRO E 110 3.23 43.72 5.82
N VAL E 111 3.52 42.43 6.00
CA VAL E 111 2.51 41.43 6.26
C VAL E 111 2.92 40.63 7.49
N ALA E 112 1.94 40.34 8.35
CA ALA E 112 2.22 39.57 9.55
C ALA E 112 2.47 38.10 9.20
N HIS E 113 3.41 37.49 9.92
CA HIS E 113 3.71 36.07 9.73
C HIS E 113 2.62 35.25 10.40
N ILE E 114 2.04 34.31 9.64
CA ILE E 114 0.90 33.55 10.13
C ILE E 114 1.30 32.65 11.29
N TRP E 115 2.51 32.09 11.26
CA TRP E 115 2.95 31.22 12.34
C TRP E 115 3.08 31.97 13.65
N PHE E 116 3.59 33.19 13.62
CA PHE E 116 3.79 34.00 14.81
C PHE E 116 2.56 34.81 15.18
N LEU E 117 1.43 34.54 14.54
CA LEU E 117 0.19 35.26 14.80
C LEU E 117 -0.97 34.34 15.16
N LYS E 118 -1.09 33.19 14.51
CA LYS E 118 -2.24 32.32 14.71
C LYS E 118 -1.91 30.96 15.32
N SER E 119 -0.64 30.62 15.49
CA SER E 119 -0.27 29.39 16.17
C SER E 119 -0.34 29.62 17.67
N LEU E 120 -1.36 29.05 18.30
CA LEU E 120 -1.61 29.31 19.72
C LEU E 120 -0.48 28.75 20.57
N PRO E 121 0.04 29.52 21.55
CA PRO E 121 -0.34 30.89 21.90
C PRO E 121 0.23 31.92 20.94
N SER E 122 -0.49 32.99 20.66
CA SER E 122 -0.04 34.00 19.71
C SER E 122 1.14 34.76 20.31
N ARG E 123 2.30 34.68 19.66
CA ARG E 123 3.50 35.31 20.20
C ARG E 123 3.41 36.83 20.12
N ILE E 124 2.82 37.36 19.05
CA ILE E 124 2.68 38.82 18.94
C ILE E 124 1.75 39.35 20.03
N GLY E 125 0.63 38.66 20.26
CA GLY E 125 -0.28 39.07 21.32
C GLY E 125 0.34 38.93 22.70
N LEU E 126 1.11 37.86 22.90
CA LEU E 126 1.79 37.68 24.18
C LEU E 126 2.80 38.79 24.42
N LEU E 127 3.55 39.18 23.39
CA LEU E 127 4.56 40.22 23.54
C LEU E 127 3.93 41.58 23.75
N MET E 128 2.87 41.90 23.01
CA MET E 128 2.24 43.21 23.09
C MET E 128 1.12 43.27 24.13
N ASP E 129 0.81 42.16 24.79
CA ASP E 129 -0.21 42.10 25.84
C ASP E 129 -1.58 42.56 25.31
N MET E 130 -1.91 42.12 24.09
CA MET E 130 -3.19 42.40 23.48
C MET E 130 -3.82 41.10 23.01
N PRO E 131 -5.15 41.01 23.00
CA PRO E 131 -5.80 39.78 22.54
C PRO E 131 -5.63 39.58 21.04
N LEU E 132 -5.74 38.32 20.63
CA LEU E 132 -5.60 37.98 19.22
C LEU E 132 -6.68 38.65 18.37
N ARG E 133 -7.90 38.77 18.91
CA ARG E 133 -8.98 39.37 18.15
C ARG E 133 -8.69 40.83 17.81
N ASP E 134 -8.16 41.59 18.77
CA ASP E 134 -7.83 42.99 18.51
C ASP E 134 -6.72 43.11 17.47
N ILE E 135 -5.70 42.25 17.57
CA ILE E 135 -4.61 42.30 16.61
C ILE E 135 -5.10 41.95 15.21
N GLU E 136 -5.98 40.95 15.10
CA GLU E 136 -6.55 40.61 13.81
C GLU E 136 -7.42 41.75 13.28
N ARG E 137 -8.14 42.43 14.17
CA ARG E 137 -8.97 43.56 13.75
C ARG E 137 -8.10 44.68 13.18
N VAL E 138 -6.94 44.93 13.79
CA VAL E 138 -5.99 45.88 13.22
C VAL E 138 -5.48 45.37 11.88
N LEU E 139 -5.14 44.08 11.82
CA LEU E 139 -4.61 43.50 10.59
C LEU E 139 -5.67 43.44 9.49
N TYR E 140 -6.90 43.12 9.84
CA TYR E 140 -7.99 43.01 8.87
C TYR E 140 -8.55 44.36 8.44
N PHE E 141 -7.91 45.45 8.87
CA PHE E 141 -8.30 46.81 8.49
C PHE E 141 -9.75 47.12 8.89
N GLU E 142 -9.98 47.07 10.21
CA GLU E 142 -11.29 47.40 10.77
C GLU E 142 -11.23 48.60 11.70
N MET E 143 -10.35 48.59 12.70
CA MET E 143 -10.23 49.68 13.65
C MET E 143 -8.77 49.98 13.92
N TYR E 144 -8.49 51.21 14.33
CA TYR E 144 -7.12 51.71 14.42
C TYR E 144 -6.42 51.17 15.66
N VAL E 145 -5.14 51.52 15.79
CA VAL E 145 -4.39 51.33 17.03
C VAL E 145 -3.39 52.48 17.13
N VAL E 146 -3.16 52.95 18.36
CA VAL E 146 -2.31 54.10 18.59
C VAL E 146 -0.87 53.64 18.72
N THR E 147 0.03 54.25 17.95
CA THR E 147 1.43 53.88 17.92
C THR E 147 2.30 54.83 18.74
N GLU E 148 2.23 56.14 18.47
CA GLU E 148 2.82 57.16 19.33
C GLU E 148 1.73 57.98 19.99
N PRO E 149 1.48 57.81 21.30
CA PRO E 149 0.46 58.65 21.96
C PRO E 149 0.83 60.11 22.00
N GLY E 150 2.12 60.44 22.14
CA GLY E 150 2.53 61.83 22.23
C GLY E 150 2.02 62.50 23.49
N MET E 151 1.83 63.82 23.40
CA MET E 151 1.31 64.60 24.52
C MET E 151 -0.22 64.58 24.48
N THR E 152 -0.75 63.40 24.79
CA THR E 152 -2.19 63.17 24.74
C THR E 152 -2.55 62.15 25.82
N ASP E 153 -3.81 62.20 26.26
CA ASP E 153 -4.31 61.20 27.20
C ASP E 153 -4.41 59.82 26.58
N LEU E 154 -4.27 59.71 25.26
CA LEU E 154 -4.31 58.43 24.59
C LEU E 154 -3.17 57.54 25.09
N GLU E 155 -3.43 56.24 25.15
CA GLU E 155 -2.45 55.28 25.61
C GLU E 155 -2.00 54.38 24.47
N ARG E 156 -0.77 53.89 24.57
CA ARG E 156 -0.24 52.98 23.56
C ARG E 156 -1.07 51.71 23.48
N GLY E 157 -1.37 51.29 22.25
CA GLY E 157 -2.00 50.02 22.02
C GLY E 157 -3.49 49.96 22.26
N GLN E 158 -4.14 51.09 22.51
CA GLN E 158 -5.57 51.07 22.71
C GLN E 158 -6.28 51.31 21.38
N MET E 159 -7.48 50.75 21.26
CA MET E 159 -8.11 50.53 19.98
C MET E 159 -9.16 51.61 19.71
N LEU E 160 -9.17 52.13 18.49
CA LEU E 160 -10.06 53.22 18.10
C LEU E 160 -10.84 52.83 16.86
N THR E 161 -12.15 53.03 16.92
CA THR E 161 -13.03 52.89 15.77
C THR E 161 -12.80 54.06 14.81
N GLU E 162 -13.14 53.84 13.53
CA GLU E 162 -12.92 54.87 12.50
C GLU E 162 -13.54 56.20 12.90
N GLU E 163 -14.79 56.19 13.37
CA GLU E 163 -15.44 57.42 13.80
C GLU E 163 -14.68 58.08 14.94
N GLU E 164 -14.29 57.29 15.94
CA GLU E 164 -13.49 57.83 17.04
C GLU E 164 -12.17 58.37 16.54
N TYR E 165 -11.55 57.68 15.57
CA TYR E 165 -10.31 58.19 15.00
C TYR E 165 -10.51 59.55 14.37
N LEU E 166 -11.60 59.74 13.62
CA LEU E 166 -11.85 61.04 13.00
C LEU E 166 -12.07 62.11 14.06
N ASP E 167 -12.81 61.78 15.12
CA ASP E 167 -13.02 62.76 16.20
C ASP E 167 -11.71 63.19 16.83
N ARG E 168 -10.87 62.22 17.23
CA ARG E 168 -9.62 62.64 17.87
C ARG E 168 -8.58 63.17 16.88
N LEU E 169 -8.76 62.93 15.58
CA LEU E 169 -7.91 63.58 14.60
C LEU E 169 -8.28 65.04 14.44
N GLU E 170 -9.59 65.34 14.40
CA GLU E 170 -10.02 66.73 14.42
C GLU E 170 -9.68 67.41 15.74
N GLU E 171 -9.57 66.63 16.81
CA GLU E 171 -9.28 67.20 18.12
C GLU E 171 -7.81 67.61 18.25
N TRP E 172 -6.90 66.65 18.11
CA TRP E 172 -5.49 66.90 18.39
C TRP E 172 -4.65 67.10 17.14
N GLY E 173 -4.95 66.41 16.05
CA GLY E 173 -4.26 66.62 14.79
C GLY E 173 -2.99 65.77 14.68
N ASP E 174 -1.84 66.43 14.62
CA ASP E 174 -0.57 65.77 14.39
C ASP E 174 0.18 65.42 15.67
N GLU E 175 -0.45 65.58 16.83
CA GLU E 175 0.21 65.24 18.08
C GLU E 175 0.33 63.74 18.27
N PHE E 176 -0.62 62.97 17.74
CA PHE E 176 -0.65 61.53 17.90
C PHE E 176 -0.58 60.83 16.55
N THR E 177 -0.19 59.55 16.59
CA THR E 177 -0.12 58.71 15.41
C THR E 177 -0.95 57.45 15.67
N ALA E 178 -1.92 57.19 14.80
CA ALA E 178 -2.75 56.00 14.87
C ALA E 178 -2.78 55.34 13.50
N LYS E 179 -2.60 54.02 13.46
CA LYS E 179 -2.45 53.31 12.20
C LYS E 179 -3.34 52.06 12.13
N MET E 180 -3.31 51.42 10.95
CA MET E 180 -4.02 50.19 10.65
C MET E 180 -3.07 49.21 9.97
N GLY E 181 -3.24 47.93 10.27
CA GLY E 181 -2.59 46.88 9.51
C GLY E 181 -1.34 46.35 10.19
N ALA E 182 -0.53 45.64 9.40
CA ALA E 182 0.73 45.12 9.89
C ALA E 182 1.76 46.22 10.11
N GLU E 183 1.61 47.36 9.43
CA GLU E 183 2.49 48.50 9.69
C GLU E 183 2.33 48.99 11.12
N ALA E 184 1.08 49.04 11.60
CA ALA E 184 0.85 49.44 12.99
C ALA E 184 1.48 48.44 13.96
N ILE E 185 1.34 47.15 13.69
CA ILE E 185 1.91 46.14 14.57
C ILE E 185 3.43 46.21 14.57
N LYS E 186 4.03 46.52 13.43
CA LYS E 186 5.49 46.62 13.37
C LYS E 186 6.00 47.92 13.97
N ASP E 187 5.21 48.98 13.93
CA ASP E 187 5.58 50.22 14.59
C ASP E 187 5.34 50.17 16.09
N LEU E 188 4.51 49.24 16.55
CA LEU E 188 4.34 49.01 17.98
C LEU E 188 5.38 48.06 18.53
N LEU E 189 5.70 46.99 17.79
CA LEU E 189 6.71 46.03 18.25
C LEU E 189 8.09 46.67 18.28
N ALA E 190 8.40 47.53 17.31
CA ALA E 190 9.71 48.17 17.28
C ALA E 190 9.87 49.23 18.36
N SER E 191 8.76 49.81 18.83
CA SER E 191 8.81 50.81 19.88
C SER E 191 8.86 50.20 21.27
N MET E 192 8.80 48.88 21.38
CA MET E 192 8.83 48.23 22.68
C MET E 192 10.25 48.17 23.22
N ASP E 193 10.40 48.40 24.53
CA ASP E 193 11.68 48.28 25.21
C ASP E 193 11.66 46.98 26.01
N LEU E 194 12.34 45.96 25.50
CA LEU E 194 12.30 44.65 26.13
C LEU E 194 12.88 44.65 27.54
N PRO E 195 14.05 45.23 27.82
CA PRO E 195 14.52 45.26 29.21
C PRO E 195 13.57 45.99 30.16
N ALA E 196 12.96 47.08 29.72
CA ALA E 196 12.04 47.80 30.58
C ALA E 196 10.80 46.96 30.89
N GLU E 197 10.25 46.29 29.88
CA GLU E 197 9.11 45.41 30.11
C GLU E 197 9.49 44.27 31.03
N ALA E 198 10.68 43.70 30.85
CA ALA E 198 11.13 42.60 31.70
C ALA E 198 11.25 43.06 33.16
N GLU E 199 11.83 44.24 33.38
CA GLU E 199 11.98 44.73 34.75
C GLU E 199 10.62 45.05 35.38
N GLN E 200 9.71 45.66 34.61
CA GLN E 200 8.39 45.97 35.14
C GLN E 200 7.64 44.71 35.51
N MET E 201 7.71 43.68 34.64
CA MET E 201 6.98 42.45 34.92
C MET E 201 7.65 41.64 36.03
N ARG E 202 8.97 41.72 36.17
CA ARG E 202 9.63 41.13 37.32
C ARG E 202 9.14 41.77 38.61
N GLU E 203 9.08 43.11 38.65
CA GLU E 203 8.58 43.79 39.83
C GLU E 203 7.13 43.41 40.12
N GLU E 204 6.30 43.35 39.08
CA GLU E 204 4.89 43.02 39.30
C GLU E 204 4.75 41.59 39.82
N LEU E 205 5.50 40.65 39.25
CA LEU E 205 5.47 39.28 39.73
C LEU E 205 5.98 39.18 41.16
N ASP E 206 6.88 40.07 41.56
CA ASP E 206 7.34 40.08 42.95
C ASP E 206 6.21 40.47 43.90
N THR E 207 5.32 41.35 43.46
CA THR E 207 4.22 41.84 44.30
C THR E 207 2.86 41.38 43.78
N THR E 208 2.78 40.14 43.30
CA THR E 208 1.53 39.59 42.80
C THR E 208 1.08 38.44 43.70
N ASN E 209 -0.21 38.16 43.67
CA ASN E 209 -0.80 37.09 44.46
C ASN E 209 -1.64 36.12 43.64
N SER E 210 -2.34 36.60 42.62
CA SER E 210 -3.22 35.74 41.84
C SER E 210 -2.40 34.74 41.02
N GLU E 211 -2.90 33.50 40.96
CA GLU E 211 -2.18 32.45 40.25
C GLU E 211 -2.32 32.57 38.74
N THR E 212 -3.51 32.95 38.25
CA THR E 212 -3.69 33.10 36.81
C THR E 212 -2.85 34.25 36.27
N LYS E 213 -2.83 35.38 36.97
CA LYS E 213 -1.96 36.48 36.59
C LYS E 213 -0.50 36.08 36.68
N ARG E 214 -0.14 35.32 37.72
CA ARG E 214 1.23 34.83 37.83
C ARG E 214 1.61 34.02 36.60
N LYS E 215 0.73 33.12 36.16
CA LYS E 215 1.02 32.31 34.98
C LYS E 215 1.14 33.19 33.73
N LYS E 216 0.22 34.14 33.57
CA LYS E 216 0.24 34.98 32.36
C LYS E 216 1.52 35.77 32.25
N LEU E 217 1.88 36.51 33.30
CA LEU E 217 3.12 37.27 33.22
C LEU E 217 4.37 36.42 33.34
N THR E 218 4.31 35.20 33.88
CA THR E 218 5.51 34.36 33.82
C THR E 218 5.74 33.84 32.40
N LYS E 219 4.66 33.54 31.67
CA LYS E 219 4.80 33.18 30.26
C LYS E 219 5.33 34.37 29.45
N ARG E 220 4.78 35.55 29.69
CA ARG E 220 5.24 36.74 28.97
C ARG E 220 6.69 37.05 29.31
N LEU E 221 7.08 36.87 30.57
CA LEU E 221 8.46 37.11 30.98
C LEU E 221 9.40 36.12 30.33
N LYS E 222 8.99 34.86 30.23
CA LYS E 222 9.81 33.87 29.52
C LYS E 222 10.00 34.28 28.07
N LEU E 223 8.93 34.71 27.41
CA LEU E 223 9.04 35.13 26.01
C LEU E 223 9.97 36.33 25.87
N VAL E 224 9.83 37.33 26.76
CA VAL E 224 10.64 38.53 26.66
C VAL E 224 12.11 38.22 26.90
N GLU E 225 12.40 37.42 27.93
CA GLU E 225 13.79 37.06 28.22
C GLU E 225 14.39 36.22 27.09
N ALA E 226 13.59 35.34 26.48
CA ALA E 226 14.08 34.59 25.33
C ALA E 226 14.42 35.53 24.19
N PHE E 227 13.57 36.53 23.94
CA PHE E 227 13.86 37.50 22.88
C PHE E 227 15.13 38.27 23.15
N VAL E 228 15.34 38.71 24.40
CA VAL E 228 16.54 39.46 24.73
C VAL E 228 17.78 38.59 24.60
N ALA E 229 17.72 37.35 25.08
CA ALA E 229 18.88 36.47 25.05
C ALA E 229 19.23 36.05 23.62
N SER E 230 18.22 35.78 22.80
CA SER E 230 18.47 35.28 21.46
C SER E 230 19.07 36.35 20.55
N GLY E 231 18.80 37.62 20.82
CA GLY E 231 19.22 38.69 19.95
C GLY E 231 18.24 39.02 18.84
N ASN E 232 17.16 38.26 18.71
CA ASN E 232 16.15 38.55 17.70
C ASN E 232 15.39 39.82 18.07
N LYS E 233 14.85 40.47 17.04
CA LYS E 233 14.03 41.64 17.26
C LYS E 233 12.56 41.31 17.03
N PRO E 234 11.66 41.87 17.84
CA PRO E 234 10.22 41.58 17.65
C PRO E 234 9.70 42.00 16.30
N GLU E 235 10.16 43.12 15.75
CA GLU E 235 9.65 43.61 14.48
C GLU E 235 9.95 42.69 13.32
N TRP E 236 10.89 41.74 13.50
CA TRP E 236 11.15 40.75 12.47
C TRP E 236 10.00 39.78 12.29
N MET E 237 9.03 39.78 13.21
CA MET E 237 7.86 38.90 13.08
C MET E 237 6.90 39.36 12.00
N ILE E 238 7.08 40.57 11.47
CA ILE E 238 6.28 41.10 10.37
C ILE E 238 7.16 41.14 9.14
N LEU E 239 6.75 40.43 8.09
CA LEU E 239 7.58 40.26 6.91
C LEU E 239 7.58 41.52 6.05
N THR E 240 8.77 41.97 5.68
CA THR E 240 8.94 43.03 4.69
C THR E 240 9.56 42.52 3.39
N VAL E 241 10.44 41.53 3.47
CA VAL E 241 11.03 40.88 2.30
C VAL E 241 10.65 39.41 2.35
N LEU E 242 10.09 38.91 1.25
CA LEU E 242 9.60 37.53 1.21
C LEU E 242 10.56 36.66 0.42
N PRO E 243 11.23 35.69 1.05
CA PRO E 243 12.13 34.82 0.30
C PRO E 243 11.40 33.93 -0.67
N VAL E 244 12.09 33.56 -1.75
CA VAL E 244 11.53 32.79 -2.86
C VAL E 244 12.37 31.53 -3.03
N LEU E 245 11.68 30.38 -3.08
CA LEU E 245 12.33 29.08 -3.14
C LEU E 245 13.03 28.88 -4.47
N PRO E 246 14.09 28.08 -4.49
CA PRO E 246 14.76 27.75 -5.76
C PRO E 246 13.80 27.07 -6.72
N PRO E 247 13.92 27.36 -8.03
CA PRO E 247 12.95 26.80 -8.99
C PRO E 247 12.96 25.29 -9.07
N ASP E 248 14.12 24.64 -8.91
CA ASP E 248 14.18 23.19 -9.03
C ASP E 248 13.51 22.48 -7.86
N LEU E 249 13.29 23.17 -6.74
CA LEU E 249 12.50 22.62 -5.65
C LEU E 249 11.01 22.85 -5.82
N ARG E 250 10.61 23.69 -6.77
CA ARG E 250 9.21 23.86 -7.18
C ARG E 250 9.16 23.81 -8.70
N PRO E 251 9.45 22.65 -9.27
CA PRO E 251 9.73 22.59 -10.71
C PRO E 251 8.50 22.67 -11.59
N LEU E 252 8.71 23.20 -12.79
CA LEU E 252 7.73 23.23 -13.87
C LEU E 252 8.37 22.51 -15.05
N VAL E 253 8.12 21.20 -15.15
CA VAL E 253 8.81 20.37 -16.13
C VAL E 253 7.81 19.77 -17.11
N PRO E 254 8.19 19.55 -18.35
CA PRO E 254 7.26 18.97 -19.33
C PRO E 254 7.06 17.49 -19.12
N LEU E 255 5.82 17.04 -19.30
CA LEU E 255 5.47 15.64 -19.27
C LEU E 255 5.42 15.10 -20.69
N ASP E 256 5.17 13.80 -20.81
CA ASP E 256 5.02 13.19 -22.13
C ASP E 256 3.71 13.64 -22.77
N GLY E 257 3.79 14.08 -24.01
CA GLY E 257 2.64 14.59 -24.72
C GLY E 257 2.49 16.10 -24.74
N GLY E 258 3.49 16.83 -24.25
CA GLY E 258 3.43 18.27 -24.21
C GLY E 258 2.85 18.86 -22.95
N ARG E 259 2.29 18.03 -22.07
CA ARG E 259 1.75 18.53 -20.82
C ARG E 259 2.86 18.96 -19.88
N PHE E 260 2.52 19.90 -18.99
CA PHE E 260 3.47 20.44 -18.02
C PHE E 260 2.99 20.10 -16.61
N ALA E 261 3.95 19.76 -15.75
CA ALA E 261 3.68 19.49 -14.35
C ALA E 261 4.24 20.62 -13.50
N THR E 262 3.42 21.17 -12.61
CA THR E 262 3.79 22.32 -11.81
C THR E 262 3.44 22.07 -10.35
N SER E 263 4.12 22.81 -9.48
CA SER E 263 3.85 22.79 -8.05
C SER E 263 2.93 23.94 -7.68
N ASP E 264 2.12 23.73 -6.63
CA ASP E 264 1.20 24.76 -6.17
C ASP E 264 1.91 25.99 -5.65
N LEU E 265 3.18 25.84 -5.22
CA LEU E 265 3.96 26.99 -4.80
C LEU E 265 4.09 28.01 -5.91
N ASN E 266 4.16 27.55 -7.17
CA ASN E 266 4.20 28.49 -8.28
C ASN E 266 2.94 29.34 -8.34
N ASP E 267 1.77 28.72 -8.17
CA ASP E 267 0.52 29.47 -8.17
C ASP E 267 0.47 30.46 -7.00
N LEU E 268 0.88 30.01 -5.81
CA LEU E 268 0.84 30.91 -4.65
C LEU E 268 1.80 32.09 -4.84
N TYR E 269 3.01 31.83 -5.34
CA TYR E 269 3.96 32.90 -5.59
C TYR E 269 3.44 33.86 -6.65
N ARG E 270 2.80 33.33 -7.70
CA ARG E 270 2.22 34.19 -8.73
C ARG E 270 1.14 35.09 -8.14
N ARG E 271 0.29 34.53 -7.28
CA ARG E 271 -0.74 35.34 -6.63
C ARG E 271 -0.11 36.45 -5.79
N VAL E 272 0.93 36.11 -5.02
CA VAL E 272 1.59 37.10 -4.17
C VAL E 272 2.19 38.22 -5.02
N ILE E 273 2.89 37.84 -6.09
CA ILE E 273 3.55 38.83 -6.94
C ILE E 273 2.52 39.72 -7.62
N ASN E 274 1.44 39.12 -8.13
CA ASN E 274 0.39 39.90 -8.79
C ASN E 274 -0.23 40.91 -7.83
N ARG E 275 -0.55 40.47 -6.62
CA ARG E 275 -1.18 41.38 -5.67
C ARG E 275 -0.22 42.46 -5.20
N ASN E 276 1.06 42.13 -5.04
CA ASN E 276 2.05 43.14 -4.67
C ASN E 276 2.21 44.19 -5.78
N ASN E 277 2.27 43.74 -7.03
CA ASN E 277 2.40 44.68 -8.14
C ASN E 277 1.15 45.56 -8.26
N ARG E 278 -0.03 44.97 -8.05
CA ARG E 278 -1.26 45.76 -8.06
C ARG E 278 -1.27 46.80 -6.94
N LEU E 279 -0.77 46.43 -5.76
CA LEU E 279 -0.69 47.38 -4.66
C LEU E 279 0.26 48.52 -5.01
N LYS E 280 1.40 48.21 -5.61
CA LYS E 280 2.34 49.26 -6.01
C LYS E 280 1.72 50.18 -7.05
N ARG E 281 1.02 49.62 -8.03
CA ARG E 281 0.37 50.44 -9.04
C ARG E 281 -0.71 51.32 -8.42
N LEU E 282 -1.49 50.78 -7.48
CA LEU E 282 -2.52 51.58 -6.83
C LEU E 282 -1.91 52.72 -6.01
N LEU E 283 -0.82 52.44 -5.31
CA LEU E 283 -0.13 53.51 -4.57
C LEU E 283 0.47 54.54 -5.52
N GLU E 284 0.82 54.13 -6.74
CA GLU E 284 1.32 55.08 -7.73
C GLU E 284 0.20 55.95 -8.32
N LEU E 285 -1.04 55.48 -8.28
CA LEU E 285 -2.16 56.21 -8.85
C LEU E 285 -2.88 57.11 -7.84
N ALA E 286 -2.41 57.17 -6.60
CA ALA E 286 -3.09 57.90 -5.53
C ALA E 286 -4.53 57.43 -5.39
N ALA E 287 -4.65 56.13 -5.11
CA ALA E 287 -5.94 55.47 -5.11
C ALA E 287 -6.79 55.90 -3.91
N PRO E 288 -8.11 55.73 -4.01
CA PRO E 288 -8.95 55.89 -2.81
C PRO E 288 -8.54 54.87 -1.75
N ASP E 289 -8.73 55.25 -0.50
CA ASP E 289 -8.20 54.47 0.61
C ASP E 289 -8.80 53.07 0.64
N ILE E 290 -10.09 52.94 0.36
CA ILE E 290 -10.77 51.65 0.50
C ILE E 290 -10.14 50.60 -0.40
N ILE E 291 -9.82 50.97 -1.64
CA ILE E 291 -9.22 50.03 -2.58
C ILE E 291 -7.83 49.60 -2.08
N VAL E 292 -7.08 50.55 -1.52
CA VAL E 292 -5.75 50.23 -0.98
C VAL E 292 -5.85 49.26 0.19
N ARG E 293 -6.82 49.49 1.08
CA ARG E 293 -7.00 48.56 2.21
C ARG E 293 -7.40 47.18 1.72
N ASN E 294 -8.28 47.11 0.71
CA ASN E 294 -8.65 45.82 0.14
C ASN E 294 -7.43 45.11 -0.45
N GLU E 295 -6.59 45.86 -1.17
CA GLU E 295 -5.41 45.25 -1.78
C GLU E 295 -4.43 44.76 -0.71
N LYS E 296 -4.28 45.52 0.37
CA LYS E 296 -3.40 45.09 1.45
C LYS E 296 -3.93 43.84 2.15
N ARG E 297 -5.26 43.77 2.34
CA ARG E 297 -5.85 42.55 2.88
C ARG E 297 -5.60 41.36 1.96
N MET E 298 -5.74 41.56 0.65
CA MET E 298 -5.50 40.48 -0.29
C MET E 298 -4.04 40.04 -0.27
N LEU E 299 -3.11 41.00 -0.16
CA LEU E 299 -1.70 40.65 -0.07
C LEU E 299 -1.41 39.84 1.19
N GLN E 300 -1.97 40.26 2.32
CA GLN E 300 -1.79 39.50 3.56
C GLN E 300 -2.36 38.09 3.42
N GLU E 301 -3.54 37.97 2.82
CA GLU E 301 -4.16 36.65 2.63
C GLU E 301 -3.31 35.78 1.73
N SER E 302 -2.76 36.34 0.65
CA SER E 302 -1.91 35.57 -0.24
C SER E 302 -0.65 35.09 0.46
N VAL E 303 -0.02 35.96 1.25
CA VAL E 303 1.19 35.55 1.98
C VAL E 303 0.86 34.46 2.99
N ASP E 304 -0.27 34.60 3.69
CA ASP E 304 -0.66 33.56 4.65
C ASP E 304 -0.93 32.24 3.96
N ALA E 305 -1.61 32.28 2.80
CA ALA E 305 -1.87 31.05 2.06
C ALA E 305 -0.58 30.41 1.58
N LEU E 306 0.37 31.22 1.14
CA LEU E 306 1.66 30.69 0.71
C LEU E 306 2.40 30.03 1.87
N LEU E 307 2.36 30.65 3.06
CA LEU E 307 3.07 30.10 4.20
C LEU E 307 2.32 28.92 4.82
N ASP E 308 1.01 29.10 5.07
CA ASP E 308 0.22 28.04 5.70
C ASP E 308 -1.22 28.20 5.21
N ASN E 309 -1.62 27.34 4.28
CA ASN E 309 -2.95 27.43 3.69
C ASN E 309 -3.99 26.80 4.61
N GLY E 310 -5.13 27.49 4.75
CA GLY E 310 -6.23 27.00 5.55
C GLY E 310 -6.21 27.42 7.00
N ARG E 311 -5.09 27.94 7.49
CA ARG E 311 -5.03 28.36 8.89
C ARG E 311 -5.80 29.65 9.13
N ARG E 312 -5.66 30.63 8.24
CA ARG E 312 -6.33 31.91 8.41
C ARG E 312 -7.83 31.79 8.16
N GLY E 313 -8.22 31.10 7.09
CA GLY E 313 -9.62 30.99 6.74
C GLY E 313 -9.86 29.92 5.70
N ARG E 314 -10.72 30.21 4.73
CA ARG E 314 -10.98 29.27 3.65
C ARG E 314 -9.71 29.01 2.85
N ALA E 315 -9.41 27.73 2.64
CA ALA E 315 -8.19 27.36 1.93
C ALA E 315 -8.34 27.65 0.44
N ILE E 316 -7.32 28.27 -0.15
CA ILE E 316 -7.35 28.57 -1.58
C ILE E 316 -7.23 27.28 -2.37
N THR E 317 -8.13 27.08 -3.33
CA THR E 317 -8.13 25.90 -4.18
C THR E 317 -7.85 26.31 -5.62
N GLY E 318 -7.27 25.38 -6.37
CA GLY E 318 -6.91 25.60 -7.75
C GLY E 318 -7.97 25.11 -8.70
N SER E 319 -7.54 24.55 -9.83
CA SER E 319 -8.43 24.03 -10.86
C SER E 319 -8.82 22.58 -10.60
N ASN E 320 -8.36 21.98 -9.50
CA ASN E 320 -8.76 20.64 -9.11
C ASN E 320 -9.83 20.64 -8.03
N LYS E 321 -10.30 21.82 -7.62
CA LYS E 321 -11.24 21.96 -6.50
C LYS E 321 -10.66 21.34 -5.23
N ARG E 322 -9.34 21.43 -5.09
CA ARG E 322 -8.64 20.86 -3.95
C ARG E 322 -7.63 21.88 -3.44
N PRO E 323 -7.43 21.98 -2.13
CA PRO E 323 -6.56 23.04 -1.60
C PRO E 323 -5.14 22.94 -2.12
N LEU E 324 -4.53 24.09 -2.36
CA LEU E 324 -3.14 24.14 -2.79
C LEU E 324 -2.21 23.81 -1.62
N LYS E 325 -1.11 23.12 -1.92
CA LYS E 325 -0.16 22.71 -0.90
C LYS E 325 0.87 23.80 -0.68
N SER E 326 1.03 24.20 0.58
CA SER E 326 1.92 25.29 0.94
C SER E 326 3.22 24.73 1.52
N LEU E 327 4.10 25.65 1.95
CA LEU E 327 5.38 25.25 2.53
C LEU E 327 5.19 24.48 3.84
N ALA E 328 4.26 24.93 4.67
CA ALA E 328 4.01 24.24 5.93
C ALA E 328 3.51 22.81 5.69
N ASP E 329 2.62 22.64 4.72
CA ASP E 329 2.18 21.29 4.35
C ASP E 329 3.33 20.48 3.75
N MET E 330 4.27 21.15 3.08
CA MET E 330 5.38 20.44 2.47
C MET E 330 6.39 19.96 3.51
N ILE E 331 6.54 20.69 4.62
CA ILE E 331 7.49 20.29 5.66
C ILE E 331 6.85 19.47 6.78
N LYS E 332 5.53 19.41 6.85
CA LYS E 332 4.84 18.78 7.97
C LYS E 332 3.90 17.69 7.49
N GLY E 333 3.58 16.77 8.39
CA GLY E 333 2.62 15.71 8.15
C GLY E 333 3.29 14.37 7.92
N LYS E 334 2.44 13.34 7.84
CA LYS E 334 2.93 12.01 7.54
C LYS E 334 3.55 11.94 6.16
N GLN E 335 3.01 12.70 5.21
CA GLN E 335 3.54 12.78 3.86
C GLN E 335 4.58 13.89 3.71
N GLY E 336 4.95 14.54 4.81
CA GLY E 336 5.92 15.62 4.76
C GLY E 336 7.34 15.13 4.56
N ARG E 337 8.25 16.10 4.46
CA ARG E 337 9.64 15.79 4.20
C ARG E 337 10.27 14.99 5.33
N PHE E 338 9.92 15.32 6.58
CA PHE E 338 10.55 14.69 7.73
C PHE E 338 10.32 13.18 7.74
N ARG E 339 9.09 12.75 7.51
CA ARG E 339 8.72 11.35 7.66
C ARG E 339 8.75 10.56 6.36
N GLN E 340 8.68 11.23 5.21
CA GLN E 340 8.66 10.53 3.92
C GLN E 340 10.00 10.51 3.22
N ASN E 341 10.90 11.44 3.52
CA ASN E 341 12.16 11.54 2.82
C ASN E 341 13.39 11.65 3.71
N LEU E 342 13.23 11.96 5.00
CA LEU E 342 14.37 12.11 5.90
C LEU E 342 14.53 10.93 6.84
N LEU E 343 13.47 10.55 7.54
CA LEU E 343 13.52 9.39 8.44
C LEU E 343 13.33 8.08 7.69
N GLY E 344 12.88 8.11 6.45
CA GLY E 344 12.72 6.93 5.63
C GLY E 344 12.92 7.24 4.17
N LYS E 345 13.65 6.38 3.46
CA LYS E 345 14.04 6.67 2.09
C LYS E 345 13.93 5.40 1.24
N ARG E 346 13.80 5.62 -0.07
CA ARG E 346 13.95 4.54 -1.04
C ARG E 346 15.43 4.43 -1.40
N VAL E 347 15.92 3.20 -1.47
CA VAL E 347 17.36 2.96 -1.53
C VAL E 347 17.71 2.16 -2.78
N ASP E 348 18.94 2.34 -3.25
CA ASP E 348 19.49 1.54 -4.33
C ASP E 348 19.97 0.21 -3.79
N TYR E 349 20.43 -0.66 -4.72
CA TYR E 349 20.95 -1.98 -4.38
C TYR E 349 19.95 -2.77 -3.55
N SER E 350 18.68 -2.71 -3.95
CA SER E 350 17.60 -3.36 -3.23
C SER E 350 16.70 -4.10 -4.22
N GLY E 351 16.01 -5.11 -3.70
CA GLY E 351 15.10 -5.91 -4.50
C GLY E 351 13.98 -6.44 -3.63
N ARG E 352 13.09 -7.19 -4.25
CA ARG E 352 11.93 -7.72 -3.54
C ARG E 352 11.40 -8.93 -4.31
N SER E 353 11.01 -9.97 -3.58
CA SER E 353 10.48 -11.16 -4.24
C SER E 353 9.62 -11.95 -3.27
N VAL E 354 8.81 -12.85 -3.82
CA VAL E 354 8.03 -13.77 -3.01
C VAL E 354 8.97 -14.77 -2.35
N ILE E 355 8.57 -15.27 -1.18
CA ILE E 355 9.41 -16.14 -0.37
C ILE E 355 8.85 -17.56 -0.40
N THR E 356 9.74 -18.52 -0.58
CA THR E 356 9.44 -19.94 -0.47
C THR E 356 10.19 -20.52 0.72
N VAL E 357 10.03 -21.82 0.93
CA VAL E 357 10.65 -22.51 2.07
C VAL E 357 11.79 -23.37 1.55
N GLY E 358 12.98 -23.15 2.11
CA GLY E 358 14.11 -24.02 1.85
C GLY E 358 14.44 -24.86 3.07
N PRO E 359 14.04 -26.13 3.04
CA PRO E 359 14.36 -27.02 4.18
C PRO E 359 15.79 -27.52 4.18
N TYR E 360 16.53 -27.35 3.09
CA TYR E 360 17.91 -27.78 3.01
C TYR E 360 18.89 -26.71 3.47
N LEU E 361 18.44 -25.48 3.65
CA LEU E 361 19.34 -24.38 3.97
C LEU E 361 19.83 -24.47 5.41
N ARG E 362 20.99 -23.86 5.64
CA ARG E 362 21.49 -23.67 7.00
C ARG E 362 20.92 -22.36 7.57
N LEU E 363 21.11 -22.18 8.87
CA LEU E 363 20.50 -21.05 9.56
C LEU E 363 21.01 -19.71 9.04
N HIS E 364 22.23 -19.67 8.50
CA HIS E 364 22.83 -18.42 8.01
C HIS E 364 22.74 -18.28 6.50
N GLN E 365 21.98 -19.15 5.83
CA GLN E 365 21.92 -19.17 4.37
C GLN E 365 20.51 -18.81 3.91
N CYS E 366 20.43 -18.07 2.81
CA CYS E 366 19.15 -17.73 2.19
C CYS E 366 19.26 -17.93 0.69
N GLY E 367 18.19 -18.44 0.08
CA GLY E 367 18.17 -18.69 -1.34
C GLY E 367 17.86 -17.45 -2.15
N LEU E 368 18.76 -17.07 -3.05
CA LEU E 368 18.61 -15.87 -3.85
C LEU E 368 18.58 -16.22 -5.33
N PRO E 369 17.65 -15.66 -6.10
CA PRO E 369 17.64 -15.93 -7.55
C PRO E 369 18.91 -15.42 -8.22
N LYS E 370 19.29 -16.10 -9.30
CA LYS E 370 20.51 -15.74 -10.00
C LYS E 370 20.37 -14.40 -10.73
N LYS E 371 19.25 -14.19 -11.42
CA LYS E 371 19.03 -12.93 -12.12
C LYS E 371 18.95 -11.76 -11.15
N MET E 372 18.26 -11.98 -10.03
CA MET E 372 18.08 -10.94 -9.03
C MET E 372 19.41 -10.55 -8.40
N ALA E 373 20.26 -11.54 -8.09
CA ALA E 373 21.60 -11.26 -7.60
C ALA E 373 22.45 -10.58 -8.66
N LEU E 374 22.29 -10.97 -9.93
CA LEU E 374 23.02 -10.33 -11.02
C LEU E 374 22.70 -8.85 -11.09
N GLU E 375 21.42 -8.51 -10.96
CA GLU E 375 21.04 -7.10 -10.98
C GLU E 375 21.54 -6.37 -9.73
N LEU E 376 21.49 -7.04 -8.58
CA LEU E 376 21.93 -6.38 -7.34
C LEU E 376 23.44 -6.18 -7.31
N PHE E 377 24.21 -7.22 -7.64
CA PHE E 377 25.66 -7.19 -7.50
C PHE E 377 26.38 -6.77 -8.78
N LYS E 378 25.74 -5.96 -9.62
CA LYS E 378 26.31 -5.64 -10.93
C LYS E 378 27.65 -4.92 -10.86
N PRO E 379 27.83 -3.85 -10.06
CA PRO E 379 29.14 -3.20 -10.01
C PRO E 379 30.27 -4.11 -9.55
N PHE E 380 29.99 -5.02 -8.62
CA PHE E 380 31.00 -5.98 -8.19
C PHE E 380 31.38 -6.91 -9.34
N ILE E 381 30.39 -7.31 -10.13
CA ILE E 381 30.65 -8.15 -11.30
C ILE E 381 31.52 -7.40 -12.30
N TYR E 382 31.25 -6.10 -12.51
CA TYR E 382 32.10 -5.30 -13.39
C TYR E 382 33.53 -5.25 -12.86
N SER E 383 33.68 -5.01 -11.55
CA SER E 383 35.00 -4.89 -10.95
C SER E 383 35.80 -6.17 -11.13
N LYS E 384 35.16 -7.31 -10.90
CA LYS E 384 35.88 -8.58 -11.02
C LYS E 384 36.06 -8.97 -12.49
N LEU E 385 35.19 -8.53 -13.38
CA LEU E 385 35.37 -8.81 -14.80
C LEU E 385 36.52 -8.00 -15.39
N GLU E 386 36.82 -6.85 -14.81
CA GLU E 386 38.00 -6.10 -15.24
C GLU E 386 39.27 -6.59 -14.56
N THR E 387 39.17 -6.91 -13.26
CA THR E 387 40.36 -7.32 -12.50
C THR E 387 41.05 -8.52 -13.13
N ARG E 388 40.28 -9.52 -13.55
CA ARG E 388 40.85 -10.73 -14.15
C ARG E 388 41.07 -10.59 -15.66
N GLY E 389 40.81 -9.42 -16.22
CA GLY E 389 41.09 -9.17 -17.63
C GLY E 389 40.08 -9.73 -18.60
N LEU E 390 38.94 -10.22 -18.13
CA LEU E 390 37.93 -10.74 -19.05
C LEU E 390 37.29 -9.63 -19.87
N ALA E 391 37.18 -8.43 -19.31
CA ALA E 391 36.66 -7.26 -20.02
C ALA E 391 37.67 -6.14 -19.91
N THR E 392 38.00 -5.52 -21.04
CA THR E 392 39.02 -4.46 -21.03
C THR E 392 38.49 -3.21 -20.35
N THR E 393 37.29 -2.78 -20.70
CA THR E 393 36.70 -1.56 -20.16
C THR E 393 35.31 -1.88 -19.60
N ILE E 394 34.70 -0.87 -18.98
CA ILE E 394 33.42 -1.09 -18.30
C ILE E 394 32.30 -1.33 -19.31
N LYS E 395 32.39 -0.77 -20.51
CA LYS E 395 31.36 -1.03 -21.52
C LYS E 395 31.36 -2.49 -21.94
N ALA E 396 32.54 -3.08 -22.11
CA ALA E 396 32.61 -4.50 -22.44
C ALA E 396 32.04 -5.35 -21.32
N ALA E 397 32.34 -5.01 -20.07
CA ALA E 397 31.78 -5.75 -18.94
C ALA E 397 30.27 -5.65 -18.91
N LYS E 398 29.73 -4.45 -19.17
CA LYS E 398 28.29 -4.29 -19.24
C LYS E 398 27.68 -5.14 -20.34
N LYS E 399 28.33 -5.19 -21.51
CA LYS E 399 27.84 -6.01 -22.60
C LYS E 399 27.84 -7.49 -22.22
N MET E 400 28.91 -7.97 -21.59
CA MET E 400 28.96 -9.37 -21.19
C MET E 400 27.90 -9.69 -20.14
N VAL E 401 27.68 -8.78 -19.19
CA VAL E 401 26.65 -9.00 -18.18
C VAL E 401 25.27 -9.04 -18.83
N GLU E 402 25.02 -8.15 -19.80
CA GLU E 402 23.75 -8.14 -20.49
C GLU E 402 23.54 -9.41 -21.33
N ARG E 403 24.62 -9.94 -21.92
CA ARG E 403 24.51 -11.15 -22.71
C ARG E 403 24.47 -12.42 -21.89
N GLU E 404 24.73 -12.34 -20.58
CA GLU E 404 24.60 -13.46 -19.65
C GLU E 404 25.48 -14.64 -20.06
N GLU E 405 26.79 -14.42 -20.04
CA GLU E 405 27.74 -15.47 -20.33
C GLU E 405 28.00 -16.32 -19.08
N ALA E 406 28.56 -17.51 -19.30
CA ALA E 406 28.81 -18.43 -18.19
C ALA E 406 29.89 -17.88 -17.25
N VAL E 407 30.92 -17.24 -17.80
CA VAL E 407 31.96 -16.66 -16.96
C VAL E 407 31.37 -15.56 -16.08
N VAL E 408 30.32 -14.89 -16.56
CA VAL E 408 29.63 -13.92 -15.72
C VAL E 408 28.99 -14.61 -14.53
N TRP E 409 28.41 -15.79 -14.74
CA TRP E 409 27.83 -16.55 -13.64
C TRP E 409 28.90 -17.00 -12.65
N ASP E 410 30.06 -17.43 -13.15
CA ASP E 410 31.15 -17.77 -12.24
C ASP E 410 31.62 -16.56 -11.44
N ILE E 411 31.70 -15.39 -12.09
CA ILE E 411 32.09 -14.17 -11.41
C ILE E 411 31.07 -13.82 -10.33
N LEU E 412 29.78 -13.97 -10.64
CA LEU E 412 28.75 -13.71 -9.65
C LEU E 412 28.85 -14.66 -8.47
N ASP E 413 29.13 -15.93 -8.74
CA ASP E 413 29.30 -16.90 -7.66
C ASP E 413 30.48 -16.52 -6.77
N GLU E 414 31.58 -16.06 -7.38
CA GLU E 414 32.72 -15.63 -6.59
C GLU E 414 32.43 -14.36 -5.81
N VAL E 415 31.57 -13.48 -6.35
CA VAL E 415 31.29 -12.20 -5.70
C VAL E 415 30.51 -12.40 -4.40
N ILE E 416 29.47 -13.24 -4.44
CA ILE E 416 28.53 -13.34 -3.33
C ILE E 416 28.94 -14.45 -2.35
N ARG E 417 30.18 -14.94 -2.48
CA ARG E 417 30.63 -16.07 -1.69
C ARG E 417 30.48 -15.79 -0.19
N GLU E 418 31.12 -14.73 0.29
CA GLU E 418 31.05 -14.36 1.70
C GLU E 418 30.46 -12.97 1.89
N HIS E 419 29.66 -12.52 0.94
CA HIS E 419 29.04 -11.21 1.01
C HIS E 419 27.67 -11.35 1.66
N PRO E 420 27.47 -10.83 2.87
CA PRO E 420 26.15 -10.95 3.51
C PRO E 420 25.11 -10.10 2.80
N VAL E 421 23.86 -10.54 2.88
CA VAL E 421 22.74 -9.83 2.30
C VAL E 421 21.67 -9.66 3.36
N LEU E 422 20.89 -8.58 3.26
CA LEU E 422 19.93 -8.22 4.28
C LEU E 422 18.52 -8.57 3.79
N LEU E 423 17.76 -9.27 4.63
CA LEU E 423 16.40 -9.65 4.32
C LEU E 423 15.47 -8.97 5.32
N ASN E 424 14.43 -8.31 4.80
CA ASN E 424 13.50 -7.51 5.58
C ASN E 424 12.07 -7.78 5.14
N ARG E 425 11.18 -7.94 6.11
CA ARG E 425 9.77 -8.17 5.84
C ARG E 425 8.94 -7.08 6.53
N ALA E 426 8.03 -6.48 5.78
CA ALA E 426 7.14 -5.44 6.29
C ALA E 426 5.89 -6.06 6.90
N PRO E 427 5.45 -5.57 8.06
CA PRO E 427 6.04 -4.52 8.88
C PRO E 427 7.20 -5.01 9.73
N THR E 428 8.17 -4.14 10.03
CA THR E 428 9.30 -4.50 10.88
C THR E 428 8.97 -4.10 12.31
N LEU E 429 8.18 -4.96 12.97
CA LEU E 429 7.73 -4.68 14.32
C LEU E 429 8.89 -4.62 15.31
N HIS E 430 9.83 -5.56 15.20
CA HIS E 430 11.00 -5.60 16.05
C HIS E 430 12.25 -5.75 15.18
N ARG E 431 13.42 -5.69 15.82
CA ARG E 431 14.66 -5.73 15.06
C ARG E 431 14.91 -7.08 14.42
N LEU E 432 14.21 -8.13 14.85
CA LEU E 432 14.34 -9.43 14.21
C LEU E 432 13.73 -9.47 12.81
N GLY E 433 13.00 -8.43 12.42
CA GLY E 433 12.42 -8.35 11.08
C GLY E 433 13.40 -8.01 9.98
N ILE E 434 14.64 -7.67 10.34
CA ILE E 434 15.72 -7.49 9.38
C ILE E 434 16.91 -8.32 9.84
N GLN E 435 17.39 -9.22 8.98
CA GLN E 435 18.48 -10.11 9.36
C GLN E 435 19.44 -10.28 8.19
N ALA E 436 20.64 -10.75 8.51
CA ALA E 436 21.69 -10.96 7.53
C ALA E 436 21.86 -12.44 7.26
N PHE E 437 21.94 -12.81 5.98
CA PHE E 437 22.13 -14.19 5.56
C PHE E 437 23.22 -14.24 4.50
N GLU E 438 23.75 -15.44 4.30
CA GLU E 438 24.67 -15.68 3.18
C GLU E 438 23.84 -16.16 1.99
N PRO E 439 23.89 -15.45 0.86
CA PRO E 439 23.10 -15.88 -0.30
C PRO E 439 23.65 -17.15 -0.93
N VAL E 440 22.73 -17.97 -1.42
CA VAL E 440 23.03 -19.14 -2.25
C VAL E 440 22.22 -19.00 -3.53
N LEU E 441 22.92 -19.02 -4.67
CA LEU E 441 22.24 -18.85 -5.95
C LEU E 441 21.34 -20.04 -6.24
N ILE E 442 20.09 -19.76 -6.59
CA ILE E 442 19.11 -20.78 -6.92
C ILE E 442 18.47 -20.43 -8.25
N GLU E 443 17.96 -21.45 -8.93
CA GLU E 443 17.26 -21.27 -10.20
C GLU E 443 15.79 -21.02 -9.90
N GLY E 444 15.35 -19.79 -10.13
CA GLY E 444 13.98 -19.42 -9.85
C GLY E 444 13.86 -17.92 -9.68
N LYS E 445 12.69 -17.50 -9.21
CA LYS E 445 12.40 -16.09 -8.99
C LYS E 445 11.93 -15.81 -7.57
N ALA E 446 11.95 -16.80 -6.68
CA ALA E 446 11.45 -16.64 -5.32
C ALA E 446 12.59 -16.83 -4.33
N ILE E 447 12.60 -15.99 -3.30
CA ILE E 447 13.62 -16.09 -2.26
C ILE E 447 13.33 -17.30 -1.38
N GLN E 448 14.33 -18.15 -1.18
CA GLN E 448 14.20 -19.31 -0.31
C GLN E 448 14.64 -18.92 1.11
N LEU E 449 13.77 -19.15 2.08
CA LEU E 449 13.99 -18.72 3.45
C LEU E 449 14.01 -19.93 4.38
N HIS E 450 14.90 -19.88 5.36
CA HIS E 450 14.99 -20.93 6.36
C HIS E 450 13.71 -20.96 7.19
N PRO E 451 13.15 -22.14 7.44
CA PRO E 451 11.90 -22.21 8.22
C PRO E 451 12.04 -21.64 9.63
N LEU E 452 13.20 -21.85 10.28
CA LEU E 452 13.32 -21.52 11.70
C LEU E 452 13.30 -20.02 11.95
N VAL E 453 13.55 -19.19 10.93
CA VAL E 453 13.47 -17.75 11.10
C VAL E 453 12.07 -17.21 10.85
N CYS E 454 11.14 -18.04 10.42
CA CYS E 454 9.81 -17.55 10.06
C CYS E 454 9.11 -16.93 11.27
N ALA E 455 9.21 -17.57 12.43
CA ALA E 455 8.66 -17.00 13.64
C ALA E 455 9.28 -15.64 13.95
N ALA E 456 10.58 -15.48 13.66
CA ALA E 456 11.21 -14.18 13.80
C ALA E 456 10.59 -13.17 12.82
N TYR E 457 10.32 -13.60 11.59
CA TYR E 457 9.80 -12.70 10.58
C TYR E 457 8.28 -12.58 10.60
N ASN E 458 7.60 -13.43 11.37
CA ASN E 458 6.14 -13.53 11.33
C ASN E 458 5.66 -13.76 9.90
N ALA E 459 6.37 -14.64 9.20
CA ALA E 459 6.17 -14.86 7.77
C ALA E 459 5.66 -16.27 7.52
N ASP E 460 4.62 -16.38 6.70
CA ASP E 460 4.11 -17.64 6.21
C ASP E 460 4.07 -17.60 4.70
N PHE E 461 4.18 -18.77 4.07
CA PHE E 461 4.35 -18.85 2.61
C PHE E 461 2.98 -18.99 1.95
N ASP E 462 2.23 -17.88 2.00
CA ASP E 462 0.93 -17.78 1.36
C ASP E 462 0.85 -16.58 0.42
N GLY E 463 1.99 -16.09 -0.04
CA GLY E 463 2.01 -14.94 -0.92
C GLY E 463 2.84 -13.80 -0.37
N ASP E 464 3.53 -14.05 0.73
CA ASP E 464 4.32 -13.03 1.38
C ASP E 464 5.53 -12.63 0.52
N GLN E 465 5.90 -11.36 0.60
CA GLN E 465 7.03 -10.83 -0.14
C GLN E 465 8.05 -10.24 0.82
N MET E 466 9.32 -10.37 0.46
CA MET E 466 10.41 -9.89 1.28
C MET E 466 11.37 -9.06 0.43
N ALA E 467 11.93 -8.03 1.05
CA ALA E 467 12.89 -7.16 0.40
C ALA E 467 14.31 -7.53 0.81
N VAL E 468 15.25 -7.27 -0.09
CA VAL E 468 16.65 -7.62 0.08
C VAL E 468 17.49 -6.37 -0.17
N HIS E 469 18.54 -6.22 0.63
CA HIS E 469 19.45 -5.09 0.56
C HIS E 469 20.89 -5.61 0.55
N VAL E 470 21.76 -4.90 -0.13
CA VAL E 470 23.15 -5.30 -0.29
C VAL E 470 24.03 -4.31 0.46
N PRO E 471 24.63 -4.69 1.59
CA PRO E 471 25.64 -3.83 2.21
C PRO E 471 26.88 -3.73 1.33
N LEU E 472 27.38 -2.50 1.17
CA LEU E 472 28.43 -2.20 0.21
C LEU E 472 29.81 -2.10 0.85
N THR E 473 29.96 -1.20 1.82
CA THR E 473 31.27 -0.97 2.43
C THR E 473 31.66 -2.15 3.32
N LEU E 474 32.96 -2.23 3.62
CA LEU E 474 33.45 -3.29 4.48
C LEU E 474 32.85 -3.19 5.88
N GLU E 475 32.69 -1.97 6.39
CA GLU E 475 32.08 -1.78 7.69
C GLU E 475 30.66 -2.35 7.72
N ALA E 476 29.86 -2.07 6.69
CA ALA E 476 28.50 -2.57 6.65
C ALA E 476 28.47 -4.09 6.57
N GLN E 477 29.37 -4.68 5.77
CA GLN E 477 29.43 -6.13 5.67
C GLN E 477 29.78 -6.76 7.01
N LEU E 478 30.73 -6.17 7.74
CA LEU E 478 31.09 -6.73 9.04
C LEU E 478 30.00 -6.51 10.07
N GLU E 479 29.27 -5.39 9.98
CA GLU E 479 28.10 -5.19 10.84
C GLU E 479 27.04 -6.25 10.59
N ALA E 480 26.78 -6.57 9.32
CA ALA E 480 25.82 -7.63 9.01
C ALA E 480 26.31 -8.98 9.50
N ARG E 481 27.61 -9.26 9.35
CA ARG E 481 28.14 -10.56 9.74
C ARG E 481 28.15 -10.73 11.26
N THR E 482 28.45 -9.66 12.01
CA THR E 482 28.67 -9.77 13.44
C THR E 482 27.41 -9.50 14.26
N LEU E 483 26.64 -8.48 13.89
CA LEU E 483 25.47 -8.08 14.68
C LEU E 483 24.16 -8.60 14.12
N MET E 484 23.99 -8.59 12.80
CA MET E 484 22.70 -8.82 12.17
C MET E 484 22.57 -10.21 11.57
N MET E 485 23.57 -11.07 11.72
CA MET E 485 23.49 -12.42 11.18
C MET E 485 22.47 -13.24 11.94
N SER E 486 21.81 -14.16 11.22
CA SER E 486 20.76 -14.96 11.83
C SER E 486 21.30 -15.90 12.90
N THR E 487 22.55 -16.33 12.77
CA THR E 487 23.13 -17.22 13.77
C THR E 487 23.37 -16.53 15.10
N ASN E 488 23.47 -15.21 15.12
CA ASN E 488 23.62 -14.46 16.36
C ASN E 488 22.27 -14.10 16.98
N ASN E 489 21.22 -13.99 16.17
CA ASN E 489 19.90 -13.59 16.66
C ASN E 489 19.02 -14.82 16.84
N ILE E 490 19.28 -15.54 17.92
CA ILE E 490 18.48 -16.70 18.29
C ILE E 490 17.83 -16.55 19.66
N LEU E 491 18.00 -15.40 20.31
CA LEU E 491 17.33 -15.09 21.57
C LEU E 491 16.47 -13.85 21.39
N SER E 492 15.27 -13.88 21.95
CA SER E 492 14.35 -12.76 21.81
C SER E 492 14.80 -11.60 22.68
N PRO E 493 15.02 -10.41 22.11
CA PRO E 493 15.42 -9.26 22.94
C PRO E 493 14.35 -8.83 23.93
N ALA E 494 13.10 -9.21 23.71
CA ALA E 494 12.03 -8.82 24.62
C ALA E 494 12.04 -9.63 25.90
N SER E 495 12.40 -10.92 25.82
CA SER E 495 12.34 -11.81 26.97
C SER E 495 13.59 -12.62 27.21
N GLY E 496 14.44 -12.84 26.21
CA GLY E 496 15.58 -13.72 26.34
C GLY E 496 15.31 -15.16 25.98
N ASP E 497 14.06 -15.52 25.72
CA ASP E 497 13.74 -16.88 25.32
C ASP E 497 14.17 -17.11 23.88
N PRO E 498 14.45 -18.36 23.50
CA PRO E 498 14.83 -18.64 22.11
C PRO E 498 13.73 -18.27 21.14
N ILE E 499 14.13 -17.76 19.97
CA ILE E 499 13.20 -17.33 18.93
C ILE E 499 13.25 -18.24 17.70
N ILE E 500 14.16 -19.21 17.68
CA ILE E 500 14.29 -20.11 16.54
C ILE E 500 13.71 -21.47 16.90
N VAL E 501 12.75 -21.48 17.83
CA VAL E 501 12.16 -22.74 18.27
C VAL E 501 11.40 -23.38 17.12
N PRO E 502 11.42 -24.70 16.98
CA PRO E 502 10.71 -25.34 15.87
C PRO E 502 9.21 -25.24 16.04
N SER E 503 8.50 -25.33 14.91
CA SER E 503 7.06 -25.29 14.90
C SER E 503 6.53 -26.14 13.76
N GLN E 504 5.28 -26.58 13.90
CA GLN E 504 4.53 -27.29 12.86
C GLN E 504 5.22 -28.61 12.54
N ASP E 505 5.75 -28.81 11.34
CA ASP E 505 6.18 -30.14 10.92
C ASP E 505 7.32 -30.68 11.77
N VAL E 506 8.25 -29.82 12.17
CA VAL E 506 9.37 -30.28 13.00
C VAL E 506 8.87 -30.79 14.34
N VAL E 507 7.99 -30.02 14.98
CA VAL E 507 7.44 -30.43 16.26
C VAL E 507 6.62 -31.70 16.12
N LEU E 508 5.83 -31.80 15.04
CA LEU E 508 5.02 -33.00 14.82
C LEU E 508 5.90 -34.23 14.63
N GLY E 509 6.99 -34.10 13.86
CA GLY E 509 7.87 -35.23 13.66
C GLY E 509 8.60 -35.65 14.92
N LEU E 510 9.11 -34.67 15.68
CA LEU E 510 9.79 -35.00 16.93
C LEU E 510 8.82 -35.60 17.94
N TYR E 511 7.54 -35.18 17.91
CA TYR E 511 6.53 -35.77 18.77
C TYR E 511 6.24 -37.21 18.37
N TYR E 512 6.03 -37.44 17.07
CA TYR E 512 5.69 -38.78 16.60
C TYR E 512 6.82 -39.76 16.85
N MET E 513 8.06 -39.33 16.63
CA MET E 513 9.19 -40.24 16.80
C MET E 513 9.43 -40.57 18.26
N THR E 514 9.10 -39.66 19.18
CA THR E 514 9.35 -39.83 20.60
C THR E 514 8.14 -40.36 21.36
N ARG E 515 7.12 -40.85 20.67
CA ARG E 515 5.97 -41.42 21.34
C ARG E 515 6.23 -42.88 21.71
N GLU E 516 5.33 -43.43 22.52
CA GLU E 516 5.46 -44.78 23.05
C GLU E 516 4.22 -45.58 22.70
N LYS E 517 4.41 -46.78 22.18
CA LYS E 517 3.32 -47.66 21.79
C LYS E 517 3.41 -48.98 22.54
N ILE E 518 2.26 -49.54 22.86
CA ILE E 518 2.16 -50.77 23.63
C ILE E 518 2.15 -51.95 22.67
N ASN E 519 2.99 -52.95 22.96
CA ASN E 519 3.09 -54.17 22.15
C ASN E 519 3.47 -53.84 20.70
N ALA E 520 4.48 -52.99 20.55
CA ALA E 520 5.00 -52.68 19.23
C ALA E 520 6.03 -53.73 18.81
N LYS E 521 6.30 -53.77 17.52
CA LYS E 521 7.29 -54.71 16.99
C LYS E 521 8.67 -54.35 17.50
N GLY E 522 9.39 -55.34 18.01
CA GLY E 522 10.70 -55.12 18.60
C GLY E 522 10.68 -54.73 20.06
N GLU E 523 9.56 -54.92 20.75
CA GLU E 523 9.48 -54.56 22.15
C GLU E 523 10.37 -55.46 23.00
N GLY E 524 10.99 -54.88 24.03
CA GLY E 524 11.82 -55.62 24.94
C GLY E 524 13.21 -55.92 24.45
N MET E 525 13.58 -55.45 23.26
CA MET E 525 14.90 -55.73 22.71
C MET E 525 15.96 -54.91 23.44
N TYR E 526 17.18 -55.42 23.45
CA TYR E 526 18.33 -54.75 24.04
C TYR E 526 19.22 -54.22 22.92
N LEU E 527 19.54 -52.93 22.99
CA LEU E 527 20.29 -52.26 21.94
C LEU E 527 21.58 -51.68 22.51
N THR E 528 22.65 -51.74 21.70
CA THR E 528 23.94 -51.23 22.14
C THR E 528 23.95 -49.72 22.24
N GLY E 529 23.16 -49.03 21.42
CA GLY E 529 23.12 -47.59 21.44
C GLY E 529 22.23 -47.03 20.35
N PRO E 530 22.30 -45.71 20.15
CA PRO E 530 21.49 -45.09 19.10
C PRO E 530 21.77 -45.63 17.70
N ALA E 531 23.02 -45.99 17.42
CA ALA E 531 23.35 -46.54 16.09
C ALA E 531 22.62 -47.85 15.85
N GLU E 532 22.58 -48.73 16.87
CA GLU E 532 21.88 -50.00 16.69
C GLU E 532 20.37 -49.79 16.66
N ALA E 533 19.86 -48.77 17.35
CA ALA E 533 18.44 -48.45 17.23
C ALA E 533 18.09 -48.02 15.81
N GLU E 534 18.92 -47.16 15.23
CA GLU E 534 18.70 -46.76 13.84
C GLU E 534 18.81 -47.95 12.90
N LYS E 535 19.79 -48.83 13.14
CA LYS E 535 19.94 -50.01 12.30
C LYS E 535 18.71 -50.91 12.37
N ALA E 536 18.17 -51.08 13.58
CA ALA E 536 16.95 -51.88 13.74
C ALA E 536 15.77 -51.23 13.02
N TYR E 537 15.66 -49.90 13.11
CA TYR E 537 14.55 -49.21 12.45
C TYR E 537 14.64 -49.35 10.93
N ARG E 538 15.83 -49.17 10.35
CA ARG E 538 15.97 -49.26 8.91
C ARG E 538 15.79 -50.69 8.39
N THR E 539 16.03 -51.69 9.23
CA THR E 539 15.87 -53.08 8.84
C THR E 539 14.48 -53.63 9.11
N LYS E 540 13.54 -52.76 9.52
CA LYS E 540 12.16 -53.14 9.83
C LYS E 540 12.07 -54.13 10.98
N THR E 541 13.12 -54.25 11.79
CA THR E 541 13.08 -55.13 12.94
C THR E 541 12.20 -54.56 14.05
N ALA E 542 12.35 -53.28 14.35
CA ALA E 542 11.64 -52.64 15.44
C ALA E 542 11.00 -51.34 14.96
N GLU E 543 9.85 -51.02 15.55
CA GLU E 543 9.15 -49.79 15.22
C GLU E 543 9.76 -48.60 15.97
N LEU E 544 9.36 -47.41 15.55
CA LEU E 544 9.87 -46.19 16.19
C LEU E 544 9.40 -46.08 17.64
N HIS E 545 8.27 -46.70 17.98
CA HIS E 545 7.64 -46.54 19.28
C HIS E 545 7.76 -47.79 20.15
N ALA E 546 8.74 -48.66 19.86
CA ALA E 546 8.90 -49.88 20.64
C ALA E 546 9.72 -49.61 21.89
N ARG E 547 9.23 -50.10 23.03
CA ARG E 547 9.96 -49.95 24.29
C ARG E 547 11.15 -50.88 24.30
N VAL E 548 12.35 -50.32 24.41
CA VAL E 548 13.59 -51.08 24.43
C VAL E 548 14.46 -50.56 25.56
N LYS E 549 15.54 -51.28 25.82
CA LYS E 549 16.59 -50.85 26.74
C LYS E 549 17.83 -50.53 25.93
N VAL E 550 18.34 -49.31 26.07
CA VAL E 550 19.43 -48.80 25.24
C VAL E 550 20.58 -48.38 26.13
N ARG E 551 21.78 -48.82 25.78
CA ARG E 551 22.98 -48.35 26.45
C ARG E 551 23.31 -46.95 25.96
N ILE E 552 23.27 -45.97 26.88
CA ILE E 552 23.47 -44.57 26.57
C ILE E 552 24.73 -44.11 27.28
N THR E 553 25.66 -43.52 26.51
CA THR E 553 26.80 -42.80 27.05
C THR E 553 26.43 -41.33 27.12
N GLU E 554 26.36 -40.80 28.34
CA GLU E 554 25.80 -39.48 28.59
C GLU E 554 26.82 -38.65 29.36
N THR E 555 27.13 -37.47 28.85
CA THR E 555 28.13 -36.60 29.45
C THR E 555 27.46 -35.35 29.99
N ILE E 556 27.77 -35.01 31.24
CA ILE E 556 27.25 -33.81 31.89
C ILE E 556 28.39 -32.81 32.02
N LYS E 557 28.15 -31.58 31.56
CA LYS E 557 29.02 -30.44 31.81
C LYS E 557 28.42 -29.65 32.97
N HIS E 558 29.07 -29.70 34.13
CA HIS E 558 28.54 -29.05 35.32
C HIS E 558 28.75 -27.54 35.24
N GLU E 559 28.31 -26.85 36.29
CA GLU E 559 28.46 -25.40 36.35
C GLU E 559 29.92 -24.98 36.39
N ASN E 560 30.75 -25.72 37.14
CA ASN E 560 32.16 -25.39 37.26
C ASN E 560 32.97 -25.83 36.06
N GLY E 561 32.37 -26.55 35.11
CA GLY E 561 33.06 -27.03 33.94
C GLY E 561 33.47 -28.48 33.98
N LYS E 562 33.10 -29.22 35.01
CA LYS E 562 33.42 -30.64 35.07
C LYS E 562 32.63 -31.41 34.01
N LEU E 563 33.34 -32.27 33.27
CA LEU E 563 32.75 -33.09 32.23
C LEU E 563 32.78 -34.55 32.69
N THR E 564 31.63 -35.05 33.11
CA THR E 564 31.51 -36.41 33.63
C THR E 564 30.73 -37.28 32.64
N THR E 565 31.34 -38.39 32.22
CA THR E 565 30.72 -39.30 31.28
C THR E 565 30.29 -40.57 32.03
N GLU E 566 29.02 -40.92 31.89
CA GLU E 566 28.47 -42.12 32.51
C GLU E 566 27.77 -42.94 31.43
N THR E 567 28.06 -44.24 31.39
CA THR E 567 27.43 -45.16 30.45
C THR E 567 26.50 -46.08 31.23
N LYS E 568 25.21 -46.06 30.87
CA LYS E 568 24.24 -46.85 31.61
C LYS E 568 23.10 -47.25 30.68
N MET E 569 22.37 -48.27 31.08
CA MET E 569 21.25 -48.79 30.29
C MET E 569 19.96 -48.13 30.74
N ILE E 570 19.25 -47.52 29.80
CA ILE E 570 18.05 -46.75 30.10
C ILE E 570 16.89 -47.34 29.31
N ASP E 571 15.75 -47.46 29.97
CA ASP E 571 14.51 -47.85 29.29
C ASP E 571 13.99 -46.66 28.49
N THR E 572 13.84 -46.84 27.18
CA THR E 572 13.45 -45.76 26.29
C THR E 572 12.77 -46.37 25.07
N THR E 573 12.64 -45.59 24.00
CA THR E 573 12.12 -46.06 22.73
C THR E 573 13.19 -45.93 21.67
N VAL E 574 12.96 -46.60 20.54
CA VAL E 574 13.92 -46.55 19.43
C VAL E 574 14.05 -45.13 18.91
N GLY E 575 12.92 -44.45 18.73
CA GLY E 575 12.96 -43.09 18.21
C GLY E 575 13.68 -42.12 19.13
N ARG E 576 13.55 -42.32 20.44
CA ARG E 576 14.24 -41.45 21.38
C ARG E 576 15.75 -41.60 21.27
N ALA E 577 16.25 -42.82 21.12
CA ALA E 577 17.68 -43.02 20.93
C ALA E 577 18.14 -42.45 19.59
N MET E 578 17.35 -42.65 18.54
CA MET E 578 17.71 -42.10 17.24
C MET E 578 17.74 -40.58 17.26
N LEU E 579 16.90 -39.95 18.09
CA LEU E 579 16.96 -38.51 18.27
C LEU E 579 18.15 -38.09 19.14
N TRP E 580 18.47 -38.91 20.14
CA TRP E 580 19.67 -38.69 20.94
C TRP E 580 20.94 -38.74 20.11
N GLN E 581 20.89 -39.44 18.99
CA GLN E 581 22.04 -39.49 18.08
C GLN E 581 22.47 -38.12 17.61
N ILE E 582 21.57 -37.13 17.61
CA ILE E 582 21.90 -35.77 17.16
C ILE E 582 22.05 -34.79 18.32
N VAL E 583 21.74 -35.20 19.54
CA VAL E 583 21.86 -34.27 20.68
C VAL E 583 23.33 -34.06 21.00
N PRO E 584 23.80 -32.82 21.08
CA PRO E 584 25.22 -32.58 21.34
C PRO E 584 25.62 -33.01 22.74
N LYS E 585 26.90 -33.33 22.90
CA LYS E 585 27.42 -33.78 24.18
C LYS E 585 27.36 -32.67 25.21
N GLY E 586 26.95 -33.02 26.43
CA GLY E 586 26.86 -32.06 27.50
C GLY E 586 25.46 -31.87 28.06
N LEU E 587 24.54 -32.72 27.62
CA LEU E 587 23.15 -32.64 28.04
C LEU E 587 22.68 -33.98 28.58
N PRO E 588 21.76 -33.97 29.53
CA PRO E 588 21.22 -35.24 30.04
C PRO E 588 20.29 -35.91 29.05
N TYR E 589 20.12 -37.21 29.23
CA TYR E 589 19.20 -37.98 28.40
C TYR E 589 17.75 -37.81 28.81
N SER E 590 17.49 -37.25 29.99
CA SER E 590 16.12 -37.02 30.44
C SER E 590 15.39 -35.99 29.58
N LEU E 591 16.13 -35.14 28.87
CA LEU E 591 15.49 -34.17 27.99
C LEU E 591 14.87 -34.83 26.77
N VAL E 592 15.43 -35.96 26.33
CA VAL E 592 14.91 -36.68 25.17
C VAL E 592 14.09 -37.91 25.55
N ASN E 593 14.18 -38.37 26.80
CA ASN E 593 13.45 -39.56 27.22
C ASN E 593 12.01 -39.22 27.59
N GLN E 594 11.30 -38.55 26.69
CA GLN E 594 9.90 -38.20 26.88
C GLN E 594 9.33 -37.84 25.52
N LYS E 595 8.00 -37.79 25.46
CA LYS E 595 7.36 -37.29 24.25
C LYS E 595 7.63 -35.79 24.13
N LEU E 596 8.04 -35.36 22.94
CA LEU E 596 8.58 -34.02 22.73
C LEU E 596 7.54 -33.17 22.02
N GLY E 597 6.87 -32.29 22.77
CA GLY E 597 6.05 -31.26 22.20
C GLY E 597 6.86 -30.01 21.91
N LYS E 598 6.15 -28.91 21.65
CA LYS E 598 6.82 -27.64 21.40
C LYS E 598 7.58 -27.19 22.65
N LYS E 599 6.98 -27.36 23.82
CA LYS E 599 7.62 -26.95 25.07
C LYS E 599 8.90 -27.74 25.31
N GLN E 600 8.88 -29.04 25.05
CA GLN E 600 10.06 -29.87 25.29
C GLN E 600 11.20 -29.50 24.36
N ILE E 601 10.91 -29.25 23.09
CA ILE E 601 11.96 -28.86 22.14
C ILE E 601 12.50 -27.48 22.49
N SER E 602 11.62 -26.57 22.90
CA SER E 602 12.07 -25.26 23.35
C SER E 602 13.01 -25.39 24.55
N ASN E 603 12.64 -26.26 25.51
CA ASN E 603 13.50 -26.48 26.66
C ASN E 603 14.85 -27.08 26.24
N LEU E 604 14.83 -28.02 25.30
CA LEU E 604 16.08 -28.61 24.81
C LEU E 604 16.99 -27.54 24.21
N LEU E 605 16.43 -26.69 23.35
CA LEU E 605 17.23 -25.64 22.74
C LEU E 605 17.74 -24.64 23.78
N ASN E 606 16.90 -24.28 24.75
CA ASN E 606 17.32 -23.35 25.79
C ASN E 606 18.46 -23.93 26.63
N GLU E 607 18.34 -25.22 27.00
CA GLU E 607 19.41 -25.86 27.76
C GLU E 607 20.70 -25.94 26.95
N ALA E 608 20.58 -26.25 25.65
CA ALA E 608 21.77 -26.29 24.81
C ALA E 608 22.44 -24.93 24.75
N TYR E 609 21.66 -23.86 24.64
CA TYR E 609 22.23 -22.52 24.65
C TYR E 609 22.88 -22.18 25.99
N ARG E 610 22.22 -22.53 27.10
CA ARG E 610 22.71 -22.12 28.41
C ARG E 610 23.94 -22.90 28.84
N LYS E 611 24.10 -24.15 28.37
CA LYS E 611 25.18 -25.00 28.84
C LYS E 611 26.30 -25.22 27.83
N LEU E 612 26.05 -25.02 26.55
CA LEU E 612 27.07 -25.28 25.54
C LEU E 612 27.49 -24.06 24.75
N GLY E 613 26.56 -23.17 24.41
CA GLY E 613 26.93 -21.96 23.69
C GLY E 613 26.05 -21.65 22.51
N LEU E 614 26.62 -21.02 21.48
CA LEU E 614 25.87 -20.60 20.30
C LEU E 614 26.07 -21.52 19.11
N LYS E 615 27.32 -21.90 18.80
CA LYS E 615 27.57 -22.77 17.65
C LYS E 615 26.88 -24.11 17.83
N ASP E 616 27.03 -24.71 19.01
CA ASP E 616 26.37 -25.98 19.29
C ASP E 616 24.86 -25.84 19.19
N THR E 617 24.31 -24.73 19.67
CA THR E 617 22.87 -24.50 19.57
C THR E 617 22.43 -24.39 18.12
N VAL E 618 23.20 -23.71 17.28
CA VAL E 618 22.84 -23.56 15.88
C VAL E 618 22.84 -24.91 15.17
N ILE E 619 23.90 -25.69 15.37
CA ILE E 619 23.98 -27.02 14.74
C ILE E 619 22.85 -27.91 15.26
N PHE E 620 22.57 -27.84 16.56
CA PHE E 620 21.50 -28.65 17.14
C PHE E 620 20.15 -28.27 16.56
N ALA E 621 19.90 -26.97 16.37
CA ALA E 621 18.64 -26.53 15.78
C ALA E 621 18.51 -27.00 14.34
N ASP E 622 19.59 -26.90 13.56
CA ASP E 622 19.54 -27.38 12.18
C ASP E 622 19.27 -28.88 12.12
N GLN E 623 19.95 -29.66 12.97
CA GLN E 623 19.74 -31.11 13.00
C GLN E 623 18.33 -31.45 13.46
N ILE E 624 17.81 -30.71 14.43
CA ILE E 624 16.45 -30.93 14.91
C ILE E 624 15.46 -30.69 13.80
N MET E 625 15.63 -29.60 13.05
CA MET E 625 14.71 -29.30 11.96
C MET E 625 14.78 -30.37 10.88
N TYR E 626 15.99 -30.80 10.53
CA TYR E 626 16.13 -31.86 9.52
C TYR E 626 15.45 -33.15 9.97
N THR E 627 15.72 -33.59 11.20
CA THR E 627 15.13 -34.84 11.69
C THR E 627 13.62 -34.73 11.79
N GLY E 628 13.12 -33.60 12.29
CA GLY E 628 11.68 -33.42 12.39
C GLY E 628 11.00 -33.46 11.04
N PHE E 629 11.55 -32.77 10.05
CA PHE E 629 10.97 -32.81 8.71
C PHE E 629 10.99 -34.22 8.15
N ALA E 630 12.12 -34.92 8.29
CA ALA E 630 12.26 -36.25 7.72
C ALA E 630 11.26 -37.22 8.33
N TYR E 631 11.12 -37.20 9.66
CA TYR E 631 10.24 -38.18 10.28
C TYR E 631 8.78 -37.75 10.29
N ALA E 632 8.49 -36.47 10.09
CA ALA E 632 7.12 -36.07 9.80
C ALA E 632 6.71 -36.53 8.41
N ALA E 633 7.64 -36.49 7.46
CA ALA E 633 7.37 -37.05 6.14
C ALA E 633 7.17 -38.57 6.21
N LEU E 634 8.02 -39.25 6.97
CA LEU E 634 7.91 -40.70 7.09
C LEU E 634 6.69 -41.13 7.92
N SER E 635 6.17 -40.26 8.77
CA SER E 635 5.02 -40.62 9.59
C SER E 635 3.78 -40.88 8.74
N GLY E 636 3.55 -40.04 7.72
CA GLY E 636 2.35 -40.16 6.93
C GLY E 636 1.10 -39.65 7.62
N VAL E 637 1.24 -38.66 8.50
CA VAL E 637 0.10 -38.14 9.24
C VAL E 637 -0.83 -37.40 8.29
N SER E 638 -2.12 -37.75 8.34
CA SER E 638 -3.11 -37.18 7.45
C SER E 638 -4.38 -36.88 8.21
N VAL E 639 -5.13 -35.89 7.73
CA VAL E 639 -6.42 -35.52 8.30
C VAL E 639 -7.52 -36.17 7.47
N GLY E 640 -8.44 -36.86 8.14
CA GLY E 640 -9.55 -37.49 7.48
C GLY E 640 -10.85 -37.22 8.21
N ILE E 641 -11.96 -37.52 7.53
CA ILE E 641 -13.27 -37.30 8.12
C ILE E 641 -13.54 -38.27 9.27
N ASP E 642 -12.84 -39.40 9.32
CA ASP E 642 -12.99 -40.33 10.42
C ASP E 642 -12.14 -39.95 11.64
N ASP E 643 -11.20 -39.03 11.48
CA ASP E 643 -10.43 -38.55 12.63
C ASP E 643 -11.25 -37.67 13.55
N MET E 644 -12.32 -37.05 13.04
CA MET E 644 -13.22 -36.23 13.84
C MET E 644 -14.31 -37.13 14.38
N VAL E 645 -14.11 -37.67 15.58
CA VAL E 645 -15.08 -38.54 16.22
C VAL E 645 -15.94 -37.69 17.16
N VAL E 646 -17.22 -37.60 16.85
CA VAL E 646 -18.18 -36.87 17.69
C VAL E 646 -18.63 -37.82 18.79
N PRO E 647 -18.50 -37.45 20.06
CA PRO E 647 -18.91 -38.35 21.14
C PRO E 647 -20.40 -38.66 21.10
N ALA E 648 -20.74 -39.88 21.50
CA ALA E 648 -22.13 -40.31 21.52
C ALA E 648 -22.93 -39.64 22.64
N ALA E 649 -22.26 -39.04 23.62
CA ALA E 649 -22.95 -38.36 24.72
C ALA E 649 -23.41 -36.96 24.34
N LYS E 650 -22.93 -36.41 23.22
CA LYS E 650 -23.29 -35.05 22.83
C LYS E 650 -24.79 -34.92 22.59
N TYR E 651 -25.38 -35.89 21.90
CA TYR E 651 -26.81 -35.83 21.60
C TYR E 651 -27.65 -35.93 22.88
N THR E 652 -27.25 -36.82 23.79
CA THR E 652 -27.97 -36.96 25.06
C THR E 652 -27.88 -35.66 25.87
N GLU E 653 -26.70 -35.06 25.93
CA GLU E 653 -26.54 -33.82 26.68
C GLU E 653 -27.37 -32.70 26.07
N ILE E 654 -27.39 -32.62 24.73
CA ILE E 654 -28.20 -31.61 24.06
C ILE E 654 -29.67 -31.81 24.37
N ALA E 655 -30.14 -33.07 24.34
CA ALA E 655 -31.53 -33.35 24.65
C ALA E 655 -31.88 -32.96 26.08
N GLU E 656 -30.99 -33.28 27.03
CA GLU E 656 -31.25 -32.91 28.42
C GLU E 656 -31.32 -31.40 28.59
N ALA E 657 -30.38 -30.68 27.97
CA ALA E 657 -30.40 -29.22 28.06
C ALA E 657 -31.68 -28.64 27.47
N GLU E 658 -32.09 -29.13 26.30
CA GLU E 658 -33.30 -28.64 25.68
C GLU E 658 -34.53 -28.93 26.53
N GLU E 659 -34.58 -30.12 27.13
CA GLU E 659 -35.71 -30.47 27.98
C GLU E 659 -35.82 -29.53 29.17
N GLU E 660 -34.70 -29.24 29.85
CA GLU E 660 -34.88 -28.41 31.04
C GLU E 660 -35.05 -26.95 30.64
N VAL E 661 -34.58 -26.56 29.44
CA VAL E 661 -34.95 -25.26 28.89
C VAL E 661 -36.46 -25.15 28.73
N ARG E 662 -37.08 -26.22 28.23
CA ARG E 662 -38.54 -26.24 28.13
C ARG E 662 -39.17 -26.11 29.51
N GLU E 663 -38.61 -26.81 30.50
CA GLU E 663 -39.14 -26.76 31.86
C GLU E 663 -39.07 -25.35 32.44
N ILE E 664 -37.94 -24.67 32.25
CA ILE E 664 -37.79 -23.34 32.83
C ILE E 664 -38.57 -22.31 32.03
N GLN E 665 -38.80 -22.55 30.74
CA GLN E 665 -39.75 -21.71 30.01
C GLN E 665 -41.13 -21.82 30.63
N GLU E 666 -41.54 -23.05 30.97
CA GLU E 666 -42.81 -23.23 31.67
C GLU E 666 -42.80 -22.50 33.01
N GLN E 667 -41.67 -22.54 33.71
CA GLN E 667 -41.54 -21.79 34.96
C GLN E 667 -41.69 -20.29 34.74
N PHE E 668 -41.15 -19.80 33.61
CA PHE E 668 -41.28 -18.38 33.29
C PHE E 668 -42.73 -17.99 33.03
N GLN E 669 -43.48 -18.86 32.34
CA GLN E 669 -44.89 -18.57 32.14
C GLN E 669 -45.67 -18.53 33.45
N SER E 670 -45.14 -19.12 34.52
CA SER E 670 -45.80 -19.12 35.82
C SER E 670 -45.43 -17.93 36.68
N GLY E 671 -44.49 -17.09 36.24
CA GLY E 671 -44.09 -15.94 37.03
C GLY E 671 -43.17 -16.22 38.19
N LEU E 672 -42.64 -17.44 38.30
CA LEU E 672 -41.74 -17.76 39.40
C LEU E 672 -40.44 -16.98 39.29
N VAL E 673 -39.94 -16.79 38.07
CA VAL E 673 -38.70 -16.07 37.83
C VAL E 673 -38.91 -15.05 36.73
N THR E 674 -38.03 -14.05 36.69
CA THR E 674 -38.11 -12.99 35.71
C THR E 674 -37.39 -13.38 34.43
N ALA E 675 -37.47 -12.50 33.43
CA ALA E 675 -36.82 -12.78 32.15
C ALA E 675 -35.30 -12.77 32.26
N GLY E 676 -34.75 -11.83 33.04
CA GLY E 676 -33.31 -11.76 33.20
C GLY E 676 -32.73 -13.00 33.85
N GLU E 677 -33.39 -13.49 34.90
CA GLU E 677 -32.93 -14.72 35.55
C GLU E 677 -32.98 -15.90 34.60
N ARG E 678 -34.06 -16.00 33.81
CA ARG E 678 -34.18 -17.07 32.83
C ARG E 678 -33.06 -17.01 31.81
N TYR E 679 -32.76 -15.81 31.31
CA TYR E 679 -31.65 -15.63 30.38
C TYR E 679 -30.33 -16.07 31.01
N ASN E 680 -30.09 -15.65 32.25
CA ASN E 680 -28.82 -15.97 32.91
C ASN E 680 -28.67 -17.48 33.08
N LYS E 681 -29.72 -18.16 33.53
CA LYS E 681 -29.55 -19.60 33.77
C LYS E 681 -29.53 -20.38 32.48
N VAL E 682 -30.20 -19.92 31.42
CA VAL E 682 -30.08 -20.56 30.11
C VAL E 682 -28.65 -20.47 29.61
N ILE E 683 -28.03 -19.28 29.74
CA ILE E 683 -26.64 -19.13 29.35
C ILE E 683 -25.74 -20.03 30.19
N ASP E 684 -26.03 -20.10 31.49
CA ASP E 684 -25.21 -20.93 32.38
C ASP E 684 -25.28 -22.41 32.00
N ILE E 685 -26.50 -22.92 31.76
CA ILE E 685 -26.62 -24.33 31.40
C ILE E 685 -25.99 -24.60 30.05
N TRP E 686 -26.08 -23.65 29.12
CA TRP E 686 -25.49 -23.90 27.81
C TRP E 686 -23.97 -23.92 27.90
N ALA E 687 -23.39 -23.06 28.73
CA ALA E 687 -21.96 -23.14 28.98
C ALA E 687 -21.58 -24.47 29.63
N SER E 688 -22.37 -24.91 30.61
CA SER E 688 -22.09 -26.18 31.29
C SER E 688 -22.17 -27.36 30.32
N THR E 689 -23.18 -27.35 29.45
CA THR E 689 -23.33 -28.42 28.47
C THR E 689 -22.19 -28.40 27.45
N ASN E 690 -21.77 -27.21 27.04
CA ASN E 690 -20.61 -27.12 26.16
C ASN E 690 -19.37 -27.69 26.83
N ASP E 691 -19.17 -27.38 28.12
CA ASP E 691 -18.03 -27.92 28.85
C ASP E 691 -18.10 -29.43 28.95
N ARG E 692 -19.29 -29.97 29.25
CA ARG E 692 -19.44 -31.41 29.37
C ARG E 692 -19.19 -32.11 28.04
N VAL E 693 -19.72 -31.56 26.95
CA VAL E 693 -19.51 -32.15 25.63
C VAL E 693 -18.04 -32.09 25.24
N ALA E 694 -17.38 -30.97 25.53
CA ALA E 694 -15.95 -30.86 25.25
C ALA E 694 -15.15 -31.88 26.05
N LYS E 695 -15.49 -32.06 27.32
CA LYS E 695 -14.78 -33.05 28.15
C LYS E 695 -14.99 -34.46 27.60
N ALA E 696 -16.22 -34.80 27.23
CA ALA E 696 -16.50 -36.13 26.69
C ALA E 696 -15.74 -36.36 25.38
N MET E 697 -15.75 -35.36 24.50
CA MET E 697 -15.03 -35.49 23.23
C MET E 697 -13.54 -35.63 23.45
N MET E 698 -12.98 -34.84 24.37
CA MET E 698 -11.55 -34.91 24.64
C MET E 698 -11.18 -36.27 25.23
N GLU E 699 -12.01 -36.80 26.13
CA GLU E 699 -11.76 -38.13 26.68
C GLU E 699 -11.83 -39.21 25.60
N ASN E 700 -12.80 -39.10 24.69
CA ASN E 700 -12.92 -40.09 23.63
C ASN E 700 -11.79 -39.97 22.62
N LEU E 701 -11.23 -38.78 22.46
CA LEU E 701 -10.17 -38.54 21.49
C LEU E 701 -8.77 -38.81 22.04
N SER E 702 -8.59 -38.78 23.35
CA SER E 702 -7.25 -38.83 23.94
C SER E 702 -6.77 -40.23 24.25
N SER E 703 -7.63 -41.25 24.15
CA SER E 703 -7.26 -42.57 24.64
C SER E 703 -7.78 -43.65 23.70
N GLU E 704 -7.15 -44.83 23.81
CA GLU E 704 -7.56 -46.01 23.07
C GLU E 704 -7.19 -47.24 23.89
N GLN E 705 -7.81 -48.37 23.56
CA GLN E 705 -7.56 -49.64 24.21
C GLN E 705 -6.78 -50.53 23.26
N VAL E 706 -5.68 -51.10 23.75
CA VAL E 706 -4.80 -51.95 22.94
C VAL E 706 -4.59 -53.27 23.65
N ILE E 707 -4.03 -54.24 22.92
CA ILE E 707 -3.68 -55.54 23.49
C ILE E 707 -2.17 -55.57 23.70
N ASN E 708 -1.76 -55.88 24.92
CA ASN E 708 -0.34 -55.93 25.26
C ASN E 708 0.21 -57.34 25.04
N ARG E 709 1.44 -57.57 25.49
CA ARG E 709 2.09 -58.87 25.25
C ARG E 709 1.36 -60.00 25.97
N GLN E 710 0.93 -59.76 27.20
CA GLN E 710 0.26 -60.80 27.98
C GLN E 710 -1.14 -61.11 27.45
N GLY E 711 -1.70 -60.28 26.59
CA GLY E 711 -3.01 -60.50 26.03
C GLY E 711 -4.12 -59.68 26.64
N GLU E 712 -3.87 -59.04 27.78
CA GLU E 712 -4.89 -58.22 28.42
C GLU E 712 -5.09 -56.92 27.64
N GLN E 713 -6.05 -56.12 28.09
CA GLN E 713 -6.34 -54.82 27.49
C GLN E 713 -5.67 -53.72 28.30
N GLU E 714 -4.91 -52.88 27.62
CA GLU E 714 -4.16 -51.81 28.25
C GLU E 714 -4.58 -50.46 27.67
N LYS E 715 -4.37 -49.42 28.48
CA LYS E 715 -4.79 -48.06 28.19
C LYS E 715 -3.64 -47.34 27.50
N GLN E 716 -3.87 -46.82 26.31
CA GLN E 716 -2.83 -46.17 25.52
C GLN E 716 -3.29 -44.79 25.08
N GLU E 717 -2.36 -43.85 25.01
CA GLU E 717 -2.69 -42.53 24.47
C GLU E 717 -2.95 -42.65 22.98
N SER E 718 -3.99 -41.96 22.51
CA SER E 718 -4.46 -42.14 21.15
C SER E 718 -3.46 -41.57 20.14
N PHE E 719 -3.43 -42.21 18.96
CA PHE E 719 -2.60 -41.77 17.84
C PHE E 719 -3.43 -41.04 16.79
N ASN E 720 -4.55 -40.46 17.18
CA ASN E 720 -5.37 -39.69 16.25
C ASN E 720 -4.59 -38.51 15.72
N SER E 721 -4.72 -38.26 14.41
CA SER E 721 -3.92 -37.22 13.77
C SER E 721 -4.23 -35.85 14.37
N ILE E 722 -5.52 -35.54 14.54
CA ILE E 722 -5.89 -34.24 15.11
C ILE E 722 -5.46 -34.15 16.56
N TYR E 723 -5.62 -35.23 17.33
CA TYR E 723 -5.16 -35.22 18.71
C TYR E 723 -3.66 -35.06 18.80
N MET E 724 -2.91 -35.73 17.91
CA MET E 724 -1.46 -35.57 17.91
C MET E 724 -1.07 -34.14 17.54
N MET E 725 -1.77 -33.53 16.58
CA MET E 725 -1.47 -32.16 16.21
C MET E 725 -1.73 -31.20 17.36
N ALA E 726 -2.82 -31.41 18.10
CA ALA E 726 -3.13 -30.51 19.21
C ALA E 726 -2.19 -30.74 20.40
N ASP E 727 -1.94 -32.00 20.75
CA ASP E 727 -1.13 -32.29 21.93
C ASP E 727 0.33 -31.90 21.73
N SER E 728 0.86 -32.10 20.52
CA SER E 728 2.25 -31.74 20.26
C SER E 728 2.47 -30.25 20.29
N GLY E 729 1.41 -29.44 20.17
CA GLY E 729 1.57 -28.00 20.10
C GLY E 729 1.97 -27.48 18.75
N ALA E 730 1.99 -28.33 17.72
CA ALA E 730 2.35 -27.87 16.37
C ALA E 730 1.32 -26.88 15.86
N ARG E 731 0.07 -27.30 15.76
CA ARG E 731 -1.01 -26.42 15.33
C ARG E 731 -2.31 -26.95 15.91
N GLY E 732 -3.12 -26.06 16.47
CA GLY E 732 -4.39 -26.42 17.04
C GLY E 732 -4.36 -26.38 18.57
N SER E 733 -5.55 -26.46 19.14
CA SER E 733 -5.71 -26.44 20.59
C SER E 733 -7.00 -27.19 20.93
N ALA E 734 -7.35 -27.18 22.22
CA ALA E 734 -8.55 -27.86 22.67
C ALA E 734 -9.81 -27.19 22.13
N ALA E 735 -9.80 -25.84 22.05
CA ALA E 735 -10.98 -25.12 21.60
C ALA E 735 -11.32 -25.44 20.15
N GLN E 736 -10.30 -25.50 19.28
CA GLN E 736 -10.57 -25.78 17.88
C GLN E 736 -11.05 -27.21 17.67
N ILE E 737 -10.49 -28.16 18.43
CA ILE E 737 -11.00 -29.53 18.38
C ILE E 737 -12.44 -29.57 18.88
N ARG E 738 -12.75 -28.75 19.88
CA ARG E 738 -14.12 -28.67 20.38
C ARG E 738 -15.07 -28.18 19.29
N GLN E 739 -14.65 -27.17 18.53
CA GLN E 739 -15.49 -26.70 17.42
C GLN E 739 -15.59 -27.75 16.31
N LEU E 740 -14.53 -28.52 16.07
CA LEU E 740 -14.56 -29.50 14.99
C LEU E 740 -15.45 -30.70 15.32
N ALA E 741 -15.34 -31.23 16.54
CA ALA E 741 -15.99 -32.50 16.88
C ALA E 741 -16.98 -32.40 18.03
N GLY E 742 -17.12 -31.24 18.65
CA GLY E 742 -18.07 -31.08 19.74
C GLY E 742 -19.15 -30.06 19.45
N MET E 743 -19.12 -28.94 20.17
CA MET E 743 -20.09 -27.88 20.00
C MET E 743 -19.37 -26.57 19.70
N ARG E 744 -19.99 -25.74 18.85
CA ARG E 744 -19.44 -24.42 18.59
C ARG E 744 -19.68 -23.47 19.76
N GLY E 745 -20.77 -23.68 20.51
CA GLY E 745 -21.03 -22.90 21.70
C GLY E 745 -21.83 -21.64 21.45
N LEU E 746 -22.05 -20.91 22.53
CA LEU E 746 -22.78 -19.65 22.46
C LEU E 746 -21.96 -18.59 21.74
N MET E 747 -22.64 -17.79 20.92
CA MET E 747 -22.01 -16.68 20.21
C MET E 747 -22.72 -15.38 20.56
N ALA E 748 -22.06 -14.27 20.28
CA ALA E 748 -22.53 -12.96 20.68
C ALA E 748 -23.16 -12.21 19.51
N ARG E 749 -24.10 -11.33 19.83
CA ARG E 749 -24.70 -10.43 18.88
C ARG E 749 -23.70 -9.33 18.52
N PRO E 750 -23.96 -8.56 17.45
CA PRO E 750 -23.02 -7.49 17.08
C PRO E 750 -22.74 -6.51 18.21
N ASP E 751 -23.73 -6.18 19.04
CA ASP E 751 -23.48 -5.26 20.15
C ASP E 751 -22.65 -5.92 21.25
N GLY E 752 -22.79 -7.24 21.42
CA GLY E 752 -22.03 -7.94 22.43
C GLY E 752 -22.83 -8.93 23.24
N SER E 753 -24.16 -8.81 23.21
CA SER E 753 -25.02 -9.70 23.96
C SER E 753 -24.97 -11.11 23.38
N ILE E 754 -25.09 -12.10 24.26
CA ILE E 754 -24.96 -13.51 23.88
C ILE E 754 -26.34 -14.08 23.59
N ILE E 755 -26.47 -14.73 22.43
CA ILE E 755 -27.74 -15.33 22.05
C ILE E 755 -28.02 -16.55 22.91
N GLU E 756 -29.29 -16.72 23.30
CA GLU E 756 -29.66 -17.82 24.19
C GLU E 756 -29.40 -19.17 23.54
N THR E 757 -29.91 -19.37 22.34
CA THR E 757 -29.74 -20.65 21.65
C THR E 757 -28.35 -20.72 21.03
N PRO E 758 -27.52 -21.68 21.41
CA PRO E 758 -26.18 -21.79 20.83
C PRO E 758 -26.18 -22.69 19.61
N ILE E 759 -25.01 -22.75 18.96
CA ILE E 759 -24.81 -23.62 17.80
C ILE E 759 -24.51 -25.02 18.35
N THR E 760 -25.54 -25.87 18.37
CA THR E 760 -25.39 -27.24 18.85
C THR E 760 -24.81 -28.17 17.80
N ALA E 761 -24.22 -27.64 16.74
CA ALA E 761 -23.64 -28.44 15.68
C ALA E 761 -22.18 -28.04 15.48
N ASN E 762 -21.37 -29.01 15.09
CA ASN E 762 -19.96 -28.80 14.83
C ASN E 762 -19.74 -28.71 13.32
N PHE E 763 -18.47 -28.60 12.92
CA PHE E 763 -18.15 -28.48 11.51
C PHE E 763 -18.16 -29.82 10.78
N LYS E 764 -18.10 -30.93 11.51
CA LYS E 764 -18.18 -32.24 10.84
C LYS E 764 -19.61 -32.52 10.37
N GLU E 765 -20.60 -32.25 11.22
CA GLU E 765 -21.99 -32.42 10.81
C GLU E 765 -22.44 -31.31 9.89
N GLY E 766 -21.98 -30.08 10.14
CA GLY E 766 -22.33 -28.96 9.30
C GLY E 766 -23.41 -28.08 9.90
N LEU E 767 -23.25 -26.77 9.76
CA LEU E 767 -24.20 -25.81 10.29
C LEU E 767 -25.28 -25.50 9.25
N ASN E 768 -26.41 -25.00 9.73
CA ASN E 768 -27.47 -24.54 8.84
C ASN E 768 -27.27 -23.05 8.57
N VAL E 769 -28.28 -22.41 7.98
CA VAL E 769 -28.15 -21.02 7.57
C VAL E 769 -28.05 -20.10 8.78
N LEU E 770 -28.93 -20.31 9.77
CA LEU E 770 -28.97 -19.42 10.93
C LEU E 770 -27.67 -19.47 11.72
N GLN E 771 -27.16 -20.68 11.96
CA GLN E 771 -25.92 -20.81 12.72
C GLN E 771 -24.75 -20.17 11.98
N TYR E 772 -24.71 -20.31 10.66
CA TYR E 772 -23.64 -19.68 9.88
C TYR E 772 -23.75 -18.17 9.93
N PHE E 773 -24.97 -17.63 9.88
CA PHE E 773 -25.14 -16.19 10.00
C PHE E 773 -24.66 -15.68 11.36
N ILE E 774 -25.01 -16.41 12.43
CA ILE E 774 -24.57 -16.04 13.77
C ILE E 774 -23.05 -16.08 13.86
N SER E 775 -22.43 -17.08 13.22
CA SER E 775 -20.97 -17.17 13.21
C SER E 775 -20.35 -16.00 12.48
N THR E 776 -20.92 -15.61 11.34
CA THR E 776 -20.42 -14.45 10.60
C THR E 776 -20.50 -13.19 11.44
N HIS E 777 -21.54 -13.08 12.28
CA HIS E 777 -21.67 -11.93 13.18
C HIS E 777 -20.38 -11.69 13.96
N GLY E 778 -19.77 -12.74 14.48
CA GLY E 778 -18.54 -12.60 15.25
C GLY E 778 -17.28 -12.60 14.40
N ALA E 779 -17.29 -13.31 13.28
CA ALA E 779 -16.11 -13.33 12.41
C ALA E 779 -15.83 -11.93 11.86
N ARG E 780 -16.86 -11.21 11.42
CA ARG E 780 -16.66 -9.86 10.91
C ARG E 780 -16.12 -8.95 12.00
N LYS E 781 -16.65 -9.08 13.22
CA LYS E 781 -16.15 -8.30 14.35
C LYS E 781 -14.67 -8.56 14.58
N GLY E 782 -14.27 -9.83 14.56
CA GLY E 782 -12.87 -10.15 14.78
C GLY E 782 -11.97 -9.55 13.72
N LEU E 783 -12.37 -9.66 12.45
CA LEU E 783 -11.55 -9.11 11.37
C LEU E 783 -11.42 -7.59 11.49
N ALA E 784 -12.53 -6.90 11.75
CA ALA E 784 -12.47 -5.44 11.88
C ALA E 784 -11.64 -5.02 13.09
N ASP E 785 -11.77 -5.75 14.19
CA ASP E 785 -10.99 -5.44 15.39
C ASP E 785 -9.51 -5.60 15.13
N THR E 786 -9.12 -6.66 14.41
CA THR E 786 -7.71 -6.81 14.05
C THR E 786 -7.25 -5.65 13.19
N ALA E 787 -8.07 -5.26 12.21
CA ALA E 787 -7.68 -4.18 11.29
C ALA E 787 -7.44 -2.87 12.03
N LEU E 788 -8.30 -2.54 12.99
CA LEU E 788 -8.12 -1.27 13.70
C LEU E 788 -7.02 -1.36 14.77
N LYS E 789 -6.92 -2.51 15.45
CA LYS E 789 -5.91 -2.64 16.50
C LYS E 789 -4.50 -2.64 15.91
N THR E 790 -4.35 -3.03 14.65
CA THR E 790 -3.02 -2.92 14.03
C THR E 790 -2.57 -1.47 13.97
N ALA E 791 -3.44 -0.57 13.53
CA ALA E 791 -3.10 0.85 13.47
C ALA E 791 -2.87 1.42 14.87
N ASN E 792 -3.70 1.01 15.84
CA ASN E 792 -3.49 1.47 17.21
C ASN E 792 -2.12 1.06 17.74
N SER E 793 -1.74 -0.19 17.52
CA SER E 793 -0.44 -0.68 17.98
C SER E 793 0.70 0.05 17.26
N GLY E 794 0.53 0.32 15.96
CA GLY E 794 1.55 1.06 15.23
C GLY E 794 1.77 2.45 15.80
N TYR E 795 0.67 3.17 16.09
CA TYR E 795 0.81 4.50 16.66
C TYR E 795 1.46 4.45 18.04
N LEU E 796 1.06 3.48 18.87
CA LEU E 796 1.67 3.36 20.20
C LEU E 796 3.16 3.07 20.10
N THR E 797 3.55 2.18 19.19
CA THR E 797 4.97 1.86 19.02
C THR E 797 5.75 3.07 18.54
N ARG E 798 5.17 3.84 17.61
CA ARG E 798 5.84 5.05 17.15
C ARG E 798 6.06 6.04 18.28
N ARG E 799 5.03 6.24 19.12
CA ARG E 799 5.18 7.15 20.25
C ARG E 799 6.25 6.67 21.23
N LEU E 800 6.27 5.37 21.52
CA LEU E 800 7.27 4.83 22.43
C LEU E 800 8.67 5.00 21.87
N VAL E 801 8.86 4.73 20.58
CA VAL E 801 10.17 4.89 19.96
C VAL E 801 10.61 6.34 20.02
N ASP E 802 9.70 7.27 19.72
CA ASP E 802 10.07 8.68 19.73
C ASP E 802 10.34 9.19 21.15
N VAL E 803 9.74 8.57 22.16
CA VAL E 803 10.00 9.01 23.53
C VAL E 803 11.23 8.35 24.12
N ALA E 804 11.67 7.21 23.59
CA ALA E 804 12.80 6.48 24.17
C ALA E 804 13.99 6.34 23.24
N GLN E 805 14.04 7.09 22.14
CA GLN E 805 15.13 6.91 21.18
C GLN E 805 16.46 7.44 21.70
N ASP E 806 16.45 8.27 22.74
CA ASP E 806 17.67 8.89 23.24
C ASP E 806 18.39 8.09 24.31
N VAL E 807 17.83 6.96 24.74
CA VAL E 807 18.43 6.17 25.81
C VAL E 807 19.51 5.29 25.20
N VAL E 808 20.77 5.60 25.52
CA VAL E 808 21.92 4.82 25.08
C VAL E 808 22.80 4.54 26.28
N VAL E 809 23.31 3.30 26.36
CA VAL E 809 24.24 2.94 27.43
C VAL E 809 25.55 3.70 27.19
N THR E 810 25.84 4.67 28.05
CA THR E 810 26.99 5.55 27.85
C THR E 810 28.16 5.22 28.75
N GLU E 811 27.93 4.71 29.95
CA GLU E 811 28.99 4.37 30.88
C GLU E 811 28.89 2.90 31.27
N HIS E 812 29.84 2.46 32.11
CA HIS E 812 29.81 1.13 32.69
C HIS E 812 29.17 1.11 34.06
N ASP E 813 29.63 1.97 34.97
CA ASP E 813 29.05 2.10 36.30
C ASP E 813 28.96 3.56 36.66
N CYS E 814 27.78 3.98 37.12
CA CYS E 814 27.56 5.35 37.56
C CYS E 814 27.84 5.55 39.04
N GLY E 815 28.18 4.48 39.77
CA GLY E 815 28.54 4.58 41.17
C GLY E 815 27.41 5.07 42.06
N THR E 816 26.21 4.51 41.88
CA THR E 816 25.06 4.86 42.69
C THR E 816 24.71 3.72 43.63
N LEU E 817 24.24 4.08 44.83
CA LEU E 817 23.81 3.11 45.83
C LEU E 817 22.32 2.88 45.82
N GLU E 818 21.56 3.66 45.06
CA GLU E 818 20.12 3.49 45.00
C GLU E 818 19.76 2.25 44.18
N GLY E 819 18.52 1.80 44.36
CA GLY E 819 18.03 0.65 43.64
C GLY E 819 16.58 0.42 43.96
N VAL E 820 16.01 -0.60 43.34
CA VAL E 820 14.62 -0.98 43.54
C VAL E 820 14.55 -2.34 44.22
N VAL E 821 13.52 -2.51 45.04
CA VAL E 821 13.29 -3.75 45.78
C VAL E 821 12.48 -4.70 44.90
N MET E 822 12.82 -5.98 44.98
CA MET E 822 12.23 -7.02 44.16
C MET E 822 11.80 -8.17 45.05
N THR E 823 10.52 -8.52 44.97
CA THR E 823 9.88 -9.61 45.68
C THR E 823 9.02 -10.39 44.70
N PRO E 824 8.75 -11.68 44.98
CA PRO E 824 7.85 -12.44 44.11
C PRO E 824 6.47 -11.79 44.04
N HIS E 825 5.88 -11.83 42.85
CA HIS E 825 4.61 -11.17 42.60
C HIS E 825 3.48 -12.10 43.06
N ILE E 826 2.72 -11.66 44.06
CA ILE E 826 1.66 -12.46 44.66
C ILE E 826 0.33 -11.78 44.40
N GLU E 827 -0.62 -12.53 43.86
CA GLU E 827 -1.98 -12.05 43.61
C GLU E 827 -3.00 -13.00 44.22
N GLY E 828 -2.75 -13.41 45.46
CA GLY E 828 -3.65 -14.33 46.15
C GLY E 828 -2.93 -15.39 46.93
N GLY E 829 -3.42 -16.62 46.85
CA GLY E 829 -2.81 -17.75 47.53
C GLY E 829 -1.73 -18.46 46.75
N ASP E 830 -1.44 -18.02 45.53
CA ASP E 830 -0.41 -18.62 44.70
C ASP E 830 0.43 -17.52 44.06
N VAL E 831 1.68 -17.87 43.74
CA VAL E 831 2.58 -16.92 43.10
C VAL E 831 2.21 -16.82 41.63
N LYS E 832 2.34 -15.61 41.08
CA LYS E 832 2.15 -15.40 39.65
C LYS E 832 3.46 -15.56 38.88
N VAL E 833 4.48 -14.83 39.29
CA VAL E 833 5.82 -14.96 38.74
C VAL E 833 6.81 -15.12 39.88
N ALA E 834 7.86 -15.91 39.66
CA ALA E 834 8.84 -16.17 40.69
C ALA E 834 9.88 -15.05 40.76
N LEU E 835 10.64 -15.04 41.85
CA LEU E 835 11.70 -14.05 42.00
C LEU E 835 12.86 -14.33 41.05
N THR E 836 13.08 -15.61 40.70
CA THR E 836 14.16 -15.95 39.78
C THR E 836 13.94 -15.32 38.41
N GLU E 837 12.69 -15.34 37.93
CA GLU E 837 12.39 -14.78 36.61
C GLU E 837 12.66 -13.28 36.58
N LEU E 838 12.28 -12.56 37.64
CA LEU E 838 12.47 -11.12 37.68
C LEU E 838 13.92 -10.73 37.94
N ALA E 839 14.66 -11.53 38.71
CA ALA E 839 16.03 -11.21 39.05
C ALA E 839 17.04 -11.71 38.03
N LEU E 840 16.60 -12.47 37.03
CA LEU E 840 17.50 -13.03 36.03
C LEU E 840 18.05 -11.90 35.16
N GLY E 841 19.34 -11.60 35.32
CA GLY E 841 19.98 -10.58 34.52
C GLY E 841 20.09 -9.20 35.14
N ARG E 842 19.88 -9.08 36.44
CA ARG E 842 19.95 -7.79 37.12
C ARG E 842 21.16 -7.76 38.05
N VAL E 843 21.68 -6.55 38.26
CA VAL E 843 22.87 -6.34 39.07
C VAL E 843 22.44 -6.04 40.51
N VAL E 844 23.06 -6.72 41.46
CA VAL E 844 22.69 -6.58 42.87
C VAL E 844 23.14 -5.23 43.40
N SER E 845 22.26 -4.56 44.15
CA SER E 845 22.54 -3.24 44.68
C SER E 845 23.12 -3.30 46.09
N GLU E 846 22.47 -4.02 47.01
CA GLU E 846 23.02 -4.31 48.31
C GLU E 846 23.06 -5.83 48.53
N ASP E 847 24.03 -6.26 49.33
CA ASP E 847 24.38 -7.66 49.41
C ASP E 847 23.21 -8.52 49.85
N ILE E 848 23.09 -9.70 49.24
CA ILE E 848 21.99 -10.63 49.53
C ILE E 848 22.44 -11.48 50.70
N LEU E 849 22.09 -11.03 51.91
CA LEU E 849 22.43 -11.77 53.11
C LEU E 849 21.51 -12.99 53.27
N LYS E 850 22.07 -14.06 53.81
CA LYS E 850 21.28 -15.24 54.10
C LYS E 850 20.25 -14.92 55.18
N PRO E 851 19.04 -15.45 55.07
CA PRO E 851 18.02 -15.16 56.09
C PRO E 851 18.48 -15.61 57.48
N GLY E 852 18.25 -14.76 58.47
CA GLY E 852 18.66 -15.05 59.83
C GLY E 852 20.15 -15.20 60.02
N THR E 853 20.96 -14.68 59.10
CA THR E 853 22.40 -14.85 59.16
C THR E 853 23.05 -13.64 58.50
N ASP E 854 24.29 -13.33 58.92
CA ASP E 854 25.02 -12.18 58.43
C ASP E 854 26.05 -12.55 57.36
N GLU E 855 25.93 -13.73 56.75
CA GLU E 855 26.82 -14.12 55.67
C GLU E 855 26.38 -13.48 54.36
N VAL E 856 27.34 -12.90 53.64
CA VAL E 856 27.07 -12.27 52.34
C VAL E 856 27.09 -13.38 51.29
N LEU E 857 25.91 -13.90 50.95
CA LEU E 857 25.83 -14.95 49.94
C LEU E 857 26.18 -14.43 48.56
N ILE E 858 25.60 -13.30 48.17
CA ILE E 858 25.85 -12.71 46.86
C ILE E 858 26.36 -11.29 47.05
N PRO E 859 27.60 -11.00 46.68
CA PRO E 859 28.15 -9.65 46.91
C PRO E 859 27.53 -8.60 45.99
N ARG E 860 27.99 -7.37 46.12
CA ARG E 860 27.46 -6.27 45.33
C ARG E 860 28.04 -6.28 43.92
N ASN E 861 27.23 -5.79 42.98
CA ASN E 861 27.66 -5.61 41.58
C ASN E 861 28.02 -6.93 40.92
N THR E 862 27.13 -7.92 41.05
CA THR E 862 27.26 -9.20 40.39
C THR E 862 26.01 -9.50 39.59
N LEU E 863 26.19 -9.86 38.33
CA LEU E 863 25.06 -10.24 37.49
C LEU E 863 24.45 -11.54 37.98
N LEU E 864 23.13 -11.59 38.00
CA LEU E 864 22.41 -12.78 38.46
C LEU E 864 22.08 -13.65 37.25
N ASP E 865 22.92 -14.65 36.99
CA ASP E 865 22.69 -15.61 35.93
C ASP E 865 21.97 -16.83 36.49
N GLU E 866 21.91 -17.90 35.68
CA GLU E 866 21.16 -19.09 36.09
C GLU E 866 21.76 -19.73 37.34
N LYS E 867 23.09 -19.71 37.47
CA LYS E 867 23.73 -20.31 38.64
C LYS E 867 23.32 -19.59 39.92
N TRP E 868 23.41 -18.26 39.92
CA TRP E 868 23.03 -17.52 41.12
C TRP E 868 21.52 -17.55 41.33
N CYS E 869 20.74 -17.68 40.26
CA CYS E 869 19.30 -17.87 40.44
C CYS E 869 18.99 -19.18 41.16
N LYS E 870 19.68 -20.26 40.78
CA LYS E 870 19.52 -21.53 41.48
C LYS E 870 20.00 -21.42 42.92
N VAL E 871 21.09 -20.68 43.15
CA VAL E 871 21.59 -20.48 44.51
C VAL E 871 20.55 -19.76 45.37
N ILE E 872 19.94 -18.71 44.81
CA ILE E 872 18.91 -17.96 45.54
C ILE E 872 17.70 -18.84 45.82
N ASN E 873 17.27 -19.64 44.83
CA ASN E 873 16.13 -20.51 45.03
C ASN E 873 16.41 -21.55 46.11
N ASP E 874 17.62 -22.12 46.12
CA ASP E 874 17.97 -23.10 47.13
C ASP E 874 18.03 -22.47 48.53
N ASN E 875 18.62 -21.27 48.63
CA ASN E 875 18.70 -20.59 49.92
C ASN E 875 17.32 -20.12 50.38
N SER E 876 16.39 -19.94 49.44
CA SER E 876 15.05 -19.43 49.73
C SER E 876 15.10 -17.99 50.26
N VAL E 877 15.63 -17.10 49.43
CA VAL E 877 15.69 -15.68 49.72
C VAL E 877 14.43 -15.02 49.17
N ASP E 878 13.77 -14.21 49.98
CA ASP E 878 12.47 -13.65 49.63
C ASP E 878 12.61 -12.32 48.87
N GLN E 879 13.24 -11.33 49.49
CA GLN E 879 13.32 -9.98 48.96
C GLN E 879 14.77 -9.63 48.68
N ILE E 880 15.04 -9.07 47.50
CA ILE E 880 16.36 -8.59 47.15
C ILE E 880 16.24 -7.17 46.63
N LYS E 881 17.38 -6.52 46.42
CA LYS E 881 17.41 -5.20 45.83
C LYS E 881 18.38 -5.18 44.65
N VAL E 882 17.92 -4.65 43.51
CA VAL E 882 18.71 -4.62 42.30
C VAL E 882 18.71 -3.21 41.72
N ARG E 883 19.75 -2.90 40.95
CA ARG E 883 19.83 -1.62 40.27
C ARG E 883 18.84 -1.55 39.13
N SER E 884 18.37 -0.34 38.84
CA SER E 884 17.38 -0.13 37.80
C SER E 884 17.75 1.10 36.97
N VAL E 885 17.23 1.14 35.74
CA VAL E 885 17.50 2.25 34.85
C VAL E 885 16.86 3.54 35.39
N VAL E 886 15.72 3.42 36.08
CA VAL E 886 15.05 4.61 36.61
C VAL E 886 15.90 5.28 37.68
N THR E 887 16.59 4.49 38.50
CA THR E 887 17.40 5.01 39.58
C THR E 887 18.84 5.31 39.17
N CYS E 888 19.14 5.21 37.87
CA CYS E 888 20.51 5.44 37.40
C CYS E 888 20.91 6.89 37.60
N ASP E 889 22.20 7.08 37.90
CA ASP E 889 22.76 8.40 38.13
C ASP E 889 23.41 9.00 36.89
N SER E 890 23.42 8.30 35.77
CA SER E 890 24.06 8.79 34.55
C SER E 890 23.41 10.09 34.09
N ASP E 891 24.26 11.04 33.69
CA ASP E 891 23.76 12.32 33.21
C ASP E 891 22.98 12.16 31.92
N PHE E 892 23.55 11.45 30.95
CA PHE E 892 22.91 11.19 29.67
C PHE E 892 22.88 9.68 29.44
N GLY E 893 21.68 9.16 29.16
CA GLY E 893 21.55 7.73 29.00
C GLY E 893 21.63 7.00 30.35
N CYS E 894 21.98 5.73 30.26
CA CYS E 894 22.13 4.88 31.44
C CYS E 894 23.49 4.18 31.38
N CYS E 895 23.82 3.47 32.45
CA CYS E 895 25.06 2.73 32.55
C CYS E 895 24.81 1.25 32.40
N ALA E 896 25.89 0.50 32.18
CA ALA E 896 25.78 -0.93 31.93
C ALA E 896 25.24 -1.67 33.14
N GLN E 897 25.71 -1.33 34.34
CA GLN E 897 25.31 -2.06 35.53
C GLN E 897 23.86 -1.80 35.90
N CYS E 898 23.40 -0.55 35.77
CA CYS E 898 22.03 -0.22 36.11
C CYS E 898 21.03 -0.84 35.14
N TYR E 899 21.47 -1.26 33.96
CA TYR E 899 20.60 -1.93 33.01
C TYR E 899 20.64 -3.45 33.18
N GLY E 900 21.84 -4.03 33.18
CA GLY E 900 21.99 -5.45 33.41
C GLY E 900 22.27 -6.24 32.16
N ARG E 901 21.87 -7.51 32.16
CA ARG E 901 22.08 -8.38 31.02
C ARG E 901 21.23 -7.93 29.83
N ASP E 902 21.84 -7.92 28.65
CA ASP E 902 21.09 -7.70 27.42
C ASP E 902 20.49 -9.02 26.99
N LEU E 903 19.15 -9.07 26.89
CA LEU E 903 18.46 -10.35 26.73
C LEU E 903 18.80 -11.02 25.41
N ALA E 904 19.14 -10.25 24.38
CA ALA E 904 19.40 -10.81 23.07
C ALA E 904 20.79 -11.44 22.95
N ARG E 905 21.69 -11.19 23.90
CA ARG E 905 23.04 -11.71 23.84
C ARG E 905 23.40 -12.64 24.99
N GLY E 906 22.88 -12.39 26.18
CA GLY E 906 23.13 -13.24 27.33
C GLY E 906 24.16 -12.73 28.31
N HIS E 907 24.91 -11.69 27.95
CA HIS E 907 25.93 -11.12 28.82
C HIS E 907 25.53 -9.69 29.22
N LEU E 908 26.43 -9.02 29.93
CA LEU E 908 26.20 -7.64 30.31
C LEU E 908 26.09 -6.75 29.08
N VAL E 909 25.22 -5.75 29.15
CA VAL E 909 24.98 -4.88 28.02
C VAL E 909 26.24 -4.10 27.67
N ASN E 910 26.53 -3.98 26.38
CA ASN E 910 27.73 -3.31 25.92
C ASN E 910 27.51 -1.79 25.83
N GLN E 911 28.63 -1.07 25.71
CA GLN E 911 28.57 0.37 25.54
C GLN E 911 28.00 0.72 24.17
N GLY E 912 27.14 1.74 24.13
CA GLY E 912 26.56 2.18 22.89
C GLY E 912 25.31 1.45 22.45
N GLU E 913 24.76 0.58 23.30
CA GLU E 913 23.54 -0.14 22.95
C GLU E 913 22.34 0.79 23.06
N ALA E 914 21.55 0.87 21.99
CA ALA E 914 20.33 1.69 21.97
C ALA E 914 19.22 0.90 22.65
N VAL E 915 19.23 0.91 23.97
CA VAL E 915 18.29 0.11 24.74
C VAL E 915 16.88 0.69 24.68
N GLY E 916 16.73 1.99 24.44
CA GLY E 916 15.40 2.57 24.37
C GLY E 916 14.59 2.08 23.18
N VAL E 917 15.23 2.00 22.02
CA VAL E 917 14.55 1.48 20.84
C VAL E 917 14.16 0.02 21.04
N ILE E 918 15.05 -0.76 21.64
CA ILE E 918 14.76 -2.16 21.93
C ILE E 918 13.56 -2.26 22.87
N ALA E 919 13.53 -1.42 23.91
CA ALA E 919 12.43 -1.43 24.86
C ALA E 919 11.11 -1.09 24.17
N ALA E 920 11.13 -0.03 23.34
CA ALA E 920 9.91 0.39 22.66
C ALA E 920 9.41 -0.69 21.71
N GLN E 921 10.32 -1.31 20.96
CA GLN E 921 9.92 -2.37 20.04
C GLN E 921 9.38 -3.58 20.80
N SER E 922 10.03 -3.93 21.92
CA SER E 922 9.57 -5.08 22.70
C SER E 922 8.18 -4.84 23.27
N ILE E 923 7.90 -3.62 23.73
CA ILE E 923 6.58 -3.34 24.26
C ILE E 923 5.54 -3.29 23.14
N GLY E 924 5.89 -2.70 21.99
CA GLY E 924 4.90 -2.48 20.94
C GLY E 924 4.63 -3.66 20.04
N GLU E 925 5.57 -4.61 19.93
CA GLU E 925 5.36 -5.74 19.03
C GLU E 925 4.16 -6.59 19.40
N PRO E 926 3.93 -6.98 20.67
CA PRO E 926 2.75 -7.78 21.00
C PRO E 926 1.45 -6.99 21.06
N GLY E 927 1.42 -5.76 20.57
CA GLY E 927 0.19 -4.99 20.58
C GLY E 927 -0.90 -5.58 19.70
N THR E 928 -0.51 -6.29 18.64
CA THR E 928 -1.49 -6.94 17.79
C THR E 928 -2.13 -8.12 18.49
N GLN E 929 -1.38 -8.82 19.35
CA GLN E 929 -1.96 -9.94 20.08
C GLN E 929 -2.88 -9.46 21.19
N LEU E 930 -2.65 -8.28 21.73
CA LEU E 930 -3.48 -7.74 22.81
C LEU E 930 -4.88 -7.41 22.29
N THR E 931 -5.86 -7.55 23.18
CA THR E 931 -7.25 -7.25 22.84
C THR E 931 -7.47 -5.75 22.72
N ILE E 950 -11.41 -15.37 53.36
CA ILE E 950 -9.99 -15.58 53.15
C ILE E 950 -9.53 -16.83 53.87
N GLN E 951 -9.42 -17.93 53.14
CA GLN E 951 -8.99 -19.21 53.67
C GLN E 951 -7.57 -19.51 53.22
N ALA E 952 -6.70 -19.83 54.18
CA ALA E 952 -5.31 -20.10 53.88
C ALA E 952 -5.18 -21.39 53.07
N LYS E 953 -4.28 -21.38 52.08
CA LYS E 953 -4.01 -22.54 51.25
C LYS E 953 -2.59 -23.08 51.44
N ASN E 954 -1.90 -22.66 52.50
CA ASN E 954 -0.55 -23.13 52.77
C ASN E 954 -0.33 -23.15 54.27
N ASN E 955 0.65 -23.93 54.69
CA ASN E 955 1.00 -24.07 56.10
C ASN E 955 2.15 -23.14 56.45
N GLY E 956 1.99 -22.37 57.52
CA GLY E 956 3.01 -21.43 57.92
C GLY E 956 2.49 -20.47 58.97
N SER E 957 3.13 -19.31 59.06
CA SER E 957 2.76 -18.27 60.00
C SER E 957 2.11 -17.10 59.29
N VAL E 958 1.50 -16.22 60.07
CA VAL E 958 0.77 -15.07 59.57
C VAL E 958 1.45 -13.79 60.07
N LYS E 959 1.73 -12.88 59.15
CA LYS E 959 2.34 -11.60 59.45
C LYS E 959 1.47 -10.47 58.92
N LEU E 960 1.35 -9.41 59.69
CA LEU E 960 0.54 -8.25 59.33
C LEU E 960 1.43 -7.02 59.17
N HIS E 961 1.12 -6.21 58.16
CA HIS E 961 1.88 -5.00 57.89
C HIS E 961 1.07 -3.75 58.22
N GLU E 981 -1.85 -5.35 55.86
CA GLU E 981 -2.25 -6.44 54.98
C GLU E 981 -1.97 -7.80 55.62
N LEU E 982 -2.55 -8.84 55.02
CA LEU E 982 -2.41 -10.21 55.51
C LEU E 982 -1.35 -10.92 54.68
N THR E 983 -0.36 -11.51 55.34
CA THR E 983 0.66 -12.29 54.64
C THR E 983 0.81 -13.64 55.34
N ILE E 984 0.92 -14.69 54.54
CA ILE E 984 1.18 -16.03 55.04
C ILE E 984 2.55 -16.45 54.53
N ILE E 985 3.45 -16.74 55.46
CA ILE E 985 4.85 -17.06 55.19
C ILE E 985 5.11 -18.50 55.58
N ASP E 986 5.73 -19.27 54.68
CA ASP E 986 6.02 -20.66 54.95
C ASP E 986 7.14 -20.78 55.99
N GLU E 987 7.38 -22.02 56.42
CA GLU E 987 8.42 -22.27 57.41
C GLU E 987 9.81 -21.94 56.87
N PHE E 988 10.00 -22.06 55.56
CA PHE E 988 11.29 -21.74 54.96
C PHE E 988 11.59 -20.25 54.95
N GLY E 989 10.60 -19.41 55.23
CA GLY E 989 10.79 -17.98 55.25
C GLY E 989 10.30 -17.24 54.01
N ARG E 990 9.72 -17.94 53.05
CA ARG E 990 9.18 -17.31 51.86
C ARG E 990 7.74 -16.88 52.09
N THR E 991 7.42 -15.66 51.65
CA THR E 991 6.04 -15.19 51.71
C THR E 991 5.27 -15.78 50.54
N LYS E 992 4.29 -16.62 50.83
CA LYS E 992 3.55 -17.34 49.80
C LYS E 992 2.09 -16.97 49.70
N GLU E 993 1.56 -16.13 50.60
CA GLU E 993 0.20 -15.64 50.43
C GLU E 993 0.13 -14.17 50.80
N LYS E 994 -0.49 -13.36 49.94
CA LYS E 994 -0.73 -11.95 50.22
C LYS E 994 -2.19 -11.63 49.95
N HIS E 995 -2.88 -11.08 50.95
CA HIS E 995 -4.28 -10.74 50.83
C HIS E 995 -4.55 -9.40 51.49
N LYS E 996 -5.58 -8.72 50.99
CA LYS E 996 -5.97 -7.42 51.54
C LYS E 996 -6.61 -7.59 52.91
N LEU E 997 -6.68 -6.48 53.64
CA LEU E 997 -7.24 -6.46 54.99
C LEU E 997 -8.31 -5.36 55.05
N PRO E 998 -9.57 -5.70 54.75
CA PRO E 998 -10.64 -4.71 54.86
C PRO E 998 -10.79 -4.20 56.28
N TYR E 999 -11.14 -2.92 56.40
CA TYR E 999 -11.32 -2.29 57.70
C TYR E 999 -12.71 -2.58 58.26
N LEU E 1003 -10.60 -11.77 62.60
CA LEU E 1003 -9.54 -12.68 62.20
C LEU E 1003 -9.42 -13.87 63.15
N SER E 1004 -9.08 -15.03 62.60
CA SER E 1004 -8.95 -16.24 63.42
C SER E 1004 -7.68 -16.22 64.26
N LYS E 1005 -6.56 -15.79 63.66
CA LYS E 1005 -5.27 -15.80 64.31
C LYS E 1005 -4.72 -14.39 64.41
N ALA E 1006 -3.91 -14.15 65.44
CA ALA E 1006 -3.25 -12.87 65.64
C ALA E 1006 -1.93 -12.85 64.88
N ASP E 1007 -1.12 -11.81 65.10
CA ASP E 1007 0.16 -11.69 64.42
C ASP E 1007 1.13 -12.73 64.95
N GLY E 1008 1.79 -13.44 64.03
CA GLY E 1008 2.78 -14.43 64.40
C GLY E 1008 2.23 -15.80 64.76
N ASP E 1009 0.90 -15.98 64.72
CA ASP E 1009 0.30 -17.26 65.06
C ASP E 1009 0.37 -18.20 63.86
N ALA E 1010 0.83 -19.42 64.10
CA ALA E 1010 0.91 -20.41 63.03
C ALA E 1010 -0.48 -20.83 62.57
N VAL E 1011 -0.63 -21.01 61.26
CA VAL E 1011 -1.90 -21.38 60.66
C VAL E 1011 -1.69 -22.66 59.84
N ALA E 1012 -2.54 -23.65 60.07
CA ALA E 1012 -2.48 -24.90 59.33
C ALA E 1012 -3.23 -24.77 58.01
N ALA E 1013 -3.05 -25.77 57.15
CA ALA E 1013 -3.71 -25.77 55.85
C ALA E 1013 -5.23 -25.88 56.00
N GLY E 1014 -5.95 -25.08 55.22
CA GLY E 1014 -7.40 -25.11 55.22
C GLY E 1014 -8.06 -24.22 56.26
N GLU E 1015 -7.30 -23.60 57.14
CA GLU E 1015 -7.88 -22.73 58.15
C GLU E 1015 -8.40 -21.44 57.52
N THR E 1016 -9.64 -21.08 57.85
CA THR E 1016 -10.26 -19.87 57.32
C THR E 1016 -9.98 -18.72 58.29
N VAL E 1017 -8.93 -17.95 58.00
CA VAL E 1017 -8.59 -16.82 58.85
C VAL E 1017 -9.68 -15.77 58.83
N ALA E 1018 -10.21 -15.46 57.64
CA ALA E 1018 -11.27 -14.47 57.46
C ALA E 1018 -10.91 -13.13 58.07
N GLY E 1136 -9.51 -3.88 25.52
CA GLY E 1136 -9.38 -3.61 26.94
C GLY E 1136 -7.94 -3.62 27.43
N GLY E 1137 -7.04 -4.19 26.63
CA GLY E 1137 -5.64 -4.25 26.98
C GLY E 1137 -4.80 -3.18 26.30
N LEU E 1138 -4.94 -3.06 24.98
CA LEU E 1138 -4.17 -2.06 24.24
C LEU E 1138 -4.54 -0.64 24.66
N PRO E 1139 -5.82 -0.24 24.72
CA PRO E 1139 -6.12 1.11 25.22
C PRO E 1139 -5.64 1.33 26.65
N ARG E 1140 -5.70 0.30 27.50
CA ARG E 1140 -5.19 0.44 28.86
C ARG E 1140 -3.71 0.75 28.87
N VAL E 1141 -2.94 0.04 28.03
CA VAL E 1141 -1.51 0.31 27.91
C VAL E 1141 -1.28 1.73 27.39
N ALA E 1142 -2.10 2.15 26.42
CA ALA E 1142 -1.95 3.48 25.84
C ALA E 1142 -2.16 4.56 26.90
N ASP E 1143 -3.23 4.46 27.69
CA ASP E 1143 -3.46 5.44 28.75
C ASP E 1143 -2.41 5.35 29.84
N LEU E 1144 -1.92 4.13 30.13
CA LEU E 1144 -0.89 3.97 31.14
C LEU E 1144 0.40 4.68 30.75
N PHE E 1145 0.80 4.54 29.48
CA PHE E 1145 2.02 5.18 29.01
C PHE E 1145 1.84 6.68 28.76
N GLU E 1146 0.60 7.14 28.61
CA GLU E 1146 0.31 8.55 28.39
C GLU E 1146 0.00 9.31 29.67
N ALA E 1147 0.07 8.64 30.83
CA ALA E 1147 -0.21 9.27 32.12
C ALA E 1147 -1.59 9.92 32.12
N ARG E 1148 -2.56 9.22 31.55
CA ARG E 1148 -3.92 9.75 31.45
C ARG E 1148 -4.56 9.86 32.83
N LYS E 1149 -5.26 10.96 33.05
CA LYS E 1149 -5.95 11.17 34.32
C LYS E 1149 -7.28 10.44 34.31
N PRO E 1150 -7.56 9.60 35.30
CA PRO E 1150 -8.86 8.91 35.34
C PRO E 1150 -10.01 9.89 35.51
N LYS E 1151 -11.18 9.48 35.03
CA LYS E 1151 -12.35 10.34 35.09
C LYS E 1151 -12.75 10.64 36.52
N GLU E 1152 -12.68 9.63 37.40
CA GLU E 1152 -13.03 9.78 38.81
C GLU E 1152 -11.86 9.29 39.64
N PRO E 1153 -10.81 10.11 39.76
CA PRO E 1153 -9.60 9.66 40.46
C PRO E 1153 -9.82 9.60 41.97
N ALA E 1154 -8.99 8.77 42.61
CA ALA E 1154 -9.07 8.58 44.05
C ALA E 1154 -8.47 9.79 44.77
N ILE E 1155 -9.22 10.33 45.73
CA ILE E 1155 -8.71 11.44 46.54
C ILE E 1155 -7.66 10.90 47.50
N LEU E 1156 -6.51 11.54 47.52
CA LEU E 1156 -5.35 11.06 48.27
C LEU E 1156 -4.98 12.06 49.35
N ALA E 1157 -4.40 11.54 50.44
CA ALA E 1157 -4.00 12.37 51.57
C ALA E 1157 -2.77 13.19 51.19
N GLU E 1158 -2.97 14.50 51.02
CA GLU E 1158 -1.88 15.37 50.59
C GLU E 1158 -0.80 15.47 51.66
N HIS E 1159 -1.20 15.61 52.93
CA HIS E 1159 -0.24 15.76 54.01
C HIS E 1159 -0.67 14.86 55.17
N SER E 1160 0.30 14.52 56.01
CA SER E 1160 0.05 13.65 57.16
C SER E 1160 -0.49 14.46 58.33
N GLY E 1161 -1.61 14.00 58.89
CA GLY E 1161 -2.20 14.67 60.02
C GLY E 1161 -3.52 14.02 60.39
N THR E 1162 -4.19 14.65 61.36
CA THR E 1162 -5.49 14.20 61.82
C THR E 1162 -6.60 14.81 60.97
N VAL E 1163 -7.57 13.98 60.59
CA VAL E 1163 -8.68 14.42 59.76
C VAL E 1163 -9.66 15.20 60.61
N SER E 1164 -10.28 16.23 60.02
CA SER E 1164 -11.32 16.99 60.70
C SER E 1164 -12.35 17.46 59.69
N PHE E 1165 -13.61 17.41 60.08
CA PHE E 1165 -14.69 17.90 59.25
C PHE E 1165 -14.65 19.42 59.17
N GLY E 1166 -15.41 19.97 58.23
CA GLY E 1166 -15.46 21.40 58.05
C GLY E 1166 -16.84 21.87 57.61
N LYS E 1167 -16.93 23.11 57.15
CA LYS E 1167 -18.21 23.64 56.69
C LYS E 1167 -18.63 22.93 55.41
N GLU E 1168 -19.87 22.42 55.40
CA GLU E 1168 -20.43 21.75 54.24
C GLU E 1168 -20.91 22.81 53.26
N THR E 1169 -19.95 23.36 52.50
CA THR E 1169 -20.25 24.40 51.53
C THR E 1169 -21.18 23.86 50.46
N LYS E 1170 -22.12 24.72 50.02
CA LYS E 1170 -23.06 24.33 48.98
C LYS E 1170 -22.31 23.94 47.71
N GLY E 1171 -22.83 22.93 47.01
CA GLY E 1171 -22.17 22.39 45.84
C GLY E 1171 -21.27 21.21 46.14
N LYS E 1172 -20.15 21.45 46.84
CA LYS E 1172 -19.22 20.39 47.19
C LYS E 1172 -18.64 20.67 48.56
N ARG E 1173 -18.15 19.59 49.20
CA ARG E 1173 -17.76 19.60 50.60
C ARG E 1173 -16.29 19.99 50.77
N ARG E 1174 -15.97 20.51 51.95
CA ARG E 1174 -14.61 20.83 52.34
C ARG E 1174 -14.21 20.04 53.57
N LEU E 1175 -12.92 19.70 53.66
CA LEU E 1175 -12.36 18.96 54.77
C LEU E 1175 -11.06 19.62 55.20
N ILE E 1176 -10.65 19.41 56.45
CA ILE E 1176 -9.38 19.98 56.90
C ILE E 1176 -8.56 18.87 57.53
N ILE E 1177 -7.24 19.09 57.56
CA ILE E 1177 -6.32 18.15 58.19
C ILE E 1177 -5.30 18.93 59.01
N THR E 1178 -5.03 18.43 60.22
CA THR E 1178 -4.13 19.08 61.15
C THR E 1178 -2.79 18.34 61.14
N ARG E 1179 -1.73 19.03 60.75
CA ARG E 1179 -0.41 18.42 60.65
C ARG E 1179 0.21 18.27 62.05
N ASP E 1180 1.43 17.73 62.07
CA ASP E 1180 2.15 17.59 63.33
C ASP E 1180 2.53 18.94 63.92
N SER E 1181 2.72 19.94 63.07
CA SER E 1181 3.06 21.29 63.51
C SER E 1181 1.83 22.15 63.81
N GLY E 1182 0.63 21.59 63.66
CA GLY E 1182 -0.59 22.31 63.94
C GLY E 1182 -1.17 23.08 62.78
N ASP E 1183 -0.48 23.13 61.64
CA ASP E 1183 -1.00 23.83 60.48
C ASP E 1183 -2.21 23.10 59.91
N THR E 1184 -3.22 23.85 59.50
CA THR E 1184 -4.44 23.30 58.95
C THR E 1184 -4.39 23.39 57.43
N TYR E 1185 -4.56 22.24 56.77
CA TYR E 1185 -4.57 22.16 55.32
C TYR E 1185 -5.98 21.81 54.85
N GLU E 1186 -6.50 22.60 53.92
CA GLU E 1186 -7.87 22.43 53.44
C GLU E 1186 -7.88 21.59 52.17
N GLU E 1187 -8.90 20.73 52.07
CA GLU E 1187 -9.09 19.85 50.93
C GLU E 1187 -10.51 20.01 50.37
N MET E 1188 -10.60 20.02 49.04
CA MET E 1188 -11.86 20.21 48.33
C MET E 1188 -12.32 18.85 47.81
N ILE E 1189 -13.52 18.43 48.19
CA ILE E 1189 -14.00 17.09 47.83
C ILE E 1189 -15.42 17.20 47.32
N PRO E 1190 -15.79 16.31 46.38
CA PRO E 1190 -17.17 16.29 45.88
C PRO E 1190 -18.11 15.64 46.90
N LYS E 1191 -19.40 15.86 46.67
CA LYS E 1191 -20.43 15.33 47.56
C LYS E 1191 -20.52 13.82 47.49
N HIS E 1192 -20.56 13.27 46.27
CA HIS E 1192 -20.75 11.83 46.07
C HIS E 1192 -19.39 11.14 46.18
N ARG E 1193 -18.95 10.94 47.42
CA ARG E 1193 -17.70 10.26 47.71
C ARG E 1193 -17.85 9.44 48.97
N GLN E 1194 -17.67 8.12 48.84
CA GLN E 1194 -17.72 7.21 49.99
C GLN E 1194 -16.41 7.33 50.75
N LEU E 1195 -16.40 8.22 51.74
CA LEU E 1195 -15.18 8.50 52.49
C LEU E 1195 -14.73 7.28 53.29
N ASN E 1196 -13.42 7.08 53.34
CA ASN E 1196 -12.82 6.03 54.16
C ASN E 1196 -12.21 6.57 55.44
N VAL E 1197 -12.10 7.89 55.56
CA VAL E 1197 -11.46 8.51 56.71
C VAL E 1197 -12.50 8.82 57.77
N PHE E 1198 -12.05 8.89 59.03
CA PHE E 1198 -12.89 9.28 60.15
C PHE E 1198 -12.17 10.33 60.98
N GLU E 1199 -12.95 11.21 61.60
CA GLU E 1199 -12.38 12.26 62.43
C GLU E 1199 -11.69 11.67 63.65
N GLY E 1200 -10.59 12.30 64.06
CA GLY E 1200 -9.79 11.80 65.15
C GLY E 1200 -8.74 10.78 64.77
N GLU E 1201 -8.63 10.44 63.49
CA GLU E 1201 -7.66 9.47 63.00
C GLU E 1201 -6.53 10.20 62.28
N ARG E 1202 -5.29 9.87 62.63
CA ARG E 1202 -4.11 10.47 61.99
C ARG E 1202 -3.78 9.64 60.76
N ILE E 1203 -4.17 10.13 59.59
CA ILE E 1203 -3.90 9.44 58.34
C ILE E 1203 -2.52 9.80 57.85
N GLU E 1204 -1.75 8.81 57.42
CA GLU E 1204 -0.41 9.04 56.90
C GLU E 1204 -0.47 9.58 55.49
N ARG E 1205 0.64 10.16 55.05
CA ARG E 1205 0.74 10.62 53.67
C ARG E 1205 0.67 9.43 52.72
N GLY E 1206 -0.11 9.58 51.66
CA GLY E 1206 -0.34 8.50 50.72
C GLY E 1206 -1.47 7.56 51.09
N ASP E 1207 -2.18 7.84 52.17
CA ASP E 1207 -3.33 7.02 52.54
C ASP E 1207 -4.55 7.41 51.71
N VAL E 1208 -5.36 6.41 51.38
CA VAL E 1208 -6.51 6.62 50.49
C VAL E 1208 -7.66 7.20 51.29
N ILE E 1209 -8.23 8.29 50.80
CA ILE E 1209 -9.41 8.91 51.41
C ILE E 1209 -10.68 8.47 50.71
N ALA E 1210 -10.73 8.59 49.39
CA ALA E 1210 -11.86 8.13 48.58
C ALA E 1210 -11.35 7.04 47.64
N ASP E 1211 -12.05 5.90 47.63
CA ASP E 1211 -11.63 4.78 46.80
C ASP E 1211 -11.88 5.07 45.33
N GLY E 1212 -11.04 4.48 44.48
CA GLY E 1212 -11.15 4.64 43.06
C GLY E 1212 -9.83 4.41 42.35
N PRO E 1213 -9.82 4.61 41.03
CA PRO E 1213 -8.55 4.49 40.29
C PRO E 1213 -7.56 5.54 40.74
N GLU E 1214 -6.28 5.16 40.73
CA GLU E 1214 -5.20 6.00 41.24
C GLU E 1214 -4.53 6.72 40.08
N SER E 1215 -4.42 8.04 40.21
CA SER E 1215 -3.72 8.84 39.20
C SER E 1215 -2.21 8.68 39.37
N PRO E 1216 -1.47 8.38 38.30
CA PRO E 1216 -0.01 8.25 38.44
C PRO E 1216 0.67 9.51 38.93
N HIS E 1217 0.14 10.69 38.57
CA HIS E 1217 0.72 11.94 39.05
C HIS E 1217 0.63 12.05 40.56
N ASP E 1218 -0.53 11.67 41.13
CA ASP E 1218 -0.67 11.70 42.59
C ASP E 1218 0.29 10.72 43.25
N ILE E 1219 0.45 9.53 42.67
CA ILE E 1219 1.37 8.55 43.22
C ILE E 1219 2.80 9.09 43.22
N LEU E 1220 3.20 9.72 42.11
CA LEU E 1220 4.53 10.30 42.05
C LEU E 1220 4.71 11.42 43.08
N ARG E 1221 3.69 12.28 43.21
CA ARG E 1221 3.81 13.44 44.09
C ARG E 1221 3.86 13.03 45.56
N LEU E 1222 3.06 12.04 45.95
CA LEU E 1222 2.90 11.71 47.35
C LEU E 1222 3.59 10.42 47.80
N ARG E 1223 4.03 9.58 46.87
CA ARG E 1223 4.69 8.34 47.25
C ARG E 1223 6.13 8.24 46.76
N GLY E 1224 6.41 8.69 45.53
CA GLY E 1224 7.77 8.77 45.04
C GLY E 1224 7.93 8.11 43.68
N ILE E 1225 9.18 8.08 43.23
CA ILE E 1225 9.51 7.52 41.93
C ILE E 1225 9.31 6.01 41.92
N HIS E 1226 9.76 5.34 42.98
CA HIS E 1226 9.66 3.88 43.03
C HIS E 1226 8.20 3.42 42.96
N ALA E 1227 7.31 4.14 43.66
CA ALA E 1227 5.91 3.74 43.68
C ALA E 1227 5.27 3.86 42.30
N VAL E 1228 5.51 4.96 41.61
CA VAL E 1228 4.91 5.13 40.28
C VAL E 1228 5.52 4.15 39.29
N THR E 1229 6.83 3.90 39.40
CA THR E 1229 7.46 2.90 38.54
C THR E 1229 6.84 1.53 38.75
N THR E 1230 6.68 1.13 40.02
CA THR E 1230 6.07 -0.17 40.31
C THR E 1230 4.63 -0.23 39.83
N TYR E 1231 3.87 0.85 40.01
CA TYR E 1231 2.48 0.88 39.57
C TYR E 1231 2.38 0.68 38.05
N ILE E 1232 3.14 1.48 37.30
CA ILE E 1232 3.06 1.41 35.84
C ILE E 1232 3.51 0.03 35.36
N ALA E 1233 4.63 -0.45 35.90
CA ALA E 1233 5.14 -1.76 35.49
C ALA E 1233 4.14 -2.86 35.82
N ASN E 1234 3.55 -2.83 37.01
CA ASN E 1234 2.61 -3.87 37.41
C ASN E 1234 1.37 -3.87 36.54
N GLU E 1235 0.81 -2.69 36.25
CA GLU E 1235 -0.40 -2.66 35.41
C GLU E 1235 -0.11 -3.10 33.98
N VAL E 1236 0.98 -2.61 33.39
CA VAL E 1236 1.31 -3.01 32.02
C VAL E 1236 1.61 -4.50 31.95
N GLN E 1237 2.35 -5.02 32.94
CA GLN E 1237 2.65 -6.45 32.95
C GLN E 1237 1.41 -7.28 33.22
N GLU E 1238 0.45 -6.78 34.00
CA GLU E 1238 -0.80 -7.51 34.18
C GLU E 1238 -1.54 -7.60 32.85
N VAL E 1239 -1.59 -6.49 32.11
CA VAL E 1239 -2.25 -6.50 30.80
C VAL E 1239 -1.57 -7.49 29.87
N TYR E 1240 -0.24 -7.52 29.86
CA TYR E 1240 0.47 -8.42 28.95
C TYR E 1240 0.37 -9.88 29.39
N ARG E 1241 0.43 -10.15 30.70
CA ARG E 1241 0.37 -11.50 31.21
C ARG E 1241 -1.02 -12.10 31.13
N LEU E 1242 -2.06 -11.26 31.07
CA LEU E 1242 -3.39 -11.78 30.82
C LEU E 1242 -3.46 -12.52 29.48
N GLN E 1243 -2.69 -12.05 28.50
CA GLN E 1243 -2.64 -12.66 27.17
C GLN E 1243 -1.49 -13.65 27.02
N GLY E 1244 -0.69 -13.87 28.07
CA GLY E 1244 0.39 -14.82 27.98
C GLY E 1244 1.62 -14.32 27.26
N VAL E 1245 1.86 -13.01 27.24
CA VAL E 1245 3.02 -12.42 26.58
C VAL E 1245 4.06 -12.09 27.64
N LYS E 1246 5.29 -12.54 27.42
CA LYS E 1246 6.38 -12.36 28.36
C LYS E 1246 7.26 -11.20 27.90
N ILE E 1247 7.29 -10.13 28.68
CA ILE E 1247 8.09 -8.94 28.40
C ILE E 1247 8.83 -8.56 29.67
N ASN E 1248 10.14 -8.35 29.57
CA ASN E 1248 10.92 -7.99 30.73
C ASN E 1248 10.58 -6.57 31.21
N ASP E 1249 10.69 -6.37 32.52
CA ASP E 1249 10.28 -5.12 33.14
C ASP E 1249 11.27 -3.98 32.90
N LYS E 1250 12.53 -4.30 32.57
CA LYS E 1250 13.49 -3.23 32.32
C LYS E 1250 13.09 -2.38 31.12
N HIS E 1251 12.35 -2.96 30.17
CA HIS E 1251 11.85 -2.17 29.05
C HIS E 1251 10.84 -1.12 29.52
N ILE E 1252 9.91 -1.53 30.38
CA ILE E 1252 8.92 -0.58 30.90
C ILE E 1252 9.57 0.43 31.82
N GLU E 1253 10.69 0.07 32.46
CA GLU E 1253 11.39 1.03 33.31
C GLU E 1253 12.25 1.98 32.49
N THR E 1254 12.67 1.56 31.31
CA THR E 1254 13.34 2.47 30.38
C THR E 1254 12.36 3.43 29.74
N ILE E 1255 11.09 3.05 29.65
CA ILE E 1255 10.07 4.02 29.25
C ILE E 1255 9.71 4.96 30.41
N VAL E 1256 9.57 4.41 31.63
CA VAL E 1256 9.18 5.23 32.78
C VAL E 1256 10.26 6.25 33.11
N ARG E 1257 11.54 5.88 32.96
CA ARG E 1257 12.61 6.84 33.16
C ARG E 1257 12.49 8.01 32.20
N GLN E 1258 12.16 7.71 30.94
CA GLN E 1258 11.96 8.77 29.97
C GLN E 1258 10.78 9.67 30.34
N MET E 1259 9.73 9.09 30.92
CA MET E 1259 8.63 9.92 31.41
C MET E 1259 9.10 10.89 32.48
N LEU E 1260 9.91 10.41 33.43
CA LEU E 1260 10.39 11.23 34.55
C LEU E 1260 11.69 11.93 34.16
N ARG E 1261 11.55 12.92 33.28
CA ARG E 1261 12.69 13.68 32.79
C ARG E 1261 12.59 15.18 33.06
N LYS E 1262 11.49 15.65 33.64
CA LYS E 1262 11.30 17.07 33.89
C LYS E 1262 11.04 17.32 35.38
N CYS E 1263 11.44 18.50 35.84
CA CYS E 1263 11.24 18.91 37.22
C CYS E 1263 10.77 20.36 37.24
N THR E 1264 9.84 20.66 38.14
CA THR E 1264 9.39 22.02 38.38
C THR E 1264 10.12 22.56 39.61
N ILE E 1265 10.75 23.72 39.46
CA ILE E 1265 11.58 24.27 40.53
C ILE E 1265 10.68 24.83 41.62
N THR E 1266 10.90 24.39 42.86
CA THR E 1266 10.18 24.90 44.02
C THR E 1266 10.94 25.98 44.76
N PHE E 1267 12.22 25.73 45.05
CA PHE E 1267 13.12 26.73 45.62
C PHE E 1267 14.10 27.15 44.54
N ALA E 1268 14.08 28.45 44.20
CA ALA E 1268 14.95 28.93 43.13
C ALA E 1268 16.42 28.82 43.52
N GLY E 1269 16.75 29.13 44.76
CA GLY E 1269 18.15 29.15 45.16
C GLY E 1269 18.90 30.27 44.46
N ASP E 1270 20.21 30.08 44.31
CA ASP E 1270 21.03 31.02 43.57
C ASP E 1270 21.27 30.59 42.13
N SER E 1271 20.81 29.39 41.75
CA SER E 1271 20.95 28.94 40.39
C SER E 1271 20.03 29.73 39.46
N GLU E 1272 20.36 29.70 38.16
CA GLU E 1272 19.61 30.45 37.15
C GLU E 1272 18.31 29.74 36.79
N PHE E 1273 17.46 29.57 37.81
CA PHE E 1273 16.16 28.93 37.64
C PHE E 1273 15.11 29.73 38.40
N LEU E 1274 13.94 29.91 37.77
CA LEU E 1274 12.83 30.64 38.32
C LEU E 1274 11.79 29.68 38.90
N PRO E 1275 11.13 30.06 39.99
CA PRO E 1275 10.05 29.22 40.51
C PRO E 1275 8.92 29.06 39.50
N GLY E 1276 8.29 27.89 39.50
CA GLY E 1276 7.23 27.60 38.56
C GLY E 1276 7.70 27.31 37.15
N GLU E 1277 8.97 26.95 36.98
CA GLU E 1277 9.55 26.68 35.67
C GLU E 1277 9.83 25.19 35.54
N THR E 1278 9.39 24.61 34.42
CA THR E 1278 9.63 23.20 34.12
C THR E 1278 10.92 23.08 33.32
N VAL E 1279 11.95 22.47 33.91
CA VAL E 1279 13.25 22.33 33.28
C VAL E 1279 13.71 20.89 33.41
N GLU E 1280 14.70 20.52 32.60
CA GLU E 1280 15.19 19.16 32.58
C GLU E 1280 15.88 18.81 33.90
N TYR E 1281 15.75 17.55 34.30
CA TYR E 1281 16.30 17.11 35.58
C TYR E 1281 17.83 17.01 35.53
N SER E 1282 18.38 16.60 34.38
CA SER E 1282 19.82 16.43 34.28
C SER E 1282 20.54 17.77 34.44
N GLN E 1283 20.03 18.83 33.79
CA GLN E 1283 20.65 20.14 33.92
C GLN E 1283 20.60 20.63 35.36
N VAL E 1284 19.48 20.41 36.05
CA VAL E 1284 19.38 20.81 37.45
C VAL E 1284 20.35 20.01 38.30
N LYS E 1285 20.54 18.73 37.99
CA LYS E 1285 21.49 17.91 38.75
C LYS E 1285 22.91 18.42 38.58
N ILE E 1286 23.31 18.74 37.34
CA ILE E 1286 24.65 19.27 37.13
C ILE E 1286 24.81 20.63 37.79
N ALA E 1287 23.79 21.48 37.72
CA ALA E 1287 23.86 22.79 38.36
C ALA E 1287 23.98 22.65 39.87
N ASN E 1288 23.24 21.72 40.47
CA ASN E 1288 23.33 21.49 41.90
C ASN E 1288 24.71 20.97 42.29
N ARG E 1289 25.27 20.06 41.50
CA ARG E 1289 26.62 19.58 41.77
C ARG E 1289 27.63 20.72 41.70
N LYS E 1290 27.53 21.57 40.69
CA LYS E 1290 28.44 22.70 40.57
C LYS E 1290 28.29 23.67 41.75
N LEU E 1291 27.05 23.95 42.14
CA LEU E 1291 26.82 24.87 43.25
C LEU E 1291 27.34 24.29 44.56
N VAL E 1292 27.17 22.99 44.78
CA VAL E 1292 27.70 22.35 45.97
C VAL E 1292 29.23 22.42 45.97
N GLU E 1293 29.84 22.18 44.81
CA GLU E 1293 31.29 22.33 44.71
C GLU E 1293 31.73 23.77 44.97
N GLU E 1294 30.86 24.75 44.67
CA GLU E 1294 31.14 26.15 44.93
C GLU E 1294 30.65 26.62 46.29
N GLY E 1295 30.03 25.74 47.07
CA GLY E 1295 29.54 26.11 48.39
C GLY E 1295 28.45 27.16 48.36
N LYS E 1296 27.47 26.97 47.47
CA LYS E 1296 26.37 27.90 47.32
C LYS E 1296 25.05 27.13 47.42
N GLU E 1297 23.99 27.83 47.79
CA GLU E 1297 22.70 27.20 48.04
C GLU E 1297 22.20 26.48 46.80
N PRO E 1298 21.92 25.18 46.88
CA PRO E 1298 21.45 24.43 45.71
C PRO E 1298 19.96 24.60 45.50
N ALA E 1299 19.50 24.15 44.34
CA ALA E 1299 18.10 24.26 43.98
C ALA E 1299 17.30 23.10 44.55
N ARG E 1300 15.97 23.29 44.62
CA ARG E 1300 15.04 22.28 45.05
C ARG E 1300 13.98 22.08 43.98
N PHE E 1301 13.70 20.82 43.64
CA PHE E 1301 12.87 20.50 42.50
C PHE E 1301 11.79 19.50 42.92
N GLU E 1302 10.70 19.50 42.14
CA GLU E 1302 9.62 18.53 42.28
C GLU E 1302 9.47 17.85 40.93
N ARG E 1303 9.78 16.56 40.88
CA ARG E 1303 9.78 15.84 39.60
C ARG E 1303 8.35 15.71 39.08
N GLU E 1304 8.20 15.87 37.77
CA GLU E 1304 6.91 15.83 37.11
C GLU E 1304 6.82 14.60 36.20
N LEU E 1305 5.66 13.98 36.17
CA LEU E 1305 5.40 12.84 35.32
C LEU E 1305 4.65 13.30 34.08
N LEU E 1306 5.24 13.05 32.91
CA LEU E 1306 4.65 13.43 31.64
C LEU E 1306 4.39 12.19 30.80
N GLY E 1307 3.37 12.27 29.95
CA GLY E 1307 3.08 11.20 29.03
C GLY E 1307 4.13 11.11 27.94
N ILE E 1308 4.06 10.02 27.18
CA ILE E 1308 5.07 9.79 26.15
C ILE E 1308 5.01 10.87 25.07
N THR E 1309 3.81 11.36 24.74
CA THR E 1309 3.69 12.39 23.73
C THR E 1309 4.25 13.73 24.21
N LYS E 1310 3.91 14.12 25.45
CA LYS E 1310 4.40 15.38 25.98
C LYS E 1310 5.90 15.33 26.25
N ALA E 1311 6.39 14.19 26.75
CA ALA E 1311 7.83 14.05 26.93
C ALA E 1311 8.57 14.07 25.61
N SER E 1312 8.00 13.42 24.58
CA SER E 1312 8.61 13.45 23.26
C SER E 1312 8.65 14.87 22.70
N LEU E 1313 7.56 15.63 22.89
CA LEU E 1313 7.51 16.99 22.37
C LEU E 1313 8.23 17.99 23.26
N ALA E 1314 8.68 17.59 24.44
CA ALA E 1314 9.38 18.48 25.36
C ALA E 1314 10.89 18.25 25.37
N THR E 1315 11.43 17.64 24.32
CA THR E 1315 12.86 17.37 24.26
C THR E 1315 13.64 18.65 24.01
N GLU E 1316 14.93 18.61 24.37
CA GLU E 1316 15.79 19.77 24.16
C GLU E 1316 16.06 20.03 22.69
N SER E 1317 16.16 18.97 21.89
CA SER E 1317 16.41 19.10 20.47
C SER E 1317 15.09 19.36 19.74
N PHE E 1318 15.07 20.36 18.87
CA PHE E 1318 13.86 20.71 18.14
C PHE E 1318 13.72 19.95 16.83
N ILE E 1319 14.81 19.38 16.31
CA ILE E 1319 14.72 18.58 15.08
C ILE E 1319 13.87 17.33 15.33
N SER E 1320 14.16 16.62 16.43
CA SER E 1320 13.39 15.43 16.75
C SER E 1320 11.94 15.77 17.06
N ALA E 1321 11.71 16.85 17.80
CA ALA E 1321 10.34 17.25 18.12
C ALA E 1321 9.56 17.60 16.87
N ALA E 1322 10.18 18.32 15.93
CA ALA E 1322 9.51 18.63 14.68
C ALA E 1322 9.26 17.38 13.86
N SER E 1323 10.20 16.43 13.87
CA SER E 1323 10.04 15.21 13.11
C SER E 1323 8.96 14.31 13.70
N PHE E 1324 8.70 14.42 15.01
CA PHE E 1324 7.70 13.55 15.63
C PHE E 1324 6.29 13.97 15.21
N GLN E 1325 5.87 15.18 15.60
CA GLN E 1325 4.56 15.70 15.22
C GLN E 1325 4.48 17.14 15.69
N GLU E 1326 3.45 17.84 15.21
CA GLU E 1326 3.23 19.26 15.48
C GLU E 1326 4.46 20.08 15.14
N THR E 1327 4.81 20.06 13.84
CA THR E 1327 5.99 20.77 13.37
C THR E 1327 5.82 22.29 13.50
N THR E 1328 4.60 22.79 13.30
CA THR E 1328 4.38 24.23 13.33
C THR E 1328 4.71 24.82 14.70
N ARG E 1329 4.15 24.23 15.76
CA ARG E 1329 4.38 24.74 17.12
C ARG E 1329 5.85 24.63 17.49
N VAL E 1330 6.47 23.49 17.20
CA VAL E 1330 7.87 23.28 17.56
C VAL E 1330 8.76 24.29 16.84
N LEU E 1331 8.54 24.47 15.54
CA LEU E 1331 9.35 25.40 14.78
C LEU E 1331 9.13 26.84 15.24
N THR E 1332 7.89 27.22 15.53
CA THR E 1332 7.63 28.58 16.01
C THR E 1332 8.32 28.84 17.34
N GLU E 1333 8.21 27.89 18.28
CA GLU E 1333 8.85 28.05 19.59
C GLU E 1333 10.37 28.11 19.45
N ALA E 1334 10.94 27.23 18.63
CA ALA E 1334 12.39 27.25 18.44
C ALA E 1334 12.85 28.54 17.80
N ALA E 1335 12.08 29.05 16.83
CA ALA E 1335 12.46 30.29 16.16
C ALA E 1335 12.39 31.48 17.09
N VAL E 1336 11.34 31.59 17.89
CA VAL E 1336 11.25 32.74 18.79
C VAL E 1336 12.30 32.64 19.89
N SER E 1337 12.56 31.43 20.39
CA SER E 1337 13.54 31.25 21.44
C SER E 1337 14.97 31.34 20.91
N GLY E 1338 15.21 30.89 19.68
CA GLY E 1338 16.55 30.85 19.14
C GLY E 1338 17.30 29.62 19.60
N LYS E 1339 16.64 28.47 19.52
CA LYS E 1339 17.19 27.24 20.08
C LYS E 1339 18.36 26.74 19.25
N ARG E 1340 19.16 25.88 19.87
CA ARG E 1340 20.33 25.28 19.24
C ARG E 1340 20.23 23.77 19.35
N ASP E 1341 20.44 23.08 18.23
CA ASP E 1341 20.35 21.62 18.18
C ASP E 1341 21.78 21.07 18.13
N ASP E 1342 22.16 20.34 19.18
CA ASP E 1342 23.52 19.83 19.31
C ASP E 1342 23.71 18.47 18.66
N LEU E 1343 22.65 17.87 18.12
CA LEU E 1343 22.71 16.57 17.46
C LEU E 1343 23.27 15.50 18.40
N ARG E 1344 22.55 15.25 19.49
CA ARG E 1344 22.98 14.30 20.50
C ARG E 1344 22.18 13.01 20.49
N GLY E 1345 21.08 12.93 19.73
CA GLY E 1345 20.26 11.75 19.67
C GLY E 1345 20.34 11.05 18.32
N LEU E 1346 19.56 9.97 18.21
CA LEU E 1346 19.59 9.15 17.01
C LEU E 1346 18.88 9.83 15.83
N LYS E 1347 17.72 10.44 16.08
CA LYS E 1347 16.92 10.96 14.98
C LYS E 1347 17.61 12.13 14.29
N GLU E 1348 18.24 13.02 15.05
CA GLU E 1348 18.92 14.16 14.44
C GLU E 1348 20.06 13.70 13.55
N ASN E 1349 20.86 12.75 14.00
CA ASN E 1349 21.96 12.25 13.19
C ASN E 1349 21.45 11.45 11.98
N VAL E 1350 20.32 10.78 12.12
CA VAL E 1350 19.72 10.10 10.97
C VAL E 1350 19.28 11.11 9.93
N ILE E 1351 18.66 12.21 10.36
CA ILE E 1351 18.16 13.21 9.42
C ILE E 1351 19.31 13.90 8.69
N VAL E 1352 20.36 14.29 9.44
CA VAL E 1352 21.52 14.94 8.82
C VAL E 1352 22.51 13.96 8.22
N GLY E 1353 22.22 12.66 8.25
CA GLY E 1353 23.04 11.69 7.55
C GLY E 1353 24.35 11.34 8.21
N ARG E 1354 24.51 11.58 9.50
CA ARG E 1354 25.72 11.24 10.22
C ARG E 1354 25.53 9.95 11.01
N LEU E 1355 26.64 9.44 11.54
CA LEU E 1355 26.61 8.22 12.34
C LEU E 1355 25.82 8.46 13.62
N ILE E 1356 24.95 7.52 13.95
CA ILE E 1356 24.16 7.59 15.18
C ILE E 1356 25.09 7.37 16.37
N PRO E 1357 24.88 8.03 17.50
CA PRO E 1357 25.72 7.80 18.70
C PRO E 1357 25.34 6.53 19.45
N ALA E 1358 25.14 5.44 18.71
CA ALA E 1358 24.81 4.16 19.28
C ALA E 1358 25.51 3.07 18.50
N GLY E 1359 26.12 2.13 19.21
CA GLY E 1359 26.84 1.04 18.58
C GLY E 1359 28.16 1.46 17.97
N THR E 1360 28.35 1.15 16.69
CA THR E 1360 29.64 1.34 16.04
C THR E 1360 29.98 2.82 15.84
N GLY E 1361 28.99 3.70 15.90
CA GLY E 1361 29.30 5.12 15.89
C GLY E 1361 29.62 5.70 17.23
N PHE E 1362 29.30 4.99 18.32
CA PHE E 1362 29.45 5.54 19.66
C PHE E 1362 30.88 6.04 19.89
N ALA E 1363 31.87 5.18 19.71
CA ALA E 1363 33.24 5.60 19.93
C ALA E 1363 33.58 6.80 19.06
N TYR E 1364 33.16 6.77 17.79
CA TYR E 1364 33.39 7.90 16.91
C TYR E 1364 32.86 9.17 17.53
N HIS E 1365 31.58 9.18 17.95
CA HIS E 1365 31.04 10.38 18.54
C HIS E 1365 31.81 10.77 19.79
N GLN E 1366 32.16 9.78 20.60
CA GLN E 1366 32.92 10.07 21.80
C GLN E 1366 34.22 10.78 21.45
N ASP E 1367 34.92 10.27 20.43
CA ASP E 1367 36.17 10.90 20.05
C ASP E 1367 35.96 12.38 19.76
N ARG E 1368 34.93 12.69 18.98
CA ARG E 1368 34.69 14.08 18.62
C ARG E 1368 34.48 14.93 19.87
N GLN E 1369 33.67 14.44 20.82
CA GLN E 1369 33.42 15.22 22.03
C GLN E 1369 34.73 15.51 22.74
N ALA E 1370 35.60 14.51 22.85
CA ALA E 1370 36.90 14.74 23.48
C ALA E 1370 37.62 15.89 22.77
N LYS E 1371 37.74 15.79 21.44
CA LYS E 1371 38.44 16.84 20.70
C LYS E 1371 37.80 18.19 20.97
N ARG E 1372 36.46 18.22 21.02
CA ARG E 1372 35.75 19.45 21.31
C ARG E 1372 36.31 20.08 22.58
N ALA E 1373 36.25 19.34 23.68
CA ALA E 1373 36.75 19.86 24.95
C ALA E 1373 38.20 20.27 24.82
N GLN E 1374 39.01 19.43 24.17
CA GLN E 1374 40.43 19.71 24.10
C GLN E 1374 40.69 20.99 23.31
N GLU E 1375 39.87 21.26 22.30
CA GLU E 1375 40.02 22.52 21.58
C GLU E 1375 39.45 23.68 22.38
N GLN E 1376 38.37 23.43 23.13
CA GLN E 1376 37.73 24.51 23.89
C GLN E 1376 38.62 25.01 25.02
N GLN E 1377 39.59 24.20 25.45
CA GLN E 1377 40.54 24.53 26.52
C GLN E 1377 40.94 25.99 26.61
N ALA F 2 36.37 -19.99 5.13
CA ALA F 2 34.99 -19.68 5.50
C ALA F 2 34.77 -19.79 6.99
N ARG F 3 33.86 -18.97 7.53
CA ARG F 3 33.55 -18.98 8.94
C ARG F 3 32.14 -18.47 9.17
N VAL F 4 31.52 -18.93 10.26
CA VAL F 4 30.17 -18.57 10.65
C VAL F 4 30.20 -18.35 12.16
N THR F 5 29.15 -17.76 12.72
CA THR F 5 28.97 -17.69 14.17
C THR F 5 30.08 -16.92 14.89
N VAL F 6 30.07 -15.59 14.82
CA VAL F 6 31.23 -14.82 15.25
C VAL F 6 31.22 -14.87 16.76
N GLN F 7 31.67 -15.99 17.34
CA GLN F 7 31.73 -16.14 18.80
C GLN F 7 33.14 -15.90 19.34
N ASP F 8 34.11 -16.67 18.83
CA ASP F 8 35.50 -16.56 19.29
C ASP F 8 36.01 -15.14 19.20
N ALA F 9 35.64 -14.43 18.13
CA ALA F 9 36.08 -13.05 17.96
C ALA F 9 35.53 -12.15 19.06
N VAL F 10 34.24 -12.31 19.41
CA VAL F 10 33.68 -11.46 20.44
C VAL F 10 34.20 -11.88 21.81
N GLU F 11 34.60 -13.14 21.98
CA GLU F 11 35.24 -13.55 23.22
C GLU F 11 36.62 -12.92 23.37
N LYS F 12 37.37 -12.85 22.27
CA LYS F 12 38.70 -12.24 22.33
C LYS F 12 38.62 -10.73 22.48
N ILE F 13 37.63 -10.09 21.87
CA ILE F 13 37.50 -8.63 21.93
C ILE F 13 36.68 -8.20 23.13
N GLY F 14 35.48 -8.75 23.29
CA GLY F 14 34.62 -8.38 24.40
C GLY F 14 33.39 -7.61 23.97
N ASN F 15 33.55 -6.68 23.04
CA ASN F 15 32.47 -5.86 22.54
C ASN F 15 32.32 -6.08 21.04
N ARG F 16 31.09 -6.32 20.59
CA ARG F 16 30.85 -6.60 19.18
C ARG F 16 31.17 -5.40 18.31
N PHE F 17 30.83 -4.18 18.76
CA PHE F 17 31.07 -2.99 17.95
C PHE F 17 32.56 -2.71 17.80
N ASP F 18 33.33 -2.83 18.88
CA ASP F 18 34.76 -2.65 18.80
C ASP F 18 35.39 -3.70 17.89
N LEU F 19 34.90 -4.94 17.97
CA LEU F 19 35.36 -5.99 17.07
C LEU F 19 35.06 -5.63 15.62
N VAL F 20 33.87 -5.10 15.36
CA VAL F 20 33.52 -4.70 14.00
C VAL F 20 34.47 -3.62 13.49
N LEU F 21 34.75 -2.63 14.34
CA LEU F 21 35.65 -1.55 13.92
C LEU F 21 37.06 -2.07 13.65
N VAL F 22 37.59 -2.93 14.52
CA VAL F 22 38.93 -3.46 14.33
C VAL F 22 38.99 -4.31 13.06
N ALA F 23 38.00 -5.16 12.84
CA ALA F 23 37.97 -5.98 11.64
C ALA F 23 37.84 -5.14 10.39
N ALA F 24 37.07 -4.05 10.47
CA ALA F 24 36.96 -3.16 9.32
C ALA F 24 38.29 -2.49 8.99
N ARG F 25 39.02 -2.05 10.02
CA ARG F 25 40.34 -1.47 9.78
C ARG F 25 41.29 -2.48 9.16
N ARG F 26 41.29 -3.71 9.68
CA ARG F 26 42.18 -4.74 9.14
C ARG F 26 41.81 -5.08 7.70
N ALA F 27 40.52 -5.20 7.41
CA ALA F 27 40.07 -5.51 6.06
C ALA F 27 40.41 -4.39 5.09
N ARG F 28 40.28 -3.13 5.52
CA ARG F 28 40.67 -2.02 4.68
C ARG F 28 42.17 -2.02 4.41
N GLN F 29 42.97 -2.36 5.43
CA GLN F 29 44.40 -2.47 5.24
C GLN F 29 44.74 -3.56 4.22
N MET F 30 44.08 -4.71 4.32
CA MET F 30 44.39 -5.82 3.43
C MET F 30 43.84 -5.62 2.02
N GLN F 31 42.76 -4.84 1.87
CA GLN F 31 42.12 -4.66 0.57
C GLN F 31 42.65 -3.42 -0.16
N SER F 32 42.47 -2.24 0.44
CA SER F 32 42.92 -1.01 -0.20
C SER F 32 44.45 -0.91 -0.17
N GLY F 33 45.05 -1.21 0.99
CA GLY F 33 46.49 -1.19 1.12
C GLY F 33 47.12 -2.48 0.64
N GLY F 34 48.44 -2.51 0.70
CA GLY F 34 49.22 -3.66 0.29
C GLY F 34 49.54 -4.64 1.40
N LYS F 35 48.91 -4.49 2.58
CA LYS F 35 49.19 -5.39 3.69
C LYS F 35 48.72 -6.81 3.36
N ASP F 36 49.50 -7.78 3.81
CA ASP F 36 49.22 -9.19 3.57
C ASP F 36 48.62 -9.83 4.82
N ALA F 37 47.85 -10.90 4.61
CA ALA F 37 47.22 -11.60 5.72
C ALA F 37 48.24 -12.38 6.54
N LEU F 38 47.98 -12.46 7.83
CA LEU F 38 48.81 -13.24 8.74
C LEU F 38 48.36 -14.69 8.86
N VAL F 39 47.27 -15.06 8.19
CA VAL F 39 46.76 -16.42 8.23
C VAL F 39 46.53 -16.88 6.80
N PRO F 40 46.52 -18.20 6.56
CA PRO F 40 46.20 -18.70 5.21
C PRO F 40 44.86 -18.18 4.74
N GLU F 41 44.84 -17.65 3.50
CA GLU F 41 43.63 -17.02 2.99
C GLU F 41 42.50 -18.03 2.82
N GLU F 42 42.80 -19.18 2.23
CA GLU F 42 41.83 -20.24 2.01
C GLU F 42 40.63 -19.73 1.19
N ASN F 43 40.91 -18.84 0.24
CA ASN F 43 39.89 -18.26 -0.62
C ASN F 43 38.81 -17.56 0.19
N ASP F 44 39.21 -16.63 1.05
CA ASP F 44 38.30 -15.91 1.92
C ASP F 44 38.38 -14.41 1.65
N LYS F 45 37.26 -13.74 1.86
CA LYS F 45 37.19 -12.29 1.69
C LYS F 45 37.92 -11.59 2.83
N PRO F 46 38.31 -10.32 2.63
CA PRO F 46 39.09 -9.63 3.67
C PRO F 46 38.41 -9.56 5.03
N THR F 47 37.08 -9.41 5.06
CA THR F 47 36.39 -9.38 6.34
C THR F 47 36.55 -10.69 7.10
N VAL F 48 36.41 -11.81 6.38
CA VAL F 48 36.56 -13.13 6.99
C VAL F 48 37.99 -13.34 7.47
N ILE F 49 38.98 -12.91 6.68
CA ILE F 49 40.37 -13.07 7.08
C ILE F 49 40.67 -12.24 8.32
N ALA F 50 40.16 -11.01 8.37
CA ALA F 50 40.37 -10.18 9.55
C ALA F 50 39.70 -10.79 10.78
N LEU F 51 38.49 -11.34 10.61
CA LEU F 51 37.81 -11.98 11.73
C LEU F 51 38.59 -13.19 12.23
N ARG F 52 39.13 -13.99 11.30
CA ARG F 52 39.94 -15.14 11.69
C ARG F 52 41.20 -14.71 12.42
N GLU F 53 41.85 -13.64 11.94
CA GLU F 53 43.05 -13.13 12.60
C GLU F 53 42.72 -12.66 14.02
N ILE F 54 41.59 -11.98 14.19
CA ILE F 54 41.19 -11.54 15.52
C ILE F 54 40.91 -12.74 16.42
N GLU F 55 40.27 -13.78 15.88
CA GLU F 55 40.02 -14.99 16.65
C GLU F 55 41.31 -15.64 17.09
N GLU F 56 42.31 -15.68 16.20
CA GLU F 56 43.61 -16.26 16.55
C GLU F 56 44.40 -15.39 17.52
N GLY F 57 43.95 -14.16 17.77
CA GLY F 57 44.66 -13.27 18.67
C GLY F 57 45.79 -12.49 18.04
N LEU F 58 45.97 -12.60 16.72
CA LEU F 58 47.07 -11.89 16.06
C LEU F 58 46.79 -10.40 15.90
N ILE F 59 45.52 -10.01 15.79
CA ILE F 59 45.14 -8.63 15.51
C ILE F 59 44.23 -8.14 16.63
N THR F 60 44.63 -7.04 17.27
CA THR F 60 43.79 -6.32 18.22
C THR F 60 43.91 -4.83 17.92
N LYS F 61 43.17 -4.02 18.66
CA LYS F 61 43.28 -2.57 18.51
C LYS F 61 44.69 -2.10 18.87
N ASP F 62 45.24 -2.65 19.95
CA ASP F 62 46.61 -2.31 20.36
C ASP F 62 47.59 -2.51 19.23
N VAL F 63 47.58 -3.68 18.60
CA VAL F 63 48.53 -3.99 17.53
C VAL F 63 48.36 -3.02 16.37
N LEU F 64 47.12 -2.78 15.95
CA LEU F 64 46.86 -1.89 14.81
C LEU F 64 47.37 -0.48 15.09
N ASP F 65 47.00 0.09 16.24
CA ASP F 65 47.46 1.43 16.57
C ASP F 65 48.97 1.48 16.71
N ALA F 66 49.57 0.46 17.33
CA ALA F 66 51.01 0.40 17.49
C ALA F 66 51.72 0.44 16.15
N ARG F 67 51.33 -0.44 15.23
CA ARG F 67 52.01 -0.46 13.94
C ARG F 67 51.68 0.77 13.10
N GLU F 68 50.51 1.38 13.28
CA GLU F 68 50.24 2.62 12.56
C GLU F 68 51.16 3.73 13.04
N ARG F 69 51.32 3.86 14.36
CA ARG F 69 52.26 4.85 14.90
C ARG F 69 53.68 4.52 14.45
N GLN F 70 54.01 3.23 14.37
CA GLN F 70 55.30 2.80 13.86
C GLN F 70 55.53 3.27 12.43
N GLU F 71 54.50 3.15 11.58
CA GLU F 71 54.63 3.60 10.19
C GLU F 71 54.79 5.11 10.13
N GLN F 72 54.07 5.86 10.95
CA GLN F 72 54.27 7.31 10.97
C GLN F 72 55.68 7.67 11.40
N GLN F 73 56.19 7.02 12.44
CA GLN F 73 57.56 7.27 12.88
C GLN F 73 58.57 6.95 11.78
N GLU F 74 58.42 5.77 11.15
CA GLU F 74 59.34 5.36 10.11
C GLU F 74 59.30 6.32 8.93
N GLN F 75 58.10 6.75 8.54
CA GLN F 75 57.96 7.68 7.42
C GLN F 75 58.57 9.04 7.75
N GLU F 76 58.39 9.50 8.99
CA GLU F 76 59.03 10.75 9.41
C GLU F 76 60.54 10.64 9.33
N ALA F 77 61.09 9.52 9.83
CA ALA F 77 62.54 9.33 9.77
C ALA F 77 63.02 9.24 8.32
N ALA F 78 62.26 8.59 7.44
CA ALA F 78 62.66 8.48 6.04
C ALA F 78 62.65 9.83 5.35
N GLU F 79 61.63 10.65 5.62
CA GLU F 79 61.56 11.99 5.05
C GLU F 79 62.71 12.85 5.58
N LEU F 80 63.08 12.67 6.85
CA LEU F 80 64.28 13.32 7.36
C LEU F 80 65.53 12.86 6.61
N ALA F 81 65.60 11.57 6.30
CA ALA F 81 66.76 11.02 5.60
C ALA F 81 66.92 11.64 4.21
N ALA F 82 65.82 11.80 3.48
CA ALA F 82 65.79 12.26 2.08
C ALA F 82 67.00 13.04 1.59
N SER G 4 25.48 -70.92 -1.00
CA SER G 4 25.88 -70.69 0.37
C SER G 4 25.37 -69.33 0.86
N VAL G 5 26.15 -68.70 1.73
CA VAL G 5 25.78 -67.40 2.27
C VAL G 5 26.39 -66.26 1.46
N THR G 6 27.67 -66.38 1.09
CA THR G 6 28.35 -65.31 0.38
C THR G 6 27.99 -65.24 -1.10
N GLU G 7 27.34 -66.27 -1.64
CA GLU G 7 26.95 -66.30 -3.04
C GLU G 7 25.44 -66.12 -3.15
N PHE G 8 25.03 -65.19 -4.01
CA PHE G 8 23.61 -64.89 -4.20
C PHE G 8 23.07 -65.55 -5.45
N LEU G 9 21.76 -65.50 -5.61
CA LEU G 9 21.08 -66.06 -6.77
C LEU G 9 20.75 -64.92 -7.74
N LYS G 10 21.29 -65.00 -8.95
CA LYS G 10 21.13 -63.92 -9.91
C LYS G 10 19.74 -63.99 -10.55
N PRO G 11 18.96 -62.91 -10.50
CA PRO G 11 17.63 -62.94 -11.10
C PRO G 11 17.69 -63.03 -12.62
N ARG G 12 16.66 -63.65 -13.19
CA ARG G 12 16.53 -63.77 -14.63
C ARG G 12 15.17 -63.25 -15.07
N LEU G 13 15.12 -62.77 -16.31
CA LEU G 13 13.88 -62.34 -16.94
C LEU G 13 13.12 -63.56 -17.44
N VAL G 14 11.88 -63.75 -16.99
CA VAL G 14 11.16 -64.98 -17.30
C VAL G 14 9.88 -64.76 -18.09
N ASP G 15 9.25 -63.59 -18.04
CA ASP G 15 7.96 -63.45 -18.71
C ASP G 15 7.67 -61.99 -19.04
N ILE G 16 7.21 -61.75 -20.26
CA ILE G 16 6.54 -60.51 -20.65
C ILE G 16 5.08 -60.85 -20.92
N GLU G 17 4.18 -60.15 -20.23
CA GLU G 17 2.75 -60.26 -20.48
C GLU G 17 2.31 -58.94 -21.09
N GLN G 18 1.98 -58.95 -22.38
CA GLN G 18 1.57 -57.74 -23.09
C GLN G 18 0.05 -57.65 -23.02
N ILE G 19 -0.45 -57.01 -21.97
CA ILE G 19 -1.89 -56.84 -21.81
C ILE G 19 -2.45 -56.01 -22.94
N SER G 20 -1.77 -54.92 -23.30
CA SER G 20 -2.16 -54.09 -24.42
C SER G 20 -0.91 -53.50 -25.04
N THR G 21 -1.10 -52.65 -26.05
CA THR G 21 0.03 -51.99 -26.69
C THR G 21 0.66 -50.93 -25.81
N THR G 22 -0.02 -50.50 -24.75
CA THR G 22 0.48 -49.47 -23.84
C THR G 22 0.56 -49.98 -22.40
N HIS G 23 0.55 -51.30 -22.20
CA HIS G 23 0.54 -51.87 -20.86
C HIS G 23 1.19 -53.25 -20.92
N ALA G 24 2.12 -53.51 -20.01
CA ALA G 24 2.86 -54.76 -20.02
C ALA G 24 3.31 -55.12 -18.61
N LYS G 25 3.61 -56.40 -18.42
CA LYS G 25 4.12 -56.91 -17.15
C LYS G 25 5.37 -57.74 -17.41
N VAL G 26 6.42 -57.50 -16.64
CA VAL G 26 7.70 -58.19 -16.78
C VAL G 26 8.04 -58.84 -15.44
N THR G 27 8.41 -60.11 -15.47
CA THR G 27 8.68 -60.87 -14.26
C THR G 27 10.16 -61.19 -14.15
N LEU G 28 10.76 -60.84 -13.03
CA LEU G 28 12.14 -61.16 -12.68
C LEU G 28 12.14 -62.17 -11.55
N GLU G 29 12.91 -63.24 -11.72
CA GLU G 29 12.91 -64.37 -10.79
C GLU G 29 14.17 -65.17 -11.02
N PRO G 30 14.83 -65.67 -9.96
CA PRO G 30 14.53 -65.50 -8.54
C PRO G 30 15.25 -64.32 -7.90
N LEU G 31 14.68 -63.75 -6.85
CA LEU G 31 15.31 -62.67 -6.09
C LEU G 31 15.34 -63.04 -4.62
N GLU G 32 16.47 -62.76 -3.97
CA GLU G 32 16.62 -63.08 -2.56
C GLU G 32 15.83 -62.10 -1.70
N ARG G 33 15.93 -62.30 -0.38
CA ARG G 33 15.21 -61.44 0.55
C ARG G 33 15.73 -60.01 0.50
N GLY G 34 14.81 -59.06 0.41
CA GLY G 34 15.17 -57.66 0.40
C GLY G 34 15.64 -57.13 -0.93
N PHE G 35 16.22 -58.00 -1.76
CA PHE G 35 16.74 -57.58 -3.05
C PHE G 35 15.61 -57.20 -4.01
N GLY G 36 14.44 -57.84 -3.88
CA GLY G 36 13.34 -57.52 -4.75
C GLY G 36 12.90 -56.08 -4.62
N HIS G 37 12.74 -55.60 -3.39
N HIS G 37 12.74 -55.61 -3.39
CA HIS G 37 12.33 -54.22 -3.18
CA HIS G 37 12.33 -54.22 -3.15
C HIS G 37 13.39 -53.24 -3.66
C HIS G 37 13.38 -53.24 -3.65
N THR G 38 14.66 -53.52 -3.38
CA THR G 38 15.74 -52.64 -3.83
C THR G 38 15.77 -52.53 -5.34
N LEU G 39 15.75 -53.66 -6.04
CA LEU G 39 15.78 -53.64 -7.49
C LEU G 39 14.53 -52.99 -8.05
N GLY G 40 13.36 -53.26 -7.45
CA GLY G 40 12.14 -52.66 -7.93
C GLY G 40 12.14 -51.15 -7.83
N ASN G 41 12.56 -50.63 -6.67
CA ASN G 41 12.60 -49.18 -6.49
C ASN G 41 13.63 -48.54 -7.41
N ALA G 42 14.81 -49.16 -7.54
CA ALA G 42 15.84 -48.60 -8.42
C ALA G 42 15.36 -48.57 -9.86
N LEU G 43 14.75 -49.67 -10.32
CA LEU G 43 14.28 -49.74 -11.70
C LEU G 43 13.12 -48.78 -11.94
N ARG G 44 12.25 -48.62 -10.94
CA ARG G 44 11.16 -47.65 -11.10
C ARG G 44 11.69 -46.23 -11.21
N ARG G 45 12.67 -45.87 -10.38
CA ARG G 45 13.21 -44.52 -10.43
C ARG G 45 13.97 -44.27 -11.72
N ILE G 46 14.72 -45.26 -12.21
CA ILE G 46 15.46 -45.08 -13.46
C ILE G 46 14.51 -45.05 -14.65
N LEU G 47 13.51 -45.93 -14.67
CA LEU G 47 12.59 -46.00 -15.80
C LEU G 47 11.74 -44.74 -15.92
N LEU G 48 11.29 -44.21 -14.78
CA LEU G 48 10.39 -43.05 -14.79
C LEU G 48 11.10 -41.75 -15.11
N SER G 49 12.42 -41.73 -15.17
CA SER G 49 13.12 -40.45 -15.28
C SER G 49 14.12 -40.39 -16.43
N SER G 50 14.78 -41.50 -16.76
CA SER G 50 15.99 -41.47 -17.57
C SER G 50 15.92 -42.47 -18.72
N MET G 51 14.81 -42.50 -19.45
CA MET G 51 14.77 -43.42 -20.56
C MET G 51 14.47 -42.68 -21.85
N PRO G 52 15.11 -43.06 -22.96
CA PRO G 52 15.02 -42.26 -24.19
C PRO G 52 13.70 -42.48 -24.92
N GLY G 53 13.45 -41.60 -25.88
CA GLY G 53 12.24 -41.67 -26.67
C GLY G 53 12.28 -40.70 -27.82
N CYS G 54 11.17 -40.62 -28.54
CA CYS G 54 11.03 -39.73 -29.68
C CYS G 54 9.78 -38.87 -29.50
N ALA G 55 9.94 -37.56 -29.70
CA ALA G 55 8.84 -36.63 -29.49
C ALA G 55 8.83 -35.56 -30.57
N VAL G 56 7.65 -34.98 -30.77
CA VAL G 56 7.51 -33.87 -31.72
C VAL G 56 8.14 -32.62 -31.13
N THR G 57 8.98 -31.96 -31.93
CA THR G 57 9.69 -30.77 -31.47
C THR G 57 9.33 -29.51 -32.26
N GLU G 58 9.13 -29.62 -33.58
CA GLU G 58 8.81 -28.47 -34.41
C GLU G 58 7.68 -28.83 -35.35
N VAL G 59 6.77 -27.88 -35.56
CA VAL G 59 5.64 -28.05 -36.47
C VAL G 59 5.58 -26.86 -37.41
N GLU G 60 5.34 -27.12 -38.70
CA GLU G 60 5.18 -26.06 -39.69
C GLU G 60 3.87 -26.29 -40.42
N ILE G 61 2.91 -25.39 -40.19
CA ILE G 61 1.60 -25.46 -40.81
C ILE G 61 1.49 -24.34 -41.84
N GLU G 62 1.07 -24.69 -43.06
CA GLU G 62 0.97 -23.71 -44.13
C GLU G 62 -0.09 -22.67 -43.80
N GLY G 63 0.25 -21.40 -44.00
CA GLY G 63 -0.69 -20.32 -43.73
C GLY G 63 -0.82 -19.95 -42.27
N VAL G 64 0.06 -20.43 -41.40
CA VAL G 64 0.01 -20.16 -39.97
C VAL G 64 1.30 -19.46 -39.58
N LEU G 65 1.18 -18.30 -38.92
CA LEU G 65 2.33 -17.54 -38.48
C LEU G 65 2.65 -17.72 -37.01
N HIS G 66 1.66 -18.02 -36.18
CA HIS G 66 1.87 -18.24 -34.77
C HIS G 66 0.78 -19.15 -34.22
N GLU G 67 1.02 -19.69 -33.04
CA GLU G 67 0.06 -20.62 -32.43
C GLU G 67 -1.25 -19.93 -32.08
N TYR G 68 -1.20 -18.65 -31.74
CA TYR G 68 -2.37 -17.91 -31.26
C TYR G 68 -3.18 -17.37 -32.43
N SER G 69 -3.57 -18.29 -33.32
CA SER G 69 -4.32 -17.94 -34.52
C SER G 69 -5.26 -19.09 -34.86
N THR G 70 -6.08 -18.88 -35.88
CA THR G 70 -7.03 -19.88 -36.34
C THR G 70 -6.83 -20.11 -37.83
N LYS G 71 -7.24 -21.29 -38.30
CA LYS G 71 -7.21 -21.64 -39.71
C LYS G 71 -8.63 -21.92 -40.18
N GLU G 72 -8.98 -21.39 -41.34
CA GLU G 72 -10.33 -21.53 -41.86
C GLU G 72 -10.65 -23.01 -42.12
N GLY G 73 -11.82 -23.43 -41.66
CA GLY G 73 -12.26 -24.80 -41.83
C GLY G 73 -11.81 -25.76 -40.75
N VAL G 74 -11.01 -25.32 -39.79
CA VAL G 74 -10.51 -26.16 -38.72
C VAL G 74 -11.16 -25.71 -37.42
N GLN G 75 -11.84 -26.62 -36.74
CA GLN G 75 -12.53 -26.28 -35.50
C GLN G 75 -11.55 -25.91 -34.40
N GLU G 76 -10.42 -26.62 -34.32
CA GLU G 76 -9.45 -26.41 -33.26
C GLU G 76 -8.50 -25.28 -33.63
N ASP G 77 -8.07 -24.54 -32.61
CA ASP G 77 -7.02 -23.55 -32.80
C ASP G 77 -5.67 -24.24 -32.96
N ILE G 78 -4.68 -23.48 -33.41
CA ILE G 78 -3.35 -24.04 -33.63
C ILE G 78 -2.72 -24.51 -32.33
N LEU G 79 -2.98 -23.80 -31.23
CA LEU G 79 -2.47 -24.22 -29.93
C LEU G 79 -3.02 -25.59 -29.54
N GLU G 80 -4.31 -25.81 -29.76
CA GLU G 80 -4.91 -27.10 -29.45
C GLU G 80 -4.33 -28.19 -30.35
N ILE G 81 -4.06 -27.86 -31.62
CA ILE G 81 -3.45 -28.82 -32.53
C ILE G 81 -2.06 -29.21 -32.04
N LEU G 82 -1.27 -28.23 -31.58
CA LEU G 82 0.05 -28.54 -31.03
C LEU G 82 -0.06 -29.39 -29.78
N LEU G 83 -1.02 -29.08 -28.90
CA LEU G 83 -1.22 -29.89 -27.70
C LEU G 83 -1.58 -31.32 -28.06
N ASN G 84 -2.42 -31.51 -29.08
CA ASN G 84 -2.76 -32.85 -29.53
C ASN G 84 -1.54 -33.56 -30.12
N LEU G 85 -0.72 -32.83 -30.87
CA LEU G 85 0.50 -33.43 -31.42
C LEU G 85 1.49 -33.82 -30.33
N LYS G 86 1.44 -33.15 -29.18
CA LYS G 86 2.30 -33.55 -28.06
C LYS G 86 2.06 -34.99 -27.65
N GLY G 87 0.86 -35.51 -27.88
CA GLY G 87 0.52 -36.86 -27.49
C GLY G 87 0.74 -37.89 -28.58
N LEU G 88 1.53 -37.53 -29.59
CA LEU G 88 1.80 -38.43 -30.70
C LEU G 88 2.90 -39.41 -30.31
N ALA G 89 2.63 -40.70 -30.46
CA ALA G 89 3.58 -41.76 -30.15
C ALA G 89 4.27 -42.18 -31.44
N VAL G 90 5.55 -41.83 -31.56
CA VAL G 90 6.34 -42.07 -32.76
C VAL G 90 7.56 -42.91 -32.40
N ARG G 91 7.77 -43.98 -33.15
CA ARG G 91 8.95 -44.83 -32.99
C ARG G 91 9.86 -44.61 -34.19
N VAL G 92 11.09 -44.19 -33.93
CA VAL G 92 12.07 -43.91 -34.97
C VAL G 92 13.09 -45.03 -35.01
N ALA G 93 13.40 -45.49 -36.22
CA ALA G 93 14.41 -46.53 -36.38
C ALA G 93 15.77 -46.04 -35.91
N GLU G 94 16.59 -46.98 -35.42
CA GLU G 94 17.87 -46.62 -34.83
C GLU G 94 18.79 -46.01 -35.89
N GLY G 95 19.68 -45.13 -35.42
CA GLY G 95 20.59 -44.42 -36.29
C GLY G 95 20.09 -43.08 -36.78
N LYS G 96 18.83 -42.73 -36.52
CA LYS G 96 18.25 -41.45 -36.94
C LYS G 96 17.75 -40.73 -35.70
N ASP G 97 18.27 -39.51 -35.48
CA ASP G 97 17.84 -38.66 -34.38
C ASP G 97 16.98 -37.50 -34.84
N GLU G 98 16.55 -37.49 -36.10
CA GLU G 98 15.85 -36.35 -36.66
C GLU G 98 15.05 -36.83 -37.87
N VAL G 99 13.72 -36.80 -37.78
CA VAL G 99 12.88 -37.21 -38.90
C VAL G 99 11.85 -36.12 -39.18
N PHE G 100 11.43 -36.03 -40.44
CA PHE G 100 10.36 -35.13 -40.85
C PHE G 100 9.21 -35.96 -41.42
N ILE G 101 8.02 -35.74 -40.89
CA ILE G 101 6.82 -36.44 -41.34
C ILE G 101 5.76 -35.41 -41.70
N THR G 102 5.04 -35.67 -42.79
CA THR G 102 4.07 -34.72 -43.32
C THR G 102 2.65 -35.21 -43.08
N LEU G 103 1.74 -34.26 -42.91
CA LEU G 103 0.32 -34.57 -42.75
C LEU G 103 -0.46 -33.66 -43.69
N ASN G 104 -1.08 -34.26 -44.70
CA ASN G 104 -1.85 -33.53 -45.71
C ASN G 104 -3.26 -34.11 -45.72
N LYS G 105 -4.26 -33.24 -45.59
CA LYS G 105 -5.63 -33.73 -45.64
C LYS G 105 -6.58 -32.66 -46.15
N SER G 106 -7.58 -33.09 -46.90
CA SER G 106 -8.66 -32.24 -47.37
C SER G 106 -9.99 -32.97 -47.20
N GLY G 107 -11.01 -32.23 -46.87
CA GLY G 107 -12.34 -32.79 -46.70
C GLY G 107 -12.77 -32.83 -45.24
N SER G 108 -14.08 -32.88 -45.05
CA SER G 108 -14.65 -32.89 -43.70
C SER G 108 -14.32 -34.21 -43.00
N GLY G 109 -14.04 -34.11 -41.71
CA GLY G 109 -13.72 -35.28 -40.91
C GLY G 109 -12.61 -35.03 -39.91
N PRO G 110 -12.47 -35.94 -38.95
CA PRO G 110 -11.33 -35.87 -38.05
C PRO G 110 -10.04 -36.24 -38.77
N VAL G 111 -8.96 -35.54 -38.42
CA VAL G 111 -7.62 -35.84 -38.91
C VAL G 111 -6.90 -36.63 -37.83
N VAL G 112 -6.47 -37.84 -38.16
CA VAL G 112 -5.90 -38.74 -37.17
C VAL G 112 -4.43 -39.01 -37.47
N ALA G 113 -3.75 -39.74 -36.58
CA ALA G 113 -2.33 -39.99 -36.75
C ALA G 113 -2.03 -40.99 -37.86
N GLY G 114 -3.02 -41.78 -38.27
CA GLY G 114 -2.83 -42.71 -39.38
C GLY G 114 -2.78 -42.06 -40.73
N ASP G 115 -2.97 -40.73 -40.80
CA ASP G 115 -2.93 -39.98 -42.05
C ASP G 115 -1.59 -39.30 -42.28
N ILE G 116 -0.58 -39.63 -41.47
CA ILE G 116 0.74 -39.01 -41.58
C ILE G 116 1.59 -39.86 -42.52
N THR G 117 2.23 -39.21 -43.47
CA THR G 117 3.10 -39.89 -44.44
C THR G 117 4.52 -39.93 -43.89
N HIS G 118 5.06 -41.14 -43.77
CA HIS G 118 6.40 -41.35 -43.25
C HIS G 118 7.18 -42.23 -44.22
N ASP G 119 8.51 -42.06 -44.20
CA ASP G 119 9.40 -42.69 -45.17
C ASP G 119 9.78 -44.12 -44.82
N GLY G 120 9.02 -44.79 -43.94
CA GLY G 120 9.28 -46.15 -43.57
C GLY G 120 10.20 -46.32 -42.37
N ASP G 121 10.92 -45.28 -41.99
CA ASP G 121 11.77 -45.30 -40.80
C ASP G 121 11.04 -44.80 -39.56
N VAL G 122 9.76 -44.44 -39.69
CA VAL G 122 8.96 -43.94 -38.57
C VAL G 122 7.68 -44.77 -38.50
N GLU G 123 7.36 -45.23 -37.29
CA GLU G 123 6.14 -46.01 -37.04
C GLU G 123 5.25 -45.23 -36.09
N ILE G 124 3.96 -45.14 -36.44
CA ILE G 124 2.97 -44.50 -35.58
C ILE G 124 2.28 -45.58 -34.76
N VAL G 125 2.34 -45.45 -33.45
CA VAL G 125 1.82 -46.49 -32.56
C VAL G 125 0.32 -46.32 -32.32
N ASN G 126 -0.19 -45.09 -32.37
CA ASN G 126 -1.60 -44.80 -32.10
C ASN G 126 -2.19 -44.06 -33.30
N PRO G 127 -2.54 -44.80 -34.36
CA PRO G 127 -3.13 -44.14 -35.54
C PRO G 127 -4.47 -43.49 -35.26
N GLU G 128 -5.17 -43.89 -34.20
CA GLU G 128 -6.49 -43.34 -33.90
C GLU G 128 -6.42 -42.05 -33.10
N HIS G 129 -5.22 -41.55 -32.78
CA HIS G 129 -5.10 -40.30 -32.06
C HIS G 129 -5.60 -39.15 -32.91
N VAL G 130 -6.46 -38.31 -32.34
CA VAL G 130 -7.08 -37.21 -33.05
C VAL G 130 -6.23 -35.96 -32.89
N ILE G 131 -5.88 -35.34 -34.02
CA ILE G 131 -5.09 -34.12 -34.02
C ILE G 131 -5.97 -32.88 -34.17
N CYS G 132 -6.89 -32.91 -35.13
CA CYS G 132 -7.78 -31.78 -35.37
C CYS G 132 -9.03 -32.29 -36.09
N HIS G 133 -9.98 -31.39 -36.27
CA HIS G 133 -11.22 -31.69 -37.00
C HIS G 133 -11.38 -30.69 -38.14
N LEU G 134 -11.65 -31.20 -39.34
CA LEU G 134 -11.96 -30.36 -40.49
C LEU G 134 -13.47 -30.32 -40.65
N THR G 135 -14.04 -29.13 -40.61
CA THR G 135 -15.49 -28.96 -40.58
C THR G 135 -16.07 -28.51 -41.92
N SER G 136 -15.27 -28.48 -42.98
CA SER G 136 -15.74 -28.05 -44.28
C SER G 136 -15.19 -28.98 -45.35
N ASP G 137 -15.93 -29.08 -46.46
CA ASP G 137 -15.46 -29.89 -47.58
C ASP G 137 -14.30 -29.21 -48.30
N ASN G 138 -14.26 -27.87 -48.27
CA ASN G 138 -13.17 -27.12 -48.87
C ASN G 138 -11.98 -26.94 -47.92
N ALA G 139 -12.12 -27.34 -46.67
CA ALA G 139 -11.03 -27.18 -45.70
C ALA G 139 -9.87 -28.10 -46.06
N ALA G 140 -8.65 -27.59 -45.88
CA ALA G 140 -7.45 -28.36 -46.17
C ALA G 140 -6.36 -27.97 -45.19
N ILE G 141 -5.59 -28.96 -44.75
CA ILE G 141 -4.49 -28.77 -43.80
C ILE G 141 -3.25 -29.44 -44.36
N ALA G 142 -2.10 -28.79 -44.16
CA ALA G 142 -0.82 -29.26 -44.67
C ALA G 142 0.25 -28.90 -43.65
N MET G 143 0.75 -29.89 -42.91
CA MET G 143 1.68 -29.65 -41.83
C MET G 143 2.94 -30.48 -42.00
N ARG G 144 4.06 -29.88 -41.62
CA ARG G 144 5.36 -30.55 -41.56
C ARG G 144 5.77 -30.68 -40.10
N ILE G 145 5.88 -31.91 -39.62
CA ILE G 145 6.15 -32.21 -38.22
C ILE G 145 7.56 -32.76 -38.10
N LYS G 146 8.31 -32.27 -37.12
CA LYS G 146 9.67 -32.71 -36.86
C LYS G 146 9.69 -33.57 -35.60
N VAL G 147 10.28 -34.76 -35.71
CA VAL G 147 10.35 -35.72 -34.62
C VAL G 147 11.81 -35.91 -34.25
N GLU G 148 12.12 -35.68 -32.97
CA GLU G 148 13.48 -35.74 -32.45
C GLU G 148 13.60 -36.84 -31.41
N ARG G 149 14.79 -37.42 -31.32
CA ARG G 149 15.11 -38.40 -30.28
C ARG G 149 15.76 -37.68 -29.12
N GLY G 150 15.32 -37.99 -27.91
CA GLY G 150 15.82 -37.31 -26.73
C GLY G 150 15.53 -38.07 -25.46
N ARG G 151 15.78 -37.40 -24.34
CA ARG G 151 15.58 -37.98 -23.03
C ARG G 151 15.11 -36.89 -22.06
N GLY G 152 14.03 -37.15 -21.35
CA GLY G 152 13.52 -36.21 -20.37
C GLY G 152 12.53 -35.22 -20.92
N TYR G 153 12.46 -34.04 -20.31
CA TYR G 153 11.53 -32.99 -20.70
C TYR G 153 12.33 -31.76 -21.07
N VAL G 154 12.27 -31.36 -22.34
CA VAL G 154 12.96 -30.20 -22.84
C VAL G 154 11.92 -29.21 -23.35
N PRO G 155 11.61 -28.17 -22.58
CA PRO G 155 10.65 -27.17 -23.03
C PRO G 155 11.22 -26.33 -24.16
N ALA G 156 10.32 -25.61 -24.84
CA ALA G 156 10.73 -24.77 -25.96
C ALA G 156 11.67 -23.66 -25.52
N SER G 157 11.42 -23.07 -24.35
CA SER G 157 12.27 -21.99 -23.87
C SER G 157 13.69 -22.48 -23.57
N ALA G 158 13.83 -23.68 -23.02
CA ALA G 158 15.14 -24.19 -22.64
C ALA G 158 16.02 -24.54 -23.83
N ARG G 159 15.46 -24.63 -25.03
CA ARG G 159 16.25 -24.94 -26.21
C ARG G 159 17.13 -23.75 -26.59
N ILE G 160 18.42 -24.03 -26.80
CA ILE G 160 19.37 -22.96 -27.08
C ILE G 160 19.11 -22.36 -28.46
N HIS G 161 19.13 -21.04 -28.53
CA HIS G 161 18.91 -20.33 -29.79
C HIS G 161 20.10 -20.51 -30.73
N GLU G 166 19.15 -18.72 -37.17
CA GLU G 166 17.89 -17.99 -37.31
C GLU G 166 16.71 -18.95 -37.36
N ARG G 167 15.51 -18.43 -37.10
CA ARG G 167 14.29 -19.22 -37.11
C ARG G 167 13.24 -18.51 -37.94
N PRO G 168 12.84 -19.07 -39.08
CA PRO G 168 11.82 -18.42 -39.90
C PRO G 168 10.47 -18.36 -39.20
N ILE G 169 9.71 -17.32 -39.51
CA ILE G 169 8.39 -17.15 -38.92
C ILE G 169 7.44 -18.18 -39.51
N GLY G 170 6.79 -18.95 -38.66
CA GLY G 170 5.92 -20.03 -39.09
C GLY G 170 6.29 -21.35 -38.44
N ARG G 171 7.57 -21.50 -38.10
CA ARG G 171 8.05 -22.68 -37.40
C ARG G 171 7.63 -22.58 -35.94
N LEU G 172 6.74 -23.46 -35.51
CA LEU G 172 6.18 -23.43 -34.16
C LEU G 172 6.91 -24.46 -33.31
N LEU G 173 7.45 -24.02 -32.18
CA LEU G 173 8.17 -24.88 -31.26
C LEU G 173 7.20 -25.53 -30.29
N VAL G 174 7.35 -26.83 -30.09
CA VAL G 174 6.44 -27.62 -29.26
C VAL G 174 7.23 -28.24 -28.12
N ASP G 175 6.73 -28.09 -26.90
CA ASP G 175 7.36 -28.72 -25.75
C ASP G 175 7.37 -30.23 -25.92
N ALA G 176 8.52 -30.84 -25.69
CA ALA G 176 8.72 -32.26 -25.97
C ALA G 176 8.93 -33.02 -24.66
N THR G 177 8.12 -34.06 -24.46
CA THR G 177 8.27 -35.00 -23.35
C THR G 177 8.75 -36.31 -23.97
N PHE G 178 10.07 -36.49 -23.99
CA PHE G 178 10.66 -37.63 -24.68
C PHE G 178 10.46 -38.95 -23.94
N SER G 179 10.20 -38.90 -22.65
CA SER G 179 10.08 -40.13 -21.87
C SER G 179 8.84 -40.91 -22.28
N PRO G 180 8.96 -42.15 -22.75
CA PRO G 180 7.77 -42.92 -23.14
C PRO G 180 7.08 -43.60 -21.98
N VAL G 181 7.73 -43.75 -20.85
CA VAL G 181 7.14 -44.45 -19.70
C VAL G 181 6.25 -43.49 -18.95
N ASP G 182 5.01 -43.89 -18.70
CA ASP G 182 4.04 -43.07 -17.98
C ASP G 182 3.83 -43.55 -16.55
N LYS G 183 3.64 -44.84 -16.34
CA LYS G 183 3.35 -45.38 -15.01
C LYS G 183 4.14 -46.65 -14.78
N ILE G 184 4.72 -46.81 -13.60
CA ILE G 184 5.46 -48.01 -13.22
C ILE G 184 4.99 -48.45 -11.84
N ALA G 185 4.57 -49.70 -11.72
CA ALA G 185 4.18 -50.25 -10.43
C ALA G 185 4.83 -51.62 -10.24
N TYR G 186 5.49 -51.82 -9.10
CA TYR G 186 6.21 -53.06 -8.86
C TYR G 186 5.65 -53.77 -7.64
N SER G 187 5.40 -55.07 -7.80
CA SER G 187 4.87 -55.92 -6.73
C SER G 187 5.81 -57.10 -6.54
N VAL G 188 6.14 -57.38 -5.29
CA VAL G 188 7.13 -58.41 -4.96
C VAL G 188 6.39 -59.52 -4.22
N GLU G 189 6.32 -60.70 -4.83
CA GLU G 189 5.51 -61.81 -4.34
C GLU G 189 6.36 -63.06 -4.15
N ALA G 190 5.76 -64.06 -3.52
CA ALA G 190 6.47 -65.32 -3.28
C ALA G 190 6.67 -66.11 -4.57
N ALA G 191 7.82 -66.77 -4.67
CA ALA G 191 8.17 -67.59 -5.83
C ALA G 191 8.55 -68.99 -5.38
N ARG G 192 8.09 -69.99 -6.12
CA ARG G 192 8.33 -71.39 -5.79
C ARG G 192 9.53 -71.88 -6.62
N VAL G 193 10.69 -71.98 -5.98
CA VAL G 193 11.92 -72.43 -6.64
C VAL G 193 12.49 -73.60 -5.86
N GLU G 194 12.71 -74.72 -6.54
CA GLU G 194 13.31 -75.92 -5.96
C GLU G 194 12.63 -76.33 -4.67
N GLN G 195 13.33 -76.17 -3.54
CA GLN G 195 12.79 -76.51 -2.24
C GLN G 195 12.80 -75.35 -1.26
N ARG G 196 13.49 -74.26 -1.58
CA ARG G 196 13.57 -73.12 -0.67
C ARG G 196 12.30 -72.28 -0.73
N THR G 197 12.06 -71.55 0.36
CA THR G 197 10.92 -70.64 0.45
C THR G 197 11.34 -69.19 0.66
N ASP G 198 12.64 -68.89 0.54
CA ASP G 198 13.13 -67.53 0.74
C ASP G 198 13.27 -66.74 -0.56
N LEU G 199 13.37 -67.42 -1.70
CA LEU G 199 13.46 -66.71 -2.97
C LEU G 199 12.15 -65.99 -3.27
N ASP G 200 12.26 -64.88 -3.99
CA ASP G 200 11.14 -63.96 -4.14
C ASP G 200 11.14 -63.46 -5.57
N LYS G 201 9.99 -62.97 -6.03
CA LYS G 201 9.74 -62.67 -7.44
C LYS G 201 9.28 -61.23 -7.60
N LEU G 202 9.79 -60.54 -8.61
CA LEU G 202 9.43 -59.16 -8.88
C LEU G 202 8.57 -59.09 -10.13
N VAL G 203 7.45 -58.36 -10.05
CA VAL G 203 6.58 -58.12 -11.19
C VAL G 203 6.51 -56.61 -11.41
N ILE G 204 6.93 -56.17 -12.58
CA ILE G 204 6.93 -54.75 -12.92
C ILE G 204 5.86 -54.52 -13.98
N ASP G 205 4.91 -53.64 -13.66
CA ASP G 205 3.84 -53.27 -14.56
C ASP G 205 4.21 -51.92 -15.14
N MET G 206 4.32 -51.86 -16.47
CA MET G 206 4.73 -50.67 -17.20
C MET G 206 3.58 -50.20 -18.07
N GLU G 207 3.17 -48.95 -17.89
CA GLU G 207 2.19 -48.30 -18.74
C GLU G 207 2.93 -47.21 -19.51
N THR G 208 3.03 -47.39 -20.83
CA THR G 208 3.81 -46.50 -21.68
C THR G 208 2.96 -46.00 -22.83
N ASN G 209 3.60 -45.38 -23.83
CA ASN G 209 2.91 -44.96 -25.05
C ASN G 209 3.03 -45.98 -26.17
N GLY G 210 3.65 -47.13 -25.90
CA GLY G 210 3.83 -48.17 -26.90
C GLY G 210 5.08 -48.03 -27.74
N THR G 211 5.84 -46.95 -27.57
CA THR G 211 7.04 -46.75 -28.38
C THR G 211 8.16 -47.70 -27.97
N LEU G 212 8.27 -47.99 -26.68
CA LEU G 212 9.43 -48.67 -26.13
C LEU G 212 9.01 -50.05 -25.60
N GLU G 213 9.75 -51.08 -26.01
CA GLU G 213 9.46 -52.43 -25.58
C GLU G 213 9.79 -52.62 -24.09
N PRO G 214 9.11 -53.55 -23.42
CA PRO G 214 9.33 -53.75 -21.98
C PRO G 214 10.71 -54.33 -21.66
N GLU G 215 11.07 -55.43 -22.32
CA GLU G 215 12.34 -56.08 -22.05
C GLU G 215 13.51 -55.14 -22.31
N GLU G 216 13.48 -54.45 -23.46
CA GLU G 216 14.58 -53.54 -23.78
C GLU G 216 14.65 -52.39 -22.78
N ALA G 217 13.50 -51.88 -22.34
CA ALA G 217 13.50 -50.83 -21.33
C ALA G 217 14.14 -51.31 -20.03
N ILE G 218 13.81 -52.53 -19.61
CA ILE G 218 14.42 -53.10 -18.41
C ILE G 218 15.93 -53.21 -18.59
N ARG G 219 16.37 -53.62 -19.78
CA ARG G 219 17.80 -53.76 -20.02
C ARG G 219 18.52 -52.41 -19.98
N ARG G 220 17.92 -51.36 -20.56
CA ARG G 220 18.55 -50.04 -20.46
C ARG G 220 18.58 -49.55 -19.02
N ALA G 221 17.51 -49.81 -18.26
CA ALA G 221 17.53 -49.40 -16.84
C ALA G 221 18.64 -50.11 -16.09
N ALA G 222 18.80 -51.41 -16.31
CA ALA G 222 19.86 -52.16 -15.64
C ALA G 222 21.24 -51.67 -16.08
N THR G 223 21.39 -51.35 -17.36
CA THR G 223 22.66 -50.83 -17.85
C THR G 223 23.00 -49.51 -17.18
N ILE G 224 22.02 -48.61 -17.06
CA ILE G 224 22.26 -47.33 -16.38
C ILE G 224 22.65 -47.57 -14.93
N LEU G 225 21.93 -48.47 -14.24
CA LEU G 225 22.22 -48.72 -12.84
C LEU G 225 23.64 -49.26 -12.65
N ALA G 226 24.04 -50.23 -13.47
CA ALA G 226 25.38 -50.79 -13.37
C ALA G 226 26.44 -49.76 -13.71
N GLU G 227 26.18 -48.93 -14.73
CA GLU G 227 27.18 -47.95 -15.15
C GLU G 227 27.40 -46.89 -14.09
N GLN G 228 26.34 -46.47 -13.40
CA GLN G 228 26.54 -45.56 -12.26
C GLN G 228 27.12 -46.27 -11.05
N LEU G 229 26.87 -47.57 -10.89
CA LEU G 229 27.46 -48.29 -9.76
C LEU G 229 28.94 -48.55 -9.95
N ASP G 230 29.43 -48.52 -11.20
CA ASP G 230 30.84 -48.76 -11.46
C ASP G 230 31.74 -47.81 -10.67
N ALA G 231 31.27 -46.59 -10.40
CA ALA G 231 32.06 -45.67 -9.59
C ALA G 231 32.28 -46.20 -8.18
N PHE G 232 31.23 -46.76 -7.57
CA PHE G 232 31.38 -47.35 -6.25
C PHE G 232 32.21 -48.62 -6.31
N VAL G 233 32.04 -49.43 -7.36
CA VAL G 233 32.81 -50.67 -7.50
C VAL G 233 34.30 -50.38 -7.56
N ASP G 234 34.68 -49.20 -8.05
CA ASP G 234 36.09 -48.84 -8.19
C ASP G 234 36.39 -47.61 -7.35
N LEU G 235 35.93 -47.62 -6.10
CA LEU G 235 36.04 -46.45 -5.23
C LEU G 235 37.49 -46.07 -5.02
N ARG G 236 37.81 -44.81 -5.32
CA ARG G 236 39.15 -44.27 -5.12
C ARG G 236 39.05 -42.74 -5.16
N ASP G 237 40.11 -42.09 -4.70
CA ASP G 237 40.14 -40.64 -4.69
C ASP G 237 40.37 -40.12 -6.11
N VAL G 238 39.40 -39.37 -6.63
CA VAL G 238 39.49 -38.84 -7.98
C VAL G 238 39.54 -37.32 -7.95
N SER H 4 23.97 -37.36 -26.75
CA SER H 4 23.36 -38.67 -26.95
C SER H 4 22.35 -38.99 -25.86
N VAL H 5 21.42 -39.91 -26.16
CA VAL H 5 20.41 -40.28 -25.19
C VAL H 5 20.91 -41.35 -24.21
N THR H 6 22.00 -42.03 -24.53
CA THR H 6 22.55 -43.08 -23.69
C THR H 6 23.76 -42.60 -22.87
N GLU H 7 24.06 -41.31 -22.90
CA GLU H 7 25.19 -40.75 -22.18
C GLU H 7 24.69 -40.13 -20.87
N PHE H 8 25.26 -40.58 -19.75
CA PHE H 8 24.86 -40.11 -18.44
C PHE H 8 26.07 -39.59 -17.67
N LEU H 9 25.81 -38.66 -16.75
CA LEU H 9 26.88 -38.07 -15.96
C LEU H 9 27.41 -39.09 -14.95
N LYS H 10 28.71 -39.22 -14.89
CA LYS H 10 29.38 -40.09 -13.93
C LYS H 10 30.11 -39.26 -12.87
N PRO H 11 30.30 -39.80 -11.67
CA PRO H 11 31.02 -39.04 -10.64
C PRO H 11 32.43 -38.69 -11.08
N ARG H 12 32.76 -37.41 -10.99
CA ARG H 12 34.07 -36.88 -11.36
C ARG H 12 34.93 -36.54 -10.15
N LEU H 13 34.31 -35.97 -9.12
CA LEU H 13 34.95 -35.67 -7.85
C LEU H 13 34.46 -36.70 -6.83
N VAL H 14 35.36 -37.61 -6.44
CA VAL H 14 35.11 -38.58 -5.39
C VAL H 14 36.11 -38.29 -4.27
N ASP H 15 35.59 -37.96 -3.09
CA ASP H 15 36.42 -37.61 -1.94
C ASP H 15 36.14 -38.62 -0.83
N ILE H 16 37.21 -39.24 -0.32
CA ILE H 16 37.12 -40.19 0.78
C ILE H 16 37.88 -39.59 1.96
N GLU H 17 37.15 -39.31 3.04
CA GLU H 17 37.74 -38.71 4.23
C GLU H 17 37.55 -39.67 5.40
N GLN H 18 38.65 -40.04 6.06
CA GLN H 18 38.65 -41.09 7.07
C GLN H 18 38.79 -40.45 8.45
N ILE H 19 37.71 -40.43 9.22
CA ILE H 19 37.79 -39.95 10.59
C ILE H 19 38.56 -40.92 11.46
N SER H 20 38.35 -42.22 11.26
CA SER H 20 39.05 -43.26 11.98
C SER H 20 39.19 -44.47 11.07
N THR H 21 39.75 -45.55 11.60
CA THR H 21 39.89 -46.78 10.84
C THR H 21 38.55 -47.45 10.57
N THR H 22 37.50 -47.05 11.28
CA THR H 22 36.17 -47.60 11.10
C THR H 22 35.12 -46.55 10.74
N HIS H 23 35.53 -45.30 10.52
CA HIS H 23 34.58 -44.22 10.23
C HIS H 23 35.05 -43.43 9.01
N ALA H 24 34.15 -43.27 8.04
CA ALA H 24 34.53 -42.62 6.79
C ALA H 24 33.35 -41.82 6.24
N LYS H 25 33.69 -40.88 5.38
CA LYS H 25 32.73 -40.04 4.68
C LYS H 25 33.13 -40.01 3.21
N VAL H 26 32.26 -40.55 2.36
CA VAL H 26 32.52 -40.65 0.92
C VAL H 26 31.57 -39.70 0.20
N THR H 27 32.13 -38.80 -0.59
CA THR H 27 31.36 -37.82 -1.33
C THR H 27 31.57 -38.04 -2.82
N LEU H 28 30.49 -38.21 -3.56
CA LEU H 28 30.53 -38.36 -5.01
C LEU H 28 29.73 -37.24 -5.64
N GLU H 29 30.34 -36.57 -6.64
CA GLU H 29 29.70 -35.46 -7.31
C GLU H 29 30.29 -35.33 -8.70
N PRO H 30 29.48 -35.04 -9.74
CA PRO H 30 28.03 -34.86 -9.73
C PRO H 30 27.29 -36.12 -10.15
N LEU H 31 26.03 -36.24 -9.74
CA LEU H 31 25.18 -37.35 -10.15
C LEU H 31 23.94 -36.77 -10.82
N GLU H 32 23.35 -37.57 -11.72
CA GLU H 32 22.15 -37.13 -12.40
C GLU H 32 21.00 -36.98 -11.40
N ARG H 33 20.03 -36.14 -11.77
CA ARG H 33 18.94 -35.81 -10.87
C ARG H 33 18.17 -37.05 -10.45
N GLY H 34 18.10 -37.28 -9.14
CA GLY H 34 17.37 -38.40 -8.59
C GLY H 34 18.19 -39.66 -8.39
N PHE H 35 19.40 -39.73 -8.97
CA PHE H 35 20.23 -40.91 -8.80
C PHE H 35 20.88 -40.98 -7.42
N GLY H 36 21.05 -39.84 -6.75
CA GLY H 36 21.62 -39.87 -5.42
C GLY H 36 20.78 -40.69 -4.45
N HIS H 37 19.46 -40.46 -4.44
CA HIS H 37 18.59 -41.23 -3.57
C HIS H 37 18.58 -42.70 -3.95
N THR H 38 18.53 -43.00 -5.25
CA THR H 38 18.53 -44.39 -5.70
C THR H 38 19.76 -45.13 -5.21
N LEU H 39 20.95 -44.58 -5.50
CA LEU H 39 22.19 -45.25 -5.12
C LEU H 39 22.31 -45.33 -3.60
N GLY H 40 21.98 -44.24 -2.89
CA GLY H 40 22.11 -44.25 -1.45
C GLY H 40 21.21 -45.28 -0.79
N ASN H 41 19.95 -45.33 -1.21
CA ASN H 41 19.02 -46.28 -0.62
C ASN H 41 19.40 -47.71 -0.96
N ALA H 42 19.81 -47.97 -2.21
CA ALA H 42 20.21 -49.32 -2.57
C ALA H 42 21.42 -49.77 -1.78
N LEU H 43 22.43 -48.90 -1.67
CA LEU H 43 23.62 -49.26 -0.89
C LEU H 43 23.30 -49.44 0.57
N ARG H 44 22.42 -48.60 1.13
CA ARG H 44 22.04 -48.74 2.54
C ARG H 44 21.35 -50.07 2.77
N ARG H 45 20.40 -50.43 1.91
CA ARG H 45 19.70 -51.70 2.08
C ARG H 45 20.65 -52.88 1.97
N ILE H 46 21.55 -52.87 0.98
CA ILE H 46 22.47 -53.99 0.83
C ILE H 46 23.43 -54.06 2.01
N LEU H 47 23.94 -52.92 2.46
CA LEU H 47 24.91 -52.90 3.56
C LEU H 47 24.27 -53.30 4.88
N LEU H 48 23.00 -52.98 5.09
CA LEU H 48 22.37 -53.26 6.38
C LEU H 48 21.70 -54.63 6.43
N SER H 49 21.21 -55.15 5.30
CA SER H 49 20.43 -56.37 5.33
C SER H 49 20.90 -57.45 4.36
N SER H 50 21.99 -57.22 3.62
CA SER H 50 22.42 -58.21 2.64
C SER H 50 23.92 -58.45 2.59
N MET H 51 24.71 -57.79 3.44
CA MET H 51 26.14 -58.06 3.43
C MET H 51 26.45 -59.33 4.21
N PRO H 52 27.26 -60.23 3.66
CA PRO H 52 27.66 -61.42 4.42
C PRO H 52 28.66 -61.06 5.51
N GLY H 53 28.67 -61.85 6.56
CA GLY H 53 29.58 -61.63 7.67
C GLY H 53 29.41 -62.70 8.72
N CYS H 54 30.21 -62.56 9.78
CA CYS H 54 30.21 -63.51 10.89
C CYS H 54 29.91 -62.79 12.19
N ALA H 55 29.07 -63.40 13.02
CA ALA H 55 28.65 -62.79 14.27
C ALA H 55 28.25 -63.86 15.27
N VAL H 56 28.19 -63.46 16.54
CA VAL H 56 27.77 -64.36 17.61
C VAL H 56 26.26 -64.56 17.55
N THR H 57 25.83 -65.81 17.67
CA THR H 57 24.42 -66.15 17.58
C THR H 57 23.89 -66.89 18.80
N GLU H 58 24.66 -67.81 19.37
CA GLU H 58 24.18 -68.70 20.42
C GLU H 58 25.22 -68.81 21.51
N VAL H 59 24.78 -68.79 22.75
CA VAL H 59 25.69 -68.78 23.89
C VAL H 59 25.20 -69.76 24.95
N GLU H 60 26.13 -70.56 25.48
CA GLU H 60 25.85 -71.46 26.59
C GLU H 60 26.66 -71.02 27.81
N ILE H 61 25.98 -70.82 28.93
CA ILE H 61 26.63 -70.47 30.19
C ILE H 61 26.25 -71.52 31.23
N GLU H 62 27.26 -72.06 31.90
CA GLU H 62 27.02 -73.09 32.92
C GLU H 62 26.19 -72.52 34.06
N GLY H 63 25.17 -73.27 34.47
CA GLY H 63 24.31 -72.85 35.55
C GLY H 63 23.20 -71.89 35.17
N VAL H 64 23.11 -71.49 33.91
CA VAL H 64 22.09 -70.57 33.43
C VAL H 64 21.22 -71.32 32.43
N LEU H 65 19.92 -71.36 32.68
CA LEU H 65 18.98 -72.09 31.84
C LEU H 65 18.12 -71.18 30.99
N HIS H 66 17.48 -70.19 31.59
CA HIS H 66 16.65 -69.24 30.88
C HIS H 66 17.36 -67.88 30.79
N GLU H 67 16.95 -67.09 29.80
CA GLU H 67 17.53 -65.77 29.60
C GLU H 67 17.21 -64.82 30.76
N TYR H 68 16.15 -65.09 31.51
CA TYR H 68 15.78 -64.26 32.65
C TYR H 68 16.36 -64.75 33.96
N SER H 69 17.14 -65.82 33.94
CA SER H 69 17.72 -66.37 35.16
C SER H 69 18.80 -65.43 35.71
N THR H 70 19.10 -65.61 36.99
CA THR H 70 20.10 -64.80 37.69
C THR H 70 21.28 -65.67 38.08
N LYS H 71 22.48 -65.19 37.80
CA LYS H 71 23.71 -65.90 38.12
C LYS H 71 24.50 -65.10 39.14
N GLU H 72 24.99 -65.78 40.17
CA GLU H 72 25.75 -65.13 41.22
C GLU H 72 27.19 -64.92 40.78
N GLY H 73 27.73 -63.74 41.10
CA GLY H 73 29.10 -63.40 40.80
C GLY H 73 29.29 -62.49 39.59
N VAL H 74 28.28 -62.37 38.74
CA VAL H 74 28.34 -61.49 37.57
C VAL H 74 27.49 -60.26 37.88
N GLN H 75 28.12 -59.08 37.83
CA GLN H 75 27.39 -57.84 38.08
C GLN H 75 26.31 -57.62 37.03
N GLU H 76 26.65 -57.83 35.76
CA GLU H 76 25.67 -57.69 34.69
C GLU H 76 24.76 -58.91 34.64
N ASP H 77 23.51 -58.67 34.26
CA ASP H 77 22.54 -59.75 34.10
C ASP H 77 22.79 -60.47 32.79
N ILE H 78 22.04 -61.56 32.57
CA ILE H 78 22.27 -62.41 31.42
C ILE H 78 22.00 -61.66 30.12
N LEU H 79 20.92 -60.87 30.09
CA LEU H 79 20.59 -60.12 28.89
C LEU H 79 21.67 -59.11 28.54
N GLU H 80 22.25 -58.47 29.56
CA GLU H 80 23.36 -57.55 29.30
C GLU H 80 24.59 -58.29 28.80
N ILE H 81 24.83 -59.50 29.28
CA ILE H 81 25.94 -60.30 28.76
C ILE H 81 25.70 -60.62 27.29
N LEU H 82 24.47 -60.99 26.92
CA LEU H 82 24.16 -61.25 25.52
C LEU H 82 24.34 -59.99 24.67
N LEU H 83 23.92 -58.84 25.20
CA LEU H 83 24.10 -57.58 24.48
C LEU H 83 25.57 -57.27 24.25
N ASN H 84 26.40 -57.47 25.28
CA ASN H 84 27.83 -57.27 25.13
C ASN H 84 28.41 -58.23 24.10
N LEU H 85 27.92 -59.46 24.09
CA LEU H 85 28.38 -60.45 23.12
C LEU H 85 27.91 -60.15 21.71
N LYS H 86 26.84 -59.36 21.56
CA LYS H 86 26.40 -58.94 20.24
C LYS H 86 27.45 -58.07 19.57
N GLY H 87 28.05 -57.15 20.32
CA GLY H 87 29.06 -56.27 19.77
C GLY H 87 30.46 -56.86 19.82
N LEU H 88 30.62 -58.05 19.26
CA LEU H 88 31.91 -58.74 19.21
C LEU H 88 32.28 -58.93 17.75
N ALA H 89 33.22 -58.12 17.27
CA ALA H 89 33.67 -58.22 15.88
C ALA H 89 34.52 -59.47 15.72
N VAL H 90 34.07 -60.38 14.85
CA VAL H 90 34.70 -61.68 14.68
C VAL H 90 34.88 -61.95 13.20
N ARG H 91 36.08 -62.39 12.82
CA ARG H 91 36.39 -62.84 11.46
C ARG H 91 36.57 -64.35 11.48
N VAL H 92 35.88 -65.04 10.57
CA VAL H 92 35.97 -66.49 10.45
C VAL H 92 36.61 -66.81 9.12
N ALA H 93 37.60 -67.72 9.14
CA ALA H 93 38.32 -68.08 7.94
C ALA H 93 37.38 -68.68 6.91
N GLU H 94 37.69 -68.43 5.63
CA GLU H 94 36.84 -68.90 4.55
C GLU H 94 36.77 -70.42 4.52
N GLY H 95 35.61 -70.94 4.13
CA GLY H 95 35.37 -72.37 4.13
C GLY H 95 34.72 -72.90 5.40
N LYS H 96 34.60 -72.09 6.44
CA LYS H 96 33.94 -72.48 7.67
C LYS H 96 32.69 -71.64 7.88
N ASP H 97 31.56 -72.30 8.10
CA ASP H 97 30.29 -71.62 8.32
C ASP H 97 29.81 -71.71 9.76
N GLU H 98 30.53 -72.42 10.63
CA GLU H 98 30.12 -72.58 12.02
C GLU H 98 31.34 -72.93 12.84
N VAL H 99 31.62 -72.15 13.88
CA VAL H 99 32.80 -72.34 14.72
C VAL H 99 32.41 -72.10 16.18
N PHE H 100 32.95 -72.92 17.07
CA PHE H 100 32.71 -72.80 18.50
C PHE H 100 33.96 -72.24 19.18
N ILE H 101 33.77 -71.25 20.04
CA ILE H 101 34.84 -70.71 20.87
C ILE H 101 34.39 -70.79 22.32
N THR H 102 35.35 -70.75 23.24
CA THR H 102 35.05 -70.87 24.65
C THR H 102 35.76 -69.80 25.45
N LEU H 103 35.13 -69.37 26.54
CA LEU H 103 35.70 -68.37 27.44
C LEU H 103 35.52 -68.84 28.87
N ASN H 104 36.62 -69.02 29.57
CA ASN H 104 36.61 -69.44 30.97
C ASN H 104 37.39 -68.44 31.80
N LYS H 105 36.78 -67.92 32.84
CA LYS H 105 37.50 -66.98 33.69
C LYS H 105 36.99 -67.02 35.12
N SER H 106 37.92 -67.11 36.07
CA SER H 106 37.62 -67.08 37.50
C SER H 106 38.44 -65.96 38.13
N GLY H 107 37.80 -65.13 38.93
CA GLY H 107 38.47 -64.04 39.61
C GLY H 107 37.53 -62.87 39.79
N SER H 108 38.13 -61.70 39.97
CA SER H 108 37.40 -60.45 40.13
C SER H 108 37.94 -59.43 39.16
N GLY H 109 37.03 -58.76 38.44
CA GLY H 109 37.40 -57.76 37.47
C GLY H 109 36.63 -57.90 36.17
N PRO H 110 36.94 -57.07 35.18
CA PRO H 110 36.24 -57.16 33.90
C PRO H 110 36.84 -58.26 33.03
N VAL H 111 35.98 -59.07 32.42
CA VAL H 111 36.42 -60.10 31.48
C VAL H 111 36.25 -59.58 30.07
N VAL H 112 37.32 -59.63 29.29
CA VAL H 112 37.33 -59.01 27.97
C VAL H 112 37.35 -60.09 26.88
N ALA H 113 37.24 -59.65 25.63
CA ALA H 113 37.21 -60.59 24.50
C ALA H 113 38.57 -61.24 24.26
N GLY H 114 39.65 -60.70 24.81
CA GLY H 114 40.95 -61.28 24.62
C GLY H 114 41.21 -62.54 25.42
N ASP H 115 40.30 -62.90 26.32
CA ASP H 115 40.41 -64.10 27.12
C ASP H 115 39.71 -65.30 26.48
N ILE H 116 39.18 -65.15 25.28
CA ILE H 116 38.48 -66.23 24.59
C ILE H 116 39.49 -67.06 23.82
N THR H 117 39.47 -68.37 24.03
CA THR H 117 40.37 -69.30 23.36
C THR H 117 39.66 -69.85 22.12
N HIS H 118 40.29 -69.72 20.98
CA HIS H 118 39.73 -70.15 19.70
C HIS H 118 40.64 -71.19 19.05
N ASP H 119 40.25 -71.63 17.86
CA ASP H 119 40.95 -72.70 17.15
C ASP H 119 41.90 -72.16 16.09
N GLY H 120 42.12 -70.85 16.03
CA GLY H 120 42.98 -70.24 15.05
C GLY H 120 42.29 -69.79 13.78
N ASP H 121 41.07 -70.24 13.53
CA ASP H 121 40.28 -69.76 12.39
C ASP H 121 39.41 -68.57 12.74
N VAL H 122 39.45 -68.10 13.98
CA VAL H 122 38.65 -66.98 14.44
C VAL H 122 39.58 -65.86 14.89
N GLU H 123 39.38 -64.67 14.33
CA GLU H 123 40.14 -63.49 14.69
C GLU H 123 39.21 -62.48 15.36
N ILE H 124 39.59 -62.03 16.55
CA ILE H 124 38.81 -61.05 17.29
C ILE H 124 39.38 -59.67 17.00
N VAL H 125 38.57 -58.80 16.37
CA VAL H 125 39.07 -57.51 15.95
C VAL H 125 39.32 -56.61 17.15
N ASN H 126 38.44 -56.64 18.15
CA ASN H 126 38.53 -55.78 19.32
C ASN H 126 38.73 -56.65 20.56
N PRO H 127 39.97 -56.95 20.95
CA PRO H 127 40.20 -57.73 22.18
C PRO H 127 39.83 -56.99 23.44
N GLU H 128 39.69 -55.67 23.40
CA GLU H 128 39.40 -54.87 24.60
C GLU H 128 37.92 -54.76 24.89
N HIS H 129 37.05 -55.37 24.09
CA HIS H 129 35.63 -55.33 24.35
C HIS H 129 35.30 -56.10 25.62
N VAL H 130 34.43 -55.52 26.45
CA VAL H 130 34.08 -56.10 27.74
C VAL H 130 32.86 -56.98 27.56
N ILE H 131 32.93 -58.20 28.09
CA ILE H 131 31.79 -59.11 28.06
C ILE H 131 30.96 -59.00 29.32
N CYS H 132 31.59 -59.08 30.49
CA CYS H 132 30.90 -58.85 31.75
C CYS H 132 31.93 -58.53 32.83
N HIS H 133 31.45 -58.46 34.08
CA HIS H 133 32.26 -58.09 35.23
C HIS H 133 32.06 -59.13 36.31
N LEU H 134 33.17 -59.63 36.86
CA LEU H 134 33.14 -60.60 37.95
C LEU H 134 33.34 -59.85 39.26
N THR H 135 32.48 -60.12 40.24
CA THR H 135 32.48 -59.38 41.50
C THR H 135 33.23 -60.11 42.62
N SER H 136 32.93 -61.38 42.83
CA SER H 136 33.52 -62.15 43.92
C SER H 136 34.73 -62.94 43.43
N ASP H 137 35.71 -63.09 44.32
CA ASP H 137 36.90 -63.87 43.98
C ASP H 137 36.59 -65.35 43.83
N ASN H 138 35.47 -65.81 44.38
CA ASN H 138 35.05 -67.20 44.25
C ASN H 138 34.12 -67.42 43.06
N ALA H 139 33.92 -66.40 42.22
CA ALA H 139 33.02 -66.48 41.10
C ALA H 139 33.78 -66.83 39.83
N ALA H 140 33.26 -67.79 39.07
CA ALA H 140 33.84 -68.23 37.81
C ALA H 140 32.75 -68.32 36.76
N ILE H 141 33.12 -68.01 35.52
CA ILE H 141 32.18 -68.00 34.42
C ILE H 141 32.74 -68.85 33.28
N ALA H 142 31.89 -69.71 32.73
CA ALA H 142 32.24 -70.61 31.64
C ALA H 142 31.23 -70.43 30.52
N MET H 143 31.72 -70.07 29.34
CA MET H 143 30.86 -69.74 28.21
C MET H 143 31.30 -70.50 26.97
N ARG H 144 30.33 -70.99 26.22
CA ARG H 144 30.55 -71.66 24.93
C ARG H 144 29.77 -70.87 23.89
N ILE H 145 30.49 -70.14 23.04
CA ILE H 145 29.92 -69.22 22.07
C ILE H 145 29.96 -69.86 20.68
N LYS H 146 28.87 -69.72 19.94
CA LYS H 146 28.76 -70.22 18.58
C LYS H 146 28.77 -69.05 17.61
N VAL H 147 29.56 -69.16 16.53
CA VAL H 147 29.65 -68.13 15.52
C VAL H 147 29.36 -68.76 14.17
N GLU H 148 28.37 -68.23 13.45
CA GLU H 148 28.07 -68.65 12.09
C GLU H 148 28.37 -67.51 11.12
N ARG H 149 28.15 -67.79 9.86
CA ARG H 149 28.30 -66.80 8.78
C ARG H 149 26.92 -66.55 8.19
N GLY H 150 26.49 -65.29 8.21
CA GLY H 150 25.16 -64.96 7.75
C GLY H 150 25.09 -63.63 7.04
N ARG H 151 23.88 -63.16 6.76
CA ARG H 151 23.67 -61.93 6.00
C ARG H 151 22.76 -61.00 6.76
N GLY H 152 23.20 -59.75 6.93
CA GLY H 152 22.33 -58.72 7.46
C GLY H 152 22.25 -58.74 8.99
N TYR H 153 21.07 -58.37 9.49
CA TYR H 153 20.81 -58.20 10.91
C TYR H 153 19.56 -59.00 11.27
N VAL H 154 19.76 -60.23 11.74
CA VAL H 154 18.67 -61.12 12.12
C VAL H 154 18.59 -61.13 13.64
N PRO H 155 17.49 -60.70 14.24
CA PRO H 155 17.37 -60.66 15.70
C PRO H 155 17.05 -62.04 16.26
N ALA H 156 17.00 -62.12 17.59
CA ALA H 156 16.67 -63.37 18.25
C ALA H 156 15.20 -63.74 18.07
N SER H 157 14.31 -62.74 18.01
CA SER H 157 12.89 -63.03 17.87
C SER H 157 12.56 -63.69 16.54
N ALA H 158 13.28 -63.31 15.47
CA ALA H 158 13.02 -63.90 14.17
C ALA H 158 13.39 -65.37 14.10
N ARG H 159 14.26 -65.85 14.99
CA ARG H 159 14.69 -67.24 15.00
C ARG H 159 13.90 -68.09 15.99
N ILE H 160 12.89 -67.53 16.64
CA ILE H 160 12.09 -68.29 17.59
C ILE H 160 11.07 -69.16 16.87
N ILE H 169 16.81 -76.95 26.49
CA ILE H 169 18.20 -77.39 26.43
C ILE H 169 19.08 -76.49 27.29
N GLY H 170 18.88 -75.18 27.17
CA GLY H 170 19.68 -74.23 27.92
C GLY H 170 20.49 -73.30 27.03
N ARG H 171 20.06 -73.16 25.77
CA ARG H 171 20.73 -72.30 24.81
C ARG H 171 20.01 -70.95 24.75
N LEU H 172 20.77 -69.87 24.88
CA LEU H 172 20.25 -68.51 24.80
C LEU H 172 20.70 -67.87 23.50
N LEU H 173 19.77 -67.20 22.82
CA LEU H 173 20.02 -66.64 21.50
C LEU H 173 20.48 -65.19 21.60
N VAL H 174 21.48 -64.84 20.80
CA VAL H 174 22.03 -63.50 20.74
C VAL H 174 21.70 -62.91 19.37
N ASP H 175 21.26 -61.65 19.37
CA ASP H 175 20.99 -60.96 18.12
C ASP H 175 22.23 -60.95 17.24
N ALA H 176 22.08 -61.37 15.99
CA ALA H 176 23.19 -61.61 15.09
C ALA H 176 23.41 -60.39 14.20
N THR H 177 24.50 -59.67 14.42
CA THR H 177 24.89 -58.56 13.57
C THR H 177 25.94 -59.03 12.57
N PHE H 178 25.47 -59.80 11.59
CA PHE H 178 26.37 -60.34 10.58
C PHE H 178 27.02 -59.24 9.76
N SER H 179 26.25 -58.23 9.37
CA SER H 179 26.77 -57.17 8.52
C SER H 179 27.80 -56.35 9.29
N PRO H 180 29.01 -56.15 8.73
CA PRO H 180 30.01 -55.34 9.43
C PRO H 180 29.62 -53.89 9.59
N VAL H 181 28.65 -53.41 8.83
CA VAL H 181 28.26 -52.01 8.88
C VAL H 181 27.46 -51.77 10.16
N ASP H 182 27.91 -50.80 10.96
CA ASP H 182 27.22 -50.40 12.18
C ASP H 182 26.31 -49.20 11.97
N LYS H 183 26.69 -48.27 11.10
CA LYS H 183 25.85 -47.11 10.83
C LYS H 183 26.12 -46.59 9.42
N ILE H 184 25.07 -46.40 8.65
CA ILE H 184 25.19 -45.75 7.34
C ILE H 184 24.10 -44.70 7.22
N ALA H 185 24.50 -43.46 6.92
CA ALA H 185 23.55 -42.39 6.69
C ALA H 185 23.99 -41.62 5.44
N TYR H 186 23.08 -41.43 4.51
CA TYR H 186 23.40 -40.77 3.25
C TYR H 186 22.60 -39.48 3.13
N SER H 187 23.30 -38.42 2.75
CA SER H 187 22.72 -37.10 2.56
C SER H 187 22.88 -36.72 1.10
N VAL H 188 21.79 -36.24 0.49
CA VAL H 188 21.75 -35.88 -0.92
C VAL H 188 21.63 -34.37 -1.00
N GLU H 189 22.64 -33.71 -1.56
CA GLU H 189 22.65 -32.27 -1.72
C GLU H 189 22.72 -31.91 -3.19
N ALA H 190 22.68 -30.60 -3.46
CA ALA H 190 22.64 -30.11 -4.83
C ALA H 190 24.04 -29.82 -5.33
N ALA H 191 24.27 -30.15 -6.61
CA ALA H 191 25.54 -29.89 -7.28
C ALA H 191 25.24 -29.34 -8.66
N ARG H 192 26.19 -28.56 -9.18
CA ARG H 192 26.03 -27.88 -10.45
C ARG H 192 27.28 -28.03 -11.30
N VAL H 193 27.09 -28.33 -12.58
CA VAL H 193 28.13 -28.23 -13.59
C VAL H 193 27.63 -27.28 -14.68
N GLU H 194 28.52 -26.39 -15.13
CA GLU H 194 28.16 -25.31 -16.04
C GLU H 194 26.98 -24.52 -15.47
N GLN H 195 25.89 -24.44 -16.23
CA GLN H 195 24.67 -23.80 -15.77
C GLN H 195 23.60 -24.81 -15.35
N ARG H 196 23.94 -26.09 -15.33
CA ARG H 196 23.01 -27.14 -14.90
C ARG H 196 23.09 -27.24 -13.39
N THR H 197 22.16 -26.57 -12.71
CA THR H 197 22.18 -26.48 -11.25
C THR H 197 21.36 -27.56 -10.56
N ASP H 198 20.81 -28.52 -11.31
CA ASP H 198 19.92 -29.53 -10.75
C ASP H 198 20.62 -30.85 -10.48
N LEU H 199 21.94 -30.92 -10.60
CA LEU H 199 22.62 -32.20 -10.41
C LEU H 199 22.68 -32.55 -8.92
N ASP H 200 23.16 -33.75 -8.63
CA ASP H 200 23.04 -34.34 -7.32
C ASP H 200 24.40 -34.74 -6.78
N LYS H 201 24.61 -34.54 -5.48
CA LYS H 201 25.84 -34.91 -4.80
C LYS H 201 25.49 -35.80 -3.63
N LEU H 202 26.18 -36.93 -3.51
CA LEU H 202 25.85 -37.95 -2.52
C LEU H 202 26.97 -38.02 -1.49
N VAL H 203 26.62 -37.88 -0.21
CA VAL H 203 27.57 -37.98 0.89
C VAL H 203 27.13 -39.14 1.78
N ILE H 204 28.01 -40.12 1.94
CA ILE H 204 27.74 -41.30 2.76
C ILE H 204 28.64 -41.23 3.99
N ASP H 205 28.02 -41.17 5.16
CA ASP H 205 28.71 -41.27 6.44
C ASP H 205 28.54 -42.69 6.93
N MET H 206 29.66 -43.41 7.09
CA MET H 206 29.60 -44.83 7.35
C MET H 206 30.56 -45.22 8.47
N GLU H 207 30.07 -46.08 9.35
CA GLU H 207 30.82 -46.64 10.48
C GLU H 207 30.66 -48.15 10.46
N THR H 208 31.79 -48.85 10.54
CA THR H 208 31.81 -50.31 10.58
C THR H 208 32.35 -50.77 11.93
N ASN H 209 32.30 -52.08 12.15
CA ASN H 209 32.68 -52.67 13.42
C ASN H 209 34.17 -52.98 13.53
N GLY H 210 34.95 -52.70 12.49
CA GLY H 210 36.37 -52.99 12.48
C GLY H 210 36.73 -54.19 11.62
N THR H 211 35.76 -55.00 11.24
CA THR H 211 36.03 -56.14 10.37
C THR H 211 36.58 -55.68 9.02
N LEU H 212 35.98 -54.64 8.45
CA LEU H 212 36.39 -54.12 7.15
C LEU H 212 36.46 -52.60 7.21
N GLU H 213 37.29 -52.03 6.36
CA GLU H 213 37.28 -50.59 6.17
C GLU H 213 36.00 -50.17 5.45
N PRO H 214 35.49 -48.96 5.72
CA PRO H 214 34.22 -48.55 5.09
C PRO H 214 34.25 -48.57 3.57
N GLU H 215 35.38 -48.18 2.97
CA GLU H 215 35.49 -48.18 1.52
C GLU H 215 35.34 -49.59 0.96
N GLU H 216 35.96 -50.58 1.62
CA GLU H 216 35.85 -51.96 1.16
C GLU H 216 34.41 -52.45 1.24
N ALA H 217 33.70 -52.10 2.31
CA ALA H 217 32.31 -52.52 2.44
C ALA H 217 31.43 -51.89 1.38
N ILE H 218 31.65 -50.60 1.09
CA ILE H 218 30.91 -49.95 0.00
C ILE H 218 31.21 -50.63 -1.33
N ARG H 219 32.48 -50.99 -1.55
CA ARG H 219 32.86 -51.68 -2.78
C ARG H 219 32.15 -53.03 -2.90
N ARG H 220 32.09 -53.79 -1.81
CA ARG H 220 31.43 -55.08 -1.86
C ARG H 220 29.92 -54.95 -2.08
N ALA H 221 29.29 -53.95 -1.46
CA ALA H 221 27.87 -53.73 -1.69
C ALA H 221 27.60 -53.37 -3.15
N ALA H 222 28.43 -52.50 -3.71
CA ALA H 222 28.29 -52.14 -5.12
C ALA H 222 28.50 -53.33 -6.02
N THR H 223 29.49 -54.18 -5.69
CA THR H 223 29.74 -55.38 -6.48
C THR H 223 28.54 -56.32 -6.44
N ILE H 224 27.95 -56.51 -5.26
CA ILE H 224 26.77 -57.37 -5.16
C ILE H 224 25.63 -56.82 -6.01
N LEU H 225 25.38 -55.52 -5.91
CA LEU H 225 24.29 -54.94 -6.69
C LEU H 225 24.56 -55.04 -8.20
N ALA H 226 25.80 -54.81 -8.61
CA ALA H 226 26.14 -54.90 -10.03
C ALA H 226 26.00 -56.33 -10.55
N GLU H 227 26.47 -57.32 -9.78
CA GLU H 227 26.33 -58.70 -10.20
C GLU H 227 24.89 -59.17 -10.20
N GLN H 228 24.02 -58.55 -9.39
CA GLN H 228 22.61 -58.91 -9.42
C GLN H 228 21.94 -58.53 -10.73
N LEU H 229 22.52 -57.59 -11.49
CA LEU H 229 21.92 -57.13 -12.74
C LEU H 229 22.63 -57.69 -13.97
N ASP H 230 23.48 -58.71 -13.80
CA ASP H 230 24.28 -59.20 -14.93
C ASP H 230 23.42 -59.78 -16.04
N ALA H 231 22.29 -60.40 -15.68
CA ALA H 231 21.44 -61.04 -16.69
C ALA H 231 20.79 -60.04 -17.63
N PHE H 232 20.73 -58.77 -17.28
CA PHE H 232 20.05 -57.76 -18.08
C PHE H 232 20.99 -56.79 -18.79
N VAL H 233 22.18 -56.55 -18.25
CA VAL H 233 23.13 -55.66 -18.90
C VAL H 233 23.80 -56.35 -20.07
N ARG I 95 -16.29 39.31 13.28
CA ARG I 95 -17.34 38.31 13.24
C ARG I 95 -17.20 37.42 12.00
N THR I 96 -16.49 37.93 11.00
CA THR I 96 -16.27 37.20 9.76
C THR I 96 -14.81 37.28 9.37
N THR I 97 -14.36 36.28 8.59
CA THR I 97 -12.99 36.22 8.13
C THR I 97 -12.85 36.36 6.63
N ASP I 98 -13.94 36.29 5.88
CA ASP I 98 -13.87 36.39 4.42
C ASP I 98 -13.63 37.84 4.02
N PRO I 99 -12.54 38.16 3.30
CA PRO I 99 -12.32 39.54 2.87
C PRO I 99 -13.41 40.06 1.95
N VAL I 100 -14.07 39.17 1.19
CA VAL I 100 -15.12 39.61 0.28
C VAL I 100 -16.27 40.24 1.06
N ARG I 101 -16.69 39.58 2.14
CA ARG I 101 -17.77 40.12 2.95
C ARG I 101 -17.41 41.48 3.54
N MET I 102 -16.16 41.63 3.98
CA MET I 102 -15.71 42.92 4.49
C MET I 102 -15.74 43.99 3.41
N TYR I 103 -15.36 43.62 2.19
CA TYR I 103 -15.43 44.57 1.09
C TYR I 103 -16.86 45.01 0.81
N MET I 104 -17.81 44.07 0.80
CA MET I 104 -19.20 44.45 0.60
C MET I 104 -19.71 45.31 1.75
N ARG I 105 -19.28 45.01 2.98
CA ARG I 105 -19.68 45.85 4.11
C ARG I 105 -19.19 47.28 3.92
N GLU I 106 -17.90 47.44 3.60
CA GLU I 106 -17.35 48.78 3.46
C GLU I 106 -17.94 49.53 2.28
N MET I 107 -18.22 48.83 1.18
CA MET I 107 -18.79 49.50 0.02
C MET I 107 -20.26 49.84 0.23
N GLY I 108 -20.98 49.03 1.01
CA GLY I 108 -22.40 49.25 1.21
C GLY I 108 -22.73 50.51 2.00
N THR I 109 -21.77 51.04 2.75
CA THR I 109 -22.00 52.26 3.51
C THR I 109 -21.97 53.52 2.66
N VAL I 110 -21.86 53.39 1.34
CA VAL I 110 -21.92 54.53 0.43
C VAL I 110 -23.24 54.47 -0.31
N GLU I 111 -23.79 55.65 -0.60
CA GLU I 111 -25.08 55.76 -1.25
C GLU I 111 -24.92 55.75 -2.77
N LEU I 112 -25.84 55.08 -3.45
CA LEU I 112 -25.82 55.04 -4.91
C LEU I 112 -26.21 56.40 -5.46
N LEU I 113 -25.44 56.90 -6.42
CA LEU I 113 -25.67 58.23 -6.96
C LEU I 113 -26.82 58.23 -7.96
N THR I 114 -27.39 59.40 -8.18
CA THR I 114 -28.39 59.65 -9.20
C THR I 114 -27.76 60.44 -10.34
N ARG I 115 -28.59 60.78 -11.34
CA ARG I 115 -28.09 61.52 -12.49
C ARG I 115 -27.57 62.89 -12.07
N GLU I 116 -28.35 63.62 -11.27
CA GLU I 116 -27.95 64.96 -10.85
C GLU I 116 -26.66 64.91 -10.04
N GLY I 117 -26.52 63.91 -9.18
CA GLY I 117 -25.28 63.77 -8.43
C GLY I 117 -24.08 63.49 -9.32
N GLU I 118 -24.27 62.67 -10.35
CA GLU I 118 -23.18 62.41 -11.29
C GLU I 118 -22.78 63.69 -12.02
N ILE I 119 -23.76 64.48 -12.47
CA ILE I 119 -23.43 65.73 -13.14
C ILE I 119 -22.74 66.69 -12.18
N ASP I 120 -23.17 66.74 -10.93
CA ASP I 120 -22.54 67.61 -9.95
C ASP I 120 -21.10 67.21 -9.69
N ILE I 121 -20.83 65.92 -9.56
CA ILE I 121 -19.47 65.48 -9.29
C ILE I 121 -18.58 65.70 -10.51
N ALA I 122 -19.13 65.50 -11.71
CA ALA I 122 -18.37 65.82 -12.93
C ALA I 122 -18.07 67.31 -13.00
N LYS I 123 -19.02 68.15 -12.60
CA LYS I 123 -18.78 69.58 -12.53
C LYS I 123 -17.66 69.91 -11.55
N ARG I 124 -17.64 69.23 -10.40
CA ARG I 124 -16.58 69.46 -9.43
C ARG I 124 -15.22 69.04 -9.98
N ILE I 125 -15.17 67.91 -10.69
CA ILE I 125 -13.92 67.48 -11.32
C ILE I 125 -13.44 68.51 -12.32
N GLU I 126 -14.34 68.97 -13.18
CA GLU I 126 -13.97 69.95 -14.20
C GLU I 126 -13.52 71.26 -13.57
N ASP I 127 -14.18 71.67 -12.48
CA ASP I 127 -13.81 72.90 -11.79
C ASP I 127 -12.42 72.78 -11.18
N GLY I 128 -12.12 71.65 -10.54
CA GLY I 128 -10.79 71.45 -9.97
C GLY I 128 -9.71 71.41 -11.04
N ILE I 129 -9.99 70.71 -12.16
CA ILE I 129 -9.03 70.68 -13.26
C ILE I 129 -8.83 72.08 -13.83
N ASN I 130 -9.90 72.88 -13.88
CA ASN I 130 -9.79 74.24 -14.36
C ASN I 130 -8.93 75.09 -13.45
N GLN I 131 -9.08 74.95 -12.14
CA GLN I 131 -8.19 75.68 -11.23
C GLN I 131 -6.74 75.23 -11.40
N VAL I 132 -6.51 73.93 -11.57
CA VAL I 132 -5.15 73.45 -11.78
C VAL I 132 -4.56 74.05 -13.06
N GLN I 133 -5.34 74.04 -14.14
CA GLN I 133 -4.86 74.58 -15.41
C GLN I 133 -4.60 76.07 -15.31
N SER I 134 -5.47 76.80 -14.61
CA SER I 134 -5.25 78.24 -14.40
C SER I 134 -3.99 78.50 -13.59
N ALA I 135 -3.74 77.66 -12.57
CA ALA I 135 -2.53 77.81 -11.78
C ALA I 135 -1.29 77.56 -12.62
N ILE I 136 -1.33 76.55 -13.49
CA ILE I 136 -0.19 76.31 -14.38
C ILE I 136 -0.02 77.46 -15.36
N ALA I 137 -1.12 78.02 -15.85
CA ALA I 137 -1.06 79.06 -16.86
C ALA I 137 -0.38 80.33 -16.34
N GLU I 138 -0.50 80.60 -15.04
CA GLU I 138 0.18 81.74 -14.42
C GLU I 138 1.65 81.39 -14.14
N TYR I 139 2.39 81.14 -15.21
CA TYR I 139 3.78 80.76 -15.14
C TYR I 139 4.46 81.22 -16.41
N PRO I 140 5.59 81.93 -16.31
CA PRO I 140 6.25 82.42 -17.53
C PRO I 140 6.78 81.31 -18.43
N GLY I 141 6.95 80.09 -17.93
CA GLY I 141 7.50 79.02 -18.73
C GLY I 141 6.47 78.09 -19.31
N THR I 142 5.21 78.22 -18.90
CA THR I 142 4.17 77.31 -19.39
C THR I 142 3.75 77.65 -20.82
N ILE I 143 3.44 78.92 -21.07
CA ILE I 143 2.99 79.31 -22.42
C ILE I 143 4.06 79.06 -23.48
N PRO I 144 5.34 79.38 -23.27
CA PRO I 144 6.33 79.11 -24.33
C PRO I 144 6.38 77.66 -24.77
N TYR I 145 6.22 76.71 -23.85
CA TYR I 145 6.23 75.30 -24.24
C TYR I 145 5.08 74.97 -25.17
N ILE I 146 3.88 75.43 -24.86
CA ILE I 146 2.73 75.19 -25.72
C ILE I 146 2.93 75.87 -27.06
N LEU I 147 3.48 77.09 -27.05
CA LEU I 147 3.68 77.82 -28.29
C LEU I 147 4.69 77.12 -29.20
N GLU I 148 5.80 76.62 -28.63
CA GLU I 148 6.77 75.92 -29.45
C GLU I 148 6.25 74.57 -29.91
N GLN I 149 5.44 73.89 -29.09
CA GLN I 149 4.81 72.66 -29.54
C GLN I 149 3.89 72.91 -30.72
N PHE I 150 3.10 73.99 -30.66
CA PHE I 150 2.25 74.35 -31.80
C PHE I 150 3.10 74.72 -33.01
N ASP I 151 4.22 75.40 -32.79
CA ASP I 151 5.08 75.76 -33.91
C ASP I 151 5.62 74.51 -34.61
N ARG I 152 6.01 73.50 -33.83
CA ARG I 152 6.47 72.26 -34.43
C ARG I 152 5.32 71.50 -35.11
N VAL I 153 4.12 71.54 -34.52
CA VAL I 153 2.99 70.81 -35.08
C VAL I 153 2.55 71.42 -36.40
N GLN I 154 2.46 72.75 -36.46
CA GLN I 154 1.98 73.42 -37.67
C GLN I 154 2.92 73.19 -38.85
N ALA I 155 4.19 72.92 -38.57
CA ALA I 155 5.15 72.56 -39.62
C ALA I 155 5.00 71.11 -40.09
N GLU I 156 3.92 70.44 -39.66
CA GLU I 156 3.66 69.05 -40.03
C GLU I 156 4.82 68.15 -39.62
N GLU I 157 5.39 68.42 -38.44
CA GLU I 157 6.49 67.64 -37.90
C GLU I 157 6.14 66.87 -36.64
N LEU I 158 5.08 67.26 -35.94
CA LEU I 158 4.66 66.60 -34.71
C LEU I 158 3.18 66.27 -34.81
N ARG I 159 2.77 65.28 -34.02
CA ARG I 159 1.38 64.83 -34.03
C ARG I 159 0.46 65.89 -33.47
N LEU I 160 -0.70 66.07 -34.11
CA LEU I 160 -1.68 67.03 -33.62
C LEU I 160 -2.35 66.54 -32.35
N THR I 161 -2.59 65.23 -32.25
CA THR I 161 -3.22 64.66 -31.06
C THR I 161 -2.34 64.84 -29.83
N ASP I 162 -1.03 64.69 -29.99
CA ASP I 162 -0.11 64.85 -28.86
C ASP I 162 -0.10 66.27 -28.33
N LEU I 163 -0.51 67.26 -29.13
CA LEU I 163 -0.55 68.64 -28.66
C LEU I 163 -1.81 68.92 -27.86
N ILE I 164 -2.97 68.76 -28.48
CA ILE I 164 -4.26 69.00 -27.84
C ILE I 164 -5.19 67.85 -28.14
N SER I 165 -6.23 67.72 -27.33
CA SER I 165 -7.21 66.65 -27.47
C SER I 165 -8.63 67.15 -27.68
N GLY I 166 -8.92 68.41 -27.43
CA GLY I 166 -10.26 68.93 -27.61
C GLY I 166 -10.30 70.42 -27.36
N PHE I 167 -11.48 70.99 -27.59
CA PHE I 167 -11.72 72.41 -27.40
C PHE I 167 -12.96 72.62 -26.56
N VAL I 168 -12.90 73.56 -25.63
CA VAL I 168 -14.01 73.86 -24.74
C VAL I 168 -14.90 74.89 -25.43
N ASP I 169 -16.18 74.55 -25.62
CA ASP I 169 -17.14 75.42 -26.27
C ASP I 169 -18.30 75.70 -25.30
N PRO I 170 -18.55 76.98 -24.96
CA PRO I 170 -19.64 77.33 -24.03
C PRO I 170 -21.01 77.32 -24.72
N PRO I 222 -5.98 71.28 -39.13
CA PRO I 222 -6.04 72.36 -38.14
C PRO I 222 -6.85 73.56 -38.64
N GLU I 223 -8.09 73.31 -39.04
CA GLU I 223 -8.94 74.40 -39.53
C GLU I 223 -9.21 75.42 -38.43
N LEU I 224 -9.51 74.97 -37.22
CA LEU I 224 -9.78 75.85 -36.10
C LEU I 224 -8.61 75.94 -35.13
N ALA I 225 -7.77 74.90 -35.05
CA ALA I 225 -6.62 74.95 -34.16
C ALA I 225 -5.64 76.04 -34.57
N ARG I 226 -5.42 76.21 -35.87
CA ARG I 226 -4.46 77.20 -36.34
C ARG I 226 -4.86 78.60 -35.93
N GLU I 227 -6.14 78.95 -36.10
CA GLU I 227 -6.60 80.29 -35.74
C GLU I 227 -6.49 80.54 -34.25
N LYS I 228 -6.94 79.58 -33.44
CA LYS I 228 -6.88 79.74 -32.00
C LYS I 228 -5.44 79.86 -31.51
N PHE I 229 -4.54 79.04 -32.06
CA PHE I 229 -3.15 79.10 -31.63
C PHE I 229 -2.46 80.36 -32.11
N ASN I 230 -2.82 80.87 -33.29
CA ASN I 230 -2.29 82.16 -33.73
C ASN I 230 -2.76 83.28 -32.81
N GLU I 231 -4.04 83.24 -32.40
CA GLU I 231 -4.55 84.22 -31.45
C GLU I 231 -3.81 84.11 -30.12
N LEU I 232 -3.54 82.89 -29.66
CA LEU I 232 -2.80 82.70 -28.42
C LEU I 232 -1.38 83.25 -28.53
N ARG I 233 -0.73 83.00 -29.66
CA ARG I 233 0.63 83.53 -29.86
C ARG I 233 0.64 85.05 -29.87
N GLY I 234 -0.32 85.66 -30.58
CA GLY I 234 -0.41 87.11 -30.59
C GLY I 234 -0.67 87.69 -29.21
N LYS I 235 -1.54 87.04 -28.45
CA LYS I 235 -1.84 87.52 -27.10
C LYS I 235 -0.64 87.36 -26.17
N PHE I 236 0.12 86.28 -26.35
CA PHE I 236 1.36 86.13 -25.59
C PHE I 236 2.35 87.22 -25.95
N GLN I 237 2.45 87.57 -27.24
CA GLN I 237 3.31 88.68 -27.63
C GLN I 237 2.87 89.98 -26.99
N ASN I 238 1.56 90.23 -26.98
CA ASN I 238 1.04 91.44 -26.33
C ASN I 238 1.35 91.46 -24.84
N LEU I 239 1.18 90.31 -24.17
CA LEU I 239 1.49 90.23 -22.75
C LEU I 239 2.96 90.48 -22.49
N GLN I 240 3.84 89.88 -23.29
CA GLN I 240 5.27 90.12 -23.14
C GLN I 240 5.63 91.57 -23.41
N LEU I 241 4.90 92.23 -24.31
CA LEU I 241 5.09 93.65 -24.52
C LEU I 241 4.68 94.44 -23.29
N ALA I 242 3.60 94.02 -22.61
CA ALA I 242 3.05 94.78 -21.49
C ALA I 242 3.27 94.11 -20.14
N VAL I 243 4.14 93.10 -20.05
CA VAL I 243 4.34 92.40 -18.78
C VAL I 243 5.06 93.30 -17.77
N ASN I 244 6.11 93.99 -18.20
CA ASN I 244 6.94 94.79 -17.29
C ASN I 244 7.24 96.20 -17.77
N GLU I 245 7.08 96.49 -19.07
CA GLU I 245 7.36 97.84 -19.54
C GLU I 245 6.42 98.86 -18.92
N PHE I 246 5.13 98.52 -18.84
CA PHE I 246 4.14 99.40 -18.23
C PHE I 246 3.99 99.22 -16.73
N GLY I 247 4.51 98.13 -16.18
CA GLY I 247 4.40 97.91 -14.74
C GLY I 247 3.66 96.62 -14.43
N ARG I 248 4.23 95.83 -13.52
CA ARG I 248 3.60 94.57 -13.13
C ARG I 248 2.26 94.80 -12.44
N ASP I 249 2.19 95.80 -11.56
CA ASP I 249 0.96 96.10 -10.84
C ASP I 249 -0.04 96.89 -11.67
N SER I 250 0.37 97.42 -12.82
CA SER I 250 -0.52 98.23 -13.64
C SER I 250 -1.68 97.39 -14.16
N HIS I 251 -2.78 98.06 -14.49
CA HIS I 251 -3.98 97.37 -14.94
C HIS I 251 -3.75 96.62 -16.23
N GLN I 252 -2.82 97.07 -17.07
CA GLN I 252 -2.58 96.40 -18.35
C GLN I 252 -2.11 94.97 -18.13
N ALA I 253 -1.13 94.78 -17.24
CA ALA I 253 -0.60 93.44 -17.00
C ALA I 253 -1.67 92.52 -16.40
N SER I 254 -2.45 93.03 -15.45
CA SER I 254 -3.47 92.19 -14.81
C SER I 254 -4.56 91.81 -15.79
N GLU I 255 -5.03 92.77 -16.60
CA GLU I 255 -6.05 92.48 -17.59
C GLU I 255 -5.54 91.51 -18.64
N ALA I 256 -4.28 91.68 -19.07
CA ALA I 256 -3.71 90.76 -20.05
C ALA I 256 -3.60 89.35 -19.49
N SER I 257 -3.16 89.23 -18.23
CA SER I 257 -3.05 87.91 -17.60
C SER I 257 -4.42 87.27 -17.44
N ASP I 258 -5.43 88.05 -17.05
CA ASP I 258 -6.78 87.51 -16.90
C ASP I 258 -7.33 87.02 -18.23
N LEU I 259 -7.14 87.80 -19.30
CA LEU I 259 -7.65 87.38 -20.60
C LEU I 259 -6.85 86.21 -21.16
N VAL I 260 -5.56 86.13 -20.85
CA VAL I 260 -4.78 84.94 -21.20
C VAL I 260 -5.34 83.72 -20.49
N LEU I 261 -5.69 83.87 -19.21
CA LEU I 261 -6.31 82.77 -18.48
C LEU I 261 -7.63 82.36 -19.11
N ASP I 262 -8.44 83.35 -19.50
CA ASP I 262 -9.73 83.03 -20.13
C ASP I 262 -9.54 82.30 -21.45
N ILE I 263 -8.57 82.73 -22.26
CA ILE I 263 -8.30 82.06 -23.53
C ILE I 263 -7.79 80.63 -23.29
N PHE I 264 -6.87 80.47 -22.34
CA PHE I 264 -6.31 79.15 -22.08
C PHE I 264 -7.34 78.21 -21.47
N ARG I 265 -8.36 78.75 -20.80
CA ARG I 265 -9.40 77.90 -20.23
C ARG I 265 -10.18 77.15 -21.30
N GLU I 266 -10.19 77.64 -22.53
CA GLU I 266 -10.84 76.95 -23.64
C GLU I 266 -9.86 76.03 -24.36
N PHE I 267 -9.22 75.15 -23.59
CA PHE I 267 -8.25 74.21 -24.15
C PHE I 267 -8.31 72.91 -23.35
N ARG I 268 -8.14 71.79 -24.06
CA ARG I 268 -8.11 70.47 -23.45
C ARG I 268 -6.81 69.79 -23.87
N LEU I 269 -5.83 69.78 -22.97
CA LEU I 269 -4.52 69.22 -23.26
C LEU I 269 -4.48 67.73 -22.97
N THR I 270 -3.66 67.02 -23.73
CA THR I 270 -3.39 65.62 -23.45
C THR I 270 -2.73 65.50 -22.08
N PRO I 271 -3.11 64.51 -21.26
CA PRO I 271 -2.58 64.46 -19.89
C PRO I 271 -1.07 64.30 -19.79
N LYS I 272 -0.39 63.86 -20.86
CA LYS I 272 1.06 63.65 -20.76
C LYS I 272 1.79 64.98 -20.54
N GLN I 273 1.55 65.96 -21.40
CA GLN I 273 2.20 67.25 -21.20
C GLN I 273 1.57 68.03 -20.05
N PHE I 274 0.30 67.76 -19.73
CA PHE I 274 -0.30 68.30 -18.52
C PHE I 274 0.52 67.88 -17.31
N ASP I 275 0.82 66.59 -17.20
CA ASP I 275 1.62 66.08 -16.09
C ASP I 275 3.05 66.61 -16.16
N HIS I 276 3.58 66.79 -17.37
CA HIS I 276 4.93 67.36 -17.49
C HIS I 276 4.98 68.78 -16.93
N LEU I 277 4.02 69.62 -17.31
CA LEU I 277 3.98 70.99 -16.79
C LEU I 277 3.74 71.00 -15.30
N VAL I 278 2.89 70.11 -14.80
CA VAL I 278 2.67 70.01 -13.36
C VAL I 278 3.96 69.58 -12.66
N GLU I 279 4.70 68.65 -13.26
CA GLU I 279 5.90 68.12 -12.62
C GLU I 279 7.00 69.16 -12.55
N THR I 280 7.12 70.02 -13.57
CA THR I 280 8.14 71.07 -13.52
C THR I 280 7.90 71.98 -12.32
N LEU I 281 6.67 72.47 -12.17
CA LEU I 281 6.36 73.37 -11.06
C LEU I 281 6.40 72.63 -9.72
N ARG I 282 6.02 71.34 -9.71
CA ARG I 282 6.10 70.57 -8.49
C ARG I 282 7.54 70.42 -8.02
N THR I 283 8.46 70.15 -8.95
CA THR I 283 9.87 70.07 -8.59
C THR I 283 10.40 71.42 -8.11
N SER I 284 9.99 72.50 -8.76
CA SER I 284 10.41 73.82 -8.30
C SER I 284 9.92 74.10 -6.88
N MET I 285 8.65 73.81 -6.62
CA MET I 285 8.09 74.03 -5.29
C MET I 285 8.76 73.14 -4.25
N ASP I 286 9.02 71.88 -4.60
CA ASP I 286 9.67 70.97 -3.67
C ASP I 286 11.09 71.46 -3.35
N ARG I 287 11.81 71.95 -4.35
CA ARG I 287 13.14 72.47 -4.09
C ARG I 287 13.09 73.71 -3.20
N VAL I 288 12.11 74.59 -3.43
CA VAL I 288 11.96 75.77 -2.59
C VAL I 288 11.65 75.37 -1.16
N ARG I 289 10.74 74.41 -0.99
CA ARG I 289 10.39 73.94 0.35
C ARG I 289 11.61 73.31 1.05
N THR I 290 12.37 72.52 0.32
CA THR I 290 13.57 71.90 0.91
C THR I 290 14.59 72.95 1.31
N GLN I 291 14.80 73.98 0.48
CA GLN I 291 15.75 75.02 0.84
C GLN I 291 15.28 75.80 2.07
N GLU I 292 13.99 76.13 2.13
CA GLU I 292 13.46 76.81 3.31
C GLU I 292 13.62 75.98 4.57
N ARG I 293 13.31 74.68 4.49
CA ARG I 293 13.40 73.83 5.66
C ARG I 293 14.86 73.58 6.06
N LEU I 294 15.76 73.50 5.08
CA LEU I 294 17.19 73.38 5.39
C LEU I 294 17.70 74.64 6.08
N VAL I 295 17.25 75.82 5.63
CA VAL I 295 17.66 77.06 6.30
C VAL I 295 17.13 77.09 7.73
N MET I 296 15.86 76.71 7.92
CA MET I 296 15.29 76.68 9.27
C MET I 296 16.02 75.67 10.16
N LYS I 297 16.41 74.53 9.60
CA LYS I 297 17.16 73.56 10.37
C LYS I 297 18.55 74.07 10.71
N ALA I 298 19.18 74.80 9.78
CA ALA I 298 20.51 75.33 10.05
C ALA I 298 20.48 76.36 11.17
N VAL I 299 19.53 77.30 11.11
CA VAL I 299 19.50 78.34 12.14
C VAL I 299 19.10 77.76 13.50
N VAL I 300 18.38 76.65 13.51
CA VAL I 300 17.92 76.06 14.76
C VAL I 300 18.87 74.97 15.22
N LYS I 307 12.51 81.48 13.97
CA LYS I 307 11.13 81.14 14.33
C LYS I 307 10.21 82.31 14.01
N LYS I 308 9.79 83.02 15.06
CA LYS I 308 8.91 84.17 14.87
C LYS I 308 9.59 85.27 14.07
N SER I 309 10.89 85.48 14.32
CA SER I 309 11.62 86.51 13.58
C SER I 309 11.70 86.18 12.10
N PHE I 310 11.96 84.92 11.77
CA PHE I 310 12.00 84.52 10.36
C PHE I 310 10.63 84.68 9.71
N ILE I 311 9.57 84.33 10.44
CA ILE I 311 8.21 84.47 9.90
C ILE I 311 7.88 85.93 9.63
N ALA I 312 8.27 86.82 10.54
CA ALA I 312 7.96 88.23 10.38
C ALA I 312 8.59 88.80 9.11
N LEU I 313 9.83 88.42 8.81
CA LEU I 313 10.52 88.85 7.60
C LEU I 313 10.47 87.79 6.50
N PHE I 314 9.56 86.83 6.59
CA PHE I 314 9.37 85.84 5.54
C PHE I 314 8.48 86.34 4.41
N THR I 315 7.54 87.23 4.71
CA THR I 315 6.55 87.65 3.72
C THR I 315 7.19 88.24 2.47
N GLY I 316 8.18 89.11 2.65
CA GLY I 316 8.78 89.78 1.52
C GLY I 316 10.29 89.63 1.44
N ASN I 317 10.91 89.25 2.54
CA ASN I 317 12.37 89.18 2.63
C ASN I 317 12.87 87.76 2.91
N GLU I 318 12.13 86.75 2.46
CA GLU I 318 12.58 85.37 2.67
C GLU I 318 13.88 85.10 1.91
N SER I 319 13.95 85.53 0.65
CA SER I 319 15.14 85.32 -0.17
C SER I 319 15.91 86.60 -0.43
N ASN I 320 15.41 87.75 0.00
CA ASN I 320 16.11 89.00 -0.19
C ASN I 320 17.34 89.07 0.73
N GLU I 321 18.38 89.76 0.25
CA GLU I 321 19.59 89.94 1.04
C GLU I 321 19.40 90.88 2.21
N GLU I 322 18.27 91.60 2.27
CA GLU I 322 18.01 92.49 3.40
C GLU I 322 17.89 91.70 4.70
N TRP I 323 17.28 90.51 4.63
CA TRP I 323 17.23 89.62 5.79
C TRP I 323 18.62 89.27 6.28
N LEU I 324 19.50 88.89 5.36
CA LEU I 324 20.87 88.54 5.73
C LEU I 324 21.60 89.74 6.35
N ASP I 325 21.44 90.92 5.75
CA ASP I 325 22.11 92.11 6.27
C ASP I 325 21.59 92.47 7.66
N LYS I 326 20.28 92.43 7.86
CA LYS I 326 19.71 92.78 9.15
C LYS I 326 20.12 91.78 10.22
N VAL I 327 20.14 90.48 9.89
CA VAL I 327 20.54 89.49 10.88
C VAL I 327 22.02 89.63 11.21
N LEU I 328 22.86 89.93 10.21
CA LEU I 328 24.24 90.25 10.50
C LEU I 328 24.36 91.48 11.38
N ALA I 329 23.42 92.41 11.28
CA ALA I 329 23.41 93.56 12.18
C ALA I 329 22.94 93.17 13.58
N SER I 330 22.15 92.11 13.70
CA SER I 330 21.64 91.68 15.00
C SER I 330 22.78 91.19 15.89
N ASP I 331 22.65 91.46 17.18
CA ASP I 331 23.69 91.15 18.16
C ASP I 331 23.10 90.51 19.41
N LYS I 332 22.06 89.71 19.24
CA LYS I 332 21.52 88.94 20.34
C LYS I 332 22.51 87.84 20.73
N PRO I 333 22.40 87.30 21.96
CA PRO I 333 23.39 86.31 22.41
C PRO I 333 23.48 85.08 21.52
N TYR I 334 22.38 84.66 20.89
CA TYR I 334 22.40 83.47 20.06
C TYR I 334 22.79 83.75 18.60
N VAL I 335 23.00 85.01 18.23
CA VAL I 335 23.32 85.35 16.85
C VAL I 335 24.76 84.98 16.49
N ALA I 336 25.57 84.57 17.45
CA ALA I 336 26.93 84.14 17.12
C ALA I 336 26.90 82.90 16.23
N LYS I 337 26.43 81.77 16.78
CA LYS I 337 26.28 80.57 15.98
C LYS I 337 25.35 80.80 14.80
N VAL I 338 24.29 81.58 15.02
CA VAL I 338 23.36 81.91 13.95
C VAL I 338 24.09 82.61 12.81
N ARG I 339 25.00 83.54 13.14
CA ARG I 339 25.77 84.15 12.06
C ARG I 339 26.61 83.11 11.31
N GLU I 340 27.19 82.16 12.05
CA GLU I 340 27.83 81.05 11.36
C GLU I 340 26.84 80.35 10.46
N GLN I 341 25.64 80.09 10.98
CA GLN I 341 24.57 79.50 10.18
C GLN I 341 24.09 80.45 9.09
N GLU I 342 24.23 81.76 9.31
CA GLU I 342 23.95 82.71 8.22
C GLU I 342 24.86 82.44 7.03
N GLU I 343 26.14 82.10 7.30
CA GLU I 343 27.03 81.68 6.23
C GLU I 343 26.41 80.54 5.44
N GLU I 344 25.88 79.53 6.14
CA GLU I 344 25.20 78.44 5.46
C GLU I 344 24.01 78.95 4.65
N ILE I 345 23.25 79.90 5.22
CA ILE I 345 22.14 80.47 4.47
C ILE I 345 22.64 81.14 3.19
N ARG I 346 23.81 81.78 3.27
CA ARG I 346 24.40 82.32 2.06
C ARG I 346 24.57 81.22 1.03
N ARG I 347 25.21 80.12 1.43
CA ARG I 347 25.38 78.99 0.52
C ARG I 347 24.03 78.46 0.05
N SER I 348 23.01 78.57 0.90
CA SER I 348 21.67 78.20 0.47
C SER I 348 21.10 79.23 -0.51
N ILE I 349 21.19 80.52 -0.17
CA ILE I 349 20.45 81.49 -0.95
C ILE I 349 21.09 81.70 -2.31
N GLN I 350 22.38 81.40 -2.44
CA GLN I 350 23.00 81.43 -3.76
C GLN I 350 22.33 80.44 -4.70
N LYS I 351 21.86 79.30 -4.17
CA LYS I 351 21.09 78.35 -4.96
C LYS I 351 19.68 78.84 -5.24
N LEU I 352 19.27 79.96 -4.66
CA LEU I 352 17.88 80.40 -4.73
C LEU I 352 17.62 81.29 -5.95
N GLN I 353 18.42 82.35 -6.17
CA GLN I 353 18.05 83.33 -7.18
C GLN I 353 17.99 82.74 -8.58
N MET I 354 18.86 81.77 -8.89
CA MET I 354 18.80 81.17 -10.22
C MET I 354 17.45 80.50 -10.47
N ILE I 355 16.81 80.01 -9.41
CA ILE I 355 15.43 79.55 -9.53
C ILE I 355 14.49 80.73 -9.77
N GLU I 356 14.63 81.80 -8.97
CA GLU I 356 13.69 82.92 -9.05
C GLU I 356 13.77 83.61 -10.40
N GLN I 357 14.98 83.85 -10.92
CA GLN I 357 15.08 84.43 -12.26
C GLN I 357 14.57 83.46 -13.32
N GLU I 358 14.58 82.16 -13.03
CA GLU I 358 13.95 81.21 -13.93
C GLU I 358 12.43 81.40 -13.95
N THR I 359 11.85 81.87 -12.84
CA THR I 359 10.42 82.11 -12.74
C THR I 359 10.04 83.58 -12.74
N SER I 360 10.93 84.47 -12.29
CA SER I 360 10.65 85.90 -12.19
C SER I 360 9.41 86.16 -11.34
N LEU I 361 9.25 85.37 -10.27
CA LEU I 361 8.08 85.47 -9.41
C LEU I 361 8.41 85.61 -7.93
N SER I 362 9.69 85.65 -7.57
CA SER I 362 10.14 85.83 -6.18
C SER I 362 9.58 84.67 -5.35
N VAL I 363 8.96 84.92 -4.19
CA VAL I 363 8.49 83.87 -3.30
C VAL I 363 6.98 83.91 -3.11
N GLU I 364 6.40 85.09 -3.00
CA GLU I 364 4.96 85.20 -2.77
C GLU I 364 4.17 84.58 -3.92
N ARG I 365 4.55 84.90 -5.15
CA ARG I 365 3.81 84.44 -6.32
C ARG I 365 3.86 82.92 -6.45
N ILE I 366 5.05 82.34 -6.29
CA ILE I 366 5.18 80.89 -6.43
C ILE I 366 4.45 80.17 -5.31
N LYS I 367 4.47 80.73 -4.10
CA LYS I 367 3.73 80.14 -2.99
C LYS I 367 2.24 80.16 -3.28
N ASP I 368 1.73 81.26 -3.81
CA ASP I 368 0.29 81.34 -4.11
C ASP I 368 -0.09 80.41 -5.26
N ILE I 369 0.79 80.28 -6.25
CA ILE I 369 0.52 79.33 -7.33
C ILE I 369 0.47 77.90 -6.80
N SER I 370 1.42 77.55 -5.94
CA SER I 370 1.40 76.23 -5.32
C SER I 370 0.13 76.03 -4.50
N HIS I 371 -0.33 77.08 -3.82
CA HIS I 371 -1.54 76.97 -3.00
C HIS I 371 -2.76 76.68 -3.86
N ARG I 372 -2.98 77.47 -4.92
CA ARG I 372 -4.18 77.21 -5.73
C ARG I 372 -4.07 75.86 -6.43
N MET I 373 -2.86 75.46 -6.85
CA MET I 373 -2.70 74.13 -7.44
C MET I 373 -3.09 73.05 -6.44
N SER I 374 -2.67 73.22 -5.17
CA SER I 374 -2.99 72.24 -4.15
C SER I 374 -4.50 72.14 -3.91
N ILE I 375 -5.18 73.29 -3.82
CA ILE I 375 -6.63 73.27 -3.58
C ILE I 375 -7.34 72.61 -4.75
N GLY I 376 -6.95 72.96 -5.98
CA GLY I 376 -7.59 72.35 -7.14
C GLY I 376 -7.38 70.85 -7.20
N GLU I 377 -6.14 70.40 -6.95
CA GLU I 377 -5.86 68.96 -6.95
C GLU I 377 -6.64 68.24 -5.86
N ALA I 378 -6.74 68.85 -4.68
CA ALA I 378 -7.49 68.23 -3.60
C ALA I 378 -8.97 68.09 -3.96
N LYS I 379 -9.56 69.15 -4.51
CA LYS I 379 -10.97 69.08 -4.90
C LYS I 379 -11.20 68.00 -5.97
N ALA I 380 -10.32 67.96 -6.98
CA ALA I 380 -10.44 66.97 -8.03
C ALA I 380 -10.34 65.55 -7.46
N ARG I 381 -9.34 65.32 -6.58
CA ARG I 381 -9.14 64.00 -6.01
C ARG I 381 -10.35 63.57 -5.18
N ARG I 382 -10.90 64.48 -4.38
CA ARG I 382 -12.09 64.14 -3.60
C ARG I 382 -13.26 63.76 -4.51
N ALA I 383 -13.44 64.50 -5.61
CA ALA I 383 -14.55 64.18 -6.51
C ALA I 383 -14.37 62.81 -7.18
N LYS I 384 -13.14 62.51 -7.64
CA LYS I 384 -12.89 61.20 -8.23
C LYS I 384 -13.11 60.09 -7.20
N LYS I 385 -12.66 60.31 -5.97
CA LYS I 385 -12.87 59.30 -4.93
C LYS I 385 -14.36 59.08 -4.69
N GLU I 386 -15.15 60.16 -4.69
CA GLU I 386 -16.59 60.02 -4.51
C GLU I 386 -17.21 59.17 -5.62
N MET I 387 -16.87 59.45 -6.87
CA MET I 387 -17.47 58.66 -7.96
C MET I 387 -17.01 57.21 -7.91
N VAL I 388 -15.73 56.96 -7.61
CA VAL I 388 -15.25 55.58 -7.56
C VAL I 388 -15.96 54.82 -6.46
N GLU I 389 -16.12 55.44 -5.29
CA GLU I 389 -16.82 54.79 -4.19
C GLU I 389 -18.28 54.51 -4.56
N ALA I 390 -18.91 55.44 -5.28
CA ALA I 390 -20.29 55.23 -5.71
C ALA I 390 -20.40 54.04 -6.65
N ASN I 391 -19.46 53.90 -7.60
CA ASN I 391 -19.58 52.92 -8.67
C ASN I 391 -18.85 51.61 -8.37
N LEU I 392 -18.31 51.45 -7.16
CA LEU I 392 -17.78 50.14 -6.75
C LEU I 392 -18.83 49.04 -6.91
N ARG I 393 -20.11 49.36 -6.66
CA ARG I 393 -21.16 48.36 -6.82
C ARG I 393 -21.31 47.93 -8.28
N LEU I 394 -21.24 48.88 -9.21
CA LEU I 394 -21.26 48.53 -10.63
C LEU I 394 -20.05 47.68 -10.98
N VAL I 395 -18.89 48.01 -10.41
CA VAL I 395 -17.69 47.22 -10.66
C VAL I 395 -17.92 45.77 -10.23
N ILE I 396 -18.49 45.57 -9.04
CA ILE I 396 -18.75 44.22 -8.55
C ILE I 396 -19.76 43.51 -9.43
N SER I 397 -20.82 44.22 -9.84
CA SER I 397 -21.83 43.60 -10.69
C SER I 397 -21.24 43.14 -12.01
N ILE I 398 -20.32 43.93 -12.58
CA ILE I 398 -19.68 43.53 -13.83
C ILE I 398 -18.74 42.35 -13.59
N ALA I 399 -17.94 42.41 -12.53
CA ALA I 399 -16.93 41.37 -12.28
C ALA I 399 -17.54 40.06 -11.83
N LYS I 400 -18.81 40.04 -11.43
CA LYS I 400 -19.45 38.80 -10.99
C LYS I 400 -19.45 37.74 -12.09
N LYS I 401 -19.48 38.15 -13.36
CA LYS I 401 -19.66 37.22 -14.47
C LYS I 401 -18.38 36.52 -14.91
N TYR I 402 -17.22 36.92 -14.38
CA TYR I 402 -15.93 36.37 -14.81
C TYR I 402 -15.28 35.50 -13.76
N THR I 403 -16.08 34.85 -12.92
CA THR I 403 -15.56 34.00 -11.85
C THR I 403 -15.34 32.59 -12.39
N ASN I 404 -14.32 31.91 -11.84
CA ASN I 404 -13.87 30.58 -12.29
C ASN I 404 -13.26 30.67 -13.69
N ARG I 405 -12.37 31.65 -13.89
CA ARG I 405 -11.61 31.77 -15.13
C ARG I 405 -10.13 31.97 -14.84
N GLY I 406 -9.63 31.38 -13.76
CA GLY I 406 -8.25 31.48 -13.38
C GLY I 406 -7.94 32.52 -12.32
N LEU I 407 -8.86 33.45 -12.09
CA LEU I 407 -8.68 34.52 -11.13
C LEU I 407 -9.78 34.46 -10.07
N GLN I 408 -9.46 34.96 -8.88
CA GLN I 408 -10.42 35.02 -7.79
C GLN I 408 -11.32 36.25 -7.94
N PHE I 409 -12.38 36.26 -7.14
CA PHE I 409 -13.35 37.35 -7.22
C PHE I 409 -12.73 38.69 -6.86
N LEU I 410 -11.90 38.72 -5.81
CA LEU I 410 -11.34 39.98 -5.33
C LEU I 410 -10.35 40.57 -6.33
N ASP I 411 -9.57 39.73 -7.00
CA ASP I 411 -8.65 40.24 -8.01
C ASP I 411 -9.39 40.90 -9.16
N LEU I 412 -10.47 40.26 -9.61
CA LEU I 412 -11.31 40.86 -10.65
C LEU I 412 -11.91 42.18 -10.17
N ILE I 413 -12.34 42.23 -8.91
CA ILE I 413 -12.91 43.45 -8.36
C ILE I 413 -11.88 44.57 -8.36
N GLN I 414 -10.66 44.27 -7.94
CA GLN I 414 -9.62 45.31 -7.90
C GLN I 414 -9.26 45.80 -9.29
N GLU I 415 -9.16 44.88 -10.25
CA GLU I 415 -8.83 45.30 -11.62
C GLU I 415 -9.95 46.13 -12.22
N GLY I 416 -11.21 45.75 -11.95
CA GLY I 416 -12.32 46.58 -12.36
C GLY I 416 -12.32 47.93 -11.68
N ASN I 417 -11.84 48.00 -10.44
CA ASN I 417 -11.69 49.29 -9.76
C ASN I 417 -10.68 50.17 -10.47
N ILE I 418 -9.57 49.59 -10.92
CA ILE I 418 -8.58 50.36 -11.69
C ILE I 418 -9.20 50.86 -12.99
N GLY I 419 -9.95 49.99 -13.68
CA GLY I 419 -10.62 50.42 -14.89
C GLY I 419 -11.63 51.53 -14.64
N LEU I 420 -12.34 51.45 -13.51
CA LEU I 420 -13.28 52.49 -13.13
C LEU I 420 -12.56 53.81 -12.85
N MET I 421 -11.38 53.72 -12.24
CA MET I 421 -10.56 54.92 -12.04
C MET I 421 -10.22 55.56 -13.37
N LYS I 422 -9.82 54.75 -14.34
CA LYS I 422 -9.51 55.29 -15.67
C LYS I 422 -10.74 55.94 -16.30
N ALA I 423 -11.90 55.29 -16.17
CA ALA I 423 -13.14 55.83 -16.74
C ALA I 423 -13.50 57.16 -16.09
N VAL I 424 -13.33 57.27 -14.76
CA VAL I 424 -13.53 58.54 -14.09
C VAL I 424 -12.56 59.59 -14.61
N ASP I 425 -11.30 59.17 -14.83
CA ASP I 425 -10.29 60.10 -15.31
C ASP I 425 -10.59 60.64 -16.70
N LYS I 426 -11.32 59.90 -17.52
CA LYS I 426 -11.63 60.39 -18.87
C LYS I 426 -13.14 60.31 -19.17
N PHE I 427 -13.95 60.83 -18.26
CA PHE I 427 -15.39 60.93 -18.49
C PHE I 427 -15.76 62.32 -18.99
N GLU I 428 -16.85 62.39 -19.74
CA GLU I 428 -17.38 63.65 -20.28
C GLU I 428 -18.88 63.70 -20.04
N TYR I 429 -19.30 64.57 -19.12
CA TYR I 429 -20.72 64.70 -18.81
C TYR I 429 -21.48 65.51 -19.85
N ARG I 430 -20.78 66.26 -20.72
CA ARG I 430 -21.46 67.03 -21.74
C ARG I 430 -22.17 66.15 -22.76
N ARG I 431 -21.75 64.89 -22.91
CA ARG I 431 -22.35 64.01 -23.89
C ARG I 431 -23.77 63.60 -23.52
N GLY I 432 -24.15 63.74 -22.25
CA GLY I 432 -25.50 63.47 -21.81
C GLY I 432 -25.77 62.02 -21.43
N TYR I 433 -24.81 61.12 -21.62
CA TYR I 433 -25.00 59.72 -21.29
C TYR I 433 -24.64 59.47 -19.83
N LYS I 434 -25.24 58.44 -19.25
CA LYS I 434 -24.98 58.11 -17.85
C LYS I 434 -23.56 57.57 -17.68
N PHE I 435 -23.09 57.59 -16.44
CA PHE I 435 -21.71 57.18 -16.16
C PHE I 435 -21.52 55.69 -16.41
N SER I 436 -22.52 54.87 -16.09
CA SER I 436 -22.37 53.42 -16.22
C SER I 436 -22.08 53.02 -17.65
N THR I 437 -22.67 53.72 -18.62
CA THR I 437 -22.46 53.40 -20.03
C THR I 437 -20.98 53.42 -20.39
N TYR I 438 -20.29 54.50 -20.01
CA TYR I 438 -18.86 54.59 -20.32
C TYR I 438 -18.02 53.71 -19.39
N ALA I 439 -18.40 53.62 -18.11
CA ALA I 439 -17.57 52.91 -17.15
C ALA I 439 -17.55 51.41 -17.40
N THR I 440 -18.65 50.85 -17.93
CA THR I 440 -18.73 49.42 -18.13
C THR I 440 -17.67 48.95 -19.13
N TRP I 441 -17.43 49.73 -20.19
CA TRP I 441 -16.43 49.34 -21.18
C TRP I 441 -15.05 49.23 -20.54
N TRP I 442 -14.66 50.23 -19.74
CA TRP I 442 -13.34 50.21 -19.13
C TRP I 442 -13.21 49.10 -18.09
N ILE I 443 -14.27 48.88 -17.30
CA ILE I 443 -14.20 47.81 -16.30
C ILE I 443 -14.07 46.45 -16.99
N ARG I 444 -14.87 46.22 -18.04
CA ARG I 444 -14.79 44.96 -18.78
C ARG I 444 -13.42 44.80 -19.42
N GLN I 445 -12.86 45.87 -19.99
CA GLN I 445 -11.54 45.80 -20.58
C GLN I 445 -10.49 45.40 -19.55
N ALA I 446 -10.53 46.06 -18.38
CA ALA I 446 -9.57 45.74 -17.33
C ALA I 446 -9.69 44.30 -16.88
N ILE I 447 -10.91 43.83 -16.67
CA ILE I 447 -11.10 42.45 -16.21
C ILE I 447 -10.64 41.45 -17.26
N THR I 448 -11.00 41.67 -18.52
CA THR I 448 -10.61 40.73 -19.57
C THR I 448 -9.09 40.71 -19.77
N ARG I 449 -8.45 41.89 -19.75
CA ARG I 449 -7.01 41.94 -19.89
C ARG I 449 -6.32 41.25 -18.72
N SER I 450 -6.83 41.46 -17.50
CA SER I 450 -6.26 40.82 -16.33
C SER I 450 -6.39 39.31 -16.39
N ILE I 451 -7.54 38.82 -16.87
CA ILE I 451 -7.71 37.37 -17.04
C ILE I 451 -6.73 36.85 -18.09
N ALA I 452 -6.59 37.57 -19.19
CA ALA I 452 -5.67 37.14 -20.25
C ALA I 452 -4.22 37.15 -19.79
N ASP I 453 -3.89 38.00 -18.81
CA ASP I 453 -2.51 38.15 -18.39
C ASP I 453 -2.13 37.33 -17.16
N GLN I 454 -3.08 36.99 -16.28
CA GLN I 454 -2.74 36.44 -14.97
C GLN I 454 -3.54 35.19 -14.60
N ALA I 455 -4.08 34.46 -15.59
CA ALA I 455 -4.87 33.28 -15.30
C ALA I 455 -4.17 31.97 -15.67
N ARG I 456 -2.95 32.03 -16.20
CA ARG I 456 -2.24 30.84 -16.64
C ARG I 456 -0.82 30.85 -16.10
N THR I 457 -0.33 29.66 -15.72
CA THR I 457 1.05 29.55 -15.27
C THR I 457 2.01 29.90 -16.40
N ILE I 458 1.74 29.42 -17.61
CA ILE I 458 2.48 29.79 -18.80
C ILE I 458 1.68 30.86 -19.51
N ARG I 459 2.16 32.10 -19.45
CA ARG I 459 1.39 33.24 -19.96
C ARG I 459 1.25 33.17 -21.47
N ILE I 460 0.03 33.33 -21.95
CA ILE I 460 -0.29 33.42 -23.37
C ILE I 460 -0.66 34.86 -23.67
N PRO I 461 -0.11 35.46 -24.73
CA PRO I 461 -0.47 36.85 -25.06
C PRO I 461 -1.96 37.06 -25.26
N VAL I 462 -2.42 38.31 -25.15
CA VAL I 462 -3.85 38.58 -25.13
C VAL I 462 -4.48 38.23 -26.46
N HIS I 463 -3.82 38.55 -27.57
CA HIS I 463 -4.39 38.27 -28.89
C HIS I 463 -4.50 36.76 -29.13
N MET I 464 -3.50 35.99 -28.69
CA MET I 464 -3.61 34.55 -28.80
C MET I 464 -4.72 34.00 -27.91
N ILE I 465 -4.94 34.61 -26.75
CA ILE I 465 -6.05 34.22 -25.88
C ILE I 465 -7.38 34.46 -26.60
N GLU I 466 -7.50 35.61 -27.27
CA GLU I 466 -8.71 35.89 -28.03
C GLU I 466 -8.88 34.90 -29.18
N THR I 467 -7.77 34.53 -29.83
CA THR I 467 -7.84 33.53 -30.89
C THR I 467 -8.34 32.19 -30.36
N ILE I 468 -7.83 31.76 -29.19
CA ILE I 468 -8.28 30.51 -28.59
C ILE I 468 -9.76 30.58 -28.23
N ASN I 469 -10.19 31.71 -27.66
CA ASN I 469 -11.58 31.85 -27.27
C ASN I 469 -12.51 31.83 -28.48
N LYS I 470 -12.12 32.53 -29.56
CA LYS I 470 -12.94 32.52 -30.76
C LYS I 470 -12.94 31.15 -31.43
N LEU I 471 -11.82 30.43 -31.37
CA LEU I 471 -11.80 29.06 -31.86
C LEU I 471 -12.75 28.18 -31.06
N ASN I 472 -12.77 28.35 -29.74
CA ASN I 472 -13.70 27.58 -28.91
C ASN I 472 -15.15 27.93 -29.23
N ARG I 473 -15.44 29.21 -29.47
CA ARG I 473 -16.80 29.61 -29.82
C ARG I 473 -17.23 29.00 -31.14
N ILE I 474 -16.35 29.05 -32.15
CA ILE I 474 -16.68 28.47 -33.45
C ILE I 474 -16.80 26.94 -33.35
N SER I 475 -15.96 26.32 -32.53
CA SER I 475 -16.07 24.87 -32.32
C SER I 475 -17.40 24.52 -31.68
N ARG I 476 -17.84 25.32 -30.69
CA ARG I 476 -19.13 25.10 -30.06
C ARG I 476 -20.26 25.22 -31.08
N GLN I 477 -20.23 26.28 -31.89
CA GLN I 477 -21.28 26.49 -32.88
C GLN I 477 -21.31 25.37 -33.91
N MET I 478 -20.14 24.92 -34.35
CA MET I 478 -20.09 23.87 -35.37
C MET I 478 -20.53 22.52 -34.81
N LEU I 479 -20.12 22.21 -33.57
CA LEU I 479 -20.57 20.99 -32.94
C LEU I 479 -22.08 21.00 -32.75
N GLN I 480 -22.64 22.18 -32.42
CA GLN I 480 -24.09 22.31 -32.34
C GLN I 480 -24.73 22.10 -33.71
N GLU I 481 -24.11 22.62 -34.76
CA GLU I 481 -24.68 22.55 -36.10
C GLU I 481 -24.73 21.13 -36.63
N MET I 482 -23.59 20.41 -36.57
CA MET I 482 -23.49 19.11 -37.21
C MET I 482 -23.64 17.94 -36.25
N GLY I 483 -23.55 18.17 -34.94
CA GLY I 483 -23.75 17.12 -33.97
C GLY I 483 -22.50 16.35 -33.56
N ARG I 484 -21.36 16.62 -34.18
CA ARG I 484 -20.11 15.97 -33.82
C ARG I 484 -19.00 17.00 -33.70
N GLU I 485 -17.87 16.57 -33.15
CA GLU I 485 -16.76 17.47 -32.92
C GLU I 485 -16.19 17.96 -34.25
N PRO I 486 -16.01 19.27 -34.43
CA PRO I 486 -15.44 19.77 -35.69
C PRO I 486 -14.01 19.26 -35.89
N LEU I 487 -13.66 19.02 -37.15
CA LEU I 487 -12.30 18.61 -37.49
C LEU I 487 -11.43 19.82 -37.78
N PRO I 488 -10.12 19.70 -37.51
CA PRO I 488 -9.20 20.80 -37.80
C PRO I 488 -9.37 21.46 -39.17
N GLU I 489 -9.56 20.67 -40.22
CA GLU I 489 -9.71 21.25 -41.55
C GLU I 489 -10.97 22.10 -41.67
N GLU I 490 -12.09 21.61 -41.12
CA GLU I 490 -13.33 22.38 -41.18
C GLU I 490 -13.23 23.65 -40.34
N LEU I 491 -12.59 23.56 -39.17
CA LEU I 491 -12.37 24.76 -38.36
C LEU I 491 -11.51 25.77 -39.09
N ALA I 492 -10.46 25.30 -39.78
CA ALA I 492 -9.60 26.19 -40.56
C ALA I 492 -10.39 26.85 -41.69
N GLU I 493 -11.26 26.08 -42.34
CA GLU I 493 -12.09 26.64 -43.42
C GLU I 493 -13.02 27.72 -42.88
N ARG I 494 -13.63 27.47 -41.72
CA ARG I 494 -14.58 28.44 -41.17
C ARG I 494 -13.88 29.69 -40.67
N MET I 495 -12.71 29.53 -40.05
CA MET I 495 -11.97 30.69 -39.54
C MET I 495 -11.28 31.49 -40.63
N GLN I 496 -11.24 30.99 -41.86
CA GLN I 496 -10.45 31.58 -42.94
C GLN I 496 -8.98 31.72 -42.52
N MET I 497 -8.46 30.68 -41.87
CA MET I 497 -7.09 30.64 -41.40
C MET I 497 -6.44 29.34 -41.81
N PRO I 498 -5.11 29.33 -41.97
CA PRO I 498 -4.41 28.09 -42.32
C PRO I 498 -4.63 27.00 -41.29
N GLU I 499 -4.67 25.76 -41.77
CA GLU I 499 -4.86 24.62 -40.87
C GLU I 499 -3.67 24.45 -39.93
N ASP I 500 -2.46 24.75 -40.42
CA ASP I 500 -1.28 24.63 -39.56
C ASP I 500 -1.37 25.59 -38.37
N LYS I 501 -1.84 26.82 -38.62
CA LYS I 501 -2.04 27.75 -37.52
C LYS I 501 -3.10 27.24 -36.55
N ILE I 502 -4.16 26.60 -37.07
CA ILE I 502 -5.20 26.05 -36.21
C ILE I 502 -4.63 24.98 -35.29
N ARG I 503 -3.81 24.08 -35.86
CA ARG I 503 -3.18 23.05 -35.04
C ARG I 503 -2.24 23.67 -34.01
N LYS I 504 -1.49 24.69 -34.42
CA LYS I 504 -0.58 25.36 -33.48
C LYS I 504 -1.34 25.97 -32.32
N VAL I 505 -2.49 26.59 -32.60
CA VAL I 505 -3.31 27.15 -31.54
C VAL I 505 -3.87 26.05 -30.66
N LEU I 506 -4.28 24.93 -31.26
CA LEU I 506 -4.86 23.83 -30.49
C LEU I 506 -3.83 23.16 -29.58
N LYS I 507 -2.54 23.23 -29.91
CA LYS I 507 -1.55 22.57 -29.06
C LYS I 507 -1.08 23.40 -27.86
N ILE I 508 -1.47 24.67 -27.75
CA ILE I 508 -0.99 25.53 -26.68
C ILE I 508 -2.07 25.83 -25.64
N ALA I 509 -3.27 25.29 -25.80
CA ALA I 509 -4.34 25.60 -24.85
C ALA I 509 -4.40 24.56 -23.73
N LYS I 510 -3.31 24.39 -23.00
CA LYS I 510 -3.25 23.44 -21.89
C LYS I 510 -2.72 24.14 -20.65
N GLU I 511 -3.41 23.92 -19.51
CA GLU I 511 -2.99 24.42 -18.21
C GLU I 511 -2.14 23.36 -17.51
N PRO I 512 -1.00 23.73 -16.92
CA PRO I 512 -0.15 22.72 -16.29
C PRO I 512 -0.86 21.95 -15.19
N ILE I 513 -0.57 20.65 -15.12
CA ILE I 513 -1.19 19.77 -14.13
C ILE I 513 -0.41 19.85 -12.83
N SER I 514 -1.11 19.75 -11.70
CA SER I 514 -0.48 19.87 -10.40
C SER I 514 0.27 18.59 -10.05
N MET I 515 1.40 18.75 -9.36
CA MET I 515 2.20 17.62 -8.94
C MET I 515 1.65 16.91 -7.71
N GLU I 516 0.64 17.49 -7.05
CA GLU I 516 0.05 16.89 -5.87
C GLU I 516 -1.24 16.13 -6.19
N THR I 517 -1.55 15.96 -7.46
CA THR I 517 -2.77 15.26 -7.85
C THR I 517 -2.66 13.78 -7.52
N PRO I 518 -3.62 13.20 -6.79
CA PRO I 518 -3.59 11.76 -6.53
C PRO I 518 -3.62 10.97 -7.83
N ILE I 519 -2.87 9.88 -7.86
CA ILE I 519 -2.67 9.10 -9.07
C ILE I 519 -3.52 7.85 -8.99
N GLY I 520 -4.26 7.57 -10.06
CA GLY I 520 -5.17 6.43 -10.04
C GLY I 520 -6.27 6.62 -9.01
N ASP I 521 -6.67 5.52 -8.38
CA ASP I 521 -7.67 5.55 -7.33
C ASP I 521 -7.07 5.73 -5.94
N ASP I 522 -5.76 5.83 -5.84
CA ASP I 522 -5.09 6.01 -4.57
C ASP I 522 -5.21 7.47 -4.11
N GLU I 523 -4.90 7.70 -2.83
CA GLU I 523 -4.91 9.03 -2.25
C GLU I 523 -3.59 9.44 -1.61
N ASP I 524 -2.75 8.49 -1.20
CA ASP I 524 -1.45 8.81 -0.62
C ASP I 524 -0.34 8.89 -1.67
N SER I 525 -0.63 8.56 -2.92
CA SER I 525 0.34 8.68 -4.00
C SER I 525 0.06 9.96 -4.79
N HIS I 526 1.13 10.54 -5.32
CA HIS I 526 1.05 11.79 -6.06
C HIS I 526 1.80 11.67 -7.37
N LEU I 527 1.46 12.54 -8.31
CA LEU I 527 2.13 12.52 -9.61
C LEU I 527 3.61 12.89 -9.49
N GLY I 528 3.95 13.77 -8.54
CA GLY I 528 5.32 14.24 -8.43
C GLY I 528 6.32 13.17 -8.04
N ASP I 529 5.85 12.04 -7.52
CA ASP I 529 6.73 10.92 -7.19
C ASP I 529 7.07 10.07 -8.40
N PHE I 530 6.48 10.35 -9.57
CA PHE I 530 6.72 9.57 -10.78
C PHE I 530 7.45 10.37 -11.85
N ILE I 531 8.10 11.47 -11.48
CA ILE I 531 8.83 12.31 -12.43
C ILE I 531 10.32 12.11 -12.18
N GLU I 532 11.04 11.74 -13.24
CA GLU I 532 12.46 11.47 -13.15
C GLU I 532 13.27 12.76 -13.26
N ASP I 533 14.58 12.62 -13.05
CA ASP I 533 15.54 13.72 -13.20
C ASP I 533 16.38 13.36 -14.42
N THR I 534 15.93 13.78 -15.60
CA THR I 534 16.58 13.42 -16.85
C THR I 534 17.92 14.11 -17.03
N THR I 535 18.19 15.19 -16.30
CA THR I 535 19.44 15.91 -16.43
C THR I 535 20.60 15.23 -15.72
N LEU I 536 20.33 14.21 -14.91
CA LEU I 536 21.39 13.52 -14.19
C LEU I 536 22.23 12.67 -15.14
N GLU I 537 23.47 12.43 -14.72
CA GLU I 537 24.39 11.56 -15.45
C GLU I 537 24.46 10.20 -14.75
N LEU I 538 24.25 9.14 -15.51
CA LEU I 538 24.31 7.81 -14.94
C LEU I 538 25.72 7.52 -14.44
N PRO I 539 25.86 6.86 -13.29
CA PRO I 539 27.21 6.54 -12.80
C PRO I 539 28.00 5.66 -13.75
N LEU I 540 27.32 4.83 -14.54
CA LEU I 540 28.02 4.07 -15.57
C LEU I 540 28.65 5.00 -16.59
N ASP I 541 27.95 6.06 -16.98
CA ASP I 541 28.50 7.02 -17.93
C ASP I 541 29.71 7.74 -17.34
N SER I 542 29.65 8.12 -16.07
CA SER I 542 30.79 8.79 -15.44
C SER I 542 31.99 7.85 -15.31
N ALA I 543 31.74 6.59 -14.96
CA ALA I 543 32.83 5.62 -14.90
C ALA I 543 33.43 5.39 -16.28
N THR I 544 32.59 5.36 -17.32
CA THR I 544 33.09 5.23 -18.68
C THR I 544 33.93 6.44 -19.07
N ALA I 545 33.51 7.64 -18.65
CA ALA I 545 34.30 8.84 -18.94
C ALA I 545 35.66 8.78 -18.24
N THR I 546 35.69 8.35 -16.99
CA THR I 546 36.96 8.22 -16.28
C THR I 546 37.86 7.18 -16.95
N SER I 547 37.28 6.04 -17.35
CA SER I 547 38.05 5.01 -18.03
C SER I 547 38.57 5.53 -19.37
N LEU I 548 37.77 6.31 -20.09
CA LEU I 548 38.21 6.88 -21.35
C LEU I 548 39.36 7.87 -21.13
N LYS I 549 39.28 8.67 -20.06
CA LYS I 549 40.38 9.58 -19.75
C LYS I 549 41.66 8.79 -19.48
N ALA I 550 41.56 7.74 -18.68
CA ALA I 550 42.73 6.93 -18.37
C ALA I 550 43.30 6.26 -19.62
N ALA I 551 42.43 5.72 -20.47
CA ALA I 551 42.89 5.06 -21.68
C ALA I 551 43.51 6.04 -22.66
N THR I 552 42.95 7.23 -22.78
CA THR I 552 43.53 8.26 -23.64
C THR I 552 44.90 8.67 -23.13
N ARG I 553 45.04 8.83 -21.81
CA ARG I 553 46.36 9.14 -21.25
C ARG I 553 47.36 8.02 -21.54
N ASP I 554 46.93 6.76 -21.37
CA ASP I 554 47.83 5.64 -21.62
C ASP I 554 48.25 5.57 -23.08
N VAL I 555 47.31 5.79 -24.00
CA VAL I 555 47.63 5.74 -25.43
C VAL I 555 48.56 6.90 -25.81
N LEU I 556 48.26 8.10 -25.31
CA LEU I 556 49.10 9.25 -25.63
C LEU I 556 50.49 9.11 -25.02
N ALA I 557 50.62 8.36 -23.93
CA ALA I 557 51.94 8.09 -23.36
C ALA I 557 52.80 7.23 -24.27
N GLY I 558 52.21 6.58 -25.27
CA GLY I 558 52.95 5.75 -26.19
C GLY I 558 53.43 6.52 -27.41
N LEU I 559 53.40 7.84 -27.33
CA LEU I 559 53.85 8.72 -28.40
C LEU I 559 55.03 9.55 -27.92
N THR I 560 55.71 10.17 -28.88
CA THR I 560 56.73 11.15 -28.55
C THR I 560 56.07 12.38 -27.95
N PRO I 561 56.77 13.10 -27.07
CA PRO I 561 56.13 14.26 -26.42
C PRO I 561 55.59 15.30 -27.38
N ARG I 562 56.24 15.49 -28.54
CA ARG I 562 55.79 16.51 -29.47
C ARG I 562 54.37 16.26 -29.95
N GLU I 563 54.13 15.11 -30.60
CA GLU I 563 52.81 14.81 -31.12
C GLU I 563 51.78 14.63 -30.02
N ALA I 564 52.17 14.02 -28.89
CA ALA I 564 51.25 13.85 -27.78
C ALA I 564 50.75 15.20 -27.27
N LYS I 565 51.66 16.15 -27.07
CA LYS I 565 51.25 17.46 -26.60
C LYS I 565 50.51 18.25 -27.68
N VAL I 566 50.86 18.02 -28.95
CA VAL I 566 50.12 18.68 -30.04
C VAL I 566 48.67 18.24 -30.01
N LEU I 567 48.43 16.93 -29.89
CA LEU I 567 47.06 16.43 -29.82
C LEU I 567 46.36 16.93 -28.55
N ARG I 568 47.07 16.92 -27.42
CA ARG I 568 46.48 17.38 -26.18
C ARG I 568 46.02 18.83 -26.28
N MET I 569 46.85 19.69 -26.87
CA MET I 569 46.51 21.11 -26.96
C MET I 569 45.49 21.38 -28.06
N ARG I 570 45.49 20.57 -29.12
CA ARG I 570 44.50 20.74 -30.18
C ARG I 570 43.13 20.22 -29.79
N PHE I 571 43.04 19.35 -28.79
CA PHE I 571 41.75 18.83 -28.34
C PHE I 571 41.37 19.26 -26.93
N GLY I 572 42.25 19.95 -26.21
CA GLY I 572 41.91 20.42 -24.88
C GLY I 572 41.97 19.37 -23.79
N ILE I 573 42.77 18.34 -23.97
CA ILE I 573 42.85 17.25 -22.99
C ILE I 573 43.72 17.71 -21.83
N ASP I 574 43.18 17.59 -20.61
CA ASP I 574 43.83 18.07 -19.39
C ASP I 574 44.15 19.56 -19.44
N MET I 575 43.33 20.33 -20.14
CA MET I 575 43.44 21.79 -20.10
C MET I 575 42.06 22.42 -20.26
N ASN I 576 41.98 23.70 -19.91
CA ASN I 576 40.70 24.39 -19.86
C ASN I 576 40.14 24.64 -21.26
N THR I 577 40.99 25.04 -22.20
CA THR I 577 40.53 25.55 -23.49
C THR I 577 41.14 24.76 -24.64
N ASP I 578 40.37 24.67 -25.72
CA ASP I 578 40.89 24.16 -26.98
C ASP I 578 41.67 25.27 -27.70
N HIS I 579 42.62 24.86 -28.53
CA HIS I 579 43.49 25.79 -29.23
C HIS I 579 43.45 25.52 -30.72
N THR I 580 43.50 26.60 -31.51
CA THR I 580 43.62 26.48 -32.95
C THR I 580 45.06 26.16 -33.33
N LEU I 581 45.32 26.05 -34.64
CA LEU I 581 46.65 25.67 -35.10
C LEU I 581 47.70 26.71 -34.77
N GLU I 582 47.31 27.99 -34.72
CA GLU I 582 48.29 29.06 -34.56
C GLU I 582 48.92 29.03 -33.17
N GLU I 583 48.12 28.88 -32.12
CA GLU I 583 48.68 28.83 -30.77
C GLU I 583 49.49 27.57 -30.55
N VAL I 584 49.11 26.45 -31.16
CA VAL I 584 49.92 25.24 -31.08
C VAL I 584 51.27 25.46 -31.74
N GLY I 585 51.27 26.11 -32.91
CA GLY I 585 52.53 26.40 -33.58
C GLY I 585 53.41 27.38 -32.84
N LYS I 586 52.81 28.35 -32.16
CA LYS I 586 53.59 29.41 -31.52
C LYS I 586 54.52 28.86 -30.44
N GLN I 587 54.04 27.93 -29.62
CA GLN I 587 54.87 27.39 -28.54
C GLN I 587 56.06 26.62 -29.11
N PHE I 588 55.84 25.83 -30.16
CA PHE I 588 56.93 25.16 -30.84
C PHE I 588 57.75 26.09 -31.71
N ASP I 589 57.31 27.33 -31.90
CA ASP I 589 57.87 28.33 -32.81
C ASP I 589 57.70 27.93 -34.27
N VAL I 590 57.06 26.79 -34.55
CA VAL I 590 56.90 26.30 -35.91
C VAL I 590 55.59 26.86 -36.47
N THR I 591 55.41 26.79 -37.79
CA THR I 591 54.23 27.34 -38.44
C THR I 591 53.05 26.38 -38.31
N ARG I 592 51.92 26.79 -38.90
CA ARG I 592 50.67 26.04 -38.76
C ARG I 592 50.69 24.72 -39.53
N GLU I 593 51.25 24.72 -40.74
CA GLU I 593 51.17 23.54 -41.60
C GLU I 593 51.90 22.35 -40.99
N ARG I 594 53.05 22.61 -40.36
CA ARG I 594 53.75 21.53 -39.67
C ARG I 594 52.91 20.96 -38.55
N ILE I 595 52.20 21.81 -37.82
CA ILE I 595 51.31 21.33 -36.77
C ILE I 595 50.21 20.46 -37.37
N ARG I 596 49.67 20.88 -38.52
CA ARG I 596 48.63 20.09 -39.18
C ARG I 596 49.14 18.69 -39.53
N GLN I 597 50.32 18.62 -40.14
CA GLN I 597 50.82 17.30 -40.52
C GLN I 597 51.29 16.49 -39.32
N ILE I 598 51.71 17.16 -38.24
CA ILE I 598 52.02 16.43 -37.00
C ILE I 598 50.77 15.77 -36.45
N GLU I 599 49.66 16.51 -36.42
CA GLU I 599 48.41 15.92 -35.97
C GLU I 599 47.94 14.81 -36.90
N ALA I 600 48.18 14.97 -38.21
CA ALA I 600 47.84 13.91 -39.15
C ALA I 600 48.67 12.66 -38.90
N LYS I 601 49.96 12.82 -38.65
CA LYS I 601 50.82 11.68 -38.35
C LYS I 601 50.39 10.99 -37.06
N ALA I 602 50.05 11.78 -36.04
CA ALA I 602 49.59 11.19 -34.79
C ALA I 602 48.30 10.41 -34.99
N LEU I 603 47.36 10.97 -35.77
CA LEU I 603 46.11 10.26 -36.02
C LEU I 603 46.34 8.98 -36.82
N ARG I 604 47.24 9.02 -37.81
CA ARG I 604 47.53 7.82 -38.58
C ARG I 604 48.17 6.75 -37.70
N LYS I 605 49.10 7.15 -36.84
CA LYS I 605 49.75 6.19 -35.95
C LYS I 605 48.77 5.59 -34.95
N LEU I 606 47.86 6.40 -34.42
CA LEU I 606 46.88 5.92 -33.45
C LEU I 606 45.77 5.08 -34.07
N ARG I 607 45.65 5.08 -35.40
CA ARG I 607 44.67 4.22 -36.06
C ARG I 607 45.19 2.80 -36.26
N HIS I 608 46.47 2.56 -36.02
CA HIS I 608 47.01 1.21 -36.11
C HIS I 608 46.38 0.33 -35.04
N PRO I 609 45.96 -0.89 -35.38
CA PRO I 609 45.28 -1.73 -34.39
C PRO I 609 46.19 -2.29 -33.31
N SER I 610 47.50 -2.06 -33.41
CA SER I 610 48.40 -2.50 -32.34
C SER I 610 48.20 -1.67 -31.08
N ARG I 611 47.81 -0.41 -31.22
CA ARG I 611 47.62 0.49 -30.08
C ARG I 611 46.27 1.20 -30.17
N SER I 612 45.25 0.51 -30.67
CA SER I 612 43.92 1.10 -30.75
C SER I 612 42.81 0.14 -30.38
N GLU I 613 43.13 -1.06 -29.89
CA GLU I 613 42.09 -2.02 -29.52
C GLU I 613 41.36 -1.58 -28.25
N VAL I 614 42.09 -1.02 -27.29
CA VAL I 614 41.46 -0.59 -26.04
C VAL I 614 40.54 0.61 -26.28
N LEU I 615 40.93 1.51 -27.18
CA LEU I 615 40.12 2.69 -27.47
C LEU I 615 38.91 2.36 -28.34
N ARG I 616 38.91 1.19 -28.99
CA ARG I 616 37.80 0.84 -29.87
C ARG I 616 36.56 0.45 -29.08
N SER I 617 36.73 -0.09 -27.87
CA SER I 617 35.61 -0.57 -27.09
C SER I 617 34.69 0.56 -26.62
N PHE I 618 35.12 1.81 -26.68
CA PHE I 618 34.29 2.93 -26.28
C PHE I 618 33.35 3.40 -27.36
N LEU I 619 33.41 2.82 -28.55
CA LEU I 619 32.51 3.19 -29.64
C LEU I 619 31.31 2.26 -29.69
MG MG J . 0.80 -14.16 4.78
ZN ZN K . 23.93 35.26 -22.92
ZN ZN L . 23.62 3.52 36.63
#